data_4B8C
#
_entry.id   4B8C
#
_cell.length_a   122.650
_cell.length_b   122.911
_cell.length_c   126.421
_cell.angle_alpha   89.47
_cell.angle_beta   89.74
_cell.angle_gamma   64.22
#
_symmetry.space_group_name_H-M   'P 1'
#
loop_
_entity.id
_entity.type
_entity.pdbx_description
1 polymer 'POLY(A) RIBONUCLEASE POP2'
2 polymer 'GENERAL NEGATIVE REGULATOR OF TRANSCRIPTION SUBUNIT 1'
3 polymer 'GLUCOSE-REPRESSIBLE ALCOHOL DEHYDROGENASE TRANSCRIPTIONAL EFFECTOR'
#
loop_
_entity_poly.entity_id
_entity_poly.type
_entity_poly.pdbx_seq_one_letter_code
_entity_poly.pdbx_strand_id
1 'polypeptide(L)'
;SMPPIFLPPPNYLFVRDVWKSNLYSEFAVIRQLVSQYNHVSISTEFVGTLARPIGTFRSKVDYHYQTMRANVDFLNPIQL
GLSLSDANGNKPDNGPSTWQFNFEFDPKKEIMSTESLELLRKSGINFEKHENLGIDVFEFSQLLMDSGLMMDDSVTWITY
HAAYDLGFLINILMNDSMPNNKEDFEWWVHQYMPNFYDLNLVYKIIQEFKNPQLQQSSQQQQQQQYSLTTLADELGLPRF
SIFTTTGGQSLLMLLSFCQLSKLSMHKFPNGTDFAKYQGVIYGIDGDQ
;
A,C,E,F
2 'polypeptide(L)'
;RSMSRPVQEMIPLKFFAVDEVSCQINQEGAPKDVVEKVLFVLNNVTLANLNNKVDELKKSLTPNYFSWFSTYLVTQRAKT
EPNYHDLYSKVIVAMGSGLLHQFMVNVTLRQLFVLLSTKDEQAIDKKHLKNLASWLGCITLALNKPIKHKNIAFREMLIE
AYKENRLEIVVPFVTKILQRASESKIFKPPNPWTVGILKLLIELNEKANWKLSLTFEVEVLLKSFNLTTKSLKPSNFINT
PEVIETLSG
;
B,G,H,I
3 'polypeptide(L)'
;MNASTAAVNSIGMVPTVGTPVNINVNASNPLLHPHLDDPSLLNNPIWKLQLHLAAVSAQSLGQPNIYARQNAMKKYLATQ
QAQQAQQQAQQQAQQQVPGPFGPGPQAAPPALQPTDFQQSHIAEASKSLVDCTKQALMEMADTLTDSKTAKKQQPTGDST
PSGTATNSAVSTPLTPKIELFANGKDEANQALLQHKKLSQYSIDEDDDIENRMVMPKDSKYDDQLWHALDLSNLQIFNIS
ANIFKYDFLTRLYLNGNSLTELPAEIKNLSNLRVLDLSHNRLTSLPAELGSCFQLKYFYFFDNMVTTLPWEFGNLCNLQF
LGVEGNPLEKQFLKILTEKSVTGLIFYLRDNRPEIPLPHERRFIEINTDGEPQREYDSLQQSTEHLATDLAKRTFTVLSY
NTLCQHYATPKMYRYTPSWALSWDYRRNKLKEQILSYDSDLLCLQEVESKTFEEYWVPLLDKHGYTGIFHAKARAKTMHS
KDSKKVDGCCIFFKRDQFKLITKDAMDFSGAWMKHKKFQRTEDYLNRAMNKDNVALFLKLQHIPSGDTIWAVTTHLHWDP
KFNDVKTFQVGVLLDHLETLLKEETSHNFRQDIKKFPVLICGDFNSYINSAVYELINTGRVQIHQEGNGRDFGYMSEKNF
SHNLALKSSYNCIGELPFTNFTPSFTDVIDYIWFSTHALRVRGLLGEVDPEYVSKFIGFPNDKFPSDHIPLLARFEFMKT
NTGSKKV
;
D,J,K,L
#
# COMPACT_ATOMS: atom_id res chain seq x y z
N PRO A 4 -7.89 13.04 -85.48
CA PRO A 4 -6.62 13.32 -84.80
C PRO A 4 -6.30 12.18 -83.83
N ILE A 5 -5.17 11.50 -84.00
CA ILE A 5 -4.85 10.39 -83.12
C ILE A 5 -3.69 10.74 -82.20
N PHE A 6 -3.87 10.51 -80.91
CA PHE A 6 -2.87 10.88 -79.92
C PHE A 6 -2.39 9.62 -79.25
N LEU A 7 -1.13 9.27 -79.47
CA LEU A 7 -0.62 8.00 -79.02
C LEU A 7 0.66 8.17 -78.20
N PRO A 8 0.52 8.31 -76.87
CA PRO A 8 1.67 8.61 -76.02
C PRO A 8 2.67 7.49 -76.11
N PRO A 9 3.98 7.80 -75.95
CA PRO A 9 5.02 6.76 -75.98
C PRO A 9 4.72 5.63 -75.00
N PRO A 10 5.14 4.39 -75.31
CA PRO A 10 4.67 3.25 -74.53
C PRO A 10 5.03 3.34 -73.05
N ASN A 11 6.26 3.74 -72.76
CA ASN A 11 6.65 3.82 -71.36
C ASN A 11 5.79 4.81 -70.60
N TYR A 12 5.22 5.80 -71.27
CA TYR A 12 4.32 6.73 -70.57
C TYR A 12 3.15 6.04 -69.90
N LEU A 13 2.71 4.93 -70.49
CA LEU A 13 1.52 4.21 -70.06
C LEU A 13 1.76 3.23 -68.90
N PHE A 14 2.99 3.16 -68.43
CA PHE A 14 3.31 2.25 -67.34
C PHE A 14 2.99 2.83 -65.97
N VAL A 15 2.12 2.14 -65.24
CA VAL A 15 1.80 2.52 -63.87
C VAL A 15 2.35 1.53 -62.86
N ARG A 16 3.02 2.07 -61.85
CA ARG A 16 3.70 1.29 -60.83
C ARG A 16 2.86 1.15 -59.58
N ASP A 17 2.57 -0.09 -59.17
CA ASP A 17 1.89 -0.30 -57.89
C ASP A 17 2.84 -0.07 -56.71
N VAL A 18 2.43 0.78 -55.78
CA VAL A 18 3.17 1.00 -54.55
C VAL A 18 2.43 0.33 -53.39
N TRP A 19 3.18 -0.43 -52.59
CA TRP A 19 2.68 -0.99 -51.35
C TRP A 19 3.59 -0.63 -50.19
N LYS A 20 3.31 -1.21 -49.03
CA LYS A 20 4.09 -0.87 -47.87
C LYS A 20 5.52 -1.23 -48.25
N SER A 21 5.67 -2.42 -48.83
CA SER A 21 6.96 -2.97 -49.18
C SER A 21 7.88 -2.01 -50.00
N ASN A 22 7.36 -1.46 -51.09
CA ASN A 22 8.11 -0.54 -51.95
C ASN A 22 7.88 0.97 -51.80
N LEU A 23 7.15 1.37 -50.77
CA LEU A 23 6.85 2.80 -50.61
C LEU A 23 8.06 3.73 -50.70
N TYR A 24 9.12 3.43 -49.94
CA TYR A 24 10.18 4.41 -49.75
C TYR A 24 11.04 4.62 -50.97
N SER A 25 11.27 3.52 -51.69
CA SER A 25 12.04 3.58 -52.92
C SER A 25 11.31 4.44 -53.94
N GLU A 26 10.03 4.14 -54.13
CA GLU A 26 9.29 4.85 -55.13
C GLU A 26 9.31 6.31 -54.76
N PHE A 27 9.21 6.59 -53.46
CA PHE A 27 9.13 8.00 -53.08
C PHE A 27 10.45 8.68 -53.33
N ALA A 28 11.51 7.90 -53.28
CA ALA A 28 12.81 8.43 -53.64
C ALA A 28 12.81 8.84 -55.11
N VAL A 29 12.40 7.92 -55.97
CA VAL A 29 12.30 8.23 -57.39
C VAL A 29 11.50 9.51 -57.62
N ILE A 30 10.33 9.59 -56.97
CA ILE A 30 9.43 10.75 -57.07
C ILE A 30 10.20 12.02 -56.72
N ARG A 31 10.82 11.96 -55.54
CA ARG A 31 11.61 13.04 -54.99
C ARG A 31 12.65 13.53 -56.00
N GLN A 32 13.21 12.60 -56.76
CA GLN A 32 14.20 12.93 -57.81
C GLN A 32 13.58 13.63 -59.01
N LEU A 33 12.50 13.05 -59.53
CA LEU A 33 11.82 13.54 -60.74
C LEU A 33 11.14 14.89 -60.58
N VAL A 34 10.69 15.20 -59.37
CA VAL A 34 9.83 16.36 -59.14
C VAL A 34 10.46 17.68 -59.61
N SER A 35 11.78 17.75 -59.54
CA SER A 35 12.44 18.98 -59.94
C SER A 35 12.22 19.20 -61.42
N GLN A 36 12.51 18.19 -62.21
CA GLN A 36 12.42 18.30 -63.66
C GLN A 36 10.99 18.15 -64.16
N TYR A 37 10.28 17.18 -63.61
CA TYR A 37 8.89 17.00 -64.01
C TYR A 37 8.02 17.59 -62.90
N ASN A 38 7.58 18.84 -63.13
CA ASN A 38 6.98 19.68 -62.09
C ASN A 38 5.47 19.73 -62.15
N HIS A 39 4.89 18.93 -63.03
CA HIS A 39 3.45 18.82 -63.05
C HIS A 39 3.03 17.50 -62.44
N VAL A 40 2.28 17.58 -61.35
CA VAL A 40 1.78 16.36 -60.68
C VAL A 40 0.25 16.32 -60.65
N SER A 41 -0.31 15.16 -60.97
CA SER A 41 -1.74 15.00 -61.07
C SER A 41 -2.17 13.95 -60.05
N ILE A 42 -3.36 14.13 -59.47
CA ILE A 42 -3.82 13.26 -58.39
C ILE A 42 -5.20 12.66 -58.60
N SER A 43 -5.34 11.38 -58.27
CA SER A 43 -6.66 10.73 -58.27
C SER A 43 -6.86 9.89 -57.00
N THR A 44 -8.10 9.64 -56.59
CA THR A 44 -8.31 8.76 -55.44
C THR A 44 -9.47 7.85 -55.64
N GLU A 45 -9.52 6.81 -54.81
CA GLU A 45 -10.57 5.81 -54.87
C GLU A 45 -11.01 5.41 -53.47
N PHE A 46 -12.32 5.53 -53.25
CA PHE A 46 -12.99 5.21 -51.98
C PHE A 46 -14.45 4.82 -52.24
N VAL A 47 -15.21 4.59 -51.17
CA VAL A 47 -16.56 4.07 -51.32
C VAL A 47 -17.59 5.11 -51.74
N GLY A 48 -17.34 6.37 -51.43
CA GLY A 48 -18.26 7.44 -51.79
C GLY A 48 -19.69 7.19 -51.28
N THR A 49 -19.76 6.55 -50.12
CA THR A 49 -20.96 5.94 -49.48
C THR A 49 -21.74 6.97 -48.73
N LEU A 50 -21.67 8.17 -49.26
CA LEU A 50 -21.73 9.37 -48.48
C LEU A 50 -22.83 9.37 -47.37
N ALA A 51 -22.42 9.82 -46.20
CA ALA A 51 -23.37 10.22 -45.19
C ALA A 51 -23.84 11.60 -45.62
N ARG A 52 -25.09 11.94 -45.30
CA ARG A 52 -25.62 13.28 -45.55
C ARG A 52 -25.77 14.05 -44.26
N PRO A 53 -25.18 15.24 -44.22
CA PRO A 53 -25.41 16.20 -43.13
C PRO A 53 -26.80 16.89 -43.26
N ILE A 54 -27.50 17.06 -42.12
CA ILE A 54 -28.80 17.77 -42.05
C ILE A 54 -28.76 18.94 -41.08
N GLY A 55 -29.70 19.88 -41.20
CA GLY A 55 -29.48 21.20 -40.61
C GLY A 55 -29.31 22.30 -41.64
N THR A 56 -28.74 23.42 -41.22
CA THR A 56 -28.79 24.66 -42.02
C THR A 56 -27.79 24.89 -43.21
N PHE A 57 -26.54 25.12 -42.86
CA PHE A 57 -25.56 25.71 -43.77
C PHE A 57 -25.92 27.05 -44.40
N ARG A 58 -25.54 27.19 -45.66
CA ARG A 58 -25.49 28.43 -46.44
C ARG A 58 -25.52 27.91 -47.87
N SER A 59 -25.06 28.65 -48.87
CA SER A 59 -25.49 28.30 -50.22
C SER A 59 -25.05 26.90 -50.61
N LYS A 60 -25.43 26.45 -51.79
CA LYS A 60 -25.24 25.04 -52.14
C LYS A 60 -23.77 24.61 -51.94
N VAL A 61 -22.86 25.59 -51.91
CA VAL A 61 -21.45 25.31 -51.68
C VAL A 61 -21.17 24.95 -50.24
N ASP A 62 -21.75 25.68 -49.29
CA ASP A 62 -21.56 25.29 -47.89
C ASP A 62 -22.15 23.90 -47.65
N TYR A 63 -23.19 23.54 -48.38
CA TYR A 63 -23.74 22.19 -48.29
C TYR A 63 -22.81 21.13 -48.94
N HIS A 64 -22.29 21.46 -50.11
CA HIS A 64 -21.36 20.59 -50.80
C HIS A 64 -20.16 20.37 -49.89
N TYR A 65 -19.55 21.47 -49.47
CA TYR A 65 -18.44 21.41 -48.54
C TYR A 65 -18.75 20.57 -47.29
N GLN A 66 -19.83 20.90 -46.60
CA GLN A 66 -20.23 20.13 -45.41
C GLN A 66 -20.32 18.62 -45.66
N THR A 67 -20.94 18.23 -46.77
CA THR A 67 -21.08 16.83 -47.06
C THR A 67 -19.72 16.22 -47.23
N MET A 68 -18.88 16.90 -48.03
CA MET A 68 -17.54 16.39 -48.32
C MET A 68 -16.77 16.21 -47.04
N ARG A 69 -16.67 17.29 -46.27
CA ARG A 69 -16.05 17.29 -44.96
C ARG A 69 -16.47 16.04 -44.19
N ALA A 70 -17.75 15.93 -43.89
CA ALA A 70 -18.26 14.77 -43.18
C ALA A 70 -17.72 13.46 -43.75
N ASN A 71 -17.70 13.35 -45.08
CA ASN A 71 -17.30 12.09 -45.69
C ASN A 71 -15.81 11.78 -45.64
N VAL A 72 -14.98 12.79 -45.89
CA VAL A 72 -13.53 12.68 -45.81
C VAL A 72 -13.21 12.24 -44.40
N ASP A 73 -13.93 12.83 -43.44
CA ASP A 73 -13.74 12.48 -42.05
C ASP A 73 -14.11 11.01 -41.78
N PHE A 74 -15.28 10.58 -42.25
CA PHE A 74 -15.76 9.22 -41.94
C PHE A 74 -15.14 8.12 -42.80
N LEU A 75 -14.57 8.50 -43.92
CA LEU A 75 -14.03 7.53 -44.89
C LEU A 75 -12.51 7.58 -45.02
N ASN A 76 -11.94 6.47 -45.49
CA ASN A 76 -10.53 6.40 -45.84
C ASN A 76 -10.39 5.99 -47.29
N PRO A 77 -9.45 6.63 -47.99
CA PRO A 77 -9.22 6.30 -49.39
C PRO A 77 -8.55 4.94 -49.54
N ILE A 78 -9.08 4.10 -50.43
CA ILE A 78 -8.48 2.80 -50.67
C ILE A 78 -7.23 2.97 -51.49
N GLN A 79 -7.33 3.77 -52.55
CA GLN A 79 -6.19 3.99 -53.45
C GLN A 79 -5.95 5.45 -53.83
N LEU A 80 -4.71 5.79 -54.15
CA LEU A 80 -4.43 7.14 -54.60
C LEU A 80 -3.44 7.08 -55.74
N GLY A 81 -3.81 7.58 -56.91
CA GLY A 81 -2.87 7.76 -58.02
C GLY A 81 -2.14 9.09 -58.12
N LEU A 82 -0.89 9.05 -58.59
CA LEU A 82 -0.08 10.24 -58.80
C LEU A 82 0.59 10.13 -60.12
N SER A 83 0.71 11.24 -60.84
CA SER A 83 1.49 11.22 -62.06
C SER A 83 2.30 12.51 -62.33
N LEU A 84 3.56 12.36 -62.69
CA LEU A 84 4.39 13.52 -62.96
C LEU A 84 4.75 13.59 -64.42
N SER A 85 4.95 14.81 -64.89
CA SER A 85 5.44 15.03 -66.23
C SER A 85 5.95 16.46 -66.26
N ASP A 86 6.59 16.83 -67.37
CA ASP A 86 7.01 18.21 -67.51
C ASP A 86 5.83 18.97 -68.08
N ALA A 87 6.00 20.28 -68.17
CA ALA A 87 4.89 21.13 -68.51
C ALA A 87 4.29 20.78 -69.87
N ASN A 88 5.13 20.23 -70.75
CA ASN A 88 4.70 19.82 -72.09
C ASN A 88 4.16 18.40 -72.09
N GLY A 89 4.23 17.75 -70.93
CA GLY A 89 3.66 16.44 -70.77
C GLY A 89 4.63 15.35 -71.14
N ASN A 90 5.92 15.66 -71.04
CA ASN A 90 6.96 14.67 -71.22
C ASN A 90 7.30 13.97 -69.93
N LYS A 91 7.60 12.69 -70.03
CA LYS A 91 7.95 11.92 -68.85
C LYS A 91 9.28 11.25 -69.10
N PRO A 92 9.98 10.90 -68.02
CA PRO A 92 11.24 10.19 -68.17
C PRO A 92 11.07 8.94 -69.01
N ASP A 93 11.91 8.79 -70.04
CA ASP A 93 11.87 7.66 -70.96
C ASP A 93 12.25 6.42 -70.20
N ASN A 94 12.77 6.63 -69.00
CA ASN A 94 13.20 5.53 -68.15
C ASN A 94 12.58 5.51 -66.75
N GLY A 95 11.95 4.39 -66.42
CA GLY A 95 11.41 4.19 -65.10
C GLY A 95 9.97 4.62 -65.07
N PRO A 96 9.26 4.27 -63.99
CA PRO A 96 7.85 4.63 -63.86
C PRO A 96 7.68 6.14 -63.60
N SER A 97 6.79 6.79 -64.34
CA SER A 97 6.41 8.17 -64.03
C SER A 97 5.02 8.27 -63.37
N THR A 98 4.36 7.14 -63.14
CA THR A 98 3.03 7.16 -62.55
C THR A 98 2.90 6.10 -61.48
N TRP A 99 2.54 6.53 -60.27
CA TRP A 99 2.38 5.57 -59.18
C TRP A 99 0.94 5.41 -58.74
N GLN A 100 0.60 4.20 -58.29
CA GLN A 100 -0.66 3.96 -57.64
C GLN A 100 -0.40 3.44 -56.25
N PHE A 101 -0.66 4.26 -55.24
CA PHE A 101 -0.42 3.87 -53.87
C PHE A 101 -1.62 3.12 -53.35
N ASN A 102 -1.38 1.91 -52.82
CA ASN A 102 -2.45 1.14 -52.19
C ASN A 102 -2.40 1.16 -50.66
N PHE A 103 -3.36 1.86 -50.06
CA PHE A 103 -3.40 2.01 -48.61
C PHE A 103 -3.93 0.79 -47.90
N GLU A 104 -3.65 0.73 -46.60
CA GLU A 104 -4.06 -0.38 -45.78
C GLU A 104 -5.54 -0.19 -45.54
N PHE A 105 -6.36 -1.12 -46.02
CA PHE A 105 -7.81 -0.97 -45.93
C PHE A 105 -8.49 -2.28 -45.58
N ASP A 106 -9.08 -2.34 -44.40
CA ASP A 106 -9.75 -3.58 -43.99
C ASP A 106 -11.27 -3.46 -44.11
N PRO A 107 -11.85 -4.18 -45.07
CA PRO A 107 -13.30 -4.08 -45.29
C PRO A 107 -14.02 -4.28 -43.98
N LYS A 108 -13.58 -5.27 -43.23
CA LYS A 108 -14.20 -5.63 -41.96
C LYS A 108 -14.14 -4.50 -40.96
N LYS A 109 -13.09 -3.69 -41.03
CA LYS A 109 -12.92 -2.60 -40.06
C LYS A 109 -13.40 -1.21 -40.52
N GLU A 110 -13.89 -1.10 -41.74
CA GLU A 110 -14.14 0.23 -42.32
C GLU A 110 -15.52 0.29 -42.90
N ILE A 111 -15.97 1.48 -43.29
CA ILE A 111 -17.35 1.61 -43.78
C ILE A 111 -17.51 1.05 -45.17
N MET A 112 -18.40 0.08 -45.34
CA MET A 112 -18.62 -0.50 -46.66
C MET A 112 -19.91 -1.27 -46.72
N SER A 113 -20.42 -1.48 -47.94
CA SER A 113 -21.64 -2.27 -48.19
C SER A 113 -21.34 -3.41 -49.14
N THR A 114 -21.76 -4.64 -48.82
CA THR A 114 -21.32 -5.78 -49.65
C THR A 114 -21.61 -5.44 -51.10
N GLU A 115 -22.60 -4.57 -51.27
CA GLU A 115 -22.85 -3.97 -52.56
C GLU A 115 -21.57 -3.42 -53.19
N SER A 116 -21.12 -2.29 -52.64
CA SER A 116 -19.90 -1.62 -53.14
C SER A 116 -18.61 -2.42 -52.87
N LEU A 117 -18.62 -3.33 -51.90
CA LEU A 117 -17.49 -4.22 -51.76
C LEU A 117 -17.36 -5.01 -53.07
N GLU A 118 -18.47 -5.55 -53.56
CA GLU A 118 -18.40 -6.40 -54.74
C GLU A 118 -18.21 -5.59 -56.02
N LEU A 119 -18.88 -4.44 -56.09
CA LEU A 119 -18.60 -3.49 -57.15
C LEU A 119 -17.10 -3.13 -57.21
N LEU A 120 -16.46 -2.98 -56.05
CA LEU A 120 -15.03 -2.64 -55.99
C LEU A 120 -14.14 -3.81 -56.32
N ARG A 121 -14.58 -5.03 -56.05
CA ARG A 121 -13.78 -6.18 -56.41
C ARG A 121 -13.81 -6.31 -57.93
N LYS A 122 -14.99 -6.11 -58.50
CA LYS A 122 -15.08 -6.04 -59.94
C LYS A 122 -14.16 -4.92 -60.48
N SER A 123 -14.12 -3.78 -59.80
CA SER A 123 -13.24 -2.68 -60.17
C SER A 123 -11.79 -3.13 -60.26
N GLY A 124 -11.45 -4.20 -59.55
CA GLY A 124 -10.09 -4.67 -59.51
C GLY A 124 -9.31 -4.41 -58.23
N ILE A 125 -9.99 -3.94 -57.19
CA ILE A 125 -9.37 -3.88 -55.87
C ILE A 125 -9.25 -5.28 -55.26
N ASN A 126 -8.03 -5.63 -54.84
CA ASN A 126 -7.81 -6.87 -54.12
C ASN A 126 -7.68 -6.55 -52.64
N PHE A 127 -8.72 -6.90 -51.87
CA PHE A 127 -8.79 -6.41 -50.49
C PHE A 127 -7.85 -7.15 -49.53
N GLU A 128 -7.44 -8.34 -49.91
CA GLU A 128 -6.46 -9.08 -49.14
C GLU A 128 -5.13 -8.32 -49.13
N LYS A 129 -4.62 -8.04 -50.33
CA LYS A 129 -3.36 -7.33 -50.46
C LYS A 129 -3.45 -6.02 -49.67
N HIS A 130 -4.53 -5.26 -49.87
CA HIS A 130 -4.73 -3.98 -49.17
C HIS A 130 -4.77 -4.14 -47.67
N GLU A 131 -5.25 -5.29 -47.22
CA GLU A 131 -5.32 -5.56 -45.80
C GLU A 131 -3.92 -5.77 -45.21
N ASN A 132 -3.16 -6.69 -45.80
CA ASN A 132 -1.81 -6.99 -45.31
C ASN A 132 -0.71 -6.03 -45.78
N LEU A 133 -0.64 -5.81 -47.08
CA LEU A 133 0.49 -5.13 -47.68
C LEU A 133 0.28 -3.64 -47.87
N GLY A 134 -0.85 -3.16 -47.36
CA GLY A 134 -1.27 -1.80 -47.60
C GLY A 134 -0.41 -0.73 -46.98
N ILE A 135 -0.22 0.37 -47.68
CA ILE A 135 0.57 1.47 -47.17
C ILE A 135 -0.08 2.02 -45.90
N ASP A 136 0.75 2.43 -44.94
CA ASP A 136 0.26 3.14 -43.76
C ASP A 136 0.25 4.64 -44.04
N VAL A 137 -0.95 5.22 -43.96
CA VAL A 137 -1.15 6.60 -44.38
C VAL A 137 -0.35 7.63 -43.58
N PHE A 138 0.12 7.25 -42.40
CA PHE A 138 0.96 8.14 -41.62
C PHE A 138 2.32 8.23 -42.30
N GLU A 139 2.88 7.05 -42.61
CA GLU A 139 4.12 6.97 -43.35
C GLU A 139 4.00 7.77 -44.66
N PHE A 140 2.92 7.48 -45.39
CA PHE A 140 2.67 8.15 -46.65
C PHE A 140 2.73 9.65 -46.43
N SER A 141 1.81 10.17 -45.65
CA SER A 141 1.72 11.62 -45.45
C SER A 141 3.09 12.21 -45.19
N GLN A 142 3.85 11.50 -44.37
CA GLN A 142 5.20 11.91 -44.01
C GLN A 142 6.19 12.00 -45.17
N LEU A 143 6.16 11.00 -46.04
CA LEU A 143 7.02 11.04 -47.22
C LEU A 143 6.61 12.16 -48.17
N LEU A 144 5.29 12.36 -48.30
CA LEU A 144 4.75 13.34 -49.23
C LEU A 144 5.05 14.73 -48.76
N MET A 145 5.25 14.90 -47.46
CA MET A 145 5.49 16.24 -46.90
C MET A 145 6.79 16.90 -47.40
N ASP A 146 7.92 16.23 -47.20
CA ASP A 146 9.25 16.76 -47.53
C ASP A 146 9.71 16.40 -48.96
N SER A 147 8.83 15.72 -49.70
CA SER A 147 9.11 15.23 -51.05
C SER A 147 9.41 16.36 -52.05
N GLY A 148 8.73 17.49 -51.86
CA GLY A 148 8.98 18.67 -52.66
C GLY A 148 7.90 18.91 -53.71
N LEU A 149 6.84 18.10 -53.65
CA LEU A 149 5.60 18.34 -54.38
C LEU A 149 4.71 19.39 -53.68
N MET A 150 4.71 19.36 -52.36
CA MET A 150 3.84 20.22 -51.58
C MET A 150 4.51 21.56 -51.29
N MET A 151 3.69 22.60 -51.31
CA MET A 151 4.08 23.91 -50.81
C MET A 151 5.14 24.57 -51.64
N ASP A 152 5.07 24.41 -52.95
CA ASP A 152 6.03 25.08 -53.81
C ASP A 152 5.36 25.60 -55.03
N ASP A 153 5.48 26.89 -55.29
CA ASP A 153 4.87 27.53 -56.47
C ASP A 153 5.34 26.84 -57.72
N SER A 154 6.55 26.28 -57.67
CA SER A 154 7.20 25.59 -58.78
C SER A 154 6.38 24.44 -59.30
N VAL A 155 5.82 23.64 -58.38
CA VAL A 155 5.01 22.48 -58.77
C VAL A 155 3.60 22.90 -59.17
N THR A 156 3.01 22.18 -60.10
CA THR A 156 1.67 22.48 -60.53
C THR A 156 0.83 21.25 -60.35
N TRP A 157 -0.27 21.38 -59.61
CA TRP A 157 -1.12 20.24 -59.32
C TRP A 157 -2.29 20.19 -60.28
N ILE A 158 -2.68 18.98 -60.67
CA ILE A 158 -3.70 18.79 -61.67
C ILE A 158 -4.69 17.80 -61.12
N THR A 159 -5.97 18.13 -61.28
CA THR A 159 -7.06 17.42 -60.63
C THR A 159 -8.27 17.50 -61.52
N TYR A 160 -9.17 16.53 -61.41
CA TYR A 160 -10.38 16.57 -62.21
C TYR A 160 -11.60 16.43 -61.32
N HIS A 161 -12.39 17.49 -61.18
CA HIS A 161 -13.51 17.41 -60.27
C HIS A 161 -12.88 17.12 -58.90
N ALA A 162 -12.20 18.12 -58.36
CA ALA A 162 -11.23 17.91 -57.29
C ALA A 162 -11.75 17.86 -55.87
N ALA A 163 -13.02 18.22 -55.64
CA ALA A 163 -13.46 18.50 -54.28
C ALA A 163 -13.02 17.41 -53.31
N TYR A 164 -13.38 16.16 -53.62
CA TYR A 164 -13.02 15.03 -52.77
C TYR A 164 -11.55 14.68 -52.83
N ASP A 165 -11.00 14.56 -54.04
CA ASP A 165 -9.60 14.22 -54.16
C ASP A 165 -8.71 15.17 -53.34
N LEU A 166 -8.88 16.48 -53.52
CA LEU A 166 -8.19 17.47 -52.70
C LEU A 166 -8.57 17.37 -51.22
N GLY A 167 -9.81 16.95 -50.96
CA GLY A 167 -10.23 16.78 -49.57
C GLY A 167 -9.40 15.72 -48.88
N PHE A 168 -9.44 14.49 -49.39
CA PHE A 168 -8.60 13.42 -48.91
C PHE A 168 -7.13 13.85 -48.82
N LEU A 169 -6.59 14.45 -49.87
CA LEU A 169 -5.18 14.80 -49.83
C LEU A 169 -4.86 15.73 -48.66
N ILE A 170 -5.63 16.80 -48.55
CA ILE A 170 -5.38 17.78 -47.51
C ILE A 170 -5.62 17.18 -46.15
N ASN A 171 -6.54 16.23 -46.09
CA ASN A 171 -6.86 15.54 -44.85
C ASN A 171 -5.66 14.71 -44.40
N ILE A 172 -5.06 13.99 -45.35
CA ILE A 172 -3.88 13.19 -45.09
C ILE A 172 -2.69 14.02 -44.65
N LEU A 173 -2.48 15.14 -45.31
CA LEU A 173 -1.40 16.03 -44.91
C LEU A 173 -1.62 16.64 -43.52
N MET A 174 -2.87 16.98 -43.18
CA MET A 174 -3.15 17.72 -41.93
C MET A 174 -3.09 16.85 -40.68
N ASN A 175 -3.32 15.56 -40.87
CA ASN A 175 -3.39 14.59 -39.78
C ASN A 175 -4.29 15.13 -38.67
N ASP A 176 -5.45 15.65 -39.07
CA ASP A 176 -6.43 16.28 -38.17
C ASP A 176 -7.81 16.29 -38.84
N SER A 177 -8.86 16.48 -38.05
CA SER A 177 -10.22 16.60 -38.59
C SER A 177 -10.36 17.79 -39.54
N MET A 178 -10.98 17.55 -40.69
CA MET A 178 -11.22 18.60 -41.67
C MET A 178 -11.97 19.74 -41.03
N PRO A 179 -11.64 20.97 -41.42
CA PRO A 179 -12.21 22.22 -40.88
C PRO A 179 -13.76 22.34 -40.97
N ASN A 180 -14.35 23.15 -40.08
CA ASN A 180 -15.78 23.49 -40.06
C ASN A 180 -16.40 23.93 -41.36
N ASN A 181 -15.59 24.62 -42.15
CA ASN A 181 -16.09 25.49 -43.20
C ASN A 181 -15.24 25.44 -44.43
N LYS A 182 -15.85 25.74 -45.57
CA LYS A 182 -15.09 25.76 -46.80
C LYS A 182 -13.89 26.71 -46.67
N GLU A 183 -14.09 27.87 -46.04
CA GLU A 183 -13.05 28.92 -46.03
C GLU A 183 -11.68 28.46 -45.53
N ASP A 184 -11.67 27.78 -44.39
CA ASP A 184 -10.43 27.26 -43.82
C ASP A 184 -9.85 26.14 -44.66
N PHE A 185 -10.72 25.24 -45.10
CA PHE A 185 -10.32 24.18 -45.99
C PHE A 185 -9.55 24.75 -47.15
N GLU A 186 -10.01 25.90 -47.63
CA GLU A 186 -9.36 26.55 -48.75
C GLU A 186 -8.06 27.20 -48.34
N TRP A 187 -8.00 27.79 -47.16
CA TRP A 187 -6.70 28.30 -46.72
C TRP A 187 -5.64 27.21 -46.74
N TRP A 188 -6.02 26.03 -46.25
CA TRP A 188 -5.18 24.85 -46.27
C TRP A 188 -4.83 24.37 -47.67
N VAL A 189 -5.82 24.25 -48.55
CA VAL A 189 -5.52 23.86 -49.92
C VAL A 189 -4.49 24.78 -50.54
N HIS A 190 -4.74 26.09 -50.48
CA HIS A 190 -3.84 27.06 -51.07
C HIS A 190 -2.46 27.11 -50.41
N GLN A 191 -2.40 26.78 -49.13
CA GLN A 191 -1.09 26.67 -48.48
C GLN A 191 -0.31 25.45 -48.97
N TYR A 192 -0.96 24.30 -48.91
CA TYR A 192 -0.36 23.03 -49.31
C TYR A 192 -0.10 22.89 -50.81
N MET A 193 -0.92 23.53 -51.65
CA MET A 193 -0.78 23.45 -53.10
C MET A 193 -1.03 24.80 -53.75
N PRO A 194 -0.01 25.68 -53.72
CA PRO A 194 -0.17 27.05 -54.18
C PRO A 194 -0.41 27.17 -55.70
N ASN A 195 -0.06 26.16 -56.49
CA ASN A 195 -0.38 26.21 -57.91
C ASN A 195 -1.08 24.95 -58.38
N PHE A 196 -2.35 25.09 -58.77
CA PHE A 196 -3.09 23.95 -59.28
C PHE A 196 -4.31 24.30 -60.13
N TYR A 197 -4.76 23.34 -60.94
CA TYR A 197 -5.86 23.53 -61.87
C TYR A 197 -6.84 22.39 -61.71
N ASP A 198 -8.11 22.70 -61.92
CA ASP A 198 -9.12 21.67 -62.05
C ASP A 198 -9.38 21.55 -63.54
N LEU A 199 -9.00 20.42 -64.11
CA LEU A 199 -9.11 20.17 -65.54
C LEU A 199 -10.58 20.18 -65.94
N ASN A 200 -11.42 19.72 -65.03
CA ASN A 200 -12.85 19.65 -65.28
C ASN A 200 -13.46 21.03 -65.49
N LEU A 201 -12.98 22.02 -64.73
CA LEU A 201 -13.45 23.40 -64.88
C LEU A 201 -12.83 24.06 -66.11
N VAL A 202 -11.54 23.84 -66.39
CA VAL A 202 -10.94 24.45 -67.57
C VAL A 202 -11.66 23.92 -68.80
N TYR A 203 -11.93 22.62 -68.81
CA TYR A 203 -12.62 22.01 -69.93
C TYR A 203 -14.04 22.55 -70.02
N LYS A 204 -14.76 22.60 -68.90
CA LYS A 204 -16.09 23.23 -68.91
C LYS A 204 -15.99 24.56 -69.64
N ILE A 205 -15.26 25.50 -69.06
CA ILE A 205 -15.08 26.82 -69.65
C ILE A 205 -14.77 26.79 -71.13
N ILE A 206 -13.88 25.91 -71.55
CA ILE A 206 -13.54 25.81 -72.96
C ILE A 206 -14.73 25.37 -73.81
N GLN A 207 -15.37 24.29 -73.42
CA GLN A 207 -16.54 23.77 -74.13
C GLN A 207 -17.66 24.79 -74.18
N GLU A 208 -17.60 25.76 -73.27
CA GLU A 208 -18.66 26.78 -73.18
C GLU A 208 -18.48 27.99 -74.10
N PHE A 209 -17.32 28.11 -74.72
CA PHE A 209 -17.26 28.87 -75.95
C PHE A 209 -17.50 27.83 -77.05
N LYS A 210 -18.27 28.19 -78.06
CA LYS A 210 -18.98 27.19 -78.86
C LYS A 210 -20.19 26.61 -78.10
N ASN A 211 -20.71 27.37 -77.14
CA ASN A 211 -21.99 27.06 -76.50
C ASN A 211 -22.75 28.29 -76.02
N GLN A 225 -20.94 13.87 -70.67
CA GLN A 225 -20.93 15.26 -70.20
C GLN A 225 -19.58 15.93 -70.48
N TYR A 226 -19.01 16.46 -69.40
CA TYR A 226 -17.64 16.95 -69.37
C TYR A 226 -16.67 15.88 -68.90
N SER A 227 -17.16 14.64 -68.85
CA SER A 227 -16.39 13.51 -68.33
C SER A 227 -15.01 13.50 -68.94
N LEU A 228 -14.01 13.18 -68.12
CA LEU A 228 -12.63 13.18 -68.58
C LEU A 228 -12.45 12.34 -69.84
N THR A 229 -13.15 11.22 -69.94
CA THR A 229 -13.03 10.33 -71.09
C THR A 229 -13.49 10.98 -72.38
N THR A 230 -14.40 11.95 -72.27
CA THR A 230 -14.79 12.76 -73.41
C THR A 230 -13.63 13.66 -73.80
N LEU A 231 -13.07 14.41 -72.85
CA LEU A 231 -11.93 15.27 -73.12
C LEU A 231 -10.84 14.44 -73.77
N ALA A 232 -10.73 13.22 -73.30
CA ALA A 232 -9.67 12.32 -73.70
C ALA A 232 -9.88 11.89 -75.14
N ASP A 233 -11.13 11.58 -75.46
CA ASP A 233 -11.48 11.12 -76.80
C ASP A 233 -11.30 12.22 -77.82
N GLU A 234 -11.71 13.43 -77.45
CA GLU A 234 -11.57 14.58 -78.34
C GLU A 234 -10.09 14.87 -78.53
N LEU A 235 -9.31 14.60 -77.48
CA LEU A 235 -7.87 14.81 -77.54
C LEU A 235 -7.14 13.76 -78.40
N GLY A 236 -7.79 12.65 -78.68
CA GLY A 236 -7.20 11.63 -79.54
C GLY A 236 -6.76 10.33 -78.90
N LEU A 237 -6.80 10.25 -77.57
CA LEU A 237 -6.28 9.08 -76.88
C LEU A 237 -7.20 7.89 -76.98
N PRO A 238 -6.64 6.73 -77.34
CA PRO A 238 -7.30 5.42 -77.38
C PRO A 238 -7.77 5.08 -75.98
N ARG A 239 -8.70 4.14 -75.82
CA ARG A 239 -9.07 3.84 -74.45
C ARG A 239 -8.31 2.59 -74.06
N PHE A 240 -7.23 2.79 -73.30
CA PHE A 240 -6.38 1.69 -72.87
C PHE A 240 -6.87 1.23 -71.52
N SER A 241 -6.92 -0.07 -71.30
CA SER A 241 -7.40 -0.64 -70.05
C SER A 241 -6.78 0.10 -68.86
N ILE A 242 -5.50 0.41 -68.99
CA ILE A 242 -4.73 1.04 -67.93
C ILE A 242 -5.38 2.31 -67.39
N PHE A 243 -6.14 3.00 -68.23
CA PHE A 243 -6.71 4.29 -67.85
C PHE A 243 -7.83 4.17 -66.84
N THR A 244 -8.37 2.97 -66.68
CA THR A 244 -9.48 2.79 -65.75
C THR A 244 -9.01 2.63 -64.30
N THR A 245 -7.74 2.25 -64.10
CA THR A 245 -7.15 2.13 -62.76
C THR A 245 -7.07 3.52 -62.14
N THR A 246 -6.89 3.58 -60.82
CA THR A 246 -6.77 4.87 -60.16
C THR A 246 -5.53 5.63 -60.64
N GLY A 247 -4.43 4.87 -60.70
CA GLY A 247 -3.19 5.38 -61.22
C GLY A 247 -3.43 5.80 -62.65
N GLY A 248 -3.99 4.87 -63.42
CA GLY A 248 -4.31 5.15 -64.81
C GLY A 248 -5.08 6.45 -64.91
N GLN A 249 -5.97 6.67 -63.94
CA GLN A 249 -6.80 7.87 -63.91
C GLN A 249 -5.91 9.11 -63.82
N SER A 250 -4.98 9.10 -62.87
CA SER A 250 -4.06 10.24 -62.76
C SER A 250 -3.29 10.45 -64.05
N LEU A 251 -2.85 9.34 -64.64
CA LEU A 251 -2.15 9.36 -65.93
C LEU A 251 -2.98 10.10 -66.95
N LEU A 252 -4.15 9.56 -67.25
CA LEU A 252 -5.07 10.15 -68.22
C LEU A 252 -5.32 11.65 -67.99
N MET A 253 -5.62 12.04 -66.75
CA MET A 253 -5.91 13.44 -66.56
C MET A 253 -4.65 14.28 -66.80
N LEU A 254 -3.47 13.71 -66.57
CA LEU A 254 -2.22 14.46 -66.83
C LEU A 254 -1.89 14.58 -68.31
N LEU A 255 -2.08 13.50 -69.05
CA LEU A 255 -1.83 13.50 -70.50
C LEU A 255 -2.76 14.50 -71.12
N SER A 256 -4.04 14.41 -70.74
CA SER A 256 -5.09 15.30 -71.24
C SER A 256 -4.80 16.77 -70.94
N PHE A 257 -4.50 17.06 -69.67
CA PHE A 257 -4.22 18.43 -69.33
C PHE A 257 -3.04 18.99 -70.11
N CYS A 258 -1.95 18.22 -70.20
CA CYS A 258 -0.77 18.71 -70.90
C CYS A 258 -1.03 18.96 -72.39
N GLN A 259 -1.62 17.99 -73.06
CA GLN A 259 -1.96 18.14 -74.46
C GLN A 259 -2.81 19.41 -74.66
N LEU A 260 -3.89 19.49 -73.90
CA LEU A 260 -4.81 20.60 -74.05
C LEU A 260 -4.13 21.95 -73.79
N SER A 261 -3.24 22.00 -72.81
CA SER A 261 -2.51 23.24 -72.51
C SER A 261 -1.46 23.57 -73.57
N LYS A 262 -0.97 22.56 -74.28
CA LYS A 262 -0.06 22.81 -75.40
C LYS A 262 -0.87 23.43 -76.54
N LEU A 263 -1.93 22.76 -76.94
CA LEU A 263 -2.69 23.22 -78.11
C LEU A 263 -3.05 24.69 -77.98
N SER A 264 -3.61 25.07 -76.84
CA SER A 264 -4.15 26.40 -76.67
C SER A 264 -3.17 27.38 -76.05
N MET A 265 -1.94 26.96 -75.85
CA MET A 265 -0.97 27.80 -75.16
C MET A 265 -1.58 28.32 -73.86
N HIS A 266 -2.29 27.43 -73.17
CA HIS A 266 -3.00 27.74 -71.93
C HIS A 266 -3.74 29.07 -72.01
N LYS A 267 -4.36 29.32 -73.16
CA LYS A 267 -5.23 30.49 -73.36
C LYS A 267 -6.60 29.96 -73.77
N PHE A 268 -7.65 30.58 -73.26
CA PHE A 268 -9.00 30.22 -73.69
C PHE A 268 -9.25 30.82 -75.06
N PRO A 269 -10.34 30.39 -75.73
CA PRO A 269 -10.64 30.98 -77.03
C PRO A 269 -10.54 32.50 -76.98
N ASN A 270 -10.95 33.09 -75.86
CA ASN A 270 -11.03 34.54 -75.74
C ASN A 270 -9.72 35.25 -75.33
N GLY A 271 -8.64 34.50 -75.17
CA GLY A 271 -7.35 35.12 -74.96
C GLY A 271 -6.90 35.34 -73.52
N THR A 272 -7.78 35.06 -72.56
CA THR A 272 -7.38 35.08 -71.15
C THR A 272 -6.77 33.74 -70.77
N ASP A 273 -5.75 33.79 -69.91
CA ASP A 273 -4.98 32.61 -69.54
C ASP A 273 -5.80 31.61 -68.73
N PHE A 274 -5.40 30.34 -68.79
CA PHE A 274 -5.93 29.35 -67.89
C PHE A 274 -5.72 29.84 -66.47
N ALA A 275 -4.68 30.66 -66.27
CA ALA A 275 -4.23 31.06 -64.95
C ALA A 275 -5.30 31.80 -64.15
N LYS A 276 -6.36 32.19 -64.82
CA LYS A 276 -7.48 32.88 -64.18
C LYS A 276 -8.19 31.94 -63.24
N TYR A 277 -8.33 30.69 -63.67
CA TYR A 277 -9.00 29.70 -62.86
C TYR A 277 -8.07 28.83 -62.03
N GLN A 278 -6.79 29.21 -61.97
CA GLN A 278 -5.90 28.60 -60.99
C GLN A 278 -6.51 28.77 -59.59
N GLY A 279 -6.36 27.74 -58.75
CA GLY A 279 -6.79 27.79 -57.37
C GLY A 279 -8.27 27.50 -57.21
N VAL A 280 -8.97 27.45 -58.34
CA VAL A 280 -10.42 27.34 -58.33
C VAL A 280 -10.90 25.90 -58.33
N ILE A 281 -11.68 25.54 -57.32
CA ILE A 281 -12.14 24.16 -57.14
C ILE A 281 -13.45 23.79 -57.84
N TYR A 282 -14.04 22.66 -57.47
CA TYR A 282 -15.32 22.18 -58.02
C TYR A 282 -15.31 22.01 -59.55
N GLY A 283 -16.40 22.36 -60.21
CA GLY A 283 -16.54 22.11 -61.64
C GLY A 283 -17.99 21.90 -62.05
N GLN B 8 40.80 20.72 -40.88
CA GLN B 8 40.15 19.61 -40.17
C GLN B 8 39.61 18.58 -41.15
N GLU B 9 39.73 17.30 -40.81
CA GLU B 9 39.27 16.20 -41.67
C GLU B 9 37.75 16.12 -41.75
N MET B 10 37.24 16.01 -42.97
CA MET B 10 35.81 15.98 -43.25
C MET B 10 35.37 14.56 -43.51
N ILE B 11 34.16 14.22 -43.10
CA ILE B 11 33.57 12.94 -43.48
C ILE B 11 32.38 13.16 -44.41
N PRO B 12 32.10 12.17 -45.25
CA PRO B 12 30.95 12.30 -46.13
C PRO B 12 29.68 12.36 -45.28
N LEU B 13 28.64 13.05 -45.76
CA LEU B 13 27.35 13.07 -45.08
C LEU B 13 26.30 12.45 -45.97
N LYS B 14 25.73 11.33 -45.57
CA LYS B 14 24.75 10.61 -46.40
C LYS B 14 23.48 11.40 -46.66
N PHE B 15 22.88 11.94 -45.60
CA PHE B 15 21.55 12.52 -45.71
C PHE B 15 21.36 14.03 -45.82
N PHE B 16 22.46 14.76 -45.92
CA PHE B 16 22.45 16.22 -45.99
C PHE B 16 23.04 16.62 -47.34
N ALA B 17 22.41 17.54 -48.08
CA ALA B 17 23.04 18.06 -49.29
C ALA B 17 22.55 19.43 -49.74
N VAL B 18 23.41 20.17 -50.44
CA VAL B 18 23.05 21.50 -50.90
C VAL B 18 23.00 21.50 -52.40
N ASP B 19 22.01 22.18 -52.99
CA ASP B 19 21.99 22.28 -54.43
C ASP B 19 22.46 23.67 -54.86
N GLU B 20 22.64 23.86 -56.17
CA GLU B 20 23.02 25.16 -56.68
C GLU B 20 21.75 25.98 -56.64
N VAL B 21 21.89 27.29 -56.69
CA VAL B 21 20.73 28.13 -56.92
C VAL B 21 20.63 28.21 -58.43
N SER B 22 19.42 28.08 -58.97
CA SER B 22 19.30 28.14 -60.43
C SER B 22 18.87 29.53 -60.86
N CYS B 23 19.82 30.27 -61.40
CA CYS B 23 19.56 31.56 -62.02
C CYS B 23 20.70 31.87 -62.96
N GLN B 24 20.44 32.74 -63.94
CA GLN B 24 21.46 33.13 -64.89
C GLN B 24 22.10 34.44 -64.44
N ILE B 25 21.59 34.99 -63.34
CA ILE B 25 22.06 36.28 -62.89
C ILE B 25 23.43 36.15 -62.26
N ASN B 26 24.40 36.88 -62.81
CA ASN B 26 25.76 36.77 -62.33
C ASN B 26 25.96 37.49 -61.02
N GLN B 27 26.40 36.73 -60.02
CA GLN B 27 26.58 37.22 -58.67
C GLN B 27 27.93 37.91 -58.46
N GLU B 28 27.87 39.10 -57.88
CA GLU B 28 29.06 39.88 -57.61
C GLU B 28 29.12 40.15 -56.13
N GLY B 29 30.30 40.55 -55.65
CA GLY B 29 30.41 41.12 -54.33
C GLY B 29 29.88 42.53 -54.49
N ALA B 30 29.94 43.31 -53.43
CA ALA B 30 29.43 44.67 -53.51
C ALA B 30 30.56 45.67 -53.33
N PRO B 31 30.46 46.83 -54.02
CA PRO B 31 31.40 47.94 -53.87
C PRO B 31 31.18 48.66 -52.55
N LYS B 32 32.15 49.48 -52.15
CA LYS B 32 32.12 50.12 -50.84
C LYS B 32 30.76 50.71 -50.51
N ASP B 33 30.16 51.40 -51.48
CA ASP B 33 28.91 52.13 -51.24
C ASP B 33 27.68 51.24 -51.00
N VAL B 34 27.61 50.12 -51.73
CA VAL B 34 26.53 49.16 -51.52
C VAL B 34 26.64 48.58 -50.12
N VAL B 35 27.82 48.07 -49.78
CA VAL B 35 28.08 47.52 -48.45
C VAL B 35 27.67 48.52 -47.40
N GLU B 36 28.04 49.78 -47.62
CA GLU B 36 27.68 50.87 -46.71
C GLU B 36 26.17 50.99 -46.51
N LYS B 37 25.46 51.31 -47.59
CA LYS B 37 24.01 51.49 -47.54
C LYS B 37 23.34 50.30 -46.84
N VAL B 38 23.76 49.11 -47.24
CA VAL B 38 23.24 47.85 -46.70
C VAL B 38 23.45 47.69 -45.18
N LEU B 39 24.69 47.86 -44.72
CA LEU B 39 24.98 47.72 -43.30
C LEU B 39 24.32 48.82 -42.47
N PHE B 40 24.15 49.99 -43.08
CA PHE B 40 23.36 51.06 -42.47
C PHE B 40 21.95 50.56 -42.21
N VAL B 41 21.30 50.05 -43.26
CA VAL B 41 19.96 49.51 -43.12
C VAL B 41 19.86 48.41 -42.06
N LEU B 42 20.78 47.45 -42.14
CA LEU B 42 20.80 46.30 -41.24
C LEU B 42 21.01 46.67 -39.78
N ASN B 43 21.82 47.70 -39.53
CA ASN B 43 22.14 48.11 -38.17
C ASN B 43 21.08 48.99 -37.49
N ASN B 44 20.39 49.78 -38.30
CA ASN B 44 19.39 50.72 -37.79
C ASN B 44 17.96 50.17 -37.79
N VAL B 45 17.80 48.89 -38.08
CA VAL B 45 16.47 48.31 -38.20
C VAL B 45 15.84 47.88 -36.86
N THR B 46 14.58 48.30 -36.67
CA THR B 46 13.75 47.93 -35.54
C THR B 46 12.50 47.27 -36.10
N LEU B 47 11.78 46.54 -35.26
CA LEU B 47 10.58 45.85 -35.75
C LEU B 47 9.60 46.82 -36.38
N ALA B 48 9.59 48.06 -35.88
CA ALA B 48 8.63 49.06 -36.35
C ALA B 48 8.97 49.71 -37.71
N ASN B 49 10.22 50.12 -37.89
CA ASN B 49 10.62 50.79 -39.13
C ASN B 49 10.80 49.83 -40.31
N LEU B 50 10.69 48.52 -40.03
CA LEU B 50 11.08 47.48 -40.96
C LEU B 50 10.61 47.78 -42.38
N ASN B 51 9.30 47.86 -42.57
CA ASN B 51 8.75 48.03 -43.91
C ASN B 51 9.49 49.11 -44.71
N ASN B 52 9.67 50.29 -44.12
CA ASN B 52 10.40 51.35 -44.83
C ASN B 52 11.89 51.05 -45.05
N LYS B 53 12.61 50.78 -43.96
CA LYS B 53 14.04 50.50 -44.03
C LYS B 53 14.29 49.53 -45.18
N VAL B 54 13.44 48.51 -45.26
CA VAL B 54 13.54 47.50 -46.29
C VAL B 54 13.18 48.09 -47.64
N ASP B 55 12.19 48.98 -47.67
CA ASP B 55 11.86 49.65 -48.93
C ASP B 55 13.11 50.31 -49.54
N GLU B 56 13.96 50.88 -48.68
CA GLU B 56 15.23 51.46 -49.14
C GLU B 56 16.25 50.39 -49.52
N LEU B 57 16.41 49.41 -48.64
CA LEU B 57 17.30 48.29 -48.89
C LEU B 57 17.06 47.73 -50.31
N LYS B 58 15.78 47.69 -50.72
CA LYS B 58 15.40 47.18 -52.03
C LYS B 58 15.95 48.04 -53.16
N LYS B 59 16.13 49.32 -52.88
CA LYS B 59 16.70 50.23 -53.86
C LYS B 59 18.22 50.05 -53.92
N SER B 60 18.83 49.78 -52.77
CA SER B 60 20.27 49.56 -52.74
C SER B 60 20.70 48.17 -53.26
N LEU B 61 20.02 47.13 -52.76
CA LEU B 61 20.50 45.77 -52.93
C LEU B 61 19.77 45.05 -54.07
N THR B 62 20.48 44.93 -55.19
CA THR B 62 19.96 44.30 -56.39
C THR B 62 20.32 42.82 -56.43
N PRO B 63 19.53 42.03 -57.18
CA PRO B 63 19.63 40.56 -57.20
C PRO B 63 21.05 40.04 -57.39
N ASN B 64 21.85 40.71 -58.21
CA ASN B 64 23.24 40.32 -58.43
C ASN B 64 24.04 40.32 -57.13
N TYR B 65 23.56 41.07 -56.14
CA TYR B 65 24.22 41.12 -54.85
C TYR B 65 23.69 40.11 -53.83
N PHE B 66 22.56 39.46 -54.12
CA PHE B 66 21.94 38.57 -53.16
C PHE B 66 22.93 37.56 -52.57
N SER B 67 23.63 36.83 -53.46
CA SER B 67 24.55 35.80 -53.01
C SER B 67 25.52 36.32 -51.96
N TRP B 68 25.91 37.58 -52.09
CA TRP B 68 26.78 38.20 -51.11
C TRP B 68 26.05 38.52 -49.79
N PHE B 69 24.93 39.22 -49.90
CA PHE B 69 24.19 39.66 -48.72
C PHE B 69 24.00 38.45 -47.83
N SER B 70 23.46 37.38 -48.41
CA SER B 70 23.21 36.16 -47.68
C SER B 70 24.46 35.73 -46.94
N THR B 71 25.55 35.52 -47.69
CA THR B 71 26.77 35.01 -47.09
C THR B 71 27.24 35.88 -45.94
N TYR B 72 26.98 37.18 -46.04
CA TYR B 72 27.33 38.07 -44.96
C TYR B 72 26.40 37.75 -43.79
N LEU B 73 25.11 38.03 -44.01
CA LEU B 73 24.10 37.99 -42.97
C LEU B 73 24.10 36.68 -42.20
N VAL B 74 24.34 35.58 -42.89
CA VAL B 74 24.40 34.30 -42.20
C VAL B 74 25.66 34.15 -41.35
N THR B 75 26.82 34.38 -41.96
CA THR B 75 28.08 34.08 -41.28
C THR B 75 28.52 35.17 -40.30
N GLN B 76 28.20 36.42 -40.63
CA GLN B 76 28.52 37.57 -39.78
C GLN B 76 27.51 37.78 -38.65
N ARG B 77 26.22 37.67 -38.96
CA ARG B 77 25.17 37.98 -38.00
C ARG B 77 24.43 36.74 -37.46
N ALA B 78 23.63 36.12 -38.32
CA ALA B 78 22.74 35.05 -37.90
C ALA B 78 23.45 34.01 -37.06
N LYS B 79 24.69 33.70 -37.46
CA LYS B 79 25.46 32.62 -36.82
C LYS B 79 25.75 32.89 -35.34
N THR B 80 26.17 34.11 -35.05
CA THR B 80 26.47 34.53 -33.68
C THR B 80 25.40 35.31 -32.88
N GLU B 81 24.32 35.78 -33.52
CA GLU B 81 23.38 36.69 -32.83
C GLU B 81 21.93 36.19 -32.80
N PRO B 82 21.68 35.08 -32.09
CA PRO B 82 20.36 34.45 -32.11
C PRO B 82 19.20 35.43 -31.88
N ASN B 83 19.37 36.36 -30.94
CA ASN B 83 18.28 37.25 -30.58
C ASN B 83 17.62 37.84 -31.81
N TYR B 84 18.46 38.16 -32.79
CA TYR B 84 18.00 38.95 -33.92
C TYR B 84 17.43 38.14 -35.08
N HIS B 85 17.42 36.82 -34.92
CA HIS B 85 16.91 35.94 -35.96
C HIS B 85 15.54 36.44 -36.42
N ASP B 86 14.59 36.55 -35.49
CA ASP B 86 13.24 36.96 -35.87
C ASP B 86 13.32 38.20 -36.73
N LEU B 87 14.01 39.21 -36.22
CA LEU B 87 14.12 40.47 -36.92
C LEU B 87 14.61 40.25 -38.34
N TYR B 88 15.76 39.60 -38.48
CA TYR B 88 16.37 39.41 -39.78
C TYR B 88 15.43 38.62 -40.66
N SER B 89 14.77 37.63 -40.05
CA SER B 89 13.78 36.83 -40.77
C SER B 89 12.78 37.79 -41.39
N LYS B 90 12.21 38.64 -40.56
CA LYS B 90 11.23 39.62 -41.02
C LYS B 90 11.78 40.54 -42.11
N VAL B 91 13.08 40.82 -42.07
CA VAL B 91 13.72 41.59 -43.15
C VAL B 91 13.66 40.82 -44.46
N ILE B 92 14.13 39.57 -44.42
CA ILE B 92 14.15 38.73 -45.61
C ILE B 92 12.77 38.65 -46.23
N VAL B 93 11.80 38.22 -45.42
CA VAL B 93 10.41 38.16 -45.87
C VAL B 93 9.94 39.48 -46.49
N ALA B 94 10.39 40.59 -45.92
CA ALA B 94 9.96 41.90 -46.39
C ALA B 94 10.47 42.17 -47.82
N MET B 95 11.70 41.73 -48.10
CA MET B 95 12.28 41.92 -49.43
C MET B 95 11.34 41.37 -50.48
N GLY B 96 10.76 40.22 -50.19
CA GLY B 96 9.82 39.59 -51.09
C GLY B 96 10.48 38.96 -52.30
N SER B 97 11.75 38.57 -52.16
CA SER B 97 12.45 37.87 -53.24
C SER B 97 12.68 36.38 -52.96
N GLY B 98 12.09 35.53 -53.78
CA GLY B 98 12.26 34.10 -53.65
C GLY B 98 13.71 33.70 -53.87
N LEU B 99 14.39 34.44 -54.74
CA LEU B 99 15.79 34.17 -55.06
C LEU B 99 16.68 34.48 -53.86
N LEU B 100 16.44 35.62 -53.21
CA LEU B 100 17.17 36.00 -52.00
C LEU B 100 17.00 34.97 -50.88
N HIS B 101 15.76 34.51 -50.71
CA HIS B 101 15.45 33.47 -49.75
C HIS B 101 16.21 32.18 -50.08
N GLN B 102 16.16 31.78 -51.35
CA GLN B 102 16.89 30.61 -51.86
C GLN B 102 18.34 30.71 -51.43
N PHE B 103 18.93 31.88 -51.67
CA PHE B 103 20.31 32.13 -51.29
C PHE B 103 20.58 31.96 -49.80
N MET B 104 19.77 32.63 -48.97
CA MET B 104 19.87 32.53 -47.51
C MET B 104 19.87 31.07 -47.04
N VAL B 105 18.88 30.31 -47.51
CA VAL B 105 18.77 28.93 -47.10
C VAL B 105 19.98 28.17 -47.56
N ASN B 106 20.43 28.49 -48.77
CA ASN B 106 21.58 27.82 -49.36
C ASN B 106 22.86 27.96 -48.52
N VAL B 107 23.14 29.20 -48.14
CA VAL B 107 24.29 29.50 -47.28
C VAL B 107 24.18 28.78 -45.94
N THR B 108 23.06 28.99 -45.26
CA THR B 108 22.81 28.34 -43.98
C THR B 108 23.11 26.83 -44.10
N LEU B 109 22.61 26.23 -45.18
CA LEU B 109 22.76 24.82 -45.39
C LEU B 109 24.21 24.46 -45.53
N ARG B 110 24.97 25.28 -46.25
CA ARG B 110 26.39 24.98 -46.47
C ARG B 110 27.15 25.01 -45.16
N GLN B 111 27.08 26.15 -44.46
CA GLN B 111 27.76 26.28 -43.17
C GLN B 111 27.43 25.08 -42.29
N LEU B 112 26.14 24.79 -42.19
CA LEU B 112 25.64 23.63 -41.46
C LEU B 112 26.31 22.33 -41.92
N PHE B 113 26.48 22.19 -43.22
CA PHE B 113 27.12 21.03 -43.79
C PHE B 113 28.52 20.92 -43.23
N VAL B 114 29.26 22.03 -43.30
CA VAL B 114 30.62 22.06 -42.80
C VAL B 114 30.68 21.55 -41.35
N LEU B 115 29.89 22.18 -40.47
CA LEU B 115 29.89 21.77 -39.07
C LEU B 115 29.61 20.29 -38.93
N LEU B 116 28.50 19.84 -39.51
CA LEU B 116 28.05 18.46 -39.33
C LEU B 116 29.00 17.41 -39.89
N SER B 117 29.84 17.80 -40.86
CA SER B 117 30.80 16.87 -41.46
C SER B 117 32.23 16.94 -40.90
N THR B 118 32.46 17.85 -39.94
CA THR B 118 33.72 17.89 -39.18
C THR B 118 33.93 16.58 -38.42
N LYS B 119 35.09 15.94 -38.61
CA LYS B 119 35.30 14.59 -38.06
C LYS B 119 35.52 14.57 -36.54
N ASP B 120 36.18 15.61 -36.03
CA ASP B 120 36.45 15.65 -34.60
C ASP B 120 35.34 16.41 -33.88
N GLU B 121 34.60 15.69 -33.06
CA GLU B 121 33.48 16.29 -32.36
C GLU B 121 33.86 17.55 -31.60
N GLN B 122 34.88 17.46 -30.76
CA GLN B 122 35.29 18.61 -29.93
C GLN B 122 35.73 19.82 -30.75
N ALA B 123 35.94 19.62 -32.05
CA ALA B 123 36.40 20.68 -32.94
C ALA B 123 35.29 21.62 -33.43
N ILE B 124 34.04 21.17 -33.27
CA ILE B 124 32.87 21.93 -33.73
C ILE B 124 32.33 22.83 -32.64
N ASP B 125 32.16 24.09 -32.96
CA ASP B 125 31.54 25.03 -32.03
C ASP B 125 30.01 24.84 -32.03
N LYS B 126 29.47 24.41 -30.89
CA LYS B 126 28.07 24.02 -30.85
C LYS B 126 27.17 25.22 -30.68
N LYS B 127 27.77 26.36 -30.37
CA LYS B 127 27.00 27.59 -30.24
C LYS B 127 26.60 28.02 -31.62
N HIS B 128 27.54 27.89 -32.54
CA HIS B 128 27.28 28.22 -33.93
C HIS B 128 26.38 27.18 -34.59
N LEU B 129 26.60 25.90 -34.26
CA LEU B 129 25.73 24.85 -34.78
C LEU B 129 24.28 25.13 -34.37
N LYS B 130 24.08 25.39 -33.08
CA LYS B 130 22.74 25.67 -32.58
C LYS B 130 22.14 26.94 -33.21
N ASN B 131 22.94 28.01 -33.23
CA ASN B 131 22.45 29.27 -33.78
C ASN B 131 21.99 29.11 -35.22
N LEU B 132 22.75 28.32 -35.99
CA LEU B 132 22.50 28.10 -37.41
C LEU B 132 21.32 27.19 -37.67
N ALA B 133 21.16 26.16 -36.85
CA ALA B 133 19.96 25.30 -36.95
C ALA B 133 18.69 26.09 -36.65
N SER B 134 18.74 26.87 -35.56
CA SER B 134 17.65 27.77 -35.22
C SER B 134 17.38 28.77 -36.35
N TRP B 135 18.43 29.24 -37.01
CA TRP B 135 18.26 30.16 -38.13
C TRP B 135 17.57 29.48 -39.32
N LEU B 136 17.99 28.26 -39.62
CA LEU B 136 17.38 27.50 -40.71
C LEU B 136 15.91 27.34 -40.45
N GLY B 137 15.58 26.83 -39.26
CA GLY B 137 14.18 26.71 -38.86
C GLY B 137 13.44 28.02 -39.00
N CYS B 138 14.08 29.10 -38.56
CA CYS B 138 13.47 30.41 -38.56
C CYS B 138 13.10 30.91 -39.95
N ILE B 139 13.91 30.63 -40.96
CA ILE B 139 13.54 31.06 -42.32
C ILE B 139 12.82 29.99 -43.13
N THR B 140 12.59 28.81 -42.54
CA THR B 140 11.86 27.77 -43.28
C THR B 140 10.58 27.27 -42.57
N LEU B 141 10.73 26.43 -41.55
CA LEU B 141 9.54 25.82 -40.95
C LEU B 141 8.62 26.87 -40.37
N ALA B 142 9.20 27.83 -39.67
CA ALA B 142 8.42 28.85 -38.99
C ALA B 142 7.66 29.72 -39.98
N LEU B 143 8.08 29.67 -41.24
CA LEU B 143 7.45 30.43 -42.31
C LEU B 143 6.45 29.65 -43.14
N ASN B 144 6.10 28.43 -42.71
CA ASN B 144 5.18 27.58 -43.45
C ASN B 144 5.77 27.22 -44.79
N LYS B 145 7.10 27.17 -44.85
CA LYS B 145 7.80 26.65 -46.00
C LYS B 145 8.54 25.43 -45.49
N PRO B 146 8.57 24.36 -46.31
CA PRO B 146 9.16 23.07 -45.95
C PRO B 146 10.68 23.04 -46.13
N ILE B 147 11.31 22.11 -45.42
CA ILE B 147 12.68 21.78 -45.73
C ILE B 147 12.58 20.54 -46.61
N LYS B 148 13.15 20.60 -47.81
CA LYS B 148 12.98 19.51 -48.75
C LYS B 148 13.82 18.35 -48.29
N HIS B 149 13.34 17.14 -48.59
CA HIS B 149 13.99 15.92 -48.11
C HIS B 149 15.37 15.80 -48.72
N LYS B 150 15.50 16.30 -49.95
CA LYS B 150 16.76 16.22 -50.68
C LYS B 150 17.84 17.07 -50.01
N ASN B 151 17.43 18.11 -49.30
CA ASN B 151 18.38 18.92 -48.54
C ASN B 151 18.75 18.29 -47.23
N ILE B 152 17.77 18.03 -46.37
CA ILE B 152 18.04 17.34 -45.11
C ILE B 152 17.01 16.28 -44.83
N ALA B 153 17.43 15.02 -44.74
CA ALA B 153 16.51 13.96 -44.38
C ALA B 153 16.68 13.61 -42.90
N PHE B 154 15.71 14.03 -42.08
CA PHE B 154 15.93 14.04 -40.64
C PHE B 154 15.91 12.63 -40.09
N ARG B 155 14.78 11.94 -40.15
CA ARG B 155 14.72 10.61 -39.55
C ARG B 155 15.93 9.74 -39.95
N GLU B 156 16.28 9.78 -41.24
CA GLU B 156 17.42 9.03 -41.74
C GLU B 156 18.70 9.49 -41.08
N MET B 157 18.95 10.79 -41.17
CA MET B 157 20.10 11.40 -40.53
C MET B 157 20.28 11.06 -39.05
N LEU B 158 19.15 10.91 -38.35
CA LEU B 158 19.13 10.55 -36.94
C LEU B 158 19.59 9.13 -36.77
N ILE B 159 18.95 8.21 -37.50
CA ILE B 159 19.36 6.80 -37.42
C ILE B 159 20.83 6.59 -37.79
N GLU B 160 21.27 7.29 -38.82
CA GLU B 160 22.67 7.30 -39.23
C GLU B 160 23.53 7.75 -38.07
N ALA B 161 23.20 8.90 -37.49
CA ALA B 161 23.94 9.41 -36.34
C ALA B 161 24.01 8.41 -35.19
N TYR B 162 22.95 7.66 -34.97
CA TYR B 162 22.95 6.66 -33.91
C TYR B 162 23.92 5.55 -34.23
N LYS B 163 23.99 5.16 -35.51
CA LYS B 163 24.92 4.10 -35.88
C LYS B 163 26.37 4.60 -36.01
N GLU B 164 26.54 5.91 -36.12
CA GLU B 164 27.88 6.50 -36.19
C GLU B 164 28.36 7.11 -34.86
N ASN B 165 27.55 7.01 -33.82
CA ASN B 165 27.85 7.66 -32.55
C ASN B 165 28.03 9.17 -32.73
N ARG B 166 27.37 9.71 -33.74
CA ARG B 166 27.36 11.14 -34.03
C ARG B 166 26.13 11.84 -33.44
N LEU B 167 25.34 11.11 -32.66
CA LEU B 167 24.10 11.66 -32.11
C LEU B 167 24.27 13.00 -31.38
N GLU B 168 25.45 13.26 -30.82
CA GLU B 168 25.67 14.47 -30.05
C GLU B 168 25.78 15.75 -30.87
N ILE B 169 26.21 15.66 -32.12
CA ILE B 169 26.15 16.81 -33.03
C ILE B 169 24.79 16.92 -33.71
N VAL B 170 24.26 15.80 -34.16
CA VAL B 170 22.97 15.81 -34.88
C VAL B 170 21.76 16.21 -34.03
N VAL B 171 21.66 15.66 -32.81
CA VAL B 171 20.46 15.86 -32.00
C VAL B 171 20.15 17.32 -31.69
N PRO B 172 21.15 18.11 -31.28
CA PRO B 172 20.85 19.54 -31.08
C PRO B 172 20.44 20.18 -32.39
N PHE B 173 21.14 19.80 -33.45
CA PHE B 173 20.91 20.34 -34.79
C PHE B 173 19.48 20.16 -35.21
N VAL B 174 18.98 18.94 -35.09
CA VAL B 174 17.58 18.65 -35.40
C VAL B 174 16.62 19.46 -34.49
N THR B 175 16.77 19.29 -33.19
CA THR B 175 15.90 19.91 -32.20
C THR B 175 15.88 21.42 -32.26
N LYS B 176 16.98 22.02 -32.70
CA LYS B 176 17.02 23.47 -32.83
C LYS B 176 16.28 23.90 -34.08
N ILE B 177 16.29 23.06 -35.11
CA ILE B 177 15.52 23.34 -36.30
C ILE B 177 14.03 23.13 -36.07
N LEU B 178 13.68 21.96 -35.56
CA LEU B 178 12.29 21.64 -35.27
C LEU B 178 11.61 22.58 -34.28
N GLN B 179 12.37 23.14 -33.35
CA GLN B 179 11.79 23.95 -32.29
C GLN B 179 11.15 25.19 -32.84
N ARG B 180 11.35 25.41 -34.14
CA ARG B 180 10.72 26.53 -34.84
C ARG B 180 9.37 26.16 -35.43
N ALA B 181 9.06 24.86 -35.45
CA ALA B 181 7.80 24.38 -36.01
C ALA B 181 6.59 24.86 -35.22
N SER B 182 6.84 25.40 -34.03
CA SER B 182 5.79 25.78 -33.10
C SER B 182 5.26 27.17 -33.38
N GLU B 183 5.91 27.86 -34.31
CA GLU B 183 5.44 29.15 -34.80
C GLU B 183 4.64 28.94 -36.08
N SER B 184 4.51 27.68 -36.51
CA SER B 184 3.92 27.36 -37.80
C SER B 184 2.59 26.65 -37.70
N LYS B 185 1.56 27.25 -38.27
CA LYS B 185 0.25 26.62 -38.21
C LYS B 185 0.38 25.30 -38.93
N ILE B 186 1.27 25.27 -39.92
CA ILE B 186 1.41 24.08 -40.77
C ILE B 186 2.25 22.94 -40.19
N PHE B 187 3.39 23.30 -39.58
CA PHE B 187 4.33 22.30 -39.07
C PHE B 187 4.23 21.87 -37.60
N LYS B 188 3.43 22.56 -36.80
CA LYS B 188 3.26 22.12 -35.44
C LYS B 188 2.45 20.83 -35.44
N PRO B 189 2.64 20.01 -34.40
CA PRO B 189 1.81 18.80 -34.33
C PRO B 189 0.35 19.17 -34.47
N PRO B 190 -0.48 18.26 -34.97
CA PRO B 190 -0.07 16.91 -35.32
C PRO B 190 0.43 16.82 -36.76
N ASN B 191 1.32 17.71 -37.17
CA ASN B 191 1.84 17.57 -38.53
C ASN B 191 2.62 16.27 -38.67
N PRO B 192 2.09 15.35 -39.47
CA PRO B 192 2.57 13.97 -39.45
C PRO B 192 4.07 13.89 -39.61
N TRP B 193 4.64 14.91 -40.25
CA TRP B 193 6.06 14.97 -40.51
C TRP B 193 6.76 15.29 -39.19
N THR B 194 6.42 16.44 -38.65
CA THR B 194 6.97 16.86 -37.37
C THR B 194 6.85 15.73 -36.36
N VAL B 195 5.67 15.14 -36.31
CA VAL B 195 5.42 14.08 -35.35
C VAL B 195 6.23 12.79 -35.58
N GLY B 196 6.34 12.34 -36.81
CA GLY B 196 7.21 11.21 -37.08
C GLY B 196 8.60 11.46 -36.53
N ILE B 197 9.09 12.69 -36.73
CA ILE B 197 10.42 13.01 -36.21
C ILE B 197 10.42 12.90 -34.70
N LEU B 198 9.46 13.58 -34.06
CA LEU B 198 9.34 13.55 -32.61
C LEU B 198 9.36 12.13 -32.07
N LYS B 199 8.59 11.23 -32.68
CA LYS B 199 8.51 9.85 -32.23
C LYS B 199 9.85 9.13 -32.37
N LEU B 200 10.62 9.45 -33.41
CA LEU B 200 11.97 8.87 -33.48
C LEU B 200 12.87 9.40 -32.36
N LEU B 201 12.82 10.71 -32.11
CA LEU B 201 13.58 11.32 -31.01
C LEU B 201 13.21 10.73 -29.65
N ILE B 202 11.94 10.49 -29.43
CA ILE B 202 11.46 9.85 -28.21
C ILE B 202 12.02 8.43 -28.11
N GLU B 203 11.96 7.69 -29.22
CA GLU B 203 12.52 6.34 -29.24
C GLU B 203 14.01 6.33 -28.92
N LEU B 204 14.73 7.34 -29.38
CA LEU B 204 16.14 7.42 -29.03
C LEU B 204 16.27 7.76 -27.56
N ASN B 205 15.44 8.66 -27.07
CA ASN B 205 15.53 9.08 -25.67
C ASN B 205 15.21 7.96 -24.71
N GLU B 206 14.69 6.86 -25.21
CA GLU B 206 14.78 5.64 -24.43
C GLU B 206 16.04 4.85 -24.83
N LYS B 207 15.99 4.26 -26.02
CA LYS B 207 16.91 3.20 -26.42
C LYS B 207 18.36 3.59 -26.67
N ALA B 208 18.68 4.89 -26.59
CA ALA B 208 20.03 5.35 -26.92
C ALA B 208 21.05 5.15 -25.79
N ASN B 209 20.61 5.29 -24.54
CA ASN B 209 21.53 5.39 -23.42
C ASN B 209 22.54 6.46 -23.74
N TRP B 210 22.08 7.62 -24.20
CA TRP B 210 22.99 8.69 -24.56
C TRP B 210 23.19 9.61 -23.36
N LYS B 211 24.06 10.60 -23.48
CA LYS B 211 24.29 11.50 -22.37
C LYS B 211 23.05 12.37 -22.06
N LEU B 212 22.98 12.94 -20.86
CA LEU B 212 21.76 13.57 -20.41
C LEU B 212 21.50 14.95 -21.02
N SER B 213 22.52 15.56 -21.59
CA SER B 213 22.32 16.83 -22.30
C SER B 213 21.31 16.60 -23.42
N LEU B 214 21.51 15.50 -24.15
CA LEU B 214 20.61 15.14 -25.24
C LEU B 214 19.17 15.02 -24.76
N THR B 215 18.95 14.22 -23.72
CA THR B 215 17.62 14.08 -23.14
C THR B 215 17.02 15.44 -22.82
N PHE B 216 17.82 16.30 -22.19
CA PHE B 216 17.36 17.66 -21.93
C PHE B 216 16.92 18.35 -23.22
N GLU B 217 17.65 18.13 -24.31
CA GLU B 217 17.26 18.76 -25.56
C GLU B 217 15.94 18.24 -26.14
N VAL B 218 15.77 16.93 -26.16
CA VAL B 218 14.54 16.31 -26.64
C VAL B 218 13.38 16.82 -25.81
N GLU B 219 13.64 16.98 -24.51
CA GLU B 219 12.63 17.47 -23.59
C GLU B 219 12.25 18.92 -23.82
N VAL B 220 13.24 19.77 -24.10
CA VAL B 220 12.95 21.17 -24.39
C VAL B 220 12.14 21.31 -25.67
N LEU B 221 12.55 20.57 -26.69
CA LEU B 221 11.82 20.57 -27.95
C LEU B 221 10.38 20.16 -27.69
N LEU B 222 10.20 19.02 -27.05
CA LEU B 222 8.85 18.56 -26.75
C LEU B 222 8.08 19.58 -25.86
N LYS B 223 8.82 20.28 -25.03
CA LYS B 223 8.27 21.36 -24.21
C LYS B 223 7.62 22.42 -25.10
N SER B 224 8.36 22.88 -26.10
CA SER B 224 7.87 23.94 -26.97
C SER B 224 6.54 23.64 -27.66
N PHE B 225 6.18 22.36 -27.75
CA PHE B 225 4.89 21.98 -28.32
C PHE B 225 3.85 21.71 -27.24
N ASN B 226 4.23 21.91 -25.98
CA ASN B 226 3.40 21.55 -24.84
C ASN B 226 3.15 20.06 -24.80
N LEU B 227 4.22 19.28 -24.97
CA LEU B 227 4.16 17.84 -24.81
C LEU B 227 5.32 17.35 -23.94
N THR B 228 5.22 16.09 -23.53
CA THR B 228 6.17 15.47 -22.62
C THR B 228 6.59 14.22 -23.36
N THR B 229 7.66 13.57 -22.92
CA THR B 229 8.12 12.36 -23.57
C THR B 229 7.06 11.30 -23.46
N LYS B 230 6.02 11.59 -22.71
CA LYS B 230 4.89 10.66 -22.57
C LYS B 230 3.83 10.83 -23.64
N SER B 231 3.88 11.96 -24.36
CA SER B 231 2.82 12.35 -25.30
C SER B 231 2.58 11.41 -26.50
N LEU B 232 3.65 10.94 -27.14
CA LEU B 232 3.52 10.13 -28.34
C LEU B 232 4.25 8.81 -28.19
N LYS B 233 3.68 7.74 -28.72
CA LYS B 233 4.37 6.45 -28.74
C LYS B 233 5.66 6.55 -29.55
N PRO B 234 6.79 6.15 -28.95
CA PRO B 234 8.03 6.14 -29.74
C PRO B 234 7.87 5.23 -30.95
N SER B 235 8.71 5.43 -31.97
CA SER B 235 8.67 4.61 -33.17
C SER B 235 9.51 3.32 -33.05
N ASN B 236 9.56 2.54 -34.13
CA ASN B 236 10.30 1.28 -34.13
C ASN B 236 11.69 1.27 -34.77
N PHE B 237 12.14 2.44 -35.18
CA PHE B 237 13.33 2.50 -36.02
C PHE B 237 14.65 2.11 -35.37
N ILE B 238 14.73 2.10 -34.04
CA ILE B 238 15.97 1.68 -33.44
C ILE B 238 15.83 0.24 -33.00
N ASN B 239 16.41 -0.67 -33.77
CA ASN B 239 16.49 -2.06 -33.36
C ASN B 239 17.71 -2.12 -32.44
N THR B 240 17.68 -3.07 -31.51
CA THR B 240 18.74 -3.19 -30.49
C THR B 240 18.83 -4.60 -29.89
N PRO C 4 -45.13 -2.07 58.88
CA PRO C 4 -44.42 -2.72 57.77
C PRO C 4 -44.08 -1.73 56.68
N ILE C 5 -42.80 -1.52 56.37
CA ILE C 5 -42.45 -0.52 55.36
C ILE C 5 -41.91 -1.20 54.11
N PHE C 6 -42.48 -0.83 52.97
CA PHE C 6 -42.14 -1.45 51.69
C PHE C 6 -41.51 -0.41 50.80
N LEU C 7 -40.22 -0.58 50.54
CA LEU C 7 -39.47 0.44 49.84
C LEU C 7 -38.75 -0.10 48.60
N PRO C 8 -39.44 -0.10 47.44
CA PRO C 8 -38.88 -0.73 46.24
C PRO C 8 -37.58 -0.06 45.87
N PRO C 9 -36.64 -0.81 45.25
CA PRO C 9 -35.36 -0.23 44.84
C PRO C 9 -35.54 1.01 43.95
N PRO C 10 -34.61 1.95 43.98
CA PRO C 10 -34.87 3.25 43.35
C PRO C 10 -35.15 3.16 41.86
N ASN C 11 -34.37 2.37 41.16
CA ASN C 11 -34.61 2.25 39.74
C ASN C 11 -35.99 1.72 39.43
N TYR C 12 -36.61 1.01 40.36
CA TYR C 12 -37.96 0.50 40.09
C TYR C 12 -38.94 1.62 39.85
N LEU C 13 -38.66 2.77 40.46
CA LEU C 13 -39.55 3.91 40.48
C LEU C 13 -39.42 4.81 39.26
N PHE C 14 -38.52 4.47 38.37
CA PHE C 14 -38.32 5.26 37.16
C PHE C 14 -39.31 4.95 36.05
N VAL C 15 -40.07 5.96 35.65
CA VAL C 15 -41.01 5.85 34.54
C VAL C 15 -40.55 6.66 33.34
N ARG C 16 -40.58 6.01 32.18
CA ARG C 16 -40.08 6.57 30.93
C ARG C 16 -41.19 7.12 30.06
N ASP C 17 -41.12 8.40 29.72
CA ASP C 17 -42.10 8.93 28.79
C ASP C 17 -41.81 8.43 27.37
N VAL C 18 -42.83 7.89 26.72
CA VAL C 18 -42.73 7.54 25.31
C VAL C 18 -43.54 8.52 24.47
N TRP C 19 -42.92 9.01 23.40
CA TRP C 19 -43.59 9.83 22.41
C TRP C 19 -43.42 9.25 21.03
N LYS C 20 -43.86 9.99 20.02
CA LYS C 20 -43.72 9.51 18.66
C LYS C 20 -42.24 9.26 18.43
N SER C 21 -41.44 10.26 18.82
CA SER C 21 -40.00 10.25 18.63
C SER C 21 -39.28 8.97 19.12
N ASN C 22 -39.54 8.57 20.36
CA ASN C 22 -38.94 7.37 20.96
C ASN C 22 -39.75 6.07 21.00
N LEU C 23 -40.91 6.05 20.37
CA LEU C 23 -41.76 4.85 20.42
C LEU C 23 -41.02 3.54 20.09
N TYR C 24 -40.31 3.48 18.97
CA TYR C 24 -39.83 2.20 18.46
C TYR C 24 -38.72 1.58 19.30
N SER C 25 -37.84 2.44 19.80
CA SER C 25 -36.75 2.00 20.66
C SER C 25 -37.29 1.41 21.95
N GLU C 26 -38.22 2.14 22.57
CA GLU C 26 -38.75 1.68 23.82
C GLU C 26 -39.46 0.36 23.58
N PHE C 27 -40.11 0.23 22.43
CA PHE C 27 -40.84 -0.99 22.20
C PHE C 27 -39.89 -2.13 21.98
N ALA C 28 -38.71 -1.83 21.45
CA ALA C 28 -37.66 -2.82 21.35
C ALA C 28 -37.29 -3.33 22.74
N VAL C 29 -36.92 -2.39 23.62
CA VAL C 29 -36.63 -2.76 25.00
C VAL C 29 -37.72 -3.67 25.61
N ILE C 30 -38.98 -3.26 25.44
CA ILE C 30 -40.13 -4.00 25.97
C ILE C 30 -40.07 -5.42 25.42
N ARG C 31 -39.98 -5.51 24.10
CA ARG C 31 -39.91 -6.76 23.37
C ARG C 31 -38.86 -7.70 23.98
N GLN C 32 -37.71 -7.11 24.37
CA GLN C 32 -36.60 -7.85 24.99
C GLN C 32 -36.95 -8.36 26.37
N LEU C 33 -37.46 -7.47 27.22
CA LEU C 33 -37.78 -7.78 28.63
C LEU C 33 -38.92 -8.76 28.84
N VAL C 34 -39.86 -8.77 27.92
CA VAL C 34 -41.11 -9.51 28.10
C VAL C 34 -40.90 -10.98 28.38
N SER C 35 -39.83 -11.55 27.83
CA SER C 35 -39.57 -12.96 28.02
C SER C 35 -39.27 -13.25 29.48
N GLN C 36 -38.35 -12.46 30.04
CA GLN C 36 -37.95 -12.62 31.43
C GLN C 36 -38.93 -12.01 32.44
N TYR C 37 -39.37 -10.80 32.16
CA TYR C 37 -40.34 -10.17 33.01
C TYR C 37 -41.69 -10.30 32.32
N ASN C 38 -42.44 -11.32 32.76
CA ASN C 38 -43.66 -11.77 32.10
C ASN C 38 -44.97 -11.25 32.71
N HIS C 39 -44.84 -10.38 33.68
CA HIS C 39 -45.99 -9.74 34.28
C HIS C 39 -46.08 -8.31 33.80
N VAL C 40 -47.15 -8.00 33.05
CA VAL C 40 -47.36 -6.65 32.53
C VAL C 40 -48.66 -6.04 33.07
N SER C 41 -48.58 -4.80 33.55
CA SER C 41 -49.71 -4.12 34.12
C SER C 41 -50.07 -2.93 33.25
N ILE C 42 -51.37 -2.62 33.17
CA ILE C 42 -51.85 -1.54 32.30
C ILE C 42 -52.71 -0.47 32.98
N SER C 43 -52.45 0.79 32.64
CA SER C 43 -53.33 1.87 33.07
C SER C 43 -53.67 2.83 31.91
N THR C 44 -54.79 3.55 31.98
CA THR C 44 -55.08 4.54 30.93
C THR C 44 -55.66 5.79 31.49
N GLU C 45 -55.59 6.85 30.69
CA GLU C 45 -56.10 8.15 31.08
C GLU C 45 -56.84 8.79 29.92
N PHE C 46 -58.09 9.15 30.19
CA PHE C 46 -59.02 9.83 29.26
C PHE C 46 -60.01 10.73 30.03
N VAL C 47 -60.94 11.35 29.30
CA VAL C 47 -61.87 12.29 29.91
C VAL C 47 -62.98 11.68 30.75
N GLY C 48 -63.36 10.44 30.43
CA GLY C 48 -64.40 9.76 31.19
C GLY C 48 -65.70 10.56 31.25
N THR C 49 -65.95 11.29 30.16
CA THR C 49 -66.99 12.34 29.98
C THR C 49 -68.32 11.73 29.64
N LEU C 50 -68.52 10.56 30.20
CA LEU C 50 -69.31 9.53 29.60
C LEU C 50 -70.65 10.03 28.97
N ALA C 51 -70.90 9.54 27.76
CA ALA C 51 -72.23 9.62 27.20
C ALA C 51 -72.99 8.48 27.85
N ARG C 52 -74.29 8.68 28.05
CA ARG C 52 -75.15 7.61 28.58
C ARG C 52 -76.03 7.06 27.48
N PRO C 53 -76.00 5.73 27.31
CA PRO C 53 -76.95 5.02 26.44
C PRO C 53 -78.33 4.90 27.10
N ILE C 54 -79.41 5.08 26.33
CA ILE C 54 -80.79 4.91 26.82
C ILE C 54 -81.57 3.89 25.97
N GLY C 55 -82.67 3.35 26.51
CA GLY C 55 -83.19 2.10 26.00
C GLY C 55 -83.08 0.94 26.97
N THR C 56 -83.19 -0.28 26.44
CA THR C 56 -83.39 -1.48 27.29
C THR C 56 -82.17 -2.14 28.00
N PHE C 57 -81.34 -2.80 27.22
CA PHE C 57 -80.39 -3.79 27.74
C PHE C 57 -80.97 -4.97 28.56
N ARG C 58 -80.22 -5.32 29.59
CA ARG C 58 -80.35 -6.55 30.38
C ARG C 58 -79.65 -6.18 31.67
N SER C 59 -79.18 -7.11 32.48
CA SER C 59 -78.90 -6.75 33.86
C SER C 59 -77.84 -5.65 33.95
N LYS C 60 -77.56 -5.19 35.17
CA LYS C 60 -76.74 -3.99 35.35
C LYS C 60 -75.42 -4.12 34.58
N VAL C 61 -75.01 -5.35 34.27
CA VAL C 61 -73.79 -5.59 33.50
C VAL C 61 -73.96 -5.25 32.02
N ASP C 62 -75.07 -5.64 31.41
CA ASP C 62 -75.31 -5.23 30.03
C ASP C 62 -75.37 -3.69 29.93
N TYR C 63 -75.86 -3.03 30.98
CA TYR C 63 -75.84 -1.58 31.00
C TYR C 63 -74.42 -1.00 31.18
N HIS C 64 -73.67 -1.59 32.09
CA HIS C 64 -72.30 -1.18 32.33
C HIS C 64 -71.54 -1.32 31.04
N TYR C 65 -71.59 -2.53 30.47
CA TYR C 65 -70.94 -2.81 29.20
C TYR C 65 -71.34 -1.82 28.10
N GLN C 66 -72.64 -1.68 27.84
CA GLN C 66 -73.15 -0.73 26.86
C GLN C 66 -72.61 0.69 27.02
N THR C 67 -72.57 1.18 28.25
CA THR C 67 -72.05 2.52 28.51
C THR C 67 -70.59 2.57 28.12
N MET C 68 -69.85 1.56 28.59
CA MET C 68 -68.41 1.50 28.34
C MET C 68 -68.16 1.48 26.84
N ARG C 69 -68.77 0.51 26.17
CA ARG C 69 -68.72 0.38 24.72
C ARG C 69 -68.89 1.76 24.09
N ALA C 70 -70.06 2.36 24.28
CA ALA C 70 -70.32 3.69 23.73
C ALA C 70 -69.16 4.64 23.97
N ASN C 71 -68.61 4.63 25.18
CA ASN C 71 -67.56 5.59 25.52
C ASN C 71 -66.17 5.34 24.92
N VAL C 72 -65.75 4.08 24.93
CA VAL C 72 -64.54 3.64 24.26
C VAL C 72 -64.63 4.03 22.80
N ASP C 73 -65.80 3.81 22.22
CA ASP C 73 -66.04 4.21 20.84
C ASP C 73 -65.92 5.72 20.64
N PHE C 74 -66.57 6.52 21.49
CA PHE C 74 -66.58 7.97 21.29
C PHE C 74 -65.32 8.69 21.77
N LEU C 75 -64.55 8.03 22.63
CA LEU C 75 -63.39 8.66 23.25
C LEU C 75 -62.06 8.05 22.83
N ASN C 76 -61.00 8.83 22.98
CA ASN C 76 -59.65 8.35 22.73
C ASN C 76 -58.84 8.53 24.00
N PRO C 77 -58.00 7.54 24.33
CA PRO C 77 -57.15 7.64 25.51
C PRO C 77 -56.05 8.66 25.30
N ILE C 78 -55.85 9.55 26.27
CA ILE C 78 -54.76 10.51 26.19
C ILE C 78 -53.45 9.84 26.49
N GLN C 79 -53.43 9.04 27.57
CA GLN C 79 -52.21 8.33 27.98
C GLN C 79 -52.43 6.86 28.31
N LEU C 80 -51.38 6.07 28.19
CA LEU C 80 -51.48 4.68 28.61
C LEU C 80 -50.18 4.31 29.30
N GLY C 81 -50.26 3.85 30.56
CA GLY C 81 -49.10 3.24 31.22
C GLY C 81 -48.94 1.72 31.12
N LEU C 82 -47.70 1.27 31.09
CA LEU C 82 -47.37 -0.16 31.04
C LEU C 82 -46.25 -0.43 32.00
N SER C 83 -46.31 -1.54 32.72
CA SER C 83 -45.19 -1.92 33.57
C SER C 83 -44.89 -3.41 33.57
N LEU C 84 -43.62 -3.78 33.43
CA LEU C 84 -43.22 -5.19 33.44
C LEU C 84 -42.38 -5.49 34.65
N SER C 85 -42.54 -6.71 35.14
CA SER C 85 -41.73 -7.23 36.23
C SER C 85 -41.81 -8.75 36.18
N ASP C 86 -40.93 -9.42 36.92
CA ASP C 86 -41.06 -10.87 37.01
C ASP C 86 -42.13 -11.19 38.03
N ALA C 87 -42.43 -12.47 38.17
CA ALA C 87 -43.58 -12.86 38.94
C ALA C 87 -43.46 -12.47 40.40
N ASN C 88 -42.23 -12.31 40.86
CA ASN C 88 -41.96 -11.89 42.24
C ASN C 88 -41.89 -10.38 42.34
N GLY C 89 -42.04 -9.70 41.19
CA GLY C 89 -42.08 -8.27 41.16
C GLY C 89 -40.71 -7.64 41.06
N ASN C 90 -39.76 -8.38 40.50
CA ASN C 90 -38.44 -7.88 40.22
C ASN C 90 -38.38 -7.24 38.86
N LYS C 91 -37.59 -6.18 38.75
CA LYS C 91 -37.44 -5.49 37.50
C LYS C 91 -35.94 -5.40 37.17
N PRO C 92 -35.62 -5.27 35.88
CA PRO C 92 -34.23 -5.10 35.50
C PRO C 92 -33.62 -3.95 36.27
N ASP C 93 -32.47 -4.20 36.90
CA ASP C 93 -31.75 -3.19 37.68
C ASP C 93 -31.26 -2.12 36.74
N ASN C 94 -31.36 -2.39 35.45
CA ASN C 94 -30.86 -1.47 34.44
C ASN C 94 -31.90 -1.13 33.38
N GLY C 95 -32.13 0.18 33.23
CA GLY C 95 -33.02 0.68 32.21
C GLY C 95 -34.42 0.83 32.75
N PRO C 96 -35.28 1.51 31.99
CA PRO C 96 -36.67 1.69 32.39
C PRO C 96 -37.50 0.39 32.30
N SER C 97 -38.18 0.03 33.38
CA SER C 97 -39.16 -1.07 33.34
C SER C 97 -40.62 -0.61 33.28
N THR C 98 -40.84 0.71 33.24
CA THR C 98 -42.19 1.26 33.19
C THR C 98 -42.30 2.38 32.16
N TRP C 99 -43.20 2.22 31.20
CA TRP C 99 -43.39 3.25 30.20
C TRP C 99 -44.74 3.96 30.30
N GLN C 100 -44.74 5.23 29.96
CA GLN C 100 -45.96 5.98 29.79
C GLN C 100 -46.04 6.51 28.34
N PHE C 101 -46.94 5.93 27.57
CA PHE C 101 -47.10 6.29 26.18
C PHE C 101 -48.05 7.45 26.10
N ASN C 102 -47.59 8.53 25.45
CA ASN C 102 -48.45 9.70 25.22
C ASN C 102 -49.00 9.79 23.81
N PHE C 103 -50.30 9.53 23.66
CA PHE C 103 -50.90 9.53 22.35
C PHE C 103 -51.18 10.92 21.82
N GLU C 104 -51.38 10.97 20.49
CA GLU C 104 -51.62 12.22 19.80
C GLU C 104 -53.05 12.57 20.17
N PHE C 105 -53.21 13.71 20.84
CA PHE C 105 -54.53 14.15 21.32
C PHE C 105 -54.72 15.64 21.13
N ASP C 106 -55.68 16.02 20.29
CA ASP C 106 -55.92 17.44 20.08
C ASP C 106 -57.20 17.87 20.76
N PRO C 107 -57.10 18.68 21.82
CA PRO C 107 -58.29 19.11 22.58
C PRO C 107 -59.32 19.68 21.63
N LYS C 108 -58.85 20.50 20.68
CA LYS C 108 -59.73 21.16 19.73
C LYS C 108 -60.47 20.14 18.86
N LYS C 109 -59.86 19.00 18.58
CA LYS C 109 -60.47 18.03 17.68
C LYS C 109 -61.23 16.87 18.37
N GLU C 110 -61.21 16.85 19.70
CA GLU C 110 -61.70 15.68 20.42
C GLU C 110 -62.70 16.10 21.48
N ILE C 111 -63.40 15.13 22.08
CA ILE C 111 -64.43 15.50 23.06
C ILE C 111 -63.82 15.95 24.36
N MET C 112 -64.15 17.16 24.79
CA MET C 112 -63.63 17.67 26.06
C MET C 112 -64.42 18.86 26.55
N SER C 113 -64.33 19.13 27.85
CA SER C 113 -64.98 20.28 28.48
C SER C 113 -63.95 21.16 29.19
N THR C 114 -63.96 22.47 28.95
CA THR C 114 -62.85 23.29 29.47
C THR C 114 -62.69 22.96 30.95
N GLU C 115 -63.80 22.50 31.53
CA GLU C 115 -63.76 21.93 32.86
C GLU C 115 -62.65 20.88 32.99
N SER C 116 -62.89 19.72 32.38
CA SER C 116 -61.92 18.64 32.45
C SER C 116 -60.61 18.91 31.69
N LEU C 117 -60.62 19.85 30.74
CA LEU C 117 -59.37 20.26 30.13
C LEU C 117 -58.47 20.85 31.22
N GLU C 118 -59.05 21.72 32.05
CA GLU C 118 -58.25 22.37 33.07
C GLU C 118 -57.92 21.44 34.21
N LEU C 119 -58.91 20.64 34.61
CA LEU C 119 -58.64 19.56 35.55
C LEU C 119 -57.45 18.66 35.07
N LEU C 120 -57.40 18.36 33.77
CA LEU C 120 -56.34 17.52 33.21
C LEU C 120 -55.01 18.24 33.10
N ARG C 121 -55.04 19.56 32.93
CA ARG C 121 -53.79 20.30 32.88
C ARG C 121 -53.20 20.32 34.28
N LYS C 122 -54.08 20.51 35.27
CA LYS C 122 -53.64 20.36 36.65
C LYS C 122 -53.07 18.94 36.89
N SER C 123 -53.74 17.94 36.32
CA SER C 123 -53.25 16.56 36.38
C SER C 123 -51.81 16.44 35.90
N GLY C 124 -51.39 17.36 35.03
CA GLY C 124 -50.06 17.31 34.46
C GLY C 124 -49.98 16.88 33.01
N ILE C 125 -51.12 16.79 32.33
CA ILE C 125 -51.10 16.59 30.89
C ILE C 125 -50.69 17.88 30.18
N ASN C 126 -49.67 17.79 29.31
CA ASN C 126 -49.30 18.93 28.49
C ASN C 126 -49.86 18.72 27.10
N PHE C 127 -50.91 19.46 26.76
CA PHE C 127 -51.66 19.16 25.53
C PHE C 127 -50.93 19.57 24.24
N GLU C 128 -49.97 20.47 24.37
CA GLU C 128 -49.16 20.88 23.24
C GLU C 128 -48.33 19.69 22.78
N LYS C 129 -47.55 19.15 23.71
CA LYS C 129 -46.71 18.00 23.40
C LYS C 129 -47.55 16.89 22.81
N HIS C 130 -48.67 16.56 23.44
CA HIS C 130 -49.58 15.51 22.94
C HIS C 130 -50.12 15.80 21.58
N GLU C 131 -50.25 17.08 21.26
CA GLU C 131 -50.73 17.49 19.94
C GLU C 131 -49.70 17.22 18.85
N ASN C 132 -48.49 17.73 19.05
CA ASN C 132 -47.41 17.54 18.07
C ASN C 132 -46.64 16.22 18.17
N LEU C 133 -46.20 15.88 19.38
CA LEU C 133 -45.27 14.78 19.57
C LEU C 133 -45.95 13.47 19.92
N GLY C 134 -47.28 13.48 19.89
CA GLY C 134 -48.07 12.36 20.36
C GLY C 134 -47.96 11.10 19.52
N ILE C 135 -47.99 9.95 20.19
CA ILE C 135 -47.90 8.67 19.49
C ILE C 135 -49.12 8.49 18.61
N ASP C 136 -48.92 7.92 17.42
CA ASP C 136 -50.02 7.53 16.57
C ASP C 136 -50.49 6.13 16.95
N VAL C 137 -51.74 6.04 17.37
CA VAL C 137 -52.28 4.79 17.90
C VAL C 137 -52.28 3.61 16.93
N PHE C 138 -52.21 3.90 15.63
CA PHE C 138 -52.11 2.82 14.66
C PHE C 138 -50.73 2.18 14.81
N GLU C 139 -49.70 3.02 14.79
CA GLU C 139 -48.31 2.57 14.99
C GLU C 139 -48.25 1.78 16.29
N PHE C 140 -48.75 2.38 17.36
CA PHE C 140 -48.78 1.74 18.65
C PHE C 140 -49.38 0.34 18.57
N SER C 141 -50.65 0.27 18.18
CA SER C 141 -51.34 -1.00 18.16
C SER C 141 -50.49 -2.04 17.44
N GLN C 142 -49.86 -1.58 16.37
CA GLN C 142 -49.01 -2.42 15.54
C GLN C 142 -47.76 -2.97 16.24
N LEU C 143 -47.08 -2.11 16.99
CA LEU C 143 -45.93 -2.55 17.78
C LEU C 143 -46.34 -3.51 18.89
N LEU C 144 -47.47 -3.22 19.53
CA LEU C 144 -47.95 -4.03 20.64
C LEU C 144 -48.41 -5.39 20.16
N MET C 145 -48.82 -5.52 18.91
CA MET C 145 -49.31 -6.80 18.40
C MET C 145 -48.26 -7.93 18.44
N ASP C 146 -47.13 -7.72 17.77
CA ASP C 146 -46.05 -8.71 17.61
C ASP C 146 -45.00 -8.65 18.73
N SER C 147 -45.23 -7.78 19.70
CA SER C 147 -44.30 -7.53 20.80
C SER C 147 -44.09 -8.76 21.70
N GLY C 148 -45.16 -9.53 21.85
CA GLY C 148 -45.11 -10.78 22.58
C GLY C 148 -45.72 -10.69 23.97
N LEU C 149 -46.33 -9.54 24.27
CA LEU C 149 -47.21 -9.39 25.43
C LEU C 149 -48.61 -10.00 25.17
N MET C 150 -49.09 -9.85 23.94
CA MET C 150 -50.44 -10.25 23.61
C MET C 150 -50.51 -11.67 23.18
N MET C 151 -51.58 -12.34 23.57
CA MET C 151 -51.92 -13.67 23.06
C MET C 151 -50.94 -14.75 23.47
N ASP C 152 -50.45 -14.68 24.70
CA ASP C 152 -49.57 -15.72 25.17
C ASP C 152 -49.90 -16.05 26.58
N ASP C 153 -50.21 -17.31 26.86
CA ASP C 153 -50.51 -17.77 28.23
C ASP C 153 -49.38 -17.42 29.17
N SER C 154 -48.15 -17.38 28.63
CA SER C 154 -46.93 -17.05 29.37
C SER C 154 -47.02 -15.73 30.09
N VAL C 155 -47.53 -14.71 29.40
CA VAL C 155 -47.63 -13.37 29.98
C VAL C 155 -48.82 -13.28 30.91
N THR C 156 -48.69 -12.48 31.95
CA THR C 156 -49.80 -12.28 32.87
C THR C 156 -50.13 -10.80 32.93
N TRP C 157 -51.38 -10.45 32.64
CA TRP C 157 -51.77 -9.06 32.61
C TRP C 157 -52.39 -8.66 33.93
N ILE C 158 -52.14 -7.43 34.35
CA ILE C 158 -52.58 -6.96 35.65
C ILE C 158 -53.26 -5.63 35.44
N THR C 159 -54.42 -5.47 36.07
CA THR C 159 -55.33 -4.35 35.84
C THR C 159 -56.06 -4.06 37.13
N TYR C 160 -56.50 -2.82 37.30
CA TYR C 160 -57.25 -2.49 38.51
C TYR C 160 -58.55 -1.83 38.13
N HIS C 161 -59.66 -2.51 38.37
CA HIS C 161 -60.93 -1.94 37.95
C HIS C 161 -60.78 -1.78 36.42
N ALA C 162 -60.78 -2.92 35.75
CA ALA C 162 -60.27 -3.00 34.38
C ALA C 162 -61.23 -2.65 33.24
N ALA C 163 -62.53 -2.50 33.51
CA ALA C 163 -63.51 -2.47 32.43
C ALA C 163 -63.09 -1.52 31.32
N TYR C 164 -62.82 -0.27 31.67
CA TYR C 164 -62.39 0.71 30.68
C TYR C 164 -60.99 0.48 30.15
N ASP C 165 -60.03 0.32 31.05
CA ASP C 165 -58.66 0.09 30.61
C ASP C 165 -58.56 -1.05 29.59
N LEU C 166 -59.13 -2.22 29.91
CA LEU C 166 -59.22 -3.33 28.95
C LEU C 166 -60.06 -2.96 27.73
N GLY C 167 -61.07 -2.12 27.92
CA GLY C 167 -61.88 -1.67 26.80
C GLY C 167 -61.04 -0.91 25.76
N PHE C 168 -60.42 0.18 26.18
CA PHE C 168 -59.49 0.89 25.32
C PHE C 168 -58.42 -0.05 24.73
N LEU C 169 -57.80 -0.91 25.54
CA LEU C 169 -56.75 -1.75 24.99
C LEU C 169 -57.26 -2.63 23.87
N ILE C 170 -58.36 -3.31 24.12
CA ILE C 170 -58.90 -4.22 23.13
C ILE C 170 -59.41 -3.48 21.92
N ASN C 171 -59.86 -2.26 22.15
CA ASN C 171 -60.31 -1.39 21.05
C ASN C 171 -59.15 -1.00 20.14
N ILE C 172 -58.03 -0.62 20.74
CA ILE C 172 -56.80 -0.32 20.01
C ILE C 172 -56.25 -1.51 19.21
N LEU C 173 -56.23 -2.67 19.85
CA LEU C 173 -55.82 -3.87 19.13
C LEU C 173 -56.76 -4.25 17.95
N MET C 174 -58.06 -4.06 18.14
CA MET C 174 -59.06 -4.51 17.15
C MET C 174 -59.16 -3.62 15.91
N ASN C 175 -58.77 -2.37 16.07
CA ASN C 175 -58.89 -1.38 15.01
C ASN C 175 -60.27 -1.46 14.35
N ASP C 176 -61.31 -1.54 15.19
CA ASP C 176 -62.70 -1.66 14.77
C ASP C 176 -63.62 -1.22 15.91
N SER C 177 -64.89 -0.95 15.60
CA SER C 177 -65.88 -0.60 16.63
C SER C 177 -66.10 -1.72 17.62
N MET C 178 -66.09 -1.38 18.91
CA MET C 178 -66.32 -2.35 19.97
C MET C 178 -67.63 -3.09 19.72
N PRO C 179 -67.67 -4.37 20.04
CA PRO C 179 -68.82 -5.27 19.84
C PRO C 179 -70.15 -4.81 20.51
N ASN C 180 -71.27 -5.28 19.94
CA ASN C 180 -72.62 -5.05 20.49
C ASN C 180 -72.79 -5.32 21.95
N ASN C 181 -72.11 -6.36 22.44
CA ASN C 181 -72.49 -7.04 23.66
C ASN C 181 -71.27 -7.40 24.47
N LYS C 182 -71.48 -7.58 25.78
CA LYS C 182 -70.39 -7.98 26.64
C LYS C 182 -69.77 -9.28 26.13
N GLU C 183 -70.61 -10.22 25.71
CA GLU C 183 -70.13 -11.57 25.37
C GLU C 183 -68.95 -11.59 24.37
N ASP C 184 -69.11 -10.91 23.26
CA ASP C 184 -68.07 -10.85 22.23
C ASP C 184 -66.86 -10.10 22.71
N PHE C 185 -67.11 -8.99 23.40
CA PHE C 185 -66.03 -8.20 23.97
C PHE C 185 -65.16 -9.12 24.80
N GLU C 186 -65.80 -10.05 25.51
CA GLU C 186 -65.07 -10.97 26.37
C GLU C 186 -64.35 -12.03 25.58
N TRP C 187 -64.96 -12.50 24.50
CA TRP C 187 -64.22 -13.40 23.61
C TRP C 187 -62.90 -12.79 23.15
N TRP C 188 -62.98 -11.53 22.72
CA TRP C 188 -61.81 -10.75 22.35
C TRP C 188 -60.81 -10.55 23.50
N VAL C 189 -61.30 -10.18 24.69
CA VAL C 189 -60.39 -10.02 25.81
C VAL C 189 -59.62 -11.33 26.05
N HIS C 190 -60.36 -12.41 26.18
CA HIS C 190 -59.74 -13.69 26.48
C HIS C 190 -58.82 -14.18 25.38
N GLN C 191 -59.12 -13.81 24.14
CA GLN C 191 -58.21 -14.14 23.04
C GLN C 191 -56.91 -13.33 23.13
N TYR C 192 -57.06 -12.02 23.25
CA TYR C 192 -55.92 -11.10 23.28
C TYR C 192 -55.08 -11.17 24.54
N MET C 193 -55.70 -11.55 25.67
CA MET C 193 -55.01 -11.64 26.96
C MET C 193 -55.48 -12.86 27.73
N PRO C 194 -54.94 -14.04 27.41
CA PRO C 194 -55.43 -15.29 27.97
C PRO C 194 -55.15 -15.42 29.46
N ASN C 195 -54.17 -14.69 29.99
CA ASN C 195 -53.93 -14.75 31.44
C ASN C 195 -53.88 -13.36 32.06
N PHE C 196 -54.86 -13.04 32.88
CA PHE C 196 -54.87 -11.74 33.55
C PHE C 196 -55.71 -11.71 34.82
N TYR C 197 -55.42 -10.72 35.68
CA TYR C 197 -56.10 -10.56 36.96
C TYR C 197 -56.56 -9.14 37.12
N ASP C 198 -57.70 -8.96 37.78
CA ASP C 198 -58.12 -7.65 38.23
C ASP C 198 -57.73 -7.57 39.70
N LEU C 199 -56.76 -6.70 39.99
CA LEU C 199 -56.24 -6.55 41.34
C LEU C 199 -57.34 -6.06 42.27
N ASN C 200 -58.24 -5.24 41.72
CA ASN C 200 -59.36 -4.68 42.48
C ASN C 200 -60.31 -5.76 42.98
N LEU C 201 -60.56 -6.76 42.15
CA LEU C 201 -61.40 -7.87 42.56
C LEU C 201 -60.67 -8.81 43.53
N VAL C 202 -59.39 -9.13 43.28
CA VAL C 202 -58.66 -9.98 44.20
C VAL C 202 -58.60 -9.34 45.58
N TYR C 203 -58.34 -8.05 45.60
CA TYR C 203 -58.29 -7.31 46.85
C TYR C 203 -59.68 -7.32 47.49
N LYS C 204 -60.72 -7.02 46.73
CA LYS C 204 -62.07 -7.10 47.28
C LYS C 204 -62.23 -8.42 48.01
N ILE C 205 -62.15 -9.50 47.26
CA ILE C 205 -62.29 -10.83 47.85
C ILE C 205 -61.48 -11.05 49.11
N ILE C 206 -60.22 -10.63 49.10
CA ILE C 206 -59.37 -10.77 50.28
C ILE C 206 -59.90 -9.97 51.47
N GLN C 207 -60.16 -8.69 51.28
CA GLN C 207 -60.71 -7.84 52.33
C GLN C 207 -62.03 -8.39 52.85
N GLU C 208 -62.67 -9.24 52.06
CA GLU C 208 -63.99 -9.77 52.43
C GLU C 208 -63.95 -11.01 53.31
N PHE C 209 -62.78 -11.61 53.47
CA PHE C 209 -62.54 -12.46 54.62
C PHE C 209 -61.96 -11.50 55.65
N LYS C 210 -62.38 -11.62 56.90
CA LYS C 210 -62.34 -10.50 57.84
C LYS C 210 -63.43 -9.44 57.54
N ASN C 211 -64.51 -9.88 56.90
CA ASN C 211 -65.72 -9.06 56.78
C ASN C 211 -67.01 -9.88 56.69
N GLN C 225 -62.03 3.22 50.11
CA GLN C 225 -62.73 1.99 49.76
C GLN C 225 -61.73 0.85 49.55
N TYR C 226 -61.85 0.23 48.38
CA TYR C 226 -60.89 -0.73 47.87
C TYR C 226 -59.86 -0.05 46.99
N SER C 227 -59.81 1.28 47.05
CA SER C 227 -58.92 2.08 46.23
C SER C 227 -57.53 1.53 46.27
N LEU C 228 -56.85 1.54 45.12
CA LEU C 228 -55.52 0.97 45.03
C LEU C 228 -54.60 1.57 46.07
N THR C 229 -54.75 2.87 46.34
CA THR C 229 -53.88 3.55 47.31
C THR C 229 -54.04 3.00 48.73
N THR C 230 -55.20 2.43 49.01
CA THR C 230 -55.41 1.74 50.27
C THR C 230 -54.61 0.46 50.27
N LEU C 231 -54.78 -0.36 49.22
CA LEU C 231 -54.00 -1.60 49.11
C LEU C 231 -52.52 -1.29 49.22
N ALA C 232 -52.14 -0.16 48.67
CA ALA C 232 -50.76 0.27 48.59
C ALA C 232 -50.25 0.64 49.96
N ASP C 233 -51.10 1.32 50.71
CA ASP C 233 -50.73 1.77 52.04
C ASP C 233 -50.60 0.59 52.99
N GLU C 234 -51.54 -0.35 52.90
CA GLU C 234 -51.52 -1.53 53.73
C GLU C 234 -50.30 -2.36 53.38
N LEU C 235 -49.91 -2.31 52.11
CA LEU C 235 -48.74 -3.03 51.61
C LEU C 235 -47.41 -2.42 52.09
N GLY C 236 -47.43 -1.17 52.52
CA GLY C 236 -46.24 -0.53 53.03
C GLY C 236 -45.62 0.57 52.17
N LEU C 237 -46.14 0.79 50.98
CA LEU C 237 -45.53 1.74 50.06
C LEU C 237 -45.81 3.17 50.40
N PRO C 238 -44.74 3.99 50.45
CA PRO C 238 -44.80 5.44 50.64
C PRO C 238 -45.62 6.05 49.52
N ARG C 239 -46.11 7.27 49.65
CA ARG C 239 -46.80 7.84 48.49
C ARG C 239 -45.84 8.74 47.74
N PHE C 240 -45.28 8.23 46.65
CA PHE C 240 -44.28 8.94 45.86
C PHE C 240 -45.02 9.64 44.76
N SER C 241 -44.62 10.86 44.45
CA SER C 241 -45.32 11.68 43.47
C SER C 241 -45.54 10.87 42.20
N ILE C 242 -44.52 10.11 41.86
CA ILE C 242 -44.49 9.32 40.64
C ILE C 242 -45.73 8.45 40.45
N PHE C 243 -46.33 8.02 41.57
CA PHE C 243 -47.43 7.06 41.52
C PHE C 243 -48.75 7.67 41.01
N THR C 244 -48.79 9.00 40.98
CA THR C 244 -50.00 9.66 40.51
C THR C 244 -50.08 9.75 38.97
N THR C 245 -48.93 9.62 38.30
CA THR C 245 -48.89 9.61 36.84
C THR C 245 -49.56 8.37 36.33
N THR C 246 -49.90 8.34 35.04
CA THR C 246 -50.56 7.17 34.48
C THR C 246 -49.60 6.00 34.50
N GLY C 247 -48.36 6.31 34.11
CA GLY C 247 -47.28 5.34 34.13
C GLY C 247 -47.10 4.91 35.56
N GLY C 248 -46.94 5.89 36.44
CA GLY C 248 -46.83 5.63 37.86
C GLY C 248 -47.95 4.71 38.32
N GLN C 249 -49.15 4.90 37.77
CA GLN C 249 -50.30 4.10 38.14
C GLN C 249 -50.07 2.64 37.83
N SER C 250 -49.61 2.38 36.60
CA SER C 250 -49.27 1.00 36.22
C SER C 250 -48.19 0.40 37.12
N LEU C 251 -47.19 1.21 37.41
CA LEU C 251 -46.15 0.83 38.36
C LEU C 251 -46.75 0.37 39.69
N LEU C 252 -47.46 1.27 40.36
CA LEU C 252 -48.09 1.00 41.64
C LEU C 252 -48.93 -0.27 41.61
N MET C 253 -49.77 -0.43 40.59
CA MET C 253 -50.62 -1.59 40.64
C MET C 253 -49.80 -2.87 40.44
N LEU C 254 -48.67 -2.74 39.75
CA LEU C 254 -47.75 -3.90 39.59
C LEU C 254 -46.99 -4.27 40.85
N LEU C 255 -46.39 -3.27 41.50
CA LEU C 255 -45.70 -3.50 42.78
C LEU C 255 -46.66 -4.12 43.77
N SER C 256 -47.86 -3.53 43.89
CA SER C 256 -48.91 -4.01 44.82
C SER C 256 -49.32 -5.43 44.53
N PHE C 257 -49.64 -5.73 43.27
CA PHE C 257 -50.04 -7.08 42.94
C PHE C 257 -48.95 -8.11 43.24
N CYS C 258 -47.72 -7.79 42.86
CA CYS C 258 -46.63 -8.74 43.09
C CYS C 258 -46.39 -8.98 44.57
N GLN C 259 -46.28 -7.91 45.34
CA GLN C 259 -46.12 -8.04 46.79
C GLN C 259 -47.23 -8.91 47.38
N LEU C 260 -48.46 -8.53 47.10
CA LEU C 260 -49.60 -9.24 47.63
C LEU C 260 -49.60 -10.73 47.24
N SER C 261 -49.24 -11.01 46.01
CA SER C 261 -49.20 -12.40 45.54
C SER C 261 -48.03 -13.19 46.17
N LYS C 262 -46.96 -12.50 46.54
CA LYS C 262 -45.87 -13.15 47.26
C LYS C 262 -46.35 -13.52 48.67
N LEU C 263 -46.86 -12.54 49.41
CA LEU C 263 -47.26 -12.80 50.79
C LEU C 263 -48.15 -14.02 50.90
N SER C 264 -49.19 -14.08 50.07
CA SER C 264 -50.22 -15.09 50.21
C SER C 264 -50.00 -16.30 49.34
N MET C 265 -48.86 -16.35 48.68
CA MET C 265 -48.60 -17.43 47.72
C MET C 265 -49.79 -17.57 46.77
N HIS C 266 -50.33 -16.43 46.35
CA HIS C 266 -51.52 -16.36 45.49
C HIS C 266 -52.62 -17.31 45.93
N LYS C 267 -52.81 -17.42 47.24
CA LYS C 267 -53.91 -18.17 47.83
C LYS C 267 -54.72 -17.21 48.69
N PHE C 268 -56.04 -17.34 48.66
CA PHE C 268 -56.89 -16.55 49.52
C PHE C 268 -56.81 -17.12 50.93
N PRO C 269 -57.32 -16.39 51.93
CA PRO C 269 -57.32 -16.94 53.28
C PRO C 269 -57.84 -18.37 53.29
N ASN C 270 -58.83 -18.67 52.46
CA ASN C 270 -59.47 -19.97 52.47
C ASN C 270 -58.78 -21.08 51.65
N GLY C 271 -57.64 -20.78 51.06
CA GLY C 271 -56.85 -21.81 50.41
C GLY C 271 -57.08 -22.05 48.93
N THR C 272 -58.09 -21.40 48.35
CA THR C 272 -58.26 -21.44 46.90
C THR C 272 -57.37 -20.41 46.23
N ASP C 273 -56.86 -20.75 45.06
CA ASP C 273 -55.89 -19.93 44.36
C ASP C 273 -56.51 -18.65 43.85
N PHE C 274 -55.68 -17.61 43.66
CA PHE C 274 -56.11 -16.42 42.95
C PHE C 274 -56.65 -16.83 41.59
N ALA C 275 -56.13 -17.93 41.07
CA ALA C 275 -56.40 -18.37 39.70
C ALA C 275 -57.87 -18.61 39.45
N LYS C 276 -58.68 -18.62 40.50
CA LYS C 276 -60.12 -18.81 40.35
C LYS C 276 -60.73 -17.59 39.68
N TYR C 277 -60.22 -16.42 40.04
CA TYR C 277 -60.69 -15.17 39.49
C TYR C 277 -59.89 -14.63 38.32
N GLN C 278 -58.98 -15.44 37.81
CA GLN C 278 -58.38 -15.15 36.52
C GLN C 278 -59.50 -14.99 35.46
N GLY C 279 -59.31 -14.02 34.57
CA GLY C 279 -60.21 -13.81 33.45
C GLY C 279 -61.41 -12.98 33.84
N VAL C 280 -61.55 -12.76 35.14
CA VAL C 280 -62.74 -12.11 35.67
C VAL C 280 -62.59 -10.60 35.75
N ILE C 281 -63.51 -9.89 35.10
CA ILE C 281 -63.43 -8.43 34.99
C ILE C 281 -64.15 -7.66 36.11
N TYR C 282 -64.35 -6.35 35.91
CA TYR C 282 -65.07 -5.47 36.85
C TYR C 282 -64.44 -5.43 38.25
N GLY C 283 -65.26 -5.42 39.29
CA GLY C 283 -64.76 -5.28 40.64
C GLY C 283 -65.74 -4.58 41.57
N VAL D 25 -42.49 -14.22 -43.88
CA VAL D 25 -42.68 -15.03 -42.69
C VAL D 25 -42.28 -14.30 -41.39
N ASN D 26 -41.45 -13.26 -41.52
CA ASN D 26 -41.10 -12.40 -40.38
C ASN D 26 -42.13 -11.30 -40.09
N ALA D 27 -42.77 -10.80 -41.15
CA ALA D 27 -43.81 -9.77 -41.02
C ALA D 27 -45.07 -10.32 -40.34
N SER D 28 -45.30 -11.62 -40.50
CA SER D 28 -46.39 -12.31 -39.80
C SER D 28 -45.94 -13.10 -38.57
N ASN D 29 -44.65 -13.08 -38.27
CA ASN D 29 -44.12 -13.89 -37.17
C ASN D 29 -44.64 -13.45 -35.80
N PRO D 30 -45.14 -14.40 -34.99
CA PRO D 30 -45.55 -14.14 -33.61
C PRO D 30 -44.36 -13.89 -32.68
N LEU D 31 -43.27 -14.63 -32.90
CA LEU D 31 -42.10 -14.55 -32.03
C LEU D 31 -41.43 -13.18 -32.17
N LEU D 32 -41.69 -12.50 -33.28
CA LEU D 32 -41.18 -11.15 -33.52
C LEU D 32 -42.05 -10.10 -32.84
N HIS D 33 -43.24 -9.87 -33.40
CA HIS D 33 -44.23 -9.00 -32.77
C HIS D 33 -45.20 -9.89 -32.01
N PRO D 34 -45.15 -9.82 -30.67
CA PRO D 34 -45.98 -10.73 -29.87
C PRO D 34 -47.45 -10.31 -29.85
N HIS D 35 -47.80 -9.29 -30.63
CA HIS D 35 -49.17 -8.78 -30.68
C HIS D 35 -50.02 -9.46 -31.74
N LEU D 36 -49.50 -10.50 -32.35
CA LEU D 36 -50.32 -11.33 -33.21
C LEU D 36 -50.95 -12.39 -32.32
N ASP D 37 -50.43 -12.50 -31.10
CA ASP D 37 -50.99 -13.37 -30.08
C ASP D 37 -52.15 -12.79 -29.25
N ASP D 38 -52.03 -11.53 -28.85
CA ASP D 38 -52.87 -10.97 -27.78
C ASP D 38 -54.39 -11.26 -27.81
N PRO D 39 -55.06 -11.03 -28.95
CA PRO D 39 -54.59 -10.39 -30.19
C PRO D 39 -54.42 -8.89 -30.05
N SER D 40 -55.19 -8.25 -29.18
CA SER D 40 -55.25 -6.81 -29.22
C SER D 40 -54.48 -6.07 -28.13
N LEU D 41 -53.36 -5.50 -28.54
CA LEU D 41 -52.76 -4.43 -27.79
C LEU D 41 -53.24 -3.17 -28.49
N LEU D 42 -53.96 -3.37 -29.60
CA LEU D 42 -54.32 -2.28 -30.52
C LEU D 42 -55.13 -1.19 -29.85
N ASN D 43 -55.64 -1.52 -28.66
CA ASN D 43 -56.28 -0.60 -27.73
C ASN D 43 -55.26 0.16 -26.86
N ASN D 44 -54.27 -0.58 -26.37
CA ASN D 44 -53.25 -0.08 -25.45
C ASN D 44 -52.47 1.02 -26.15
N PRO D 45 -52.61 2.28 -25.70
CA PRO D 45 -51.99 3.37 -26.47
C PRO D 45 -50.47 3.21 -26.54
N ILE D 46 -49.93 2.41 -25.62
CA ILE D 46 -48.54 1.99 -25.63
C ILE D 46 -48.08 1.20 -26.88
N TRP D 47 -48.53 -0.04 -27.02
CA TRP D 47 -48.13 -0.85 -28.17
C TRP D 47 -48.89 -0.41 -29.42
N LYS D 48 -49.91 0.41 -29.22
CA LYS D 48 -50.51 1.20 -30.30
C LYS D 48 -49.44 2.08 -30.92
N LEU D 49 -48.90 3.03 -30.14
CA LEU D 49 -47.77 3.86 -30.60
C LEU D 49 -46.58 3.05 -31.15
N GLN D 50 -46.30 1.90 -30.53
CA GLN D 50 -45.34 0.96 -31.10
C GLN D 50 -45.70 0.59 -32.54
N LEU D 51 -46.97 0.29 -32.79
CA LEU D 51 -47.36 -0.11 -34.13
C LEU D 51 -47.40 1.03 -35.17
N HIS D 52 -48.06 2.14 -34.84
CA HIS D 52 -48.09 3.32 -35.72
C HIS D 52 -46.67 3.74 -36.08
N LEU D 53 -45.83 3.94 -35.07
CA LEU D 53 -44.47 4.41 -35.35
C LEU D 53 -43.56 3.36 -36.01
N ALA D 54 -43.76 2.07 -35.69
CA ALA D 54 -43.01 0.99 -36.37
C ALA D 54 -43.33 0.94 -37.86
N ALA D 55 -44.58 1.28 -38.20
CA ALA D 55 -44.99 1.33 -39.61
C ALA D 55 -44.50 2.59 -40.31
N VAL D 56 -44.54 3.75 -39.63
CA VAL D 56 -43.91 4.93 -40.22
C VAL D 56 -42.44 4.63 -40.50
N SER D 57 -41.83 3.85 -39.62
CA SER D 57 -40.44 3.40 -39.83
C SER D 57 -40.29 2.55 -41.07
N ALA D 58 -40.90 1.37 -41.06
CA ALA D 58 -40.77 0.42 -42.15
C ALA D 58 -41.27 1.00 -43.49
N GLN D 59 -41.91 2.16 -43.44
CA GLN D 59 -42.26 2.89 -44.66
C GLN D 59 -41.01 3.44 -45.34
N SER D 60 -40.12 4.05 -44.55
CA SER D 60 -38.95 4.80 -45.06
C SER D 60 -37.87 3.98 -45.78
N LEU D 61 -38.00 2.66 -45.77
CA LEU D 61 -37.03 1.79 -46.41
C LEU D 61 -36.91 2.08 -47.91
N GLY D 62 -35.78 1.69 -48.48
CA GLY D 62 -35.58 1.68 -49.92
C GLY D 62 -34.99 2.93 -50.54
N GLN D 63 -35.13 4.07 -49.87
CA GLN D 63 -34.54 5.33 -50.36
C GLN D 63 -33.36 5.84 -49.51
N PRO D 64 -32.17 6.00 -50.14
CA PRO D 64 -30.97 6.52 -49.47
C PRO D 64 -31.13 7.90 -48.86
N ASN D 65 -30.77 8.03 -47.57
CA ASN D 65 -30.75 9.32 -46.87
C ASN D 65 -32.11 10.02 -46.66
N ILE D 66 -33.12 9.26 -46.23
CA ILE D 66 -34.47 9.83 -46.06
C ILE D 66 -34.44 11.11 -45.28
N TYR D 67 -34.02 11.04 -44.03
CA TYR D 67 -34.12 12.20 -43.15
C TYR D 67 -33.60 13.48 -43.80
N ALA D 68 -32.58 13.35 -44.65
CA ALA D 68 -32.01 14.52 -45.33
C ALA D 68 -32.89 15.05 -46.45
N ARG D 69 -33.52 14.12 -47.17
CA ARG D 69 -34.53 14.41 -48.20
C ARG D 69 -35.77 15.07 -47.61
N GLN D 70 -36.35 14.34 -46.68
CA GLN D 70 -37.51 14.79 -45.95
C GLN D 70 -37.21 16.20 -45.50
N ASN D 71 -36.07 16.42 -44.85
CA ASN D 71 -35.73 17.76 -44.39
C ASN D 71 -35.54 18.76 -45.55
N ALA D 72 -35.26 18.24 -46.75
CA ALA D 72 -35.23 19.10 -47.94
C ALA D 72 -36.61 19.68 -48.15
N MET D 73 -37.58 18.77 -48.27
CA MET D 73 -38.99 19.12 -48.52
C MET D 73 -39.53 19.99 -47.40
N LYS D 74 -39.36 19.54 -46.15
CA LYS D 74 -39.72 20.32 -44.97
C LYS D 74 -39.19 21.76 -45.09
N LYS D 75 -37.86 21.91 -45.15
CA LYS D 75 -37.28 23.24 -45.24
C LYS D 75 -37.98 24.06 -46.35
N TYR D 76 -38.27 23.38 -47.46
CA TYR D 76 -39.05 23.96 -48.56
C TYR D 76 -40.44 24.44 -48.10
N LEU D 77 -41.32 23.50 -47.75
CA LEU D 77 -42.64 23.82 -47.18
C LEU D 77 -42.55 24.40 -45.74
N CYS D 132 -43.65 11.56 -46.86
CA CYS D 132 -42.46 12.36 -46.61
C CYS D 132 -42.63 13.41 -45.49
N THR D 133 -42.67 12.95 -44.24
CA THR D 133 -42.81 13.81 -43.08
C THR D 133 -41.60 13.79 -42.15
N LYS D 134 -41.49 12.72 -41.35
CA LYS D 134 -40.31 12.41 -40.54
C LYS D 134 -40.73 11.25 -39.67
N GLN D 135 -39.80 10.49 -39.12
CA GLN D 135 -40.15 9.66 -37.97
C GLN D 135 -40.00 10.39 -36.65
N ALA D 136 -39.03 11.31 -36.60
CA ALA D 136 -38.82 12.11 -35.41
C ALA D 136 -40.08 12.96 -35.20
N LEU D 137 -40.62 13.47 -36.29
CA LEU D 137 -41.80 14.34 -36.23
C LEU D 137 -43.13 13.60 -36.00
N MET D 138 -43.29 12.43 -36.64
CA MET D 138 -44.40 11.53 -36.34
C MET D 138 -44.41 11.11 -34.86
N GLU D 139 -43.23 10.74 -34.34
CA GLU D 139 -43.06 10.53 -32.91
C GLU D 139 -43.57 11.75 -32.15
N MET D 140 -42.96 12.92 -32.36
CA MET D 140 -43.38 14.14 -31.62
C MET D 140 -44.87 14.38 -31.60
N ALA D 141 -45.52 14.24 -32.76
CA ALA D 141 -46.97 14.35 -32.80
C ALA D 141 -47.61 13.29 -31.91
N ASP D 142 -47.53 12.03 -32.33
CA ASP D 142 -48.22 10.93 -31.63
C ASP D 142 -48.05 11.01 -30.10
N THR D 143 -46.85 11.37 -29.65
CA THR D 143 -46.67 11.60 -28.22
C THR D 143 -47.48 12.82 -27.80
N LEU D 144 -47.52 13.85 -28.65
CA LEU D 144 -48.35 15.03 -28.33
C LEU D 144 -49.86 14.77 -28.26
N THR D 145 -50.34 13.78 -29.02
CA THR D 145 -51.74 13.37 -28.94
C THR D 145 -51.98 12.49 -27.71
N ASP D 146 -51.03 11.60 -27.39
CA ASP D 146 -51.14 10.83 -26.16
C ASP D 146 -51.17 11.78 -24.98
N SER D 147 -50.63 12.98 -25.18
CA SER D 147 -50.70 14.06 -24.18
C SER D 147 -52.03 14.83 -24.19
N LYS D 148 -52.55 15.11 -25.38
CA LYS D 148 -53.84 15.76 -25.50
C LYS D 148 -54.91 14.94 -24.76
N THR D 149 -54.89 13.61 -24.95
CA THR D 149 -55.89 12.72 -24.37
C THR D 149 -55.51 12.13 -22.98
N ALA D 150 -54.36 12.56 -22.44
CA ALA D 150 -53.99 12.27 -21.04
C ALA D 150 -54.32 13.46 -20.14
N LYS D 151 -54.89 14.51 -20.73
CA LYS D 151 -55.25 15.74 -20.03
C LYS D 151 -56.77 15.95 -20.05
N ASP D 222 -15.01 31.08 -40.26
CA ASP D 222 -16.27 31.28 -39.50
C ASP D 222 -17.42 30.21 -39.50
N ASP D 223 -17.57 29.37 -38.45
CA ASP D 223 -18.85 28.58 -38.19
C ASP D 223 -18.97 27.56 -36.99
N GLN D 224 -20.20 27.08 -36.71
CA GLN D 224 -20.54 25.86 -35.90
C GLN D 224 -21.69 24.89 -36.39
N LEU D 225 -22.91 25.46 -36.45
CA LEU D 225 -24.16 24.98 -37.15
C LEU D 225 -24.67 23.50 -37.16
N TRP D 226 -24.88 22.89 -38.34
CA TRP D 226 -25.65 21.62 -38.51
C TRP D 226 -25.35 20.42 -37.58
N HIS D 227 -26.42 19.88 -36.96
CA HIS D 227 -26.35 18.80 -35.97
C HIS D 227 -26.80 17.36 -36.31
N ALA D 228 -27.24 17.10 -37.53
CA ALA D 228 -27.78 15.74 -37.79
C ALA D 228 -27.00 14.92 -38.82
N LEU D 229 -26.92 13.60 -38.65
CA LEU D 229 -26.16 12.83 -39.62
C LEU D 229 -26.92 11.66 -40.18
N ASP D 230 -26.91 11.57 -41.51
CA ASP D 230 -27.75 10.60 -42.21
C ASP D 230 -26.99 9.53 -42.98
N LEU D 231 -26.97 8.35 -42.40
CA LEU D 231 -26.47 7.13 -43.01
C LEU D 231 -27.54 6.13 -43.44
N SER D 232 -28.77 6.62 -43.49
CA SER D 232 -29.96 5.78 -43.71
C SER D 232 -30.10 5.07 -45.07
N ASN D 233 -30.37 3.76 -44.99
CA ASN D 233 -30.81 3.00 -46.16
C ASN D 233 -29.83 2.95 -47.32
N LEU D 234 -28.54 3.10 -47.02
CA LEU D 234 -27.51 2.68 -47.94
C LEU D 234 -26.79 1.52 -47.28
N GLN D 235 -27.02 0.29 -47.76
CA GLN D 235 -26.98 -0.85 -46.84
C GLN D 235 -25.57 -1.20 -46.47
N ILE D 236 -25.25 -0.90 -45.22
CA ILE D 236 -23.89 -0.74 -44.77
C ILE D 236 -23.70 -1.82 -43.76
N PHE D 237 -22.67 -2.65 -43.93
CA PHE D 237 -22.37 -3.66 -42.92
C PHE D 237 -21.32 -3.24 -41.88
N ASN D 238 -20.92 -1.97 -41.91
CA ASN D 238 -19.94 -1.47 -40.94
C ASN D 238 -19.90 0.05 -40.67
N ILE D 239 -19.30 0.46 -39.55
CA ILE D 239 -19.00 1.88 -39.35
C ILE D 239 -17.61 2.23 -38.81
N SER D 240 -16.95 3.12 -39.53
CA SER D 240 -15.67 3.66 -39.10
C SER D 240 -15.98 4.39 -37.81
N ALA D 241 -15.14 4.17 -36.81
CA ALA D 241 -15.30 4.85 -35.54
C ALA D 241 -15.31 6.36 -35.73
N ASN D 242 -14.78 6.82 -36.86
CA ASN D 242 -14.71 8.25 -37.14
C ASN D 242 -16.00 9.07 -36.96
N ILE D 243 -17.17 8.48 -37.25
CA ILE D 243 -18.43 9.24 -37.12
C ILE D 243 -18.64 9.69 -35.69
N PHE D 244 -18.11 8.90 -34.75
CA PHE D 244 -18.29 9.20 -33.34
C PHE D 244 -17.38 10.30 -32.85
N LYS D 245 -16.35 10.65 -33.63
CA LYS D 245 -15.51 11.79 -33.27
C LYS D 245 -16.29 13.09 -33.44
N TYR D 246 -17.49 12.98 -34.02
CA TYR D 246 -18.30 14.15 -34.32
C TYR D 246 -19.24 14.21 -33.13
N ASP D 247 -18.91 15.07 -32.17
CA ASP D 247 -19.66 15.03 -30.91
C ASP D 247 -20.71 16.12 -30.80
N PHE D 248 -20.72 17.02 -31.77
CA PHE D 248 -21.76 18.04 -31.79
C PHE D 248 -23.02 17.39 -32.27
N LEU D 249 -22.88 16.15 -32.71
CA LEU D 249 -24.00 15.42 -33.25
C LEU D 249 -25.04 15.23 -32.18
N THR D 250 -26.24 15.74 -32.41
CA THR D 250 -27.41 15.42 -31.60
C THR D 250 -28.39 14.43 -32.26
N ARG D 251 -28.17 14.06 -33.52
CA ARG D 251 -29.16 13.24 -34.22
C ARG D 251 -28.72 11.84 -34.77
N LEU D 252 -27.80 11.75 -35.72
CA LEU D 252 -27.29 10.40 -36.08
C LEU D 252 -28.32 9.30 -36.47
N TYR D 253 -28.81 9.34 -37.71
CA TYR D 253 -29.71 8.28 -38.23
C TYR D 253 -28.95 7.17 -38.98
N LEU D 254 -28.91 5.98 -38.41
CA LEU D 254 -28.23 4.81 -39.01
C LEU D 254 -29.12 3.74 -39.63
N ASN D 255 -30.41 4.01 -39.72
CA ASN D 255 -31.39 3.00 -40.12
C ASN D 255 -31.29 2.39 -41.52
N GLY D 256 -31.65 1.11 -41.61
CA GLY D 256 -31.87 0.49 -42.91
C GLY D 256 -30.60 0.00 -43.55
N ASN D 257 -29.58 -0.14 -42.74
CA ASN D 257 -28.33 -0.75 -43.15
C ASN D 257 -28.24 -2.18 -42.70
N SER D 258 -27.06 -2.76 -42.81
CA SER D 258 -26.82 -4.13 -42.40
C SER D 258 -26.12 -4.27 -41.05
N LEU D 259 -25.97 -3.18 -40.30
CA LEU D 259 -25.09 -3.21 -39.13
C LEU D 259 -25.43 -4.37 -38.21
N THR D 260 -24.43 -5.19 -37.96
CA THR D 260 -24.58 -6.38 -37.13
C THR D 260 -24.10 -6.09 -35.72
N GLU D 261 -23.64 -4.86 -35.54
CA GLU D 261 -23.10 -4.43 -34.26
C GLU D 261 -23.10 -2.89 -34.17
N LEU D 262 -22.99 -2.35 -32.97
CA LEU D 262 -22.75 -0.91 -32.81
C LEU D 262 -21.45 -0.68 -32.06
N PRO D 263 -20.49 -0.04 -32.71
CA PRO D 263 -19.23 0.31 -32.05
C PRO D 263 -19.45 1.04 -30.74
N ALA D 264 -18.74 0.62 -29.69
CA ALA D 264 -18.93 1.20 -28.37
C ALA D 264 -18.60 2.69 -28.29
N GLU D 265 -17.83 3.16 -29.27
CA GLU D 265 -17.37 4.54 -29.26
C GLU D 265 -18.58 5.43 -29.32
N ILE D 266 -19.76 4.82 -29.54
CA ILE D 266 -20.98 5.61 -29.60
C ILE D 266 -21.06 6.48 -28.36
N LYS D 267 -20.54 5.96 -27.26
CA LYS D 267 -20.66 6.63 -25.98
C LYS D 267 -19.99 8.01 -26.01
N ASN D 268 -19.26 8.29 -27.08
CA ASN D 268 -18.47 9.51 -27.21
C ASN D 268 -19.33 10.56 -27.84
N LEU D 269 -20.56 10.14 -28.13
CA LEU D 269 -21.59 10.92 -28.84
C LEU D 269 -22.52 11.75 -27.94
N SER D 270 -22.10 11.96 -26.69
CA SER D 270 -22.99 12.25 -25.55
C SER D 270 -24.16 13.24 -25.74
N ASN D 271 -24.10 14.12 -26.73
CA ASN D 271 -25.22 15.04 -26.98
C ASN D 271 -26.38 14.44 -27.78
N LEU D 272 -26.28 13.15 -28.08
CA LEU D 272 -27.30 12.47 -28.84
C LEU D 272 -28.68 12.63 -28.21
N ARG D 273 -29.68 12.86 -29.06
CA ARG D 273 -31.09 13.04 -28.66
C ARG D 273 -32.03 12.12 -29.45
N VAL D 274 -31.99 12.18 -30.78
CA VAL D 274 -32.53 11.06 -31.57
C VAL D 274 -31.47 10.04 -31.91
N LEU D 275 -31.86 8.78 -31.97
CA LEU D 275 -30.99 7.78 -32.58
C LEU D 275 -31.87 6.73 -33.26
N ASP D 276 -31.56 6.39 -34.51
CA ASP D 276 -32.34 5.34 -35.19
C ASP D 276 -31.44 4.18 -35.63
N LEU D 277 -31.59 3.01 -35.00
CA LEU D 277 -30.99 1.73 -35.45
C LEU D 277 -31.98 0.84 -36.19
N SER D 278 -33.14 1.39 -36.52
CA SER D 278 -34.20 0.60 -37.13
C SER D 278 -33.74 -0.17 -38.35
N HIS D 279 -34.29 -1.37 -38.48
CA HIS D 279 -34.13 -2.19 -39.68
C HIS D 279 -32.68 -2.57 -39.98
N ASN D 280 -31.82 -2.56 -38.97
CA ASN D 280 -30.48 -3.12 -39.12
C ASN D 280 -30.50 -4.58 -38.67
N ARG D 281 -29.35 -5.23 -38.67
CA ARG D 281 -29.28 -6.67 -38.37
C ARG D 281 -28.96 -6.94 -36.91
N LEU D 282 -28.98 -5.88 -36.10
CA LEU D 282 -28.44 -5.92 -34.74
C LEU D 282 -28.94 -7.08 -33.90
N THR D 283 -28.00 -7.84 -33.34
CA THR D 283 -28.30 -8.98 -32.47
C THR D 283 -28.60 -8.52 -31.04
N SER D 284 -28.09 -7.35 -30.69
CA SER D 284 -28.09 -6.86 -29.33
C SER D 284 -27.51 -5.48 -29.35
N LEU D 285 -27.72 -4.71 -28.30
CA LEU D 285 -27.27 -3.33 -28.31
C LEU D 285 -26.17 -3.20 -27.29
N PRO D 286 -25.29 -2.21 -27.49
CA PRO D 286 -24.16 -2.08 -26.56
C PRO D 286 -24.60 -1.51 -25.22
N ALA D 287 -23.77 -1.71 -24.21
CA ALA D 287 -23.92 -0.99 -22.96
C ALA D 287 -23.48 0.39 -23.38
N GLU D 288 -23.23 1.28 -22.45
CA GLU D 288 -22.45 2.47 -22.82
C GLU D 288 -23.20 3.27 -23.86
N LEU D 289 -24.26 2.69 -24.40
CA LEU D 289 -25.22 3.48 -25.14
C LEU D 289 -25.85 4.31 -24.03
N GLY D 290 -25.70 3.82 -22.81
CA GLY D 290 -26.26 4.46 -21.64
C GLY D 290 -25.55 5.74 -21.22
N SER D 291 -24.37 6.00 -21.77
CA SER D 291 -23.62 7.22 -21.42
C SER D 291 -24.21 8.35 -22.23
N CYS D 292 -25.19 7.96 -23.03
CA CYS D 292 -25.90 8.77 -24.00
C CYS D 292 -27.12 9.46 -23.38
N PHE D 293 -27.11 9.55 -22.07
CA PHE D 293 -28.26 9.94 -21.26
C PHE D 293 -29.13 11.09 -21.83
N GLN D 294 -28.55 12.01 -22.59
CA GLN D 294 -29.34 13.09 -23.17
C GLN D 294 -30.38 12.69 -24.22
N LEU D 295 -30.41 11.41 -24.60
CA LEU D 295 -31.37 10.86 -25.57
C LEU D 295 -32.83 11.21 -25.30
N LYS D 296 -33.54 11.74 -26.32
CA LYS D 296 -35.00 11.92 -26.27
C LYS D 296 -35.67 10.73 -26.99
N TYR D 297 -35.65 10.69 -28.32
CA TYR D 297 -36.21 9.55 -29.07
C TYR D 297 -35.14 8.55 -29.54
N PHE D 298 -35.35 7.27 -29.25
CA PHE D 298 -34.42 6.24 -29.73
C PHE D 298 -35.11 4.97 -30.26
N TYR D 299 -34.95 4.70 -31.57
CA TYR D 299 -35.66 3.66 -32.32
C TYR D 299 -34.73 2.54 -32.76
N PHE D 300 -35.00 1.29 -32.38
CA PHE D 300 -34.45 0.16 -33.14
C PHE D 300 -35.53 -0.85 -33.45
N PHE D 301 -36.02 -0.83 -34.67
CA PHE D 301 -37.17 -1.64 -35.01
C PHE D 301 -36.65 -2.74 -35.92
N ASP D 302 -37.30 -3.90 -35.93
CA ASP D 302 -37.05 -4.90 -36.97
C ASP D 302 -35.78 -5.71 -36.71
N ASN D 303 -34.92 -5.20 -35.83
CA ASN D 303 -33.70 -5.89 -35.45
C ASN D 303 -34.01 -7.15 -34.65
N MET D 304 -33.03 -8.04 -34.50
CA MET D 304 -33.19 -9.10 -33.52
C MET D 304 -32.39 -8.68 -32.31
N VAL D 305 -33.09 -8.19 -31.30
CA VAL D 305 -32.49 -7.73 -30.08
C VAL D 305 -33.25 -8.45 -28.99
N THR D 306 -32.55 -9.21 -28.15
CA THR D 306 -33.22 -9.95 -27.12
C THR D 306 -33.33 -9.17 -25.80
N THR D 307 -32.19 -8.83 -25.20
CA THR D 307 -32.19 -8.16 -23.89
C THR D 307 -31.67 -6.75 -23.98
N LEU D 308 -32.14 -5.88 -23.08
CA LEU D 308 -31.57 -4.54 -22.94
C LEU D 308 -30.45 -4.54 -21.90
N PRO D 309 -29.40 -3.76 -22.13
CA PRO D 309 -28.13 -3.79 -21.42
C PRO D 309 -28.17 -3.54 -19.90
N TRP D 310 -29.30 -3.11 -19.35
CA TRP D 310 -29.29 -2.33 -18.10
C TRP D 310 -28.55 -1.12 -18.60
N GLU D 311 -27.56 -0.62 -17.86
CA GLU D 311 -26.95 0.63 -18.28
C GLU D 311 -28.19 1.51 -18.35
N PHE D 312 -28.67 1.91 -19.52
CA PHE D 312 -30.05 2.43 -19.50
C PHE D 312 -30.92 1.42 -18.75
N GLY D 313 -31.82 1.88 -17.88
CA GLY D 313 -32.41 3.21 -17.96
C GLY D 313 -31.56 4.26 -17.33
N ASN D 314 -30.29 3.99 -17.30
CA ASN D 314 -29.31 4.99 -16.94
C ASN D 314 -29.68 6.27 -17.73
N LEU D 315 -30.40 6.12 -18.84
CA LEU D 315 -30.79 7.30 -19.57
C LEU D 315 -32.14 7.84 -19.15
N CYS D 316 -32.06 8.98 -18.48
CA CYS D 316 -33.18 9.56 -17.76
C CYS D 316 -34.19 10.01 -18.80
N ASN D 317 -33.78 11.01 -19.58
CA ASN D 317 -34.63 11.78 -20.49
C ASN D 317 -35.33 11.05 -21.63
N LEU D 318 -35.02 9.76 -21.83
CA LEU D 318 -35.63 9.05 -22.93
C LEU D 318 -37.17 9.15 -22.87
N GLN D 319 -37.78 9.71 -23.90
CA GLN D 319 -39.23 9.76 -23.99
C GLN D 319 -39.71 8.54 -24.78
N PHE D 320 -39.48 8.53 -26.10
CA PHE D 320 -39.83 7.34 -26.83
C PHE D 320 -38.68 6.33 -27.01
N LEU D 321 -38.98 5.05 -26.81
CA LEU D 321 -38.09 3.98 -27.24
C LEU D 321 -38.90 2.98 -28.06
N GLY D 322 -38.70 2.97 -29.38
CA GLY D 322 -39.33 1.96 -30.22
C GLY D 322 -38.66 0.63 -30.10
N VAL D 323 -39.36 -0.37 -29.59
CA VAL D 323 -38.86 -1.74 -29.57
C VAL D 323 -39.52 -2.69 -30.57
N GLU D 324 -40.50 -2.19 -31.32
CA GLU D 324 -41.33 -3.09 -32.12
C GLU D 324 -40.84 -3.30 -33.55
N GLY D 325 -40.41 -4.52 -33.82
CA GLY D 325 -40.33 -5.48 -32.75
C GLY D 325 -39.24 -6.46 -33.02
N ASN D 326 -38.67 -6.93 -31.93
CA ASN D 326 -37.51 -7.78 -31.90
C ASN D 326 -37.84 -8.78 -30.82
N PRO D 327 -37.41 -10.03 -30.97
CA PRO D 327 -37.77 -11.03 -29.96
C PRO D 327 -37.18 -10.71 -28.58
N LEU D 328 -37.72 -9.67 -27.94
CA LEU D 328 -37.39 -9.30 -26.57
C LEU D 328 -37.86 -10.39 -25.61
N GLU D 329 -37.28 -10.41 -24.40
CA GLU D 329 -37.62 -11.43 -23.41
C GLU D 329 -39.08 -11.34 -22.92
N LYS D 330 -39.78 -10.30 -23.39
CA LYS D 330 -41.22 -10.15 -23.16
C LYS D 330 -41.56 -9.58 -21.79
N GLN D 331 -40.60 -9.62 -20.87
CA GLN D 331 -40.76 -9.04 -19.55
C GLN D 331 -40.51 -7.55 -19.60
N PHE D 332 -39.52 -7.17 -20.39
CA PHE D 332 -39.28 -5.77 -20.72
C PHE D 332 -40.50 -5.23 -21.47
N LEU D 333 -41.00 -6.07 -22.38
CA LEU D 333 -42.22 -5.77 -23.11
C LEU D 333 -43.34 -5.58 -22.10
N LYS D 334 -43.32 -6.40 -21.06
CA LYS D 334 -44.32 -6.32 -20.01
C LYS D 334 -44.28 -4.95 -19.29
N ILE D 335 -43.12 -4.56 -18.79
CA ILE D 335 -42.99 -3.27 -18.10
C ILE D 335 -43.38 -2.14 -19.02
N LEU D 336 -43.04 -2.31 -20.30
CA LEU D 336 -43.30 -1.29 -21.30
C LEU D 336 -44.79 -1.11 -21.56
N THR D 337 -45.51 -2.23 -21.75
CA THR D 337 -46.96 -2.19 -21.85
C THR D 337 -47.51 -1.84 -20.46
N GLU D 338 -48.19 -0.70 -20.38
CA GLU D 338 -48.75 -0.12 -19.13
C GLU D 338 -47.83 0.58 -18.10
N LYS D 339 -46.51 0.34 -18.10
CA LYS D 339 -45.64 1.21 -17.30
C LYS D 339 -44.99 2.23 -18.22
N SER D 340 -45.30 2.09 -19.50
CA SER D 340 -44.70 2.85 -20.61
C SER D 340 -43.18 2.71 -20.74
N VAL D 341 -42.53 3.84 -21.00
CA VAL D 341 -41.09 3.87 -21.21
C VAL D 341 -40.40 3.98 -19.85
N THR D 342 -40.51 5.15 -19.21
CA THR D 342 -39.84 5.37 -17.94
C THR D 342 -40.20 4.26 -16.96
N GLY D 343 -41.35 3.62 -17.15
CA GLY D 343 -41.62 2.45 -16.34
C GLY D 343 -40.45 1.50 -16.47
N LEU D 344 -40.12 1.20 -17.72
CA LEU D 344 -39.04 0.29 -18.09
C LEU D 344 -37.64 0.83 -17.78
N ILE D 345 -37.40 2.07 -18.18
CA ILE D 345 -36.15 2.74 -17.87
C ILE D 345 -35.85 2.63 -16.37
N PHE D 346 -36.79 3.07 -15.52
CA PHE D 346 -36.62 2.98 -14.07
C PHE D 346 -36.46 1.53 -13.64
N TYR D 347 -37.25 0.61 -14.19
CA TYR D 347 -37.05 -0.78 -13.83
C TYR D 347 -35.58 -1.08 -13.90
N LEU D 348 -35.01 -0.83 -15.07
CA LEU D 348 -33.59 -1.08 -15.28
C LEU D 348 -32.76 -0.34 -14.23
N ARG D 349 -32.91 0.98 -14.13
CA ARG D 349 -32.07 1.72 -13.19
C ARG D 349 -32.02 1.02 -11.84
N ASP D 350 -33.18 0.66 -11.32
CA ASP D 350 -33.35 0.23 -9.92
C ASP D 350 -32.99 -1.22 -9.58
N ASN D 351 -33.18 -2.14 -10.52
CA ASN D 351 -32.51 -3.43 -10.40
C ASN D 351 -31.47 -3.56 -11.49
N ARG D 352 -30.20 -3.43 -11.14
CA ARG D 352 -29.15 -3.82 -12.06
C ARG D 352 -28.61 -4.92 -11.23
N PRO D 353 -27.67 -5.71 -11.74
CA PRO D 353 -27.23 -6.67 -10.74
C PRO D 353 -26.14 -5.98 -9.93
N GLU D 354 -25.63 -6.63 -8.89
CA GLU D 354 -24.57 -6.07 -8.06
C GLU D 354 -23.38 -5.69 -8.94
N ILE D 355 -22.78 -4.53 -8.67
CA ILE D 355 -21.56 -4.15 -9.37
C ILE D 355 -20.42 -3.86 -8.40
N PRO D 356 -19.59 -4.88 -8.18
CA PRO D 356 -18.54 -5.05 -7.16
C PRO D 356 -17.39 -4.05 -7.25
N LEU D 357 -16.37 -4.26 -6.41
CA LEU D 357 -15.18 -3.42 -6.42
C LEU D 357 -13.91 -4.28 -6.23
N PRO D 358 -12.82 -3.93 -6.94
CA PRO D 358 -11.48 -4.47 -6.67
C PRO D 358 -10.88 -4.06 -5.32
N HIS D 359 -10.85 -2.76 -5.01
CA HIS D 359 -10.41 -2.26 -3.71
C HIS D 359 -10.22 -0.75 -3.64
N GLU D 360 -10.06 -0.23 -2.42
CA GLU D 360 -9.50 1.11 -2.20
C GLU D 360 -10.16 2.23 -2.99
N THR D 402 -20.87 17.06 1.00
CA THR D 402 -21.18 15.62 1.15
C THR D 402 -22.68 15.23 1.07
N LEU D 403 -23.44 16.06 0.34
CA LEU D 403 -24.87 15.83 0.12
C LEU D 403 -25.80 15.88 1.32
N CYS D 404 -26.04 17.07 1.86
CA CYS D 404 -27.20 17.28 2.72
C CYS D 404 -28.44 16.86 1.93
N GLN D 405 -29.38 16.20 2.58
CA GLN D 405 -30.47 15.54 1.85
C GLN D 405 -31.41 16.48 1.06
N HIS D 406 -31.51 17.74 1.48
CA HIS D 406 -32.40 18.70 0.81
C HIS D 406 -31.93 18.91 -0.62
N TYR D 407 -30.61 18.87 -0.79
CA TYR D 407 -29.93 19.10 -2.06
C TYR D 407 -29.80 17.84 -2.92
N ALA D 408 -30.17 16.69 -2.35
CA ALA D 408 -29.97 15.37 -2.97
C ALA D 408 -31.14 14.95 -3.86
N THR D 409 -32.05 15.90 -4.12
CA THR D 409 -33.33 15.63 -4.77
C THR D 409 -33.20 14.74 -6.02
N PRO D 410 -34.07 13.71 -6.11
CA PRO D 410 -34.06 12.76 -7.24
C PRO D 410 -34.07 13.44 -8.61
N LYS D 411 -34.79 14.55 -8.73
CA LYS D 411 -34.86 15.30 -9.98
C LYS D 411 -33.45 15.50 -10.54
N MET D 412 -32.52 15.85 -9.65
CA MET D 412 -31.14 16.09 -10.02
C MET D 412 -30.31 14.84 -10.31
N TYR D 413 -30.35 13.83 -9.44
CA TYR D 413 -29.59 12.61 -9.73
C TYR D 413 -30.52 11.45 -10.05
N ARG D 414 -30.71 11.20 -11.34
CA ARG D 414 -31.69 10.21 -11.79
C ARG D 414 -31.07 8.86 -12.16
N TYR D 415 -29.74 8.80 -12.14
CA TYR D 415 -29.00 7.60 -12.53
C TYR D 415 -28.74 6.71 -11.33
N THR D 416 -28.98 7.26 -10.15
CA THR D 416 -28.71 6.57 -8.89
C THR D 416 -29.95 5.83 -8.41
N PRO D 417 -29.90 4.49 -8.31
CA PRO D 417 -31.14 3.73 -8.15
C PRO D 417 -31.89 4.21 -6.92
N SER D 418 -33.18 4.49 -7.07
CA SER D 418 -33.87 5.42 -6.19
C SER D 418 -33.57 5.17 -4.73
N TRP D 419 -33.41 3.90 -4.36
CA TRP D 419 -33.14 3.56 -2.96
C TRP D 419 -31.80 4.10 -2.47
N ALA D 420 -30.77 3.87 -3.25
CA ALA D 420 -29.47 4.42 -2.93
C ALA D 420 -29.53 5.94 -2.68
N LEU D 421 -30.49 6.63 -3.30
CA LEU D 421 -30.49 8.07 -3.22
C LEU D 421 -31.02 8.54 -1.87
N SER D 422 -32.04 7.85 -1.37
CA SER D 422 -32.73 8.18 -0.11
C SER D 422 -31.81 8.36 1.09
N TRP D 423 -32.08 9.34 1.96
CA TRP D 423 -31.14 9.57 3.07
C TRP D 423 -30.97 8.39 4.03
N ASP D 424 -32.00 7.54 4.14
CA ASP D 424 -31.89 6.35 4.98
C ASP D 424 -30.64 5.52 4.60
N TYR D 425 -30.37 5.43 3.30
CA TYR D 425 -29.25 4.65 2.78
C TYR D 425 -27.93 5.41 2.94
N ARG D 426 -27.98 6.71 2.64
CA ARG D 426 -26.78 7.52 2.59
C ARG D 426 -26.23 7.88 3.97
N ARG D 427 -27.11 7.96 4.96
CA ARG D 427 -26.65 8.01 6.36
C ARG D 427 -25.77 6.78 6.66
N ASN D 428 -26.36 5.59 6.61
CA ASN D 428 -25.63 4.35 6.84
C ASN D 428 -24.30 4.31 6.10
N LYS D 429 -24.34 4.68 4.82
CA LYS D 429 -23.12 4.62 4.01
C LYS D 429 -22.09 5.60 4.55
N LEU D 430 -22.45 6.88 4.69
CA LEU D 430 -21.55 7.86 5.28
C LEU D 430 -20.95 7.40 6.60
N LYS D 431 -21.75 6.71 7.40
CA LYS D 431 -21.30 6.09 8.66
C LYS D 431 -20.20 5.05 8.44
N GLU D 432 -20.51 3.94 7.76
CA GLU D 432 -19.50 2.91 7.49
C GLU D 432 -18.22 3.48 6.86
N GLN D 433 -18.41 4.42 5.93
CA GLN D 433 -17.34 5.19 5.32
C GLN D 433 -16.48 5.84 6.41
N ILE D 434 -17.03 6.85 7.07
CA ILE D 434 -16.33 7.55 8.15
C ILE D 434 -15.66 6.65 9.19
N LEU D 435 -16.32 5.56 9.58
CA LEU D 435 -15.79 4.69 10.62
C LEU D 435 -14.62 3.86 10.14
N SER D 436 -14.74 3.27 8.96
CA SER D 436 -13.62 2.53 8.41
C SER D 436 -12.37 3.42 8.35
N TYR D 437 -12.57 4.67 7.94
CA TYR D 437 -11.45 5.60 7.83
C TYR D 437 -11.27 6.31 9.17
N ASP D 438 -10.16 6.00 9.82
CA ASP D 438 -9.95 6.32 11.24
C ASP D 438 -9.36 7.71 11.50
N SER D 439 -9.40 8.55 10.46
CA SER D 439 -8.65 9.81 10.45
C SER D 439 -8.83 10.62 11.72
N ASP D 440 -7.71 11.09 12.25
CA ASP D 440 -7.65 11.80 13.52
C ASP D 440 -8.31 13.18 13.45
N LEU D 441 -8.29 13.79 12.27
CA LEU D 441 -9.07 15.01 12.08
C LEU D 441 -10.04 14.81 10.91
N LEU D 442 -11.33 14.82 11.22
CA LEU D 442 -12.35 14.71 10.18
C LEU D 442 -12.96 16.08 9.87
N CYS D 443 -12.63 16.66 8.72
CA CYS D 443 -13.37 17.83 8.28
C CYS D 443 -14.49 17.34 7.38
N LEU D 444 -15.72 17.48 7.86
CA LEU D 444 -16.90 17.09 7.11
C LEU D 444 -17.47 18.27 6.34
N GLN D 445 -17.60 18.03 5.04
CA GLN D 445 -17.86 19.03 4.02
C GLN D 445 -19.19 19.80 4.22
N VAL D 447 -23.03 18.91 5.26
CA VAL D 447 -23.54 18.34 6.50
C VAL D 447 -24.69 19.14 7.09
N GLU D 448 -25.85 18.49 7.21
CA GLU D 448 -27.00 19.05 7.91
C GLU D 448 -26.62 19.26 9.38
N SER D 449 -27.12 20.33 9.98
CA SER D 449 -26.84 20.61 11.39
C SER D 449 -27.49 19.51 12.24
N LYS D 450 -28.76 19.26 11.96
CA LYS D 450 -29.52 18.27 12.70
C LYS D 450 -28.82 16.94 12.76
N THR D 451 -28.41 16.43 11.60
CA THR D 451 -27.77 15.10 11.54
C THR D 451 -26.36 15.11 12.12
N PHE D 452 -25.80 16.28 12.35
CA PHE D 452 -24.55 16.36 13.08
C PHE D 452 -24.79 16.20 14.57
N GLU D 453 -25.79 16.92 15.07
CA GLU D 453 -26.10 16.86 16.50
C GLU D 453 -27.01 15.69 16.88
N GLU D 454 -27.36 14.88 15.90
CA GLU D 454 -28.04 13.62 16.15
C GLU D 454 -27.18 12.46 15.69
N TYR D 455 -26.86 12.40 14.40
CA TYR D 455 -26.09 11.29 13.87
C TYR D 455 -24.63 11.36 14.35
N TRP D 456 -23.92 12.35 13.84
CA TRP D 456 -22.45 12.38 13.87
C TRP D 456 -21.79 12.51 15.26
N VAL D 457 -22.53 13.06 16.22
CA VAL D 457 -21.94 13.38 17.52
C VAL D 457 -21.35 12.17 18.28
N PRO D 458 -22.05 11.02 18.32
CA PRO D 458 -21.29 9.79 18.61
C PRO D 458 -20.75 9.07 17.35
N THR D 466 -14.78 13.05 19.32
CA THR D 466 -15.90 14.01 19.27
C THR D 466 -15.49 15.34 18.61
N GLY D 467 -16.48 16.18 18.26
CA GLY D 467 -16.19 17.34 17.42
C GLY D 467 -17.12 18.54 17.49
N ILE D 468 -16.91 19.50 16.59
CA ILE D 468 -17.66 20.77 16.60
C ILE D 468 -18.05 21.30 15.21
N PHE D 469 -18.93 22.30 15.21
CA PHE D 469 -19.58 22.79 14.01
C PHE D 469 -19.04 24.17 13.62
N VAL D 486 -31.40 22.35 7.71
CA VAL D 486 -30.38 23.38 7.96
C VAL D 486 -29.01 22.85 7.56
N ASP D 487 -28.07 23.74 7.31
CA ASP D 487 -26.78 23.35 6.70
C ASP D 487 -25.55 23.50 7.60
N GLY D 488 -24.37 23.30 7.02
CA GLY D 488 -23.11 23.60 7.69
C GLY D 488 -21.90 22.76 7.33
N CYS D 489 -20.81 22.98 8.07
CA CYS D 489 -19.59 22.19 7.92
C CYS D 489 -19.05 21.87 9.30
N CYS D 490 -18.49 20.67 9.45
CA CYS D 490 -18.16 20.19 10.78
C CYS D 490 -16.72 19.68 10.88
N ILE D 491 -16.22 19.51 12.10
CA ILE D 491 -14.87 18.98 12.34
C ILE D 491 -14.85 18.07 13.57
N PHE D 492 -14.26 16.89 13.43
CA PHE D 492 -14.09 15.94 14.55
C PHE D 492 -12.60 15.74 14.76
N PHE D 493 -12.25 15.26 15.96
CA PHE D 493 -10.87 14.94 16.32
C PHE D 493 -10.82 13.95 17.49
N LEU D 656 -6.16 14.74 -8.88
CA LEU D 656 -6.89 13.49 -9.10
C LEU D 656 -7.86 13.63 -10.29
N PRO D 657 -8.39 12.50 -10.81
CA PRO D 657 -9.37 12.62 -11.90
C PRO D 657 -10.63 13.41 -11.50
N PHE D 658 -11.21 13.07 -10.36
CA PHE D 658 -12.32 13.84 -9.82
C PHE D 658 -12.40 13.76 -8.29
N THR D 659 -12.72 14.89 -7.67
CA THR D 659 -13.29 14.89 -6.32
C THR D 659 -14.79 14.65 -6.47
N ASN D 660 -15.34 15.13 -7.59
CA ASN D 660 -16.78 15.21 -7.85
C ASN D 660 -17.22 14.56 -9.17
N PHE D 661 -18.03 13.51 -9.08
CA PHE D 661 -18.43 12.75 -10.27
C PHE D 661 -19.90 12.89 -10.65
N THR D 662 -20.18 13.66 -11.70
CA THR D 662 -21.53 13.79 -12.26
C THR D 662 -21.48 14.04 -13.76
N PRO D 663 -22.48 13.54 -14.50
CA PRO D 663 -22.62 13.83 -15.94
C PRO D 663 -22.62 15.32 -16.30
N SER D 664 -23.03 16.20 -15.39
CA SER D 664 -22.85 17.63 -15.59
C SER D 664 -21.38 18.02 -15.71
N PHE D 665 -20.64 17.92 -14.61
CA PHE D 665 -19.21 18.21 -14.61
C PHE D 665 -18.40 17.16 -13.84
N THR D 666 -17.54 16.41 -14.55
CA THR D 666 -16.60 15.51 -13.89
C THR D 666 -15.22 16.15 -13.89
N ASP D 667 -14.79 16.57 -12.72
CA ASP D 667 -13.61 17.42 -12.57
C ASP D 667 -13.19 17.38 -11.12
N VAL D 668 -12.35 18.34 -10.71
CA VAL D 668 -12.04 18.49 -9.29
C VAL D 668 -12.29 19.91 -8.76
N ILE D 669 -13.06 20.02 -7.68
CA ILE D 669 -13.03 21.18 -6.78
C ILE D 669 -13.25 20.75 -5.32
N GLU D 687 -7.29 8.42 -5.99
CA GLU D 687 -8.00 7.96 -7.19
C GLU D 687 -8.67 6.59 -6.99
N VAL D 688 -9.90 6.48 -7.47
CA VAL D 688 -10.71 5.29 -7.30
C VAL D 688 -10.73 4.56 -8.63
N ASP D 689 -10.85 3.23 -8.59
CA ASP D 689 -10.65 2.43 -9.80
C ASP D 689 -11.53 2.95 -10.93
N PRO D 690 -10.88 3.43 -12.00
CA PRO D 690 -11.53 4.06 -13.17
C PRO D 690 -12.29 3.07 -14.09
N GLU D 691 -11.99 1.78 -13.97
CA GLU D 691 -12.76 0.77 -14.69
C GLU D 691 -14.05 0.54 -13.94
N TYR D 692 -14.01 0.84 -12.64
CA TYR D 692 -15.22 0.89 -11.84
C TYR D 692 -15.99 2.15 -12.22
N VAL D 693 -15.35 3.32 -12.24
CA VAL D 693 -16.09 4.56 -12.54
C VAL D 693 -16.70 4.58 -13.94
N SER D 694 -16.17 3.74 -14.82
CA SER D 694 -16.86 3.43 -16.05
C SER D 694 -17.98 2.49 -15.63
N LYS D 695 -19.01 2.37 -16.45
CA LYS D 695 -20.18 1.62 -16.03
C LYS D 695 -20.89 2.34 -14.88
N PHE D 696 -20.61 3.63 -14.73
CA PHE D 696 -21.43 4.56 -13.95
C PHE D 696 -21.31 5.92 -14.61
N ILE D 697 -22.41 6.65 -14.70
CA ILE D 697 -22.34 7.98 -15.32
C ILE D 697 -22.18 9.11 -14.30
N GLY D 698 -22.23 8.74 -13.02
CA GLY D 698 -22.07 9.68 -11.94
C GLY D 698 -22.21 9.04 -10.57
N PHE D 699 -22.18 9.88 -9.54
CA PHE D 699 -22.36 9.49 -8.15
C PHE D 699 -23.37 10.49 -7.63
N PRO D 700 -23.97 10.22 -6.46
CA PRO D 700 -23.77 9.05 -5.61
C PRO D 700 -24.45 7.86 -6.21
N ASN D 701 -23.96 6.68 -5.90
CA ASN D 701 -24.49 5.47 -6.48
C ASN D 701 -24.29 4.37 -5.49
N ASP D 702 -24.44 3.13 -5.92
CA ASP D 702 -24.63 2.03 -4.98
C ASP D 702 -23.70 2.07 -3.74
N LYS D 703 -22.38 2.23 -3.96
CA LYS D 703 -21.41 2.25 -2.86
C LYS D 703 -20.83 3.61 -2.39
N PHE D 704 -21.17 4.72 -3.05
CA PHE D 704 -20.49 6.02 -2.77
C PHE D 704 -21.54 7.10 -2.49
N PRO D 705 -21.88 7.32 -1.23
CA PRO D 705 -23.10 8.12 -1.10
C PRO D 705 -22.92 9.64 -1.21
N SER D 706 -22.14 10.10 -2.17
CA SER D 706 -22.14 11.52 -2.54
C SER D 706 -21.50 11.64 -3.90
N ASP D 707 -21.78 12.74 -4.62
CA ASP D 707 -21.11 12.95 -5.89
C ASP D 707 -19.64 13.28 -5.67
N HIS D 708 -19.29 13.64 -4.42
CA HIS D 708 -17.90 13.82 -4.03
C HIS D 708 -17.31 12.54 -3.43
N ILE D 709 -16.03 12.62 -3.10
CA ILE D 709 -15.34 11.50 -2.44
C ILE D 709 -14.40 12.02 -1.36
N PRO D 710 -14.02 11.13 -0.42
CA PRO D 710 -13.03 11.39 0.65
C PRO D 710 -11.82 12.17 0.14
N PRO E 4 -18.10 -7.67 3.20
CA PRO E 4 -19.11 -7.85 4.24
C PRO E 4 -18.76 -7.06 5.51
N ILE E 5 -19.60 -6.11 5.91
CA ILE E 5 -19.31 -5.27 7.07
C ILE E 5 -20.22 -5.59 8.24
N PHE E 6 -19.60 -5.88 9.39
CA PHE E 6 -20.34 -6.29 10.57
C PHE E 6 -20.20 -5.22 11.63
N LEU E 7 -21.29 -4.54 11.91
CA LEU E 7 -21.24 -3.38 12.80
C LEU E 7 -22.23 -3.49 13.98
N PRO E 8 -21.77 -4.08 15.09
CA PRO E 8 -22.66 -4.34 16.22
C PRO E 8 -23.24 -3.04 16.79
N PRO E 9 -24.48 -3.08 17.27
CA PRO E 9 -25.10 -1.87 17.81
C PRO E 9 -24.14 -1.25 18.80
N PRO E 10 -24.16 0.08 18.91
CA PRO E 10 -23.19 0.80 19.76
C PRO E 10 -23.18 0.36 21.25
N ASN E 11 -24.35 0.19 21.87
CA ASN E 11 -24.39 -0.24 23.25
C ASN E 11 -23.64 -1.55 23.42
N TYR E 12 -23.62 -2.38 22.38
CA TYR E 12 -22.94 -3.68 22.47
C TYR E 12 -21.46 -3.54 22.82
N LEU E 13 -20.85 -2.44 22.39
CA LEU E 13 -19.41 -2.23 22.54
C LEU E 13 -19.02 -1.65 23.89
N PHE E 14 -20.00 -1.39 24.75
CA PHE E 14 -19.72 -0.79 26.05
C PHE E 14 -19.22 -1.84 27.05
N VAL E 15 -18.00 -1.63 27.54
CA VAL E 15 -17.44 -2.48 28.59
C VAL E 15 -17.37 -1.75 29.95
N ARG E 16 -17.83 -2.44 30.99
CA ARG E 16 -17.93 -1.88 32.33
C ARG E 16 -16.78 -2.32 33.20
N ASP E 17 -15.99 -1.38 33.69
CA ASP E 17 -14.97 -1.72 34.68
C ASP E 17 -15.60 -2.07 36.02
N VAL E 18 -15.22 -3.21 36.57
CA VAL E 18 -15.67 -3.58 37.89
C VAL E 18 -14.50 -3.49 38.86
N TRP E 19 -14.73 -2.84 40.01
CA TRP E 19 -13.73 -2.79 41.08
C TRP E 19 -14.33 -3.33 42.36
N LYS E 20 -13.59 -3.20 43.45
CA LYS E 20 -14.08 -3.64 44.74
C LYS E 20 -15.37 -2.88 44.99
N SER E 21 -15.29 -1.59 44.77
CA SER E 21 -16.38 -0.68 45.01
C SER E 21 -17.73 -1.12 44.38
N ASN E 22 -17.72 -1.41 43.08
CA ASN E 22 -18.94 -1.83 42.36
C ASN E 22 -19.14 -3.34 42.12
N LEU E 23 -18.32 -4.19 42.70
CA LEU E 23 -18.44 -5.63 42.45
C LEU E 23 -19.88 -6.19 42.58
N TYR E 24 -20.51 -5.95 43.72
CA TYR E 24 -21.77 -6.65 44.06
C TYR E 24 -22.95 -6.28 43.20
N SER E 25 -23.03 -5.00 42.87
CA SER E 25 -24.07 -4.50 41.98
C SER E 25 -23.96 -5.11 40.59
N GLU E 26 -22.76 -5.09 40.04
CA GLU E 26 -22.55 -5.63 38.70
C GLU E 26 -22.89 -7.10 38.72
N PHE E 27 -22.54 -7.78 39.80
CA PHE E 27 -22.83 -9.21 39.87
C PHE E 27 -24.30 -9.47 39.95
N ALA E 28 -25.03 -8.56 40.59
CA ALA E 28 -26.47 -8.64 40.55
C ALA E 28 -26.94 -8.57 39.10
N VAL E 29 -26.54 -7.53 38.39
CA VAL E 29 -26.95 -7.40 37.01
C VAL E 29 -26.70 -8.69 36.26
N ILE E 30 -25.50 -9.24 36.43
CA ILE E 30 -25.07 -10.46 35.74
C ILE E 30 -26.02 -11.60 36.05
N ARG E 31 -26.27 -11.76 37.35
CA ARG E 31 -27.20 -12.74 37.90
C ARG E 31 -28.60 -12.66 37.25
N GLN E 32 -29.05 -11.43 36.94
CA GLN E 32 -30.31 -11.19 36.28
C GLN E 32 -30.26 -11.60 34.84
N LEU E 33 -29.25 -11.13 34.12
CA LEU E 33 -29.16 -11.36 32.67
C LEU E 33 -28.95 -12.80 32.28
N VAL E 34 -28.24 -13.55 33.12
CA VAL E 34 -27.77 -14.88 32.76
C VAL E 34 -28.87 -15.81 32.28
N SER E 35 -30.07 -15.65 32.82
CA SER E 35 -31.17 -16.51 32.41
C SER E 35 -31.46 -16.31 30.93
N GLN E 36 -31.65 -15.07 30.55
CA GLN E 36 -32.00 -14.76 29.16
C GLN E 36 -30.80 -14.79 28.24
N TYR E 37 -29.69 -14.21 28.68
CA TYR E 37 -28.48 -14.23 27.88
C TYR E 37 -27.57 -15.29 28.48
N ASN E 38 -27.63 -16.47 27.86
CA ASN E 38 -27.05 -17.69 28.41
C ASN E 38 -25.71 -18.08 27.81
N HIS E 39 -25.18 -17.22 26.94
CA HIS E 39 -23.85 -17.40 26.41
C HIS E 39 -22.89 -16.45 27.10
N VAL E 40 -21.91 -17.01 27.81
CA VAL E 40 -20.91 -16.21 28.51
C VAL E 40 -19.49 -16.52 28.00
N SER E 41 -18.73 -15.47 27.71
CA SER E 41 -17.36 -15.60 27.20
C SER E 41 -16.35 -15.06 28.23
N ILE E 42 -15.18 -15.68 28.27
CA ILE E 42 -14.17 -15.29 29.28
C ILE E 42 -12.79 -15.01 28.74
N SER E 43 -12.17 -13.95 29.25
CA SER E 43 -10.78 -13.66 28.91
C SER E 43 -9.99 -13.29 30.17
N THR E 44 -8.68 -13.48 30.15
CA THR E 44 -7.87 -13.06 31.31
C THR E 44 -6.59 -12.35 30.93
N GLU E 45 -6.02 -11.65 31.88
CA GLU E 45 -4.77 -10.97 31.68
C GLU E 45 -3.87 -11.13 32.91
N PHE E 46 -2.64 -11.62 32.66
CA PHE E 46 -1.57 -11.86 33.63
C PHE E 46 -0.22 -11.72 32.94
N VAL E 47 0.86 -11.93 33.69
CA VAL E 47 2.23 -11.74 33.17
C VAL E 47 2.72 -12.80 32.17
N GLY E 48 2.25 -14.04 32.32
CA GLY E 48 2.60 -15.14 31.45
C GLY E 48 4.09 -15.40 31.46
N THR E 49 4.68 -15.17 32.64
CA THR E 49 6.14 -15.05 32.95
C THR E 49 6.72 -16.43 33.15
N LEU E 50 6.17 -17.35 32.38
CA LEU E 50 6.04 -18.70 32.77
C LEU E 50 7.32 -19.25 33.43
N ALA E 51 7.12 -19.97 34.53
CA ALA E 51 8.14 -20.84 35.05
C ALA E 51 8.07 -22.10 34.19
N ARG E 52 9.20 -22.75 33.95
CA ARG E 52 9.19 -24.02 33.25
C ARG E 52 9.41 -25.14 34.24
N PRO E 53 8.55 -26.16 34.19
CA PRO E 53 8.79 -27.44 34.87
C PRO E 53 9.81 -28.32 34.10
N ILE E 54 10.70 -29.01 34.82
CA ILE E 54 11.63 -29.98 34.22
C ILE E 54 11.52 -31.37 34.85
N GLY E 55 12.03 -32.39 34.16
CA GLY E 55 11.66 -33.75 34.48
C GLY E 55 10.87 -34.41 33.38
N THR E 56 10.14 -35.46 33.70
CA THR E 56 9.56 -36.39 32.72
C THR E 56 8.26 -36.01 32.01
N PHE E 57 7.15 -36.06 32.73
CA PHE E 57 5.82 -36.08 32.12
C PHE E 57 5.54 -37.22 31.11
N ARG E 58 4.81 -36.86 30.05
CA ARG E 58 4.14 -37.78 29.13
C ARG E 58 3.97 -36.89 27.93
N SER E 59 3.06 -37.18 27.01
CA SER E 59 3.16 -36.51 25.71
C SER E 59 3.05 -35.00 25.84
N LYS E 60 3.22 -34.28 24.73
CA LYS E 60 3.34 -32.80 24.76
C LYS E 60 2.22 -32.17 25.57
N VAL E 61 1.07 -32.83 25.65
CA VAL E 61 -0.04 -32.32 26.46
C VAL E 61 0.26 -32.40 27.96
N ASP E 62 0.83 -33.50 28.46
CA ASP E 62 1.14 -33.56 29.89
C ASP E 62 2.13 -32.45 30.21
N TYR E 63 2.96 -32.10 29.22
CA TYR E 63 3.90 -31.01 29.41
C TYR E 63 3.23 -29.63 29.40
N HIS E 64 2.35 -29.43 28.42
CA HIS E 64 1.59 -28.20 28.35
C HIS E 64 0.81 -28.02 29.63
N TYR E 65 0.02 -29.02 30.01
CA TYR E 65 -0.72 -28.98 31.25
C TYR E 65 0.18 -28.69 32.44
N GLN E 66 1.27 -29.46 32.60
CA GLN E 66 2.22 -29.24 33.71
C GLN E 66 2.76 -27.80 33.83
N THR E 67 3.14 -27.24 32.68
CA THR E 67 3.58 -25.85 32.67
C THR E 67 2.47 -24.95 33.13
N MET E 68 1.28 -25.12 32.53
CA MET E 68 0.13 -24.27 32.87
C MET E 68 -0.18 -24.36 34.36
N ARG E 69 -0.35 -25.57 34.85
CA ARG E 69 -0.55 -25.83 36.25
C ARG E 69 0.43 -24.98 37.05
N ALA E 70 1.72 -25.24 36.87
CA ALA E 70 2.74 -24.52 37.65
C ALA E 70 2.51 -23.02 37.63
N ASN E 71 2.18 -22.48 36.46
CA ASN E 71 1.99 -21.04 36.34
C ASN E 71 0.72 -20.47 36.98
N VAL E 72 -0.41 -21.13 36.80
CA VAL E 72 -1.65 -20.73 37.42
C VAL E 72 -1.39 -20.73 38.89
N ASP E 73 -0.64 -21.72 39.35
CA ASP E 73 -0.30 -21.80 40.77
C ASP E 73 0.57 -20.65 41.25
N PHE E 74 1.59 -20.31 40.48
CA PHE E 74 2.52 -19.25 40.89
C PHE E 74 2.04 -17.81 40.58
N LEU E 75 1.08 -17.69 39.68
CA LEU E 75 0.68 -16.40 39.22
C LEU E 75 -0.75 -16.06 39.64
N ASN E 76 -1.06 -14.75 39.64
CA ASN E 76 -2.42 -14.27 39.82
C ASN E 76 -2.84 -13.43 38.64
N PRO E 77 -4.09 -13.59 38.23
CA PRO E 77 -4.60 -12.80 37.10
C PRO E 77 -4.81 -11.35 37.51
N ILE E 78 -4.37 -10.41 36.67
CA ILE E 78 -4.57 -9.02 36.94
C ILE E 78 -6.01 -8.69 36.59
N GLN E 79 -6.45 -9.15 35.43
CA GLN E 79 -7.79 -8.79 34.96
C GLN E 79 -8.55 -9.98 34.41
N LEU E 80 -9.88 -9.92 34.47
CA LEU E 80 -10.69 -10.94 33.84
C LEU E 80 -11.91 -10.31 33.18
N GLY E 81 -12.05 -10.48 31.86
CA GLY E 81 -13.28 -10.09 31.17
C GLY E 81 -14.37 -11.15 31.04
N LEU E 82 -15.62 -10.70 31.09
CA LEU E 82 -16.79 -11.55 30.91
C LEU E 82 -17.73 -10.89 29.96
N SER E 83 -18.38 -11.66 29.10
CA SER E 83 -19.41 -11.09 28.24
C SER E 83 -20.60 -12.03 28.02
N LEU E 84 -21.81 -11.50 28.20
CA LEU E 84 -23.02 -12.29 27.98
C LEU E 84 -23.78 -11.82 26.75
N SER E 85 -24.46 -12.76 26.11
CA SER E 85 -25.39 -12.44 25.02
C SER E 85 -26.30 -13.64 24.87
N ASP E 86 -27.31 -13.52 24.02
CA ASP E 86 -28.17 -14.65 23.76
C ASP E 86 -27.52 -15.46 22.65
N ALA E 87 -28.10 -16.60 22.33
CA ALA E 87 -27.41 -17.53 21.48
C ALA E 87 -27.17 -16.91 20.11
N ASN E 88 -28.01 -15.95 19.74
CA ASN E 88 -27.88 -15.24 18.47
C ASN E 88 -26.94 -14.05 18.57
N GLY E 89 -26.43 -13.82 19.79
CA GLY E 89 -25.45 -12.76 20.02
C GLY E 89 -26.07 -11.40 20.24
N ASN E 90 -27.31 -11.43 20.72
CA ASN E 90 -28.02 -10.22 21.15
C ASN E 90 -27.71 -9.92 22.58
N LYS E 91 -27.64 -8.63 22.86
CA LYS E 91 -27.39 -8.20 24.21
C LYS E 91 -28.47 -7.22 24.61
N PRO E 92 -28.72 -7.08 25.93
CA PRO E 92 -29.69 -6.12 26.41
C PRO E 92 -29.38 -4.74 25.87
N ASP E 93 -30.39 -4.11 25.28
CA ASP E 93 -30.26 -2.79 24.67
C ASP E 93 -29.99 -1.80 25.76
N ASN E 94 -30.20 -2.24 27.00
CA ASN E 94 -30.01 -1.37 28.14
C ASN E 94 -29.06 -1.93 29.19
N GLY E 95 -28.06 -1.13 29.56
CA GLY E 95 -27.11 -1.50 30.59
C GLY E 95 -25.95 -2.26 30.02
N PRO E 96 -24.90 -2.43 30.82
CA PRO E 96 -23.68 -3.09 30.37
C PRO E 96 -23.87 -4.58 30.21
N SER E 97 -23.50 -5.15 29.07
CA SER E 97 -23.49 -6.61 28.90
C SER E 97 -22.09 -7.22 28.96
N THR E 98 -21.07 -6.38 29.18
CA THR E 98 -19.69 -6.85 29.24
C THR E 98 -18.90 -6.23 30.40
N TRP E 99 -18.39 -7.09 31.28
CA TRP E 99 -17.63 -6.60 32.43
C TRP E 99 -16.17 -6.92 32.35
N GLN E 100 -15.37 -6.01 32.89
CA GLN E 100 -13.95 -6.25 33.10
C GLN E 100 -13.63 -6.10 34.58
N PHE E 101 -13.35 -7.23 35.23
CA PHE E 101 -13.06 -7.28 36.65
C PHE E 101 -11.59 -7.04 36.88
N ASN E 102 -11.27 -6.03 37.69
CA ASN E 102 -9.90 -5.70 38.04
C ASN E 102 -9.55 -6.17 39.42
N PHE E 103 -8.74 -7.23 39.48
CA PHE E 103 -8.36 -7.81 40.75
C PHE E 103 -7.29 -7.01 41.48
N GLU E 104 -7.16 -7.29 42.78
CA GLU E 104 -6.21 -6.60 43.60
C GLU E 104 -4.86 -7.14 43.25
N PHE E 105 -3.98 -6.28 42.73
CA PHE E 105 -2.69 -6.74 42.26
C PHE E 105 -1.58 -5.79 42.61
N ASP E 106 -0.65 -6.21 43.47
CA ASP E 106 0.44 -5.34 43.87
C ASP E 106 1.73 -5.77 43.24
N PRO E 107 2.25 -4.94 42.33
CA PRO E 107 3.47 -5.27 41.60
C PRO E 107 4.56 -5.64 42.59
N LYS E 108 4.67 -4.86 43.65
CA LYS E 108 5.70 -5.09 44.63
C LYS E 108 5.55 -6.45 45.31
N LYS E 109 4.34 -6.96 45.45
CA LYS E 109 4.16 -8.23 46.15
C LYS E 109 4.04 -9.47 45.28
N GLU E 110 4.07 -9.29 43.95
CA GLU E 110 3.72 -10.38 43.05
C GLU E 110 4.82 -10.59 42.07
N ILE E 111 4.73 -11.64 41.25
CA ILE E 111 5.80 -11.93 40.31
C ILE E 111 5.69 -11.00 39.12
N MET E 112 6.78 -10.30 38.80
CA MET E 112 6.80 -9.38 37.67
C MET E 112 8.18 -8.84 37.40
N SER E 113 8.36 -8.38 36.16
CA SER E 113 9.65 -7.92 35.66
C SER E 113 9.43 -6.51 35.17
N THR E 114 10.25 -5.57 35.61
CA THR E 114 9.98 -4.19 35.21
C THR E 114 9.75 -4.14 33.70
N GLU E 115 10.35 -5.09 32.98
CA GLU E 115 10.06 -5.31 31.57
C GLU E 115 8.56 -5.37 31.36
N SER E 116 7.95 -6.45 31.86
CA SER E 116 6.52 -6.68 31.65
C SER E 116 5.62 -5.76 32.48
N LEU E 117 6.15 -5.17 33.54
CA LEU E 117 5.40 -4.12 34.22
C LEU E 117 5.20 -2.95 33.29
N GLU E 118 6.24 -2.52 32.61
CA GLU E 118 6.11 -1.38 31.70
C GLU E 118 5.35 -1.75 30.44
N LEU E 119 5.60 -2.95 29.91
CA LEU E 119 4.80 -3.45 28.82
C LEU E 119 3.30 -3.42 29.18
N LEU E 120 2.99 -3.77 30.43
CA LEU E 120 1.59 -3.79 30.92
C LEU E 120 1.03 -2.39 31.22
N ARG E 121 1.87 -1.45 31.60
CA ARG E 121 1.38 -0.10 31.77
C ARG E 121 1.07 0.47 30.40
N LYS E 122 1.92 0.18 29.42
CA LYS E 122 1.59 0.54 28.05
C LYS E 122 0.25 -0.13 27.63
N SER E 123 0.06 -1.38 28.02
CA SER E 123 -1.19 -2.09 27.76
C SER E 123 -2.41 -1.32 28.28
N GLY E 124 -2.20 -0.45 29.26
CA GLY E 124 -3.29 0.26 29.89
C GLY E 124 -3.70 -0.20 31.29
N ILE E 125 -2.92 -1.09 31.90
CA ILE E 125 -3.18 -1.43 33.30
C ILE E 125 -2.71 -0.27 34.19
N ASN E 126 -3.56 0.15 35.11
CA ASN E 126 -3.16 1.15 36.11
C ASN E 126 -2.96 0.44 37.43
N PHE E 127 -1.70 0.27 37.83
CA PHE E 127 -1.40 -0.62 38.94
C PHE E 127 -1.73 -0.01 40.30
N GLU E 128 -1.89 1.31 40.33
CA GLU E 128 -2.30 2.01 41.55
C GLU E 128 -3.73 1.59 41.88
N LYS E 129 -4.60 1.77 40.89
CA LYS E 129 -6.00 1.42 41.06
C LYS E 129 -6.14 -0.04 41.47
N HIS E 130 -5.50 -0.94 40.71
CA HIS E 130 -5.51 -2.35 41.06
C HIS E 130 -4.98 -2.66 42.46
N GLU E 131 -4.06 -1.83 42.94
CA GLU E 131 -3.50 -2.01 44.26
C GLU E 131 -4.54 -1.70 45.32
N ASN E 132 -5.11 -0.51 45.24
CA ASN E 132 -6.11 -0.08 46.23
C ASN E 132 -7.54 -0.57 46.00
N LEU E 133 -8.01 -0.37 44.79
CA LEU E 133 -9.42 -0.58 44.49
C LEU E 133 -9.75 -1.95 43.93
N GLY E 134 -8.75 -2.83 43.92
CA GLY E 134 -8.88 -4.09 43.24
C GLY E 134 -9.82 -5.05 43.91
N ILE E 135 -10.52 -5.82 43.09
CA ILE E 135 -11.41 -6.87 43.58
C ILE E 135 -10.63 -7.94 44.35
N ASP E 136 -11.20 -8.40 45.46
CA ASP E 136 -10.64 -9.51 46.22
C ASP E 136 -11.18 -10.80 45.63
N VAL E 137 -10.27 -11.66 45.16
CA VAL E 137 -10.63 -12.85 44.41
C VAL E 137 -11.44 -13.87 45.19
N PHE E 138 -11.37 -13.83 46.51
CA PHE E 138 -12.22 -14.68 47.31
C PHE E 138 -13.68 -14.24 47.18
N GLU E 139 -13.92 -12.94 47.40
CA GLU E 139 -15.25 -12.37 47.15
C GLU E 139 -15.73 -12.73 45.73
N PHE E 140 -14.92 -12.42 44.72
CA PHE E 140 -15.24 -12.77 43.35
C PHE E 140 -15.68 -14.20 43.24
N SER E 141 -14.78 -15.13 43.54
CA SER E 141 -15.08 -16.55 43.35
C SER E 141 -16.43 -16.88 43.96
N GLN E 142 -16.68 -16.26 45.11
CA GLN E 142 -17.90 -16.47 45.85
C GLN E 142 -19.15 -15.99 45.16
N LEU E 143 -19.11 -14.78 44.60
CA LEU E 143 -20.21 -14.27 43.78
C LEU E 143 -20.45 -15.08 42.50
N LEU E 144 -19.36 -15.49 41.86
CA LEU E 144 -19.45 -16.27 40.63
C LEU E 144 -20.02 -17.66 40.87
N MET E 145 -19.86 -18.18 42.08
CA MET E 145 -20.37 -19.52 42.40
C MET E 145 -21.89 -19.68 42.21
N ASP E 146 -22.64 -18.93 43.00
CA ASP E 146 -24.10 -18.97 43.03
C ASP E 146 -24.78 -18.08 41.96
N SER E 147 -23.98 -17.43 41.13
CA SER E 147 -24.49 -16.52 40.14
C SER E 147 -25.39 -17.18 39.11
N GLY E 148 -25.12 -18.46 38.82
CA GLY E 148 -25.89 -19.22 37.85
C GLY E 148 -25.27 -19.38 36.47
N LEU E 149 -24.05 -18.89 36.31
CA LEU E 149 -23.22 -19.15 35.14
C LEU E 149 -22.55 -20.53 35.24
N MET E 150 -22.18 -20.91 36.46
CA MET E 150 -21.42 -22.13 36.68
C MET E 150 -22.33 -23.32 36.89
N MET E 151 -21.91 -24.47 36.36
CA MET E 151 -22.52 -25.77 36.66
C MET E 151 -23.92 -25.92 36.13
N ASP E 152 -24.18 -25.36 34.95
CA ASP E 152 -25.52 -25.45 34.38
C ASP E 152 -25.45 -25.70 32.90
N ASP E 153 -26.00 -26.82 32.45
CA ASP E 153 -25.99 -27.18 31.03
C ASP E 153 -26.53 -26.03 30.22
N SER E 154 -27.43 -25.25 30.84
CA SER E 154 -28.14 -24.14 30.19
C SER E 154 -27.18 -23.10 29.64
N VAL E 155 -26.18 -22.76 30.45
CA VAL E 155 -25.22 -21.76 30.05
C VAL E 155 -24.18 -22.34 29.06
N THR E 156 -23.68 -21.50 28.16
CA THR E 156 -22.67 -21.95 27.24
C THR E 156 -21.47 -21.05 27.44
N TRP E 157 -20.32 -21.65 27.73
CA TRP E 157 -19.10 -20.88 27.89
C TRP E 157 -18.29 -20.79 26.58
N ILE E 158 -17.67 -19.65 26.35
CA ILE E 158 -16.95 -19.38 25.11
C ILE E 158 -15.57 -18.86 25.50
N THR E 159 -14.56 -19.40 24.81
CA THR E 159 -13.16 -19.21 25.17
C THR E 159 -12.35 -19.29 23.90
N TYR E 160 -11.19 -18.66 23.90
CA TYR E 160 -10.32 -18.73 22.72
C TYR E 160 -8.92 -19.12 23.14
N HIS E 161 -8.50 -20.31 22.78
CA HIS E 161 -7.20 -20.74 23.23
C HIS E 161 -7.29 -20.74 24.74
N ALA E 162 -8.08 -21.67 25.26
CA ALA E 162 -8.58 -21.58 26.61
C ALA E 162 -7.68 -22.07 27.75
N ALA E 163 -6.59 -22.76 27.45
CA ALA E 163 -5.88 -23.54 28.47
C ALA E 163 -5.65 -22.74 29.75
N TYR E 164 -5.05 -21.56 29.58
CA TYR E 164 -4.81 -20.66 30.72
C TYR E 164 -6.06 -19.98 31.29
N ASP E 165 -6.86 -19.36 30.43
CA ASP E 165 -8.07 -18.72 30.92
C ASP E 165 -8.95 -19.66 31.75
N LEU E 166 -9.22 -20.86 31.24
CA LEU E 166 -9.93 -21.89 32.01
C LEU E 166 -9.13 -22.33 33.22
N GLY E 167 -7.80 -22.35 33.09
CA GLY E 167 -6.97 -22.67 34.24
C GLY E 167 -7.16 -21.71 35.43
N PHE E 168 -6.95 -20.41 35.20
CA PHE E 168 -7.27 -19.39 36.19
C PHE E 168 -8.72 -19.45 36.68
N LEU E 169 -9.68 -19.60 35.78
CA LEU E 169 -11.05 -19.62 36.24
C LEU E 169 -11.30 -20.76 37.21
N ILE E 170 -10.95 -21.98 36.79
CA ILE E 170 -11.12 -23.17 37.62
C ILE E 170 -10.31 -23.09 38.93
N ASN E 171 -9.14 -22.47 38.86
CA ASN E 171 -8.31 -22.25 40.02
C ASN E 171 -8.97 -21.32 41.03
N ILE E 172 -9.63 -20.27 40.53
CA ILE E 172 -10.36 -19.33 41.37
C ILE E 172 -11.58 -19.97 42.02
N LEU E 173 -12.33 -20.75 41.23
CA LEU E 173 -13.46 -21.47 41.77
C LEU E 173 -13.07 -22.52 42.83
N MET E 174 -11.99 -23.26 42.60
CA MET E 174 -11.57 -24.33 43.51
C MET E 174 -11.00 -23.88 44.86
N ASN E 175 -10.46 -22.68 44.90
CA ASN E 175 -9.77 -22.19 46.08
C ASN E 175 -8.83 -23.23 46.63
N ASP E 176 -8.05 -23.84 45.74
CA ASP E 176 -7.08 -24.90 46.08
C ASP E 176 -6.01 -25.01 44.98
N SER E 177 -4.92 -25.68 45.28
CA SER E 177 -3.87 -25.92 44.29
C SER E 177 -4.37 -26.76 43.11
N MET E 178 -4.07 -26.30 41.90
CA MET E 178 -4.43 -27.01 40.68
C MET E 178 -3.94 -28.43 40.76
N PRO E 179 -4.72 -29.37 40.20
CA PRO E 179 -4.45 -30.82 40.22
C PRO E 179 -3.12 -31.28 39.56
N ASN E 180 -2.61 -32.45 39.98
CA ASN E 180 -1.37 -33.07 39.45
C ASN E 180 -1.30 -33.20 37.96
N ASN E 181 -2.46 -33.41 37.36
CA ASN E 181 -2.56 -33.99 36.03
C ASN E 181 -3.66 -33.35 35.23
N LYS E 182 -3.56 -33.44 33.92
CA LYS E 182 -4.60 -32.89 33.06
C LYS E 182 -5.96 -33.56 33.35
N GLU E 183 -5.97 -34.86 33.58
CA GLU E 183 -7.22 -35.58 33.76
C GLU E 183 -8.16 -35.00 34.86
N ASP E 184 -7.64 -34.78 36.06
CA ASP E 184 -8.44 -34.21 37.12
C ASP E 184 -8.85 -32.78 36.77
N PHE E 185 -7.90 -32.01 36.25
CA PHE E 185 -8.21 -30.65 35.85
C PHE E 185 -9.41 -30.63 34.93
N GLU E 186 -9.48 -31.61 34.05
CA GLU E 186 -10.62 -31.71 33.15
C GLU E 186 -11.89 -32.18 33.85
N TRP E 187 -11.79 -33.08 34.81
CA TRP E 187 -12.98 -33.43 35.55
C TRP E 187 -13.58 -32.16 36.11
N TRP E 188 -12.71 -31.32 36.69
CA TRP E 188 -13.13 -30.04 37.28
C TRP E 188 -13.70 -29.09 36.24
N VAL E 189 -13.04 -28.96 35.08
CA VAL E 189 -13.57 -28.08 34.05
C VAL E 189 -14.98 -28.52 33.65
N HIS E 190 -15.12 -29.79 33.31
CA HIS E 190 -16.41 -30.33 32.91
C HIS E 190 -17.49 -30.22 34.00
N GLN E 191 -17.09 -30.34 35.25
CA GLN E 191 -18.05 -30.15 36.33
C GLN E 191 -18.51 -28.68 36.40
N TYR E 192 -17.54 -27.78 36.46
CA TYR E 192 -17.80 -26.34 36.61
C TYR E 192 -18.41 -25.68 35.38
N MET E 193 -18.14 -26.21 34.19
CA MET E 193 -18.68 -25.65 32.95
C MET E 193 -19.06 -26.75 31.96
N PRO E 194 -20.23 -27.37 32.17
CA PRO E 194 -20.66 -28.53 31.39
C PRO E 194 -20.89 -28.22 29.92
N ASN E 195 -21.15 -26.98 29.56
CA ASN E 195 -21.26 -26.67 28.14
C ASN E 195 -20.35 -25.51 27.71
N PHE E 196 -19.33 -25.82 26.90
CA PHE E 196 -18.42 -24.79 26.40
C PHE E 196 -17.69 -25.12 25.11
N TYR E 197 -17.22 -24.09 24.43
CA TYR E 197 -16.53 -24.20 23.16
C TYR E 197 -15.22 -23.42 23.19
N ASP E 198 -14.21 -23.95 22.52
CA ASP E 198 -13.02 -23.16 22.22
C ASP E 198 -13.18 -22.63 20.80
N LEU E 199 -13.37 -21.31 20.68
CA LEU E 199 -13.58 -20.68 19.39
C LEU E 199 -12.38 -20.90 18.51
N ASN E 200 -11.20 -20.96 19.13
CA ASN E 200 -9.95 -21.13 18.42
C ASN E 200 -9.90 -22.47 17.73
N LEU E 201 -10.44 -23.49 18.39
CA LEU E 201 -10.46 -24.81 17.79
C LEU E 201 -11.54 -24.94 16.71
N VAL E 202 -12.73 -24.40 16.96
CA VAL E 202 -13.78 -24.46 15.95
C VAL E 202 -13.32 -23.73 14.69
N TYR E 203 -12.70 -22.57 14.87
CA TYR E 203 -12.20 -21.81 13.75
C TYR E 203 -11.11 -22.62 13.04
N LYS E 204 -10.16 -23.18 13.79
CA LYS E 204 -9.13 -24.04 13.20
C LYS E 204 -9.79 -25.04 12.28
N ILE E 205 -10.60 -25.90 12.86
CA ILE E 205 -11.34 -26.89 12.09
C ILE E 205 -12.02 -26.33 10.83
N ILE E 206 -12.71 -25.21 10.98
CA ILE E 206 -13.38 -24.61 9.84
C ILE E 206 -12.39 -24.21 8.73
N GLN E 207 -11.36 -23.44 9.08
CA GLN E 207 -10.34 -23.01 8.14
C GLN E 207 -9.64 -24.20 7.50
N GLU E 208 -9.76 -25.36 8.14
CA GLU E 208 -9.08 -26.55 7.64
C GLU E 208 -9.87 -27.36 6.60
N PHE E 209 -11.13 -27.02 6.40
CA PHE E 209 -11.79 -27.32 5.13
C PHE E 209 -11.57 -26.09 4.26
N LYS E 210 -11.18 -26.28 3.00
CA LYS E 210 -10.50 -25.22 2.26
C LYS E 210 -8.99 -25.24 2.56
N ASN E 211 -8.53 -26.30 3.22
CA ASN E 211 -7.08 -26.52 3.39
C ASN E 211 -6.67 -28.00 3.26
N GLN E 225 -2.29 -15.86 11.82
CA GLN E 225 -2.60 -17.28 11.98
C GLN E 225 -4.12 -17.52 12.10
N TYR E 226 -4.49 -18.24 13.16
CA TYR E 226 -5.88 -18.42 13.59
C TYR E 226 -6.27 -17.37 14.62
N SER E 227 -5.44 -16.33 14.76
CA SER E 227 -5.65 -15.27 15.73
C SER E 227 -7.09 -14.76 15.67
N LEU E 228 -7.66 -14.52 16.84
CA LEU E 228 -9.03 -14.08 16.88
C LEU E 228 -9.25 -12.88 15.95
N THR E 229 -8.25 -12.01 15.83
CA THR E 229 -8.43 -10.79 15.07
C THR E 229 -8.60 -11.09 13.60
N THR E 230 -8.05 -12.22 13.19
CA THR E 230 -8.28 -12.71 11.84
C THR E 230 -9.74 -13.12 11.68
N LEU E 231 -10.19 -14.02 12.55
CA LEU E 231 -11.58 -14.46 12.53
C LEU E 231 -12.52 -13.25 12.54
N ALA E 232 -12.11 -12.24 13.29
CA ALA E 232 -12.91 -11.04 13.49
C ALA E 232 -12.96 -10.25 12.19
N ASP E 233 -11.82 -10.21 11.50
CA ASP E 233 -11.70 -9.43 10.29
C ASP E 233 -12.50 -10.06 9.18
N GLU E 234 -12.42 -11.38 9.11
CA GLU E 234 -13.18 -12.14 8.12
C GLU E 234 -14.67 -12.06 8.41
N LEU E 235 -15.02 -11.96 9.69
CA LEU E 235 -16.41 -11.78 10.09
C LEU E 235 -17.00 -10.38 9.81
N GLY E 236 -16.14 -9.40 9.58
CA GLY E 236 -16.59 -8.07 9.21
C GLY E 236 -16.45 -6.98 10.25
N LEU E 237 -15.90 -7.33 11.40
CA LEU E 237 -15.80 -6.36 12.47
C LEU E 237 -14.63 -5.39 12.34
N PRO E 238 -14.92 -4.09 12.46
CA PRO E 238 -13.93 -3.02 12.49
C PRO E 238 -12.97 -3.30 13.62
N ARG E 239 -11.80 -2.67 13.65
CA ARG E 239 -10.99 -2.83 14.84
C ARG E 239 -11.15 -1.63 15.76
N PHE E 240 -11.97 -1.82 16.79
CA PHE E 240 -12.29 -0.74 17.68
C PHE E 240 -11.29 -0.84 18.82
N SER E 241 -10.80 0.31 19.28
CA SER E 241 -9.86 0.34 20.39
C SER E 241 -10.35 -0.57 21.52
N ILE E 242 -11.64 -0.50 21.82
CA ILE E 242 -12.26 -1.27 22.90
C ILE E 242 -11.89 -2.76 22.88
N PHE E 243 -11.69 -3.32 21.69
CA PHE E 243 -11.43 -4.75 21.56
C PHE E 243 -10.06 -5.19 22.08
N THR E 244 -9.15 -4.25 22.30
CA THR E 244 -7.85 -4.62 22.81
C THR E 244 -7.83 -4.83 24.34
N THR E 245 -8.81 -4.25 25.06
CA THR E 245 -8.93 -4.42 26.51
C THR E 245 -9.25 -5.87 26.82
N THR E 246 -9.03 -6.31 28.05
CA THR E 246 -9.38 -7.68 28.41
C THR E 246 -10.90 -7.91 28.26
N GLY E 247 -11.67 -6.95 28.76
CA GLY E 247 -13.09 -7.02 28.62
C GLY E 247 -13.38 -7.04 27.15
N GLY E 248 -12.81 -6.06 26.45
CA GLY E 248 -13.00 -5.94 25.03
C GLY E 248 -12.75 -7.28 24.37
N GLN E 249 -11.76 -8.00 24.89
CA GLN E 249 -11.37 -9.30 24.36
C GLN E 249 -12.50 -10.32 24.47
N SER E 250 -13.06 -10.41 25.67
CA SER E 250 -14.24 -11.28 25.87
C SER E 250 -15.37 -10.88 24.90
N LEU E 251 -15.59 -9.57 24.80
CA LEU E 251 -16.59 -9.01 23.89
C LEU E 251 -16.35 -9.55 22.48
N LEU E 252 -15.15 -9.31 21.96
CA LEU E 252 -14.81 -9.71 20.59
C LEU E 252 -14.97 -11.20 20.34
N MET E 253 -14.56 -12.00 21.30
CA MET E 253 -14.67 -13.42 21.07
C MET E 253 -16.12 -13.89 21.12
N LEU E 254 -16.95 -13.19 21.90
CA LEU E 254 -18.40 -13.49 21.92
C LEU E 254 -19.13 -13.09 20.63
N LEU E 255 -18.93 -11.83 20.21
CA LEU E 255 -19.50 -11.36 18.95
C LEU E 255 -19.12 -12.33 17.84
N SER E 256 -17.81 -12.62 17.73
CA SER E 256 -17.27 -13.53 16.71
C SER E 256 -17.93 -14.89 16.76
N PHE E 257 -17.98 -15.48 17.94
CA PHE E 257 -18.55 -16.82 18.06
C PHE E 257 -20.01 -16.86 17.69
N CYS E 258 -20.79 -15.91 18.19
CA CYS E 258 -22.21 -15.85 17.83
C CYS E 258 -22.46 -15.66 16.32
N GLN E 259 -21.82 -14.65 15.72
CA GLN E 259 -21.93 -14.46 14.28
C GLN E 259 -21.62 -15.75 13.53
N LEU E 260 -20.44 -16.30 13.82
CA LEU E 260 -19.98 -17.50 13.13
C LEU E 260 -20.95 -18.65 13.28
N SER E 261 -21.54 -18.78 14.46
CA SER E 261 -22.46 -19.88 14.72
C SER E 261 -23.79 -19.66 14.03
N LYS E 262 -24.15 -18.39 13.81
CA LYS E 262 -25.36 -18.06 13.05
C LYS E 262 -25.18 -18.46 11.60
N LEU E 263 -24.12 -17.93 10.97
CA LEU E 263 -23.89 -18.20 9.56
C LEU E 263 -23.95 -19.69 9.22
N SER E 264 -23.24 -20.50 10.01
CA SER E 264 -23.13 -21.93 9.70
C SER E 264 -24.16 -22.81 10.40
N MET E 265 -25.09 -22.19 11.12
CA MET E 265 -26.04 -22.96 11.91
C MET E 265 -25.28 -23.98 12.73
N HIS E 266 -24.15 -23.54 13.30
CA HIS E 266 -23.25 -24.36 14.11
C HIS E 266 -23.00 -25.73 13.50
N LYS E 267 -22.85 -25.76 12.18
CA LYS E 267 -22.49 -26.94 11.43
C LYS E 267 -21.22 -26.64 10.66
N PHE E 268 -20.29 -27.60 10.65
CA PHE E 268 -19.07 -27.45 9.86
C PHE E 268 -19.41 -27.63 8.38
N PRO E 269 -18.48 -27.26 7.47
CA PRO E 269 -18.75 -27.49 6.05
C PRO E 269 -19.28 -28.90 5.80
N ASN E 270 -18.77 -29.87 6.55
CA ASN E 270 -19.13 -31.27 6.32
C ASN E 270 -20.43 -31.75 6.99
N GLY E 271 -21.14 -30.86 7.68
CA GLY E 271 -22.44 -31.21 8.21
C GLY E 271 -22.50 -31.75 9.64
N THR E 272 -21.35 -32.01 10.26
CA THR E 272 -21.32 -32.36 11.68
C THR E 272 -21.36 -31.09 12.52
N ASP E 273 -22.04 -31.21 13.66
CA ASP E 273 -22.28 -30.07 14.54
C ASP E 273 -21.02 -29.56 15.22
N PHE E 274 -21.02 -28.27 15.55
CA PHE E 274 -19.99 -27.72 16.40
C PHE E 274 -19.91 -28.59 17.66
N ALA E 275 -21.06 -29.15 18.05
CA ALA E 275 -21.22 -29.85 19.33
C ALA E 275 -20.25 -31.02 19.50
N LYS E 276 -19.59 -31.43 18.40
CA LYS E 276 -18.60 -32.51 18.45
C LYS E 276 -17.40 -32.08 19.26
N TYR E 277 -17.01 -30.83 19.09
CA TYR E 277 -15.87 -30.26 19.80
C TYR E 277 -16.21 -29.49 21.08
N GLN E 278 -17.46 -29.59 21.51
CA GLN E 278 -17.80 -29.15 22.85
C GLN E 278 -16.92 -29.88 23.86
N GLY E 279 -16.45 -29.15 24.86
CA GLY E 279 -15.71 -29.72 25.98
C GLY E 279 -14.24 -29.85 25.67
N VAL E 280 -13.90 -29.61 24.42
CA VAL E 280 -12.55 -29.84 23.92
C VAL E 280 -11.67 -28.60 24.07
N ILE E 281 -10.56 -28.74 24.78
CA ILE E 281 -9.68 -27.61 25.09
C ILE E 281 -8.57 -27.33 24.04
N TYR E 282 -7.59 -26.52 24.42
CA TYR E 282 -6.41 -26.21 23.58
C TYR E 282 -6.79 -25.58 22.24
N GLY E 283 -6.10 -25.95 21.17
CA GLY E 283 -6.30 -25.30 19.88
C GLY E 283 -5.02 -25.30 19.06
N PRO F 4 38.07 4.41 -44.43
CA PRO F 4 36.87 5.04 -45.01
C PRO F 4 36.39 4.26 -46.25
N ILE F 5 35.19 3.72 -46.23
CA ILE F 5 34.70 2.91 -47.36
C ILE F 5 33.61 3.61 -48.11
N PHE F 6 33.80 3.74 -49.43
CA PHE F 6 32.88 4.47 -50.30
C PHE F 6 32.21 3.51 -51.25
N LEU F 7 30.92 3.27 -51.06
CA LEU F 7 30.23 2.24 -51.79
C LEU F 7 29.01 2.78 -52.49
N PRO F 8 29.17 3.24 -53.75
CA PRO F 8 28.08 3.89 -54.49
C PRO F 8 26.91 2.94 -54.72
N PRO F 9 25.69 3.47 -54.71
CA PRO F 9 24.52 2.61 -54.87
C PRO F 9 24.72 1.73 -56.08
N PRO F 10 24.19 0.51 -56.05
CA PRO F 10 24.44 -0.44 -57.15
C PRO F 10 24.05 0.08 -58.55
N ASN F 11 22.89 0.71 -58.69
CA ASN F 11 22.49 1.20 -60.00
C ASN F 11 23.55 2.14 -60.55
N TYR F 12 24.29 2.81 -59.66
CA TYR F 12 25.27 3.80 -60.10
C TYR F 12 26.33 3.15 -60.98
N LEU F 13 26.58 1.88 -60.72
CA LEU F 13 27.68 1.15 -61.36
C LEU F 13 27.32 0.55 -62.70
N PHE F 14 26.07 0.70 -63.12
CA PHE F 14 25.60 0.15 -64.39
C PHE F 14 26.02 1.00 -65.59
N VAL F 15 26.79 0.38 -66.49
CA VAL F 15 27.20 1.06 -67.71
C VAL F 15 26.48 0.46 -68.92
N ARG F 16 25.95 1.34 -69.78
CA ARG F 16 25.16 0.94 -70.94
C ARG F 16 26.00 0.99 -72.20
N ASP F 17 26.08 -0.14 -72.91
CA ASP F 17 26.73 -0.16 -74.21
C ASP F 17 25.85 0.47 -75.28
N VAL F 18 26.39 1.44 -76.00
CA VAL F 18 25.63 2.07 -77.07
C VAL F 18 26.23 1.62 -78.40
N TRP F 19 25.38 1.20 -79.31
CA TRP F 19 25.80 0.85 -80.66
C TRP F 19 25.04 1.67 -81.68
N LYS F 20 25.24 1.38 -82.96
CA LYS F 20 24.48 2.04 -84.00
C LYS F 20 23.00 1.83 -83.70
N SER F 21 22.69 0.57 -83.43
CA SER F 21 21.32 0.15 -83.16
C SER F 21 20.57 0.99 -82.09
N ASN F 22 21.17 1.17 -80.92
CA ASN F 22 20.55 1.96 -79.85
C ASN F 22 21.03 3.41 -79.67
N LEU F 23 21.80 3.94 -80.60
CA LEU F 23 22.32 5.30 -80.43
C LEU F 23 21.25 6.35 -80.05
N TYR F 24 20.18 6.42 -80.84
CA TYR F 24 19.26 7.56 -80.75
C TYR F 24 18.45 7.59 -79.48
N SER F 25 18.03 6.40 -79.05
CA SER F 25 17.29 6.30 -77.79
C SER F 25 18.14 6.72 -76.62
N GLU F 26 19.36 6.24 -76.56
CA GLU F 26 20.22 6.57 -75.44
C GLU F 26 20.47 8.04 -75.44
N PHE F 27 20.61 8.61 -76.63
CA PHE F 27 20.86 10.04 -76.70
C PHE F 27 19.64 10.83 -76.24
N ALA F 28 18.45 10.28 -76.48
CA ALA F 28 17.26 10.88 -75.92
C ALA F 28 17.38 10.90 -74.41
N VAL F 29 17.58 9.74 -73.81
CA VAL F 29 17.74 9.69 -72.37
C VAL F 29 18.71 10.74 -71.86
N ILE F 30 19.89 10.80 -72.48
CA ILE F 30 20.94 11.77 -72.11
C ILE F 30 20.41 13.18 -72.15
N ARG F 31 19.78 13.50 -73.28
CA ARG F 31 19.12 14.78 -73.51
C ARG F 31 18.15 15.18 -72.36
N GLN F 32 17.42 14.19 -71.85
CA GLN F 32 16.52 14.39 -70.73
C GLN F 32 17.28 14.67 -69.45
N LEU F 33 18.25 13.81 -69.12
CA LEU F 33 18.94 13.91 -67.83
C LEU F 33 19.80 15.12 -67.68
N VAL F 34 20.31 15.63 -68.80
CA VAL F 34 21.34 16.67 -68.75
C VAL F 34 20.93 17.89 -67.94
N SER F 35 19.64 18.20 -67.99
CA SER F 35 19.16 19.37 -67.28
C SER F 35 19.44 19.17 -65.80
N GLN F 36 18.95 18.07 -65.25
CA GLN F 36 19.05 17.85 -63.82
C GLN F 36 20.44 17.36 -63.40
N TYR F 37 21.02 16.45 -64.18
CA TYR F 37 22.36 15.96 -63.90
C TYR F 37 23.31 16.68 -64.84
N ASN F 38 23.90 17.76 -64.34
CA ASN F 38 24.61 18.71 -65.19
C ASN F 38 26.10 18.54 -65.18
N HIS F 39 26.57 17.50 -64.50
CA HIS F 39 27.98 17.13 -64.51
C HIS F 39 28.20 15.94 -65.43
N VAL F 40 28.96 16.16 -66.50
CA VAL F 40 29.28 15.08 -67.45
C VAL F 40 30.79 14.84 -67.52
N SER F 41 31.17 13.56 -67.45
CA SER F 41 32.57 13.14 -67.51
C SER F 41 32.84 12.34 -68.79
N ILE F 42 34.06 12.48 -69.32
CA ILE F 42 34.38 11.84 -70.60
C ILE F 42 35.66 11.01 -70.58
N SER F 43 35.62 9.84 -71.19
CA SER F 43 36.81 9.04 -71.38
C SER F 43 36.89 8.50 -72.82
N THR F 44 38.10 8.24 -73.33
CA THR F 44 38.21 7.60 -74.65
C THR F 44 39.21 6.47 -74.71
N GLU F 45 39.09 5.66 -75.74
CA GLU F 45 39.98 4.54 -75.96
C GLU F 45 40.36 4.44 -77.43
N PHE F 46 41.67 4.46 -77.68
CA PHE F 46 42.30 4.33 -79.00
C PHE F 46 43.67 3.69 -78.86
N VAL F 47 44.39 3.59 -79.97
CA VAL F 47 45.66 2.85 -80.01
C VAL F 47 46.81 3.56 -79.36
N GLY F 48 46.79 4.89 -79.42
CA GLY F 48 47.83 5.72 -78.85
C GLY F 48 49.17 5.42 -79.47
N THR F 49 49.17 5.05 -80.77
CA THR F 49 50.35 4.45 -81.42
C THR F 49 51.06 5.61 -82.06
N LEU F 50 51.59 6.42 -81.19
CA LEU F 50 51.68 7.78 -81.57
C LEU F 50 52.66 7.90 -82.77
N ALA F 51 52.31 8.69 -83.76
CA ALA F 51 53.31 9.21 -84.67
C ALA F 51 54.02 10.38 -83.95
N ARG F 52 55.32 10.53 -84.19
CA ARG F 52 56.03 11.65 -83.64
C ARG F 52 56.28 12.69 -84.72
N PRO F 53 55.94 13.95 -84.41
CA PRO F 53 56.35 15.10 -85.22
C PRO F 53 57.82 15.50 -84.96
N ILE F 54 58.55 15.88 -86.01
CA ILE F 54 59.93 16.38 -85.88
C ILE F 54 60.07 17.74 -86.52
N GLY F 55 61.14 18.46 -86.20
CA GLY F 55 61.17 19.88 -86.48
C GLY F 55 61.17 20.70 -85.21
N THR F 56 60.82 21.98 -85.31
CA THR F 56 61.04 22.99 -84.26
C THR F 56 60.06 23.06 -83.10
N PHE F 57 58.85 23.54 -83.37
CA PHE F 57 57.94 24.01 -82.31
C PHE F 57 58.49 25.11 -81.37
N ARG F 58 58.12 24.97 -80.08
CA ARG F 58 58.23 26.01 -79.05
C ARG F 58 58.22 25.17 -77.80
N SER F 59 57.90 25.71 -76.64
CA SER F 59 58.23 24.96 -75.42
C SER F 59 57.53 23.60 -75.37
N LYS F 60 57.82 22.81 -74.33
CA LYS F 60 57.38 21.41 -74.29
C LYS F 60 55.90 21.26 -74.57
N VAL F 61 55.14 22.31 -74.29
CA VAL F 61 53.72 22.30 -74.59
C VAL F 61 53.42 22.35 -76.10
N ASP F 62 54.10 23.21 -76.86
CA ASP F 62 53.87 23.24 -78.31
C ASP F 62 54.20 21.87 -78.89
N TYR F 63 55.14 21.17 -78.25
CA TYR F 63 55.49 19.83 -78.69
C TYR F 63 54.43 18.80 -78.32
N HIS F 64 53.97 18.86 -77.07
CA HIS F 64 52.89 18.01 -76.63
C HIS F 64 51.65 18.20 -77.51
N TYR F 65 51.20 19.45 -77.64
CA TYR F 65 50.10 19.76 -78.52
C TYR F 65 50.36 19.22 -79.92
N GLN F 66 51.51 19.53 -80.52
CA GLN F 66 51.81 19.08 -81.89
C GLN F 66 51.69 17.58 -82.07
N THR F 67 52.22 16.85 -81.11
CA THR F 67 52.12 15.39 -81.14
C THR F 67 50.66 14.97 -81.09
N MET F 68 49.93 15.54 -80.12
CA MET F 68 48.53 15.19 -79.95
C MET F 68 47.73 15.48 -81.21
N ARG F 69 47.87 16.70 -81.71
CA ARG F 69 47.28 17.11 -82.96
C ARG F 69 47.47 16.02 -83.98
N ALA F 70 48.73 15.78 -84.35
CA ALA F 70 49.06 14.78 -85.36
C ALA F 70 48.34 13.47 -85.13
N ASN F 71 48.31 13.01 -83.88
CA ASN F 71 47.64 11.75 -83.56
C ASN F 71 46.13 11.70 -83.65
N VAL F 72 45.47 12.73 -83.11
CA VAL F 72 44.03 12.87 -83.21
C VAL F 72 43.67 12.87 -84.69
N ASP F 73 44.49 13.54 -85.47
CA ASP F 73 44.26 13.58 -86.91
C ASP F 73 44.42 12.22 -87.57
N PHE F 74 45.48 11.49 -87.21
CA PHE F 74 45.74 10.19 -87.85
C PHE F 74 44.94 9.02 -87.27
N LEU F 75 44.43 9.17 -86.06
CA LEU F 75 43.77 8.07 -85.38
C LEU F 75 42.27 8.31 -85.21
N ASN F 76 41.54 7.22 -85.00
CA ASN F 76 40.13 7.27 -84.65
C ASN F 76 39.86 6.56 -83.34
N PRO F 77 39.01 7.16 -82.51
CA PRO F 77 38.74 6.55 -81.21
C PRO F 77 37.89 5.30 -81.38
N ILE F 78 38.26 4.23 -80.69
CA ILE F 78 37.47 3.01 -80.73
C ILE F 78 36.24 3.22 -79.86
N GLN F 79 36.46 3.73 -78.65
CA GLN F 79 35.36 3.83 -77.70
C GLN F 79 35.35 5.18 -77.01
N LEU F 80 34.17 5.61 -76.58
CA LEU F 80 34.07 6.83 -75.76
C LEU F 80 33.04 6.64 -74.65
N GLY F 81 33.48 6.75 -73.39
CA GLY F 81 32.58 6.78 -72.25
C GLY F 81 32.09 8.17 -71.81
N LEU F 82 30.84 8.23 -71.34
CA LEU F 82 30.20 9.45 -70.83
C LEU F 82 29.52 9.10 -69.54
N SER F 83 29.61 9.99 -68.56
CA SER F 83 28.83 9.80 -67.33
C SER F 83 28.22 11.09 -66.78
N LEU F 84 26.93 11.05 -66.44
CA LEU F 84 26.25 12.21 -65.87
C LEU F 84 25.91 11.97 -64.41
N SER F 85 25.88 13.05 -63.65
CA SER F 85 25.40 13.00 -62.28
C SER F 85 25.11 14.42 -61.89
N ASP F 86 24.53 14.63 -60.72
CA ASP F 86 24.32 15.99 -60.24
C ASP F 86 25.58 16.42 -59.51
N ALA F 87 25.62 17.67 -59.09
CA ALA F 87 26.86 18.24 -58.64
C ALA F 87 27.34 17.51 -57.40
N ASN F 88 26.41 16.87 -56.68
CA ASN F 88 26.74 16.07 -55.49
C ASN F 88 27.07 14.63 -55.86
N GLY F 89 26.98 14.31 -57.14
CA GLY F 89 27.32 13.00 -57.65
C GLY F 89 26.20 11.98 -57.52
N ASN F 90 24.97 12.50 -57.48
CA ASN F 90 23.78 11.67 -57.53
C ASN F 90 23.40 11.35 -58.96
N LYS F 91 22.88 10.16 -59.13
CA LYS F 91 22.46 9.74 -60.44
C LYS F 91 21.03 9.24 -60.32
N PRO F 92 20.28 9.28 -61.45
CA PRO F 92 18.91 8.77 -61.46
C PRO F 92 18.86 7.36 -60.94
N ASP F 93 17.98 7.11 -59.97
CA ASP F 93 17.85 5.80 -59.34
C ASP F 93 17.30 4.86 -60.38
N ASN F 94 16.82 5.44 -61.48
CA ASN F 94 16.26 4.63 -62.54
C ASN F 94 16.88 4.85 -63.91
N GLY F 95 17.29 3.76 -64.55
CA GLY F 95 17.86 3.84 -65.88
C GLY F 95 19.35 4.08 -65.85
N PRO F 96 20.00 3.93 -67.02
CA PRO F 96 21.46 4.08 -67.10
C PRO F 96 21.88 5.55 -67.01
N SER F 97 22.82 5.86 -66.14
CA SER F 97 23.44 7.18 -66.08
C SER F 97 24.85 7.25 -66.71
N THR F 98 25.33 6.12 -67.23
CA THR F 98 26.67 6.04 -67.84
C THR F 98 26.69 5.24 -69.15
N TRP F 99 27.11 5.88 -70.24
CA TRP F 99 27.12 5.23 -71.54
C TRP F 99 28.51 4.97 -72.04
N GLN F 100 28.66 3.86 -72.75
CA GLN F 100 29.87 3.59 -73.50
C GLN F 100 29.54 3.44 -74.96
N PHE F 101 29.96 4.43 -75.75
CA PHE F 101 29.69 4.46 -77.17
C PHE F 101 30.76 3.72 -77.93
N ASN F 102 30.36 2.72 -78.70
CA ASN F 102 31.30 1.95 -79.52
C ASN F 102 31.25 2.35 -80.98
N PHE F 103 32.27 3.06 -81.43
CA PHE F 103 32.33 3.53 -82.79
C PHE F 103 32.67 2.43 -83.76
N GLU F 104 32.41 2.71 -85.04
CA GLU F 104 32.68 1.77 -86.13
C GLU F 104 34.17 1.78 -86.37
N PHE F 105 34.81 0.63 -86.15
CA PHE F 105 36.25 0.58 -86.22
C PHE F 105 36.71 -0.71 -86.87
N ASP F 106 37.34 -0.59 -88.03
CA ASP F 106 37.79 -1.78 -88.75
C ASP F 106 39.30 -1.88 -88.66
N PRO F 107 39.79 -2.91 -87.95
CA PRO F 107 41.23 -3.09 -87.75
C PRO F 107 41.93 -3.11 -89.08
N LYS F 108 41.34 -3.80 -90.04
CA LYS F 108 41.91 -3.88 -91.37
C LYS F 108 42.05 -2.51 -92.05
N LYS F 109 41.14 -1.58 -91.76
CA LYS F 109 41.16 -0.29 -92.44
C LYS F 109 41.84 0.85 -91.69
N GLU F 110 42.29 0.59 -90.47
CA GLU F 110 42.76 1.67 -89.61
C GLU F 110 44.14 1.40 -89.10
N ILE F 111 44.74 2.35 -88.41
CA ILE F 111 46.12 2.16 -87.95
C ILE F 111 46.12 1.24 -86.74
N MET F 112 46.91 0.18 -86.81
CA MET F 112 47.02 -0.75 -85.68
C MET F 112 48.12 -1.77 -85.89
N SER F 113 48.56 -2.35 -84.77
CA SER F 113 49.68 -3.29 -84.75
C SER F 113 49.17 -4.55 -84.10
N THR F 114 49.36 -5.70 -84.72
CA THR F 114 48.78 -6.91 -84.16
C THR F 114 49.12 -6.95 -82.68
N GLU F 115 50.24 -6.32 -82.32
CA GLU F 115 50.60 -6.12 -80.93
C GLU F 115 49.42 -5.56 -80.20
N SER F 116 49.11 -4.29 -80.50
CA SER F 116 48.05 -3.57 -79.79
C SER F 116 46.64 -4.03 -80.16
N LEU F 117 46.48 -4.70 -81.30
CA LEU F 117 45.21 -5.35 -81.56
C LEU F 117 44.95 -6.43 -80.53
N GLU F 118 45.96 -7.23 -80.22
CA GLU F 118 45.76 -8.31 -79.26
C GLU F 118 45.71 -7.80 -77.85
N LEU F 119 46.54 -6.81 -77.55
CA LEU F 119 46.46 -6.12 -76.28
C LEU F 119 45.02 -5.58 -76.07
N LEU F 120 44.41 -5.05 -77.13
CA LEU F 120 43.06 -4.50 -77.05
C LEU F 120 41.97 -5.56 -77.01
N ARG F 121 42.20 -6.72 -77.61
CA ARG F 121 41.23 -7.79 -77.47
C ARG F 121 41.26 -8.29 -76.04
N LYS F 122 42.46 -8.39 -75.46
CA LYS F 122 42.55 -8.70 -74.05
C LYS F 122 41.80 -7.63 -73.23
N SER F 123 41.96 -6.37 -73.62
CA SER F 123 41.25 -5.26 -72.98
C SER F 123 39.74 -5.49 -72.94
N GLY F 124 39.24 -6.30 -73.87
CA GLY F 124 37.82 -6.52 -73.97
C GLY F 124 37.12 -5.86 -75.14
N ILE F 125 37.86 -5.26 -76.06
CA ILE F 125 37.25 -4.79 -77.29
C ILE F 125 36.90 -5.98 -78.19
N ASN F 126 35.68 -6.02 -78.70
CA ASN F 126 35.28 -7.01 -79.68
C ASN F 126 35.21 -6.32 -81.04
N PHE F 127 36.20 -6.57 -81.89
CA PHE F 127 36.36 -5.78 -83.09
C PHE F 127 35.34 -6.15 -84.17
N GLU F 128 34.72 -7.31 -84.03
CA GLU F 128 33.67 -7.74 -84.96
C GLU F 128 32.48 -6.80 -84.79
N LYS F 129 32.05 -6.70 -83.53
CA LYS F 129 30.92 -5.87 -83.19
C LYS F 129 31.17 -4.44 -83.63
N HIS F 130 32.31 -3.89 -83.23
CA HIS F 130 32.67 -2.55 -83.67
C HIS F 130 32.70 -2.38 -85.18
N GLU F 131 33.00 -3.46 -85.90
CA GLU F 131 33.08 -3.39 -87.35
C GLU F 131 31.70 -3.24 -87.94
N ASN F 132 30.80 -4.14 -87.56
CA ASN F 132 29.42 -4.10 -88.07
C ASN F 132 28.45 -3.14 -87.38
N LEU F 133 28.43 -3.22 -86.05
CA LEU F 133 27.42 -2.53 -85.27
C LEU F 133 27.86 -1.17 -84.73
N GLY F 134 29.03 -0.74 -85.14
CA GLY F 134 29.65 0.44 -84.56
C GLY F 134 28.98 1.73 -84.94
N ILE F 135 28.98 2.67 -84.00
CA ILE F 135 28.35 3.98 -84.20
C ILE F 135 29.09 4.71 -85.27
N ASP F 136 28.36 5.43 -86.11
CA ASP F 136 28.96 6.33 -87.10
C ASP F 136 29.21 7.70 -86.48
N VAL F 137 30.47 8.10 -86.44
CA VAL F 137 30.87 9.28 -85.71
C VAL F 137 30.27 10.58 -86.22
N PHE F 138 29.83 10.60 -87.46
CA PHE F 138 29.10 11.75 -87.95
C PHE F 138 27.76 11.85 -87.21
N GLU F 139 27.00 10.76 -87.23
CA GLU F 139 25.76 10.69 -86.49
C GLU F 139 25.99 11.11 -85.03
N PHE F 140 26.95 10.46 -84.39
CA PHE F 140 27.31 10.81 -83.03
C PHE F 140 27.51 12.31 -82.88
N SER F 141 28.51 12.86 -83.55
CA SER F 141 28.83 14.28 -83.37
C SER F 141 27.57 15.11 -83.47
N GLN F 142 26.72 14.76 -84.42
CA GLN F 142 25.45 15.42 -84.64
C GLN F 142 24.49 15.37 -83.46
N LEU F 143 24.30 14.18 -82.88
CA LEU F 143 23.48 14.06 -81.68
C LEU F 143 24.05 14.82 -80.48
N LEU F 144 25.36 14.76 -80.32
CA LEU F 144 26.03 15.43 -79.22
C LEU F 144 25.95 16.96 -79.34
N MET F 145 25.79 17.47 -80.56
CA MET F 145 25.75 18.92 -80.77
C MET F 145 24.58 19.62 -80.07
N ASP F 146 23.37 19.20 -80.42
CA ASP F 146 22.13 19.80 -79.92
C ASP F 146 21.64 19.16 -78.61
N SER F 147 22.41 18.23 -78.07
CA SER F 147 21.98 17.47 -76.91
C SER F 147 21.83 18.37 -75.68
N GLY F 148 22.65 19.42 -75.63
CA GLY F 148 22.64 20.35 -74.52
C GLY F 148 23.72 20.15 -73.47
N LEU F 149 24.66 19.23 -73.74
CA LEU F 149 25.90 19.10 -72.97
C LEU F 149 26.93 20.16 -73.40
N MET F 150 26.90 20.50 -74.69
CA MET F 150 27.93 21.36 -75.27
C MET F 150 27.50 22.81 -75.24
N MET F 151 28.47 23.67 -75.02
CA MET F 151 28.32 25.12 -75.17
C MET F 151 27.40 25.74 -74.17
N ASP F 152 27.38 25.21 -72.95
CA ASP F 152 26.51 25.74 -71.91
C ASP F 152 27.22 25.84 -70.58
N ASP F 153 27.34 27.06 -70.05
CA ASP F 153 28.00 27.29 -68.77
C ASP F 153 27.41 26.38 -67.72
N SER F 154 26.13 26.03 -67.90
CA SER F 154 25.37 25.21 -66.95
C SER F 154 26.01 23.86 -66.71
N VAL F 155 26.45 23.24 -67.80
CA VAL F 155 27.04 21.92 -67.72
C VAL F 155 28.50 22.03 -67.24
N THR F 156 28.95 21.02 -66.51
CA THR F 156 30.33 20.99 -66.07
C THR F 156 30.96 19.72 -66.61
N TRP F 157 32.06 19.87 -67.36
CA TRP F 157 32.76 18.71 -67.92
C TRP F 157 33.92 18.26 -67.02
N ILE F 158 34.09 16.95 -66.92
CA ILE F 158 35.07 16.37 -66.03
C ILE F 158 35.92 15.42 -66.87
N THR F 159 37.23 15.50 -66.66
CA THR F 159 38.22 14.82 -67.48
C THR F 159 39.41 14.51 -66.62
N TYR F 160 40.16 13.47 -66.99
CA TYR F 160 41.36 13.15 -66.24
C TYR F 160 42.54 13.03 -67.16
N HIS F 161 43.49 13.96 -67.07
CA HIS F 161 44.59 13.92 -68.02
C HIS F 161 43.95 14.05 -69.41
N ALA F 162 43.45 15.25 -69.67
CA ALA F 162 42.46 15.45 -70.72
C ALA F 162 42.98 15.66 -72.14
N ALA F 163 44.28 15.88 -72.31
CA ALA F 163 44.78 16.39 -73.59
C ALA F 163 44.21 15.63 -74.79
N TYR F 164 44.36 14.32 -74.77
CA TYR F 164 43.81 13.51 -75.84
C TYR F 164 42.29 13.38 -75.83
N ASP F 165 41.70 13.09 -74.69
CA ASP F 165 40.26 12.90 -74.63
C ASP F 165 39.56 14.15 -75.18
N LEU F 166 39.99 15.32 -74.72
CA LEU F 166 39.44 16.58 -75.21
C LEU F 166 39.80 16.77 -76.67
N GLY F 167 40.97 16.28 -77.06
CA GLY F 167 41.37 16.37 -78.46
C GLY F 167 40.42 15.64 -79.40
N PHE F 168 40.21 14.35 -79.16
CA PHE F 168 39.21 13.58 -79.88
C PHE F 168 37.82 14.20 -79.81
N LEU F 169 37.39 14.65 -78.63
CA LEU F 169 36.06 15.20 -78.53
C LEU F 169 35.89 16.42 -79.41
N ILE F 170 36.78 17.39 -79.24
CA ILE F 170 36.75 18.59 -80.04
C ILE F 170 36.90 18.31 -81.54
N ASN F 171 37.70 17.30 -81.86
CA ASN F 171 37.91 16.89 -83.25
C ASN F 171 36.62 16.34 -83.85
N ILE F 172 35.86 15.57 -83.06
CA ILE F 172 34.59 15.00 -83.50
C ILE F 172 33.54 16.07 -83.70
N LEU F 173 33.51 17.03 -82.79
CA LEU F 173 32.57 18.14 -82.93
C LEU F 173 32.91 19.06 -84.11
N MET F 174 34.19 19.29 -84.37
CA MET F 174 34.61 20.20 -85.45
C MET F 174 34.43 19.67 -86.86
N ASN F 175 34.43 18.35 -86.99
CA ASN F 175 34.38 17.73 -88.31
C ASN F 175 35.37 18.38 -89.29
N ASP F 176 36.58 18.64 -88.80
CA ASP F 176 37.67 19.28 -89.56
C ASP F 176 39.01 18.94 -88.95
N SER F 177 40.08 19.19 -89.67
CA SER F 177 41.42 18.93 -89.16
C SER F 177 41.74 19.80 -87.94
N MET F 178 42.30 19.19 -86.90
CA MET F 178 42.70 19.91 -85.70
C MET F 178 43.60 21.08 -86.07
N PRO F 179 43.48 22.19 -85.34
CA PRO F 179 44.25 23.44 -85.56
C PRO F 179 45.79 23.34 -85.46
N ASN F 180 46.50 24.28 -86.12
CA ASN F 180 47.98 24.35 -86.16
C ASN F 180 48.63 24.31 -84.81
N ASN F 181 47.94 24.90 -83.86
CA ASN F 181 48.58 25.41 -82.64
C ASN F 181 47.71 25.15 -81.44
N LYS F 182 48.33 25.09 -80.27
CA LYS F 182 47.56 24.93 -79.05
C LYS F 182 46.53 26.06 -78.86
N GLU F 183 46.90 27.31 -79.14
CA GLU F 183 46.02 28.44 -78.91
C GLU F 183 44.59 28.32 -79.53
N ASP F 184 44.51 28.05 -80.83
CA ASP F 184 43.21 27.85 -81.47
C ASP F 184 42.49 26.65 -80.90
N PHE F 185 43.23 25.57 -80.67
CA PHE F 185 42.63 24.36 -80.08
C PHE F 185 41.95 24.70 -78.78
N GLU F 186 42.57 25.60 -78.03
CA GLU F 186 41.98 26.07 -76.80
C GLU F 186 40.79 27.00 -77.00
N TRP F 187 40.84 27.90 -77.97
CA TRP F 187 39.65 28.66 -78.29
C TRP F 187 38.48 27.72 -78.51
N TRP F 188 38.71 26.67 -79.28
CA TRP F 188 37.67 25.68 -79.55
C TRP F 188 37.22 24.94 -78.30
N VAL F 189 38.16 24.53 -77.46
CA VAL F 189 37.78 23.83 -76.23
C VAL F 189 36.91 24.71 -75.36
N HIS F 190 37.38 25.90 -75.09
CA HIS F 190 36.60 26.83 -74.30
C HIS F 190 35.24 27.23 -74.90
N GLN F 191 35.14 27.31 -76.23
CA GLN F 191 33.85 27.54 -76.85
C GLN F 191 32.90 26.35 -76.64
N TYR F 192 33.39 25.17 -77.00
CA TYR F 192 32.59 23.95 -76.93
C TYR F 192 32.26 23.49 -75.50
N MET F 193 33.16 23.76 -74.54
CA MET F 193 32.95 23.35 -73.14
C MET F 193 33.39 24.44 -72.18
N PRO F 194 32.53 25.43 -71.96
CA PRO F 194 32.89 26.62 -71.19
C PRO F 194 33.11 26.34 -69.72
N ASN F 195 32.58 25.24 -69.20
CA ASN F 195 32.93 24.89 -67.82
C ASN F 195 33.44 23.45 -67.69
N PHE F 196 34.73 23.31 -67.36
CA PHE F 196 35.28 21.97 -67.12
C PHE F 196 36.53 21.94 -66.22
N TYR F 197 36.81 20.76 -65.67
CA TYR F 197 37.92 20.57 -64.76
C TYR F 197 38.73 19.37 -65.21
N ASP F 198 40.05 19.43 -65.00
CA ASP F 198 40.87 18.24 -65.14
C ASP F 198 41.09 17.70 -63.74
N LEU F 199 40.50 16.55 -63.44
CA LEU F 199 40.56 15.97 -62.11
C LEU F 199 42.00 15.67 -61.75
N ASN F 200 42.78 15.33 -62.77
CA ASN F 200 44.18 14.97 -62.59
C ASN F 200 44.98 16.17 -62.08
N LEU F 201 44.65 17.36 -62.58
CA LEU F 201 45.32 18.56 -62.11
C LEU F 201 44.86 19.01 -60.72
N VAL F 202 43.56 18.97 -60.46
CA VAL F 202 43.05 19.31 -59.12
C VAL F 202 43.65 18.37 -58.07
N TYR F 203 43.68 17.09 -58.37
CA TYR F 203 44.28 16.12 -57.46
C TYR F 203 45.75 16.42 -57.28
N LYS F 204 46.48 16.65 -58.38
CA LYS F 204 47.90 17.03 -58.29
C LYS F 204 48.04 18.14 -57.26
N ILE F 205 47.45 19.28 -57.57
CA ILE F 205 47.48 20.42 -56.67
C ILE F 205 47.17 20.06 -55.22
N ILE F 206 46.13 19.26 -55.00
CA ILE F 206 45.74 18.87 -53.64
C ILE F 206 46.84 18.05 -52.93
N GLN F 207 47.29 16.98 -53.58
CA GLN F 207 48.39 16.16 -53.06
C GLN F 207 49.66 16.97 -52.83
N GLU F 208 49.75 18.13 -53.48
CA GLU F 208 50.95 18.96 -53.35
C GLU F 208 50.95 19.92 -52.17
N PHE F 209 49.82 20.07 -51.50
CA PHE F 209 49.84 20.52 -50.10
C PHE F 209 49.90 19.23 -49.27
N LYS F 210 50.78 19.19 -48.28
CA LYS F 210 51.26 17.90 -47.76
C LYS F 210 52.44 17.38 -48.59
N ASN F 211 52.99 18.24 -49.45
CA ASN F 211 54.23 17.94 -50.16
C ASN F 211 55.17 19.14 -50.33
N GLN F 225 51.31 6.87 -58.94
CA GLN F 225 51.48 8.32 -59.07
C GLN F 225 50.22 9.09 -58.63
N TYR F 226 49.76 9.96 -59.52
CA TYR F 226 48.49 10.65 -59.41
C TYR F 226 47.39 9.89 -60.13
N SER F 227 47.67 8.65 -60.49
CA SER F 227 46.73 7.79 -61.22
C SER F 227 45.35 7.84 -60.59
N LEU F 228 44.33 7.89 -61.43
CA LEU F 228 42.98 8.01 -60.94
C LEU F 228 42.69 6.94 -59.91
N THR F 229 43.27 5.74 -60.10
CA THR F 229 42.97 4.60 -59.22
C THR F 229 43.49 4.83 -57.81
N THR F 230 44.55 5.64 -57.73
CA THR F 230 45.03 6.10 -56.44
C THR F 230 43.98 7.01 -55.80
N LEU F 231 43.59 8.07 -56.52
CA LEU F 231 42.58 8.99 -56.00
C LEU F 231 41.34 8.20 -55.57
N ALA F 232 41.06 7.14 -56.31
CA ALA F 232 39.87 6.33 -56.11
C ALA F 232 39.99 5.53 -54.83
N ASP F 233 41.19 5.00 -54.62
CA ASP F 233 41.48 4.17 -53.47
C ASP F 233 41.44 5.00 -52.21
N GLU F 234 42.04 6.20 -52.27
CA GLU F 234 42.04 7.12 -51.15
C GLU F 234 40.63 7.62 -50.86
N LEU F 235 39.81 7.71 -51.91
CA LEU F 235 38.42 8.10 -51.74
C LEU F 235 37.52 7.01 -51.13
N GLY F 236 37.99 5.76 -51.17
CA GLY F 236 37.28 4.64 -50.55
C GLY F 236 36.61 3.65 -51.49
N LEU F 237 36.76 3.86 -52.79
CA LEU F 237 36.06 3.01 -53.74
C LEU F 237 36.76 1.68 -53.97
N PRO F 238 36.00 0.57 -53.86
CA PRO F 238 36.44 -0.79 -54.18
C PRO F 238 36.94 -0.79 -55.61
N ARG F 239 37.71 -1.79 -56.01
CA ARG F 239 37.99 -1.87 -57.45
C ARG F 239 37.08 -2.88 -58.14
N PHE F 240 36.06 -2.35 -58.79
CA PHE F 240 35.05 -3.17 -59.42
C PHE F 240 35.50 -3.35 -60.85
N SER F 241 35.33 -4.56 -61.37
CA SER F 241 35.71 -4.86 -62.73
C SER F 241 35.21 -3.75 -63.68
N ILE F 242 33.97 -3.31 -63.45
CA ILE F 242 33.33 -2.31 -64.29
C ILE F 242 34.17 -1.06 -64.51
N PHE F 243 35.02 -0.72 -63.54
CA PHE F 243 35.81 0.51 -63.63
C PHE F 243 36.93 0.45 -64.67
N THR F 244 37.26 -0.74 -65.13
CA THR F 244 38.32 -0.84 -66.13
C THR F 244 37.85 -0.52 -67.57
N THR F 245 36.54 -0.68 -67.83
CA THR F 245 35.96 -0.38 -69.14
C THR F 245 36.08 1.10 -69.41
N THR F 246 35.92 1.52 -70.66
CA THR F 246 36.02 2.94 -70.97
C THR F 246 34.89 3.69 -70.28
N GLY F 247 33.69 3.11 -70.39
CA GLY F 247 32.53 3.69 -69.74
C GLY F 247 32.86 3.72 -68.27
N GLY F 248 33.23 2.56 -67.75
CA GLY F 248 33.59 2.44 -66.35
C GLY F 248 34.55 3.55 -65.96
N GLN F 249 35.44 3.90 -66.87
CA GLN F 249 36.45 4.91 -66.62
C GLN F 249 35.80 6.26 -66.37
N SER F 250 34.88 6.63 -67.26
CA SER F 250 34.15 7.90 -67.09
C SER F 250 33.40 7.88 -65.75
N LEU F 251 32.78 6.74 -65.47
CA LEU F 251 32.08 6.53 -64.20
C LEU F 251 33.01 6.85 -63.03
N LEU F 252 34.10 6.10 -62.93
CA LEU F 252 35.08 6.28 -61.86
C LEU F 252 35.57 7.73 -61.71
N MET F 253 35.85 8.39 -62.82
CA MET F 253 36.38 9.72 -62.65
C MET F 253 35.28 10.68 -62.19
N LEU F 254 34.03 10.37 -62.54
CA LEU F 254 32.91 11.19 -62.06
C LEU F 254 32.60 10.99 -60.57
N LEU F 255 32.45 9.73 -60.15
CA LEU F 255 32.28 9.42 -58.73
C LEU F 255 33.38 10.12 -57.92
N SER F 256 34.63 9.94 -58.36
CA SER F 256 35.80 10.49 -57.68
C SER F 256 35.71 11.99 -57.58
N PHE F 257 35.45 12.64 -58.72
CA PHE F 257 35.42 14.09 -58.70
C PHE F 257 34.32 14.68 -57.84
N CYS F 258 33.13 14.11 -57.95
CA CYS F 258 32.03 14.52 -57.06
C CYS F 258 32.33 14.34 -55.57
N GLN F 259 32.73 13.13 -55.16
CA GLN F 259 33.10 12.89 -53.77
C GLN F 259 34.13 13.90 -53.28
N LEU F 260 35.21 14.02 -54.03
CA LEU F 260 36.30 14.91 -53.67
C LEU F 260 35.82 16.37 -53.53
N SER F 261 34.93 16.79 -54.43
CA SER F 261 34.43 18.16 -54.41
C SER F 261 33.46 18.38 -53.25
N LYS F 262 32.77 17.33 -52.82
CA LYS F 262 31.92 17.42 -51.64
C LYS F 262 32.79 17.63 -50.42
N LEU F 263 33.72 16.70 -50.18
CA LEU F 263 34.56 16.76 -48.98
C LEU F 263 35.17 18.15 -48.76
N SER F 264 35.76 18.72 -49.81
CA SER F 264 36.51 19.96 -49.66
C SER F 264 35.68 21.20 -49.98
N MET F 265 34.39 21.02 -50.26
CA MET F 265 33.58 22.14 -50.70
C MET F 265 34.28 22.85 -51.86
N HIS F 266 34.85 22.06 -52.76
CA HIS F 266 35.62 22.56 -53.92
C HIS F 266 36.57 23.70 -53.55
N LYS F 267 37.20 23.56 -52.39
CA LYS F 267 38.21 24.48 -51.94
C LYS F 267 39.49 23.66 -51.68
N PHE F 268 40.63 24.22 -52.07
CA PHE F 268 41.91 23.59 -51.79
C PHE F 268 42.24 23.78 -50.30
N PRO F 269 43.24 23.05 -49.79
CA PRO F 269 43.63 23.27 -48.39
C PRO F 269 43.78 24.76 -48.07
N ASN F 270 44.28 25.54 -49.03
CA ASN F 270 44.56 26.95 -48.80
C ASN F 270 43.39 27.91 -48.99
N GLY F 271 42.21 27.38 -49.30
CA GLY F 271 41.02 28.22 -49.32
C GLY F 271 40.61 28.84 -50.65
N THR F 272 41.47 28.70 -51.67
CA THR F 272 41.09 29.12 -53.02
C THR F 272 40.28 28.03 -53.68
N ASP F 273 39.30 28.44 -54.47
CA ASP F 273 38.36 27.53 -55.11
C ASP F 273 39.02 26.65 -56.18
N PHE F 274 38.44 25.46 -56.38
CA PHE F 274 38.81 24.63 -57.52
C PHE F 274 38.70 25.50 -58.78
N ALA F 275 37.78 26.47 -58.76
CA ALA F 275 37.42 27.25 -59.94
C ALA F 275 38.60 28.00 -60.54
N LYS F 276 39.70 28.07 -59.79
CA LYS F 276 40.91 28.71 -60.29
C LYS F 276 41.48 27.94 -61.48
N TYR F 277 41.44 26.63 -61.37
CA TYR F 277 41.95 25.76 -62.41
C TYR F 277 40.89 25.24 -63.38
N GLN F 278 39.70 25.80 -63.31
CA GLN F 278 38.75 25.61 -64.39
C GLN F 278 39.38 26.04 -65.73
N GLY F 279 39.13 25.27 -66.78
CA GLY F 279 39.58 25.60 -68.12
C GLY F 279 40.99 25.14 -68.40
N VAL F 280 41.66 24.73 -67.34
CA VAL F 280 43.08 24.39 -67.40
C VAL F 280 43.32 22.92 -67.76
N ILE F 281 44.07 22.71 -68.83
CA ILE F 281 44.28 21.36 -69.34
C ILE F 281 45.53 20.62 -68.78
N TYR F 282 45.92 19.53 -69.44
CA TYR F 282 47.12 18.75 -69.07
C TYR F 282 47.05 18.23 -67.64
N GLY F 283 48.19 18.25 -66.94
CA GLY F 283 48.29 17.64 -65.62
C GLY F 283 49.69 17.10 -65.35
N GLN G 8 15.96 23.49 39.05
CA GLN G 8 16.43 22.51 38.06
C GLN G 8 16.76 21.17 38.73
N GLU G 9 16.44 20.07 38.04
CA GLU G 9 16.69 18.73 38.57
C GLU G 9 18.17 18.35 38.60
N MET G 10 18.61 17.86 39.76
CA MET G 10 20.00 17.48 39.98
C MET G 10 20.18 15.98 39.85
N ILE G 11 21.33 15.56 39.35
CA ILE G 11 21.66 14.14 39.35
C ILE G 11 22.84 13.91 40.28
N PRO G 12 22.94 12.69 40.82
CA PRO G 12 24.08 12.37 41.67
C PRO G 12 25.36 12.41 40.85
N LEU G 13 26.48 12.74 41.48
CA LEU G 13 27.77 12.75 40.80
C LEU G 13 28.67 11.74 41.46
N LYS G 14 29.06 10.68 40.75
CA LYS G 14 29.88 9.61 41.34
C LYS G 14 31.27 10.07 41.81
N PHE G 15 31.98 10.77 40.93
CA PHE G 15 33.39 11.05 41.16
C PHE G 15 33.82 12.44 41.66
N PHE G 16 32.83 13.28 41.98
CA PHE G 16 33.07 14.65 42.45
C PHE G 16 32.54 14.77 43.87
N ALA G 17 33.32 15.28 44.82
CA ALA G 17 32.78 15.55 46.15
C ALA G 17 33.52 16.64 46.95
N VAL G 18 32.77 17.32 47.82
CA VAL G 18 33.32 18.43 48.60
C VAL G 18 33.30 18.01 50.06
N ASP G 19 34.37 18.33 50.79
CA ASP G 19 34.35 18.03 52.22
C ASP G 19 34.10 19.31 52.99
N GLU G 20 33.91 19.17 54.29
CA GLU G 20 33.77 20.32 55.16
C GLU G 20 35.15 20.90 55.31
N VAL G 21 35.25 22.15 55.73
CA VAL G 21 36.53 22.68 56.16
C VAL G 21 36.59 22.35 57.65
N SER G 22 37.74 21.87 58.12
CA SER G 22 37.80 21.50 59.53
C SER G 22 38.46 22.61 60.30
N CYS G 23 37.63 23.35 61.04
CA CYS G 23 38.11 24.34 61.98
C CYS G 23 37.00 24.61 62.98
N GLN G 24 37.38 25.09 64.15
CA GLN G 24 36.42 25.39 65.20
C GLN G 24 36.02 26.86 65.14
N ILE G 25 36.65 27.61 64.25
CA ILE G 25 36.44 29.05 64.19
C ILE G 25 35.10 29.31 63.55
N ASN G 26 34.25 30.04 64.27
CA ASN G 26 32.90 30.30 63.80
C ASN G 26 32.85 31.34 62.73
N GLN G 27 32.32 30.96 61.58
CA GLN G 27 32.29 31.83 60.42
C GLN G 27 31.08 32.78 60.42
N GLU G 28 31.35 34.05 60.18
CA GLU G 28 30.32 35.06 60.16
C GLU G 28 30.36 35.72 58.80
N GLY G 29 29.30 36.44 58.46
CA GLY G 29 29.34 37.37 57.35
C GLY G 29 30.14 38.56 57.84
N ALA G 30 30.24 39.62 57.05
CA ALA G 30 30.97 40.78 57.49
C ALA G 30 30.04 41.98 57.59
N PRO G 31 30.30 42.86 58.55
CA PRO G 31 29.55 44.10 58.75
C PRO G 31 29.93 45.11 57.69
N LYS G 32 29.13 46.18 57.54
CA LYS G 32 29.32 47.12 56.45
C LYS G 32 30.79 47.53 56.28
N ASP G 33 31.48 47.80 57.38
CA ASP G 33 32.83 48.35 57.32
C ASP G 33 33.88 47.36 56.83
N VAL G 34 33.74 46.10 57.23
CA VAL G 34 34.66 45.07 56.76
C VAL G 34 34.46 44.91 55.25
N VAL G 35 33.22 44.71 54.82
CA VAL G 35 32.93 44.61 53.39
C VAL G 35 33.54 45.78 52.65
N GLU G 36 33.39 46.98 53.21
CA GLU G 36 33.95 48.17 52.62
C GLU G 36 35.46 48.08 52.43
N LYS G 37 36.20 47.98 53.54
CA LYS G 37 37.65 47.89 53.49
C LYS G 37 38.13 46.82 52.51
N VAL G 38 37.48 45.65 52.57
CA VAL G 38 37.82 44.53 51.71
C VAL G 38 37.62 44.83 50.23
N LEU G 39 36.44 45.32 49.84
CA LEU G 39 36.17 45.64 48.42
C LEU G 39 37.02 46.80 47.91
N PHE G 40 37.39 47.71 48.81
CA PHE G 40 38.38 48.74 48.50
C PHE G 40 39.69 48.08 48.11
N VAL G 41 40.20 47.18 48.96
CA VAL G 41 41.44 46.48 48.65
C VAL G 41 41.37 45.71 47.36
N LEU G 42 40.30 44.95 47.18
CA LEU G 42 40.13 44.13 46.00
C LEU G 42 40.01 44.92 44.70
N ASN G 43 39.40 46.09 44.76
CA ASN G 43 39.19 46.90 43.55
C ASN G 43 40.40 47.74 43.13
N ASN G 44 41.20 48.16 44.11
CA ASN G 44 42.38 48.98 43.85
C ASN G 44 43.69 48.21 43.68
N VAL G 45 43.63 46.89 43.62
CA VAL G 45 44.84 46.09 43.56
C VAL G 45 45.42 45.93 42.15
N THR G 46 46.73 46.14 42.05
CA THR G 46 47.49 45.93 40.82
C THR G 46 48.58 44.96 41.17
N LEU G 47 49.18 44.33 40.17
CA LEU G 47 50.23 43.37 40.45
C LEU G 47 51.33 43.99 41.30
N ALA G 48 51.59 45.27 41.13
CA ALA G 48 52.69 45.92 41.82
C ALA G 48 52.44 46.21 43.30
N ASN G 49 51.26 46.75 43.61
CA ASN G 49 50.94 47.12 44.99
C ASN G 49 50.56 45.94 45.87
N LEU G 50 50.46 44.76 45.25
CA LEU G 50 49.88 43.58 45.87
C LEU G 50 50.35 43.41 47.31
N ASN G 51 51.64 43.21 47.49
CA ASN G 51 52.16 42.93 48.82
C ASN G 51 51.61 43.85 49.89
N ASN G 52 51.66 45.16 49.65
CA ASN G 52 51.10 46.08 50.63
C ASN G 52 49.57 46.00 50.78
N LYS G 53 48.85 46.15 49.67
CA LYS G 53 47.40 46.12 49.69
C LYS G 53 46.93 44.95 50.53
N VAL G 54 47.58 43.81 50.32
CA VAL G 54 47.28 42.61 51.06
C VAL G 54 47.72 42.76 52.51
N ASP G 55 48.84 43.42 52.76
CA ASP G 55 49.25 43.64 54.13
C ASP G 55 48.12 44.30 54.91
N GLU G 56 47.40 45.21 54.25
CA GLU G 56 46.24 45.87 54.87
C GLU G 56 45.03 44.95 54.97
N LEU G 57 44.73 44.27 53.86
CA LEU G 57 43.66 43.29 53.82
C LEU G 57 43.76 42.36 55.03
N LYS G 58 44.99 41.98 55.40
CA LYS G 58 45.23 41.08 56.52
C LYS G 58 44.80 41.71 57.84
N LYS G 59 44.83 43.02 57.91
CA LYS G 59 44.40 43.72 59.12
C LYS G 59 42.89 43.80 59.15
N SER G 60 42.27 43.96 57.99
CA SER G 60 40.81 44.01 57.95
C SER G 60 40.14 42.63 58.05
N LEU G 61 40.63 41.67 57.29
CA LEU G 61 39.92 40.41 57.09
C LEU G 61 40.48 39.31 57.98
N THR G 62 39.73 39.02 59.04
CA THR G 62 40.12 38.01 60.02
C THR G 62 39.51 36.65 59.64
N PRO G 63 40.10 35.55 60.13
CA PRO G 63 39.75 34.18 59.75
C PRO G 63 38.27 33.87 59.84
N ASN G 64 37.59 34.41 60.84
CA ASN G 64 36.13 34.24 60.95
C ASN G 64 35.39 34.73 59.71
N TYR G 65 36.02 35.62 58.96
CA TYR G 65 35.43 36.15 57.74
C TYR G 65 35.80 35.36 56.46
N PHE G 66 36.78 34.46 56.57
CA PHE G 66 37.27 33.78 55.37
C PHE G 66 36.13 33.15 54.57
N SER G 67 35.30 32.38 55.25
CA SER G 67 34.23 31.66 54.56
C SER G 67 33.41 32.58 53.69
N TRP G 68 33.24 33.82 54.15
CA TRP G 68 32.53 34.84 53.38
C TRP G 68 33.32 35.36 52.20
N PHE G 69 34.56 35.80 52.47
CA PHE G 69 35.39 36.40 51.45
C PHE G 69 35.41 35.45 50.26
N SER G 70 35.73 34.20 50.54
CA SER G 70 35.77 33.19 49.49
C SER G 70 34.50 33.21 48.67
N THR G 71 33.37 33.00 49.34
CA THR G 71 32.07 32.88 48.66
C THR G 71 31.79 34.12 47.80
N TYR G 72 32.27 35.27 48.25
CA TYR G 72 32.13 36.47 47.44
C TYR G 72 33.04 36.32 46.24
N LEU G 73 34.35 36.29 46.51
CA LEU G 73 35.37 36.36 45.47
C LEU G 73 35.15 35.34 44.36
N VAL G 74 34.71 34.14 44.71
CA VAL G 74 34.46 33.13 43.71
C VAL G 74 33.22 33.46 42.87
N THR G 75 32.10 33.71 43.53
CA THR G 75 30.81 33.82 42.84
C THR G 75 30.61 35.19 42.21
N GLN G 76 31.14 36.22 42.87
CA GLN G 76 31.04 37.59 42.34
C GLN G 76 32.10 37.92 41.30
N ARG G 77 33.34 37.50 41.54
CA ARG G 77 34.45 37.87 40.68
C ARG G 77 34.97 36.71 39.83
N ALA G 78 35.63 35.76 40.47
CA ALA G 78 36.32 34.71 39.75
C ALA G 78 35.44 34.05 38.70
N LYS G 79 34.18 33.86 39.03
CA LYS G 79 33.29 33.15 38.12
C LYS G 79 33.11 33.84 36.78
N THR G 80 32.92 35.17 36.82
CA THR G 80 32.72 35.99 35.62
C THR G 80 33.93 36.76 35.02
N GLU G 81 35.05 36.85 35.74
CA GLU G 81 36.15 37.73 35.31
C GLU G 81 37.50 37.01 35.13
N PRO G 82 37.59 36.09 34.15
CA PRO G 82 38.79 35.26 33.95
C PRO G 82 40.10 36.04 33.95
N ASN G 83 40.14 37.19 33.29
CA ASN G 83 41.36 37.95 33.21
C ASN G 83 42.06 38.05 34.56
N TYR G 84 41.27 38.24 35.61
CA TYR G 84 41.83 38.61 36.89
C TYR G 84 42.21 37.45 37.77
N HIS G 85 41.99 36.23 37.27
CA HIS G 85 42.32 35.03 38.02
C HIS G 85 43.73 35.11 38.58
N ASP G 86 44.70 35.31 37.69
CA ASP G 86 46.09 35.38 38.14
C ASP G 86 46.19 36.35 39.31
N LEU G 87 45.72 37.57 39.10
CA LEU G 87 45.80 38.60 40.13
C LEU G 87 45.23 38.09 41.46
N TYR G 88 43.99 37.62 41.43
CA TYR G 88 43.31 37.22 42.65
C TYR G 88 44.05 36.06 43.27
N SER G 89 44.56 35.16 42.41
CA SER G 89 45.38 34.04 42.87
C SER G 89 46.52 34.61 43.70
N LYS G 90 47.26 35.53 43.11
CA LYS G 90 48.38 36.15 43.80
C LYS G 90 47.97 36.82 45.12
N VAL G 91 46.73 37.31 45.19
CA VAL G 91 46.22 37.90 46.44
C VAL G 91 46.09 36.79 47.48
N ILE G 92 45.41 35.72 47.11
CA ILE G 92 45.19 34.62 48.04
C ILE G 92 46.53 34.15 48.58
N VAL G 93 47.44 33.79 47.68
CA VAL G 93 48.79 33.35 48.06
C VAL G 93 49.48 34.33 49.02
N ALA G 94 49.24 35.61 48.79
CA ALA G 94 49.89 36.63 49.58
C ALA G 94 49.38 36.62 51.01
N MET G 95 48.08 36.36 51.19
CA MET G 95 47.47 36.27 52.52
C MET G 95 48.27 35.32 53.39
N GLY G 96 48.61 34.17 52.81
CA GLY G 96 49.41 33.18 53.48
C GLY G 96 48.62 32.37 54.49
N SER G 97 47.32 32.24 54.25
CA SER G 97 46.47 31.43 55.13
C SER G 97 46.00 30.15 54.47
N GLY G 98 46.38 29.02 55.04
CA GLY G 98 45.98 27.73 54.52
C GLY G 98 44.48 27.55 54.64
N LEU G 99 43.92 28.16 55.67
CA LEU G 99 42.48 28.05 55.92
C LEU G 99 41.70 28.81 54.85
N LEU G 100 42.17 30.01 54.53
CA LEU G 100 41.53 30.82 53.50
C LEU G 100 41.55 30.09 52.16
N HIS G 101 42.68 29.47 51.86
CA HIS G 101 42.86 28.72 50.63
C HIS G 101 41.89 27.54 50.60
N GLN G 102 41.83 26.83 51.73
CA GLN G 102 40.90 25.72 51.89
C GLN G 102 39.50 26.18 51.55
N PHE G 103 39.11 27.31 52.10
CA PHE G 103 37.80 27.89 51.82
C PHE G 103 37.57 28.19 50.33
N MET G 104 38.51 28.91 49.70
CA MET G 104 38.43 29.21 48.26
C MET G 104 38.20 27.96 47.41
N VAL G 105 39.04 26.97 47.63
CA VAL G 105 38.91 25.74 46.86
C VAL G 105 37.54 25.12 47.14
N ASN G 106 37.12 25.15 48.39
CA ASN G 106 35.85 24.56 48.82
C ASN G 106 34.65 25.16 48.07
N VAL G 107 34.62 26.49 48.04
CA VAL G 107 33.58 27.21 47.32
C VAL G 107 33.60 26.85 45.84
N THR G 108 34.76 27.05 45.22
CA THR G 108 34.93 26.75 43.80
C THR G 108 34.38 25.36 43.48
N LEU G 109 34.70 24.41 44.35
CA LEU G 109 34.31 23.01 44.19
C LEU G 109 32.81 22.88 44.28
N ARG G 110 32.19 23.59 45.21
CA ARG G 110 30.74 23.53 45.35
C ARG G 110 30.04 24.02 44.10
N GLN G 111 30.34 25.26 43.72
CA GLN G 111 29.74 25.85 42.53
C GLN G 111 29.88 24.90 41.35
N LEU G 112 31.10 24.41 41.19
CA LEU G 112 31.40 23.46 40.14
C LEU G 112 30.49 22.24 40.25
N PHE G 113 30.24 21.79 41.48
CA PHE G 113 29.40 20.63 41.72
C PHE G 113 27.99 20.89 41.20
N VAL G 114 27.45 22.03 41.57
CA VAL G 114 26.16 22.43 41.09
C VAL G 114 26.10 22.38 39.56
N LEU G 115 27.00 23.08 38.89
CA LEU G 115 26.96 23.07 37.43
C LEU G 115 26.98 21.65 36.89
N LEU G 116 27.98 20.86 37.32
CA LEU G 116 28.19 19.52 36.77
C LEU G 116 27.05 18.54 37.03
N SER G 117 26.26 18.80 38.07
CA SER G 117 25.14 17.92 38.39
C SER G 117 23.78 18.39 37.86
N THR G 118 23.75 19.55 37.21
CA THR G 118 22.54 20.03 36.53
C THR G 118 22.13 19.00 35.48
N LYS G 119 20.86 18.55 35.52
CA LYS G 119 20.43 17.48 34.60
C LYS G 119 20.23 17.92 33.15
N ASP G 120 19.76 19.15 32.94
CA ASP G 120 19.57 19.63 31.58
C ASP G 120 20.79 20.36 31.06
N GLU G 121 21.45 19.77 30.07
CA GLU G 121 22.69 20.31 29.52
C GLU G 121 22.56 21.78 29.13
N GLN G 122 21.57 22.11 28.32
CA GLN G 122 21.38 23.47 27.84
C GLN G 122 21.13 24.47 28.98
N ALA G 123 20.86 23.95 30.18
CA ALA G 123 20.56 24.78 31.34
C ALA G 123 21.82 25.32 32.03
N ILE G 124 22.97 24.75 31.74
CA ILE G 124 24.21 25.15 32.39
C ILE G 124 24.98 26.17 31.58
N ASP G 125 25.36 27.27 32.24
CA ASP G 125 26.13 28.32 31.57
C ASP G 125 27.58 27.87 31.47
N LYS G 126 28.05 27.67 30.24
CA LYS G 126 29.37 27.09 30.05
C LYS G 126 30.49 28.11 30.23
N LYS G 127 30.13 29.39 30.22
CA LYS G 127 31.10 30.46 30.43
C LYS G 127 31.53 30.41 31.89
N HIS G 128 30.56 30.16 32.76
CA HIS G 128 30.81 30.08 34.18
C HIS G 128 31.49 28.76 34.54
N LEU G 129 31.06 27.68 33.88
CA LEU G 129 31.73 26.39 34.06
C LEU G 129 33.22 26.52 33.72
N LYS G 130 33.50 27.02 32.53
CA LYS G 130 34.88 27.22 32.12
C LYS G 130 35.64 28.16 33.06
N ASN G 131 35.08 29.31 33.35
CA ASN G 131 35.77 30.27 34.22
C ASN G 131 36.14 29.64 35.56
N LEU G 132 35.24 28.81 36.07
CA LEU G 132 35.41 28.21 37.39
C LEU G 132 36.41 27.08 37.40
N ALA G 133 36.43 26.30 36.31
CA ALA G 133 37.43 25.26 36.16
C ALA G 133 38.83 25.86 36.07
N SER G 134 38.95 26.89 35.23
CA SER G 134 40.18 27.64 35.12
C SER G 134 40.59 28.24 36.47
N TRP G 135 39.61 28.67 37.26
CA TRP G 135 39.89 29.20 38.59
C TRP G 135 40.42 28.13 39.57
N LEU G 136 39.78 26.96 39.55
CA LEU G 136 40.24 25.85 40.36
C LEU G 136 41.68 25.51 40.01
N GLY G 137 41.94 25.27 38.73
CA GLY G 137 43.30 25.03 38.28
C GLY G 137 44.23 26.12 38.77
N CYS G 138 43.79 27.37 38.67
CA CYS G 138 44.64 28.49 38.99
C CYS G 138 45.06 28.54 40.46
N ILE G 139 44.18 28.11 41.37
CA ILE G 139 44.55 28.08 42.78
C ILE G 139 45.06 26.72 43.26
N THR G 140 45.10 25.75 42.37
CA THR G 140 45.63 24.44 42.79
C THR G 140 46.83 23.94 41.94
N LEU G 141 46.57 23.41 40.76
CA LEU G 141 47.64 22.81 40.00
C LEU G 141 48.72 23.83 39.74
N ALA G 142 48.34 25.00 39.28
CA ALA G 142 49.32 26.00 38.89
C ALA G 142 50.18 26.42 40.07
N LEU G 143 49.73 26.10 41.28
CA LEU G 143 50.44 26.45 42.52
C LEU G 143 51.29 25.33 43.09
N ASN G 144 51.45 24.24 42.32
CA ASN G 144 52.18 23.07 42.81
C ASN G 144 51.50 22.49 44.04
N LYS G 145 50.17 22.64 44.09
CA LYS G 145 49.35 21.92 45.04
C LYS G 145 48.42 21.04 44.23
N PRO G 146 48.17 19.82 44.72
CA PRO G 146 47.36 18.81 44.04
C PRO G 146 45.89 19.00 44.23
N ILE G 147 45.12 18.45 43.32
CA ILE G 147 43.70 18.27 43.55
C ILE G 147 43.56 16.84 44.05
N LYS G 148 43.01 16.68 45.25
CA LYS G 148 42.92 15.35 45.83
C LYS G 148 41.91 14.51 45.05
N HIS G 149 42.15 13.20 45.01
CA HIS G 149 41.32 12.29 44.26
C HIS G 149 39.93 12.21 44.84
N LYS G 150 39.84 12.38 46.16
CA LYS G 150 38.55 12.34 46.86
C LYS G 150 37.65 13.51 46.48
N ASN G 151 38.26 14.64 46.08
CA ASN G 151 37.54 15.79 45.56
C ASN G 151 37.07 15.63 44.11
N ILE G 152 38.00 15.45 43.19
CA ILE G 152 37.65 15.14 41.81
C ILE G 152 38.52 14.01 41.28
N ALA G 153 37.90 12.93 40.84
CA ALA G 153 38.65 11.85 40.18
C ALA G 153 38.46 11.97 38.69
N PHE G 154 39.48 12.42 37.97
CA PHE G 154 39.32 12.85 36.58
C PHE G 154 39.11 11.66 35.65
N ARG G 155 40.10 10.80 35.50
CA ARG G 155 39.93 9.70 34.58
C ARG G 155 38.58 9.00 34.77
N GLU G 156 38.24 8.67 36.01
CA GLU G 156 36.95 8.03 36.30
C GLU G 156 35.81 8.90 35.79
N MET G 157 35.79 10.15 36.22
CA MET G 157 34.76 11.11 35.85
C MET G 157 34.57 11.20 34.32
N LEU G 158 35.68 11.05 33.58
CA LEU G 158 35.68 11.12 32.12
C LEU G 158 34.99 9.89 31.56
N ILE G 159 35.44 8.73 31.99
CA ILE G 159 34.80 7.50 31.55
C ILE G 159 33.29 7.47 31.88
N GLU G 160 32.95 7.94 33.08
CA GLU G 160 31.56 8.03 33.51
C GLU G 160 30.80 8.91 32.56
N ALA G 161 31.38 10.08 32.27
CA ALA G 161 30.79 11.04 31.33
C ALA G 161 30.56 10.45 29.95
N TYR G 162 31.49 9.63 29.48
CA TYR G 162 31.35 8.93 28.21
C TYR G 162 30.20 7.92 28.24
N LYS G 163 30.02 7.21 29.35
CA LYS G 163 28.87 6.29 29.45
C LYS G 163 27.53 7.00 29.74
N GLU G 164 27.60 8.23 30.21
CA GLU G 164 26.40 9.02 30.47
C GLU G 164 26.06 10.03 29.37
N ASN G 165 26.88 10.10 28.33
CA ASN G 165 26.73 11.12 27.29
C ASN G 165 26.82 12.53 27.86
N ARG G 166 27.53 12.63 28.97
CA ARG G 166 27.77 13.90 29.62
C ARG G 166 29.09 14.52 29.20
N LEU G 167 29.76 13.91 28.22
CA LEU G 167 31.12 14.34 27.84
C LEU G 167 31.22 15.84 27.49
N GLU G 168 30.11 16.43 27.10
CA GLU G 168 30.12 17.83 26.68
C GLU G 168 30.24 18.86 27.81
N ILE G 169 29.74 18.52 29.00
CA ILE G 169 29.99 19.35 30.19
C ILE G 169 31.32 19.04 30.88
N VAL G 170 31.64 17.76 30.99
CA VAL G 170 32.88 17.33 31.65
C VAL G 170 34.17 17.72 30.90
N VAL G 171 34.20 17.52 29.59
CA VAL G 171 35.45 17.72 28.85
C VAL G 171 36.03 19.13 28.93
N PRO G 172 35.21 20.17 28.75
CA PRO G 172 35.76 21.51 28.95
C PRO G 172 36.22 21.74 30.40
N PHE G 173 35.44 21.21 31.34
CA PHE G 173 35.69 21.31 32.77
C PHE G 173 37.06 20.75 33.11
N VAL G 174 37.35 19.55 32.62
CA VAL G 174 38.66 18.95 32.81
C VAL G 174 39.76 19.76 32.13
N THR G 175 39.61 20.00 30.83
CA THR G 175 40.64 20.68 30.05
C THR G 175 40.91 22.11 30.51
N LYS G 176 39.90 22.74 31.10
CA LYS G 176 40.12 24.08 31.63
C LYS G 176 40.92 24.03 32.93
N ILE G 177 40.73 22.96 33.70
CA ILE G 177 41.48 22.79 34.94
C ILE G 177 42.93 22.40 34.64
N LEU G 178 43.09 21.35 33.84
CA LEU G 178 44.40 20.87 33.43
C LEU G 178 45.26 21.93 32.76
N GLN G 179 44.64 22.82 32.00
CA GLN G 179 45.38 23.77 31.18
C GLN G 179 46.22 24.67 32.06
N ARG G 180 46.03 24.57 33.36
CA ARG G 180 46.81 25.37 34.29
C ARG G 180 48.05 24.61 34.75
N ALA G 181 48.12 23.34 34.39
CA ALA G 181 49.25 22.51 34.81
C ALA G 181 50.56 22.96 34.15
N SER G 182 50.44 23.80 33.12
CA SER G 182 51.58 24.23 32.34
C SER G 182 52.32 25.39 32.99
N GLU G 183 51.77 25.89 34.08
CA GLU G 183 52.45 26.90 34.89
C GLU G 183 53.17 26.23 36.04
N SER G 184 53.06 24.91 36.11
CA SER G 184 53.52 24.15 37.27
C SER G 184 54.74 23.31 36.94
N LYS G 185 55.85 23.56 37.63
CA LYS G 185 57.03 22.71 37.41
C LYS G 185 56.66 21.28 37.76
N ILE G 186 55.76 21.13 38.73
CA ILE G 186 55.35 19.82 39.19
C ILE G 186 54.33 19.09 38.31
N PHE G 187 53.31 19.80 37.83
CA PHE G 187 52.21 19.12 37.11
C PHE G 187 52.28 19.05 35.59
N LYS G 188 53.19 19.79 34.98
CA LYS G 188 53.32 19.71 33.54
C LYS G 188 53.90 18.36 33.17
N PRO G 189 53.60 17.86 31.96
CA PRO G 189 54.23 16.60 31.54
C PRO G 189 55.76 16.67 31.73
N PRO G 190 56.38 15.51 31.98
CA PRO G 190 55.71 14.21 31.97
C PRO G 190 55.18 13.82 33.35
N ASN G 191 54.46 14.70 34.03
CA ASN G 191 53.90 14.30 35.30
C ASN G 191 52.89 13.18 35.09
N PRO G 192 53.22 11.98 35.57
CA PRO G 192 52.50 10.76 35.18
C PRO G 192 51.00 10.92 35.35
N TRP G 193 50.61 11.84 36.24
CA TRP G 193 49.21 12.08 36.57
C TRP G 193 48.60 12.84 35.40
N THR G 194 49.15 14.03 35.16
CA THR G 194 48.72 14.88 34.06
C THR G 194 48.64 14.07 32.79
N VAL G 195 49.66 13.23 32.59
CA VAL G 195 49.80 12.49 31.37
C VAL G 195 48.78 11.39 31.27
N GLY G 196 48.55 10.67 32.35
CA GLY G 196 47.51 9.65 32.31
C GLY G 196 46.20 10.26 31.82
N ILE G 197 45.90 11.44 32.36
CA ILE G 197 44.68 12.13 31.95
C ILE G 197 44.75 12.43 30.47
N LEU G 198 45.84 13.06 30.04
CA LEU G 198 46.00 13.42 28.64
C LEU G 198 45.73 12.23 27.73
N LYS G 199 46.32 11.09 28.05
CA LYS G 199 46.16 9.85 27.29
C LYS G 199 44.71 9.42 27.22
N LEU G 200 43.97 9.53 28.32
CA LEU G 200 42.54 9.20 28.24
C LEU G 200 41.77 10.17 27.34
N LEU G 201 42.10 11.46 27.44
CA LEU G 201 41.48 12.46 26.60
C LEU G 201 41.78 12.18 25.11
N ILE G 202 43.00 11.76 24.82
CA ILE G 202 43.40 11.46 23.46
C ILE G 202 42.59 10.26 22.96
N GLU G 203 42.52 9.23 23.79
CA GLU G 203 41.73 8.04 23.48
C GLU G 203 40.25 8.37 23.19
N LEU G 204 39.70 9.35 23.91
CA LEU G 204 38.34 9.77 23.64
C LEU G 204 38.30 10.51 22.30
N ASN G 205 39.30 11.36 22.06
CA ASN G 205 39.35 12.14 20.83
C ASN G 205 39.50 11.29 19.56
N GLU G 206 39.81 10.02 19.74
CA GLU G 206 39.49 9.10 18.66
C GLU G 206 38.11 8.47 18.89
N LYS G 207 38.04 7.56 19.87
CA LYS G 207 36.93 6.61 19.98
C LYS G 207 35.54 7.18 20.33
N ALA G 208 35.47 8.48 20.60
CA ALA G 208 34.22 9.07 21.08
C ALA G 208 33.22 9.37 19.98
N ASN G 209 33.73 9.77 18.81
CA ASN G 209 32.89 10.33 17.76
C ASN G 209 32.06 11.42 18.39
N TRP G 210 32.71 12.30 19.14
CA TRP G 210 31.98 13.38 19.78
C TRP G 210 32.02 14.63 18.87
N LYS G 211 31.30 15.68 19.24
CA LYS G 211 31.25 16.90 18.42
C LYS G 211 32.62 17.57 18.37
N LEU G 212 32.80 18.44 17.40
CA LEU G 212 34.15 18.94 17.10
C LEU G 212 34.63 20.03 18.06
N SER G 213 33.70 20.67 18.76
CA SER G 213 34.10 21.62 19.79
C SER G 213 35.03 20.91 20.78
N LEU G 214 34.62 19.72 21.22
CA LEU G 214 35.40 18.91 22.15
C LEU G 214 36.82 18.68 21.63
N THR G 215 36.91 18.18 20.40
CA THR G 215 38.22 17.95 19.76
C THR G 215 39.06 19.21 19.82
N PHE G 216 38.44 20.34 19.49
CA PHE G 216 39.15 21.60 19.59
C PHE G 216 39.66 21.87 21.00
N GLU G 217 38.88 21.47 22.01
CA GLU G 217 39.34 21.65 23.40
C GLU G 217 40.52 20.76 23.78
N VAL G 218 40.44 19.48 23.44
CA VAL G 218 41.54 18.55 23.69
C VAL G 218 42.79 19.06 23.03
N GLU G 219 42.61 19.60 21.84
CA GLU G 219 43.73 20.13 21.05
C GLU G 219 44.34 21.41 21.63
N VAL G 220 43.51 22.30 22.16
CA VAL G 220 44.05 23.50 22.81
C VAL G 220 44.82 23.14 24.09
N LEU G 221 44.24 22.24 24.89
CA LEU G 221 44.91 21.79 26.10
C LEU G 221 46.27 21.23 25.69
N LEU G 222 46.26 20.28 24.76
CA LEU G 222 47.51 19.65 24.34
C LEU G 222 48.47 20.72 23.79
N LYS G 223 47.89 21.73 23.14
CA LYS G 223 48.65 22.87 22.63
C LYS G 223 49.44 23.54 23.77
N SER G 224 48.78 23.80 24.89
CA SER G 224 49.42 24.53 25.98
C SER G 224 50.65 23.83 26.53
N PHE G 225 50.78 22.53 26.27
CA PHE G 225 51.95 21.79 26.70
C PHE G 225 53.00 21.64 25.58
N ASN G 226 52.68 22.23 24.43
CA ASN G 226 53.47 22.03 23.21
C ASN G 226 53.46 20.58 22.75
N LEU G 227 52.28 19.99 22.72
CA LEU G 227 52.09 18.66 22.17
C LEU G 227 50.88 18.64 21.20
N THR G 228 50.77 17.54 20.47
CA THR G 228 49.74 17.35 19.46
C THR G 228 49.07 16.05 19.85
N THR G 229 47.93 15.76 19.25
CA THR G 229 47.24 14.52 19.59
C THR G 229 48.12 13.35 19.20
N LYS G 230 49.22 13.64 18.52
CA LYS G 230 50.17 12.61 18.10
C LYS G 230 51.20 12.29 19.18
N SER G 231 51.32 13.18 20.16
CA SER G 231 52.42 13.11 21.15
C SER G 231 52.44 11.88 22.07
N LEU G 232 51.28 11.43 22.52
CA LEU G 232 51.24 10.30 23.46
C LEU G 232 50.29 9.22 22.94
N LYS G 233 50.65 7.97 23.19
CA LYS G 233 49.75 6.86 22.88
C LYS G 233 48.47 6.95 23.73
N PRO G 234 47.30 6.95 23.07
CA PRO G 234 46.05 6.94 23.83
C PRO G 234 46.00 5.72 24.73
N SER G 235 45.17 5.77 25.76
CA SER G 235 45.06 4.67 26.70
C SER G 235 44.03 3.65 26.23
N ASN G 236 43.79 2.64 27.08
CA ASN G 236 42.85 1.57 26.75
C ASN G 236 41.45 1.64 27.36
N PHE G 237 41.17 2.72 28.08
CA PHE G 237 40.01 2.74 28.98
C PHE G 237 38.66 2.77 28.28
N ILE G 238 38.64 3.14 27.01
CA ILE G 238 37.35 3.10 26.34
C ILE G 238 37.27 1.84 25.51
N ASN G 239 36.52 0.87 26.01
CA ASN G 239 36.20 -0.32 25.23
C ASN G 239 35.02 0.07 24.33
N THR G 240 34.91 -0.58 23.18
CA THR G 240 33.88 -0.23 22.20
C THR G 240 33.57 -1.39 21.25
N GLN H 8 -23.13 -23.18 -0.24
CA GLN H 8 -23.53 -21.85 -0.69
C GLN H 8 -23.23 -20.78 0.35
N GLU H 9 -22.79 -19.60 -0.10
CA GLU H 9 -22.47 -18.49 0.80
C GLU H 9 -23.71 -17.87 1.47
N MET H 10 -23.64 -17.70 2.78
CA MET H 10 -24.74 -17.17 3.56
C MET H 10 -24.50 -15.71 3.89
N ILE H 11 -25.57 -14.93 3.94
CA ILE H 11 -25.46 -13.56 4.43
C ILE H 11 -26.21 -13.42 5.75
N PRO H 12 -25.78 -12.47 6.58
CA PRO H 12 -26.47 -12.24 7.85
C PRO H 12 -27.88 -11.75 7.56
N LEU H 13 -28.83 -12.05 8.44
CA LEU H 13 -30.20 -11.55 8.29
C LEU H 13 -30.54 -10.67 9.47
N LYS H 14 -30.74 -9.38 9.23
CA LYS H 14 -31.02 -8.44 10.32
C LYS H 14 -32.30 -8.73 11.10
N PHE H 15 -33.41 -8.94 10.39
CA PHE H 15 -34.72 -9.01 11.03
C PHE H 15 -35.38 -10.37 11.30
N PHE H 16 -34.67 -11.43 11.01
CA PHE H 16 -35.16 -12.79 11.18
C PHE H 16 -34.30 -13.50 12.22
N ALA H 17 -34.91 -14.19 13.19
CA ALA H 17 -34.12 -15.00 14.13
C ALA H 17 -34.89 -16.12 14.81
N VAL H 18 -34.17 -17.17 15.17
CA VAL H 18 -34.78 -18.33 15.82
C VAL H 18 -34.24 -18.44 17.22
N ASP H 19 -35.10 -18.75 18.19
CA ASP H 19 -34.61 -18.97 19.55
C ASP H 19 -34.55 -20.46 19.84
N GLU H 20 -33.99 -20.81 20.98
CA GLU H 20 -33.96 -22.18 21.40
C GLU H 20 -35.35 -22.50 21.91
N VAL H 21 -35.71 -23.77 21.97
CA VAL H 21 -36.92 -24.14 22.68
C VAL H 21 -36.48 -24.32 24.11
N SER H 22 -37.26 -23.82 25.06
CA SER H 22 -36.82 -23.95 26.44
C SER H 22 -37.54 -25.13 27.08
N CYS H 23 -36.79 -26.21 27.28
CA CYS H 23 -37.26 -27.33 28.06
C CYS H 23 -36.05 -28.13 28.50
N GLN H 24 -36.22 -28.91 29.55
CA GLN H 24 -35.13 -29.73 30.06
C GLN H 24 -35.23 -31.14 29.50
N ILE H 25 -36.28 -31.39 28.72
CA ILE H 25 -36.53 -32.72 28.20
C ILE H 25 -35.54 -33.02 27.10
N ASN H 26 -34.77 -34.08 27.27
CA ASN H 26 -33.74 -34.45 26.31
C ASN H 26 -34.34 -35.08 25.07
N GLN H 27 -34.04 -34.44 23.94
CA GLN H 27 -34.58 -34.85 22.64
C GLN H 27 -33.77 -35.96 21.98
N GLU H 28 -34.47 -37.01 21.54
CA GLU H 28 -33.83 -38.14 20.90
C GLU H 28 -34.44 -38.27 19.52
N GLY H 29 -33.77 -39.02 18.65
CA GLY H 29 -34.40 -39.48 17.42
C GLY H 29 -35.32 -40.61 17.86
N ALA H 30 -35.96 -41.28 16.91
CA ALA H 30 -36.84 -42.38 17.28
C ALA H 30 -36.31 -43.69 16.75
N PRO H 31 -36.55 -44.78 17.50
CA PRO H 31 -36.21 -46.14 17.07
C PRO H 31 -37.15 -46.63 15.97
N LYS H 32 -36.78 -47.70 15.29
CA LYS H 32 -37.52 -48.16 14.13
C LYS H 32 -39.03 -48.19 14.39
N ASP H 33 -39.43 -48.71 15.56
CA ASP H 33 -40.86 -48.91 15.84
C ASP H 33 -41.66 -47.61 16.03
N VAL H 34 -41.03 -46.62 16.66
CA VAL H 34 -41.68 -45.32 16.82
C VAL H 34 -41.89 -44.71 15.45
N VAL H 35 -40.81 -44.61 14.67
CA VAL H 35 -40.91 -44.10 13.30
C VAL H 35 -42.03 -44.80 12.54
N GLU H 36 -42.09 -46.12 12.69
CA GLU H 36 -43.13 -46.92 12.05
C GLU H 36 -44.53 -46.43 12.47
N LYS H 37 -44.85 -46.59 13.75
CA LYS H 37 -46.18 -46.24 14.27
C LYS H 37 -46.57 -44.82 13.81
N VAL H 38 -45.61 -43.91 13.89
CA VAL H 38 -45.81 -42.51 13.53
C VAL H 38 -46.14 -42.32 12.04
N LEU H 39 -45.32 -42.87 11.16
CA LEU H 39 -45.56 -42.73 9.72
C LEU H 39 -46.83 -43.46 9.27
N PHE H 40 -47.16 -44.55 9.94
CA PHE H 40 -48.46 -45.18 9.77
C PHE H 40 -49.59 -44.18 10.06
N VAL H 41 -49.55 -43.56 11.24
CA VAL H 41 -50.57 -42.56 11.59
C VAL H 41 -50.66 -41.40 10.59
N LEU H 42 -49.50 -40.85 10.24
CA LEU H 42 -49.39 -39.73 9.31
C LEU H 42 -49.89 -40.02 7.91
N ASN H 43 -49.65 -41.24 7.44
CA ASN H 43 -50.05 -41.63 6.09
C ASN H 43 -51.53 -42.01 5.93
N ASN H 44 -52.11 -42.57 6.98
CA ASN H 44 -53.50 -43.02 6.93
C ASN H 44 -54.52 -42.00 7.43
N VAL H 45 -54.07 -40.77 7.69
CA VAL H 45 -54.95 -39.79 8.29
C VAL H 45 -55.84 -39.06 7.28
N THR H 46 -57.13 -38.97 7.61
CA THR H 46 -58.11 -38.21 6.84
C THR H 46 -58.73 -37.20 7.79
N LEU H 47 -59.37 -36.17 7.25
CA LEU H 47 -59.95 -35.15 8.11
C LEU H 47 -60.90 -35.78 9.13
N ALA H 48 -61.55 -36.87 8.74
CA ALA H 48 -62.57 -37.48 9.60
C ALA H 48 -62.03 -38.32 10.75
N ASN H 49 -61.03 -39.16 10.48
CA ASN H 49 -60.47 -40.04 11.51
C ASN H 49 -59.52 -39.32 12.48
N LEU H 50 -59.24 -38.05 12.17
CA LEU H 50 -58.17 -37.29 12.84
C LEU H 50 -58.16 -37.52 14.34
N ASN H 51 -59.24 -37.14 15.01
CA ASN H 51 -59.26 -37.21 16.46
C ASN H 51 -58.74 -38.55 16.99
N ASN H 52 -59.24 -39.65 16.46
CA ASN H 52 -58.75 -40.95 16.92
C ASN H 52 -57.28 -41.23 16.53
N LYS H 53 -56.99 -41.14 15.24
CA LYS H 53 -55.63 -41.41 14.74
C LYS H 53 -54.63 -40.70 15.64
N VAL H 54 -54.96 -39.46 15.99
CA VAL H 54 -54.11 -38.63 16.84
C VAL H 54 -54.13 -39.17 18.25
N ASP H 55 -55.28 -39.63 18.71
CA ASP H 55 -55.34 -40.25 20.03
C ASP H 55 -54.29 -41.37 20.16
N GLU H 56 -54.08 -42.11 19.08
CA GLU H 56 -53.04 -43.16 19.04
C GLU H 56 -51.64 -42.57 18.94
N LEU H 57 -51.48 -41.64 18.01
CA LEU H 57 -50.22 -40.94 17.84
C LEU H 57 -49.69 -40.45 19.20
N LYS H 58 -50.59 -39.96 20.06
CA LYS H 58 -50.25 -39.48 21.40
C LYS H 58 -49.66 -40.58 22.29
N LYS H 59 -50.10 -41.82 22.05
CA LYS H 59 -49.56 -42.95 22.79
C LYS H 59 -48.19 -43.34 22.25
N SER H 60 -48.00 -43.21 20.94
CA SER H 60 -46.70 -43.53 20.34
C SER H 60 -45.65 -42.44 20.58
N LEU H 61 -46.02 -41.19 20.31
CA LEU H 61 -45.05 -40.11 20.20
C LEU H 61 -44.99 -39.28 21.48
N THR H 62 -43.92 -39.52 22.23
CA THR H 62 -43.68 -38.86 23.50
C THR H 62 -42.83 -37.61 23.30
N PRO H 63 -42.92 -36.64 24.24
CA PRO H 63 -42.29 -35.33 24.14
C PRO H 63 -40.82 -35.36 23.74
N ASN H 64 -40.08 -36.34 24.24
CA ASN H 64 -38.68 -36.50 23.89
C ASN H 64 -38.48 -36.71 22.39
N TYR H 65 -39.53 -37.14 21.71
CA TYR H 65 -39.48 -37.31 20.26
C TYR H 65 -39.95 -36.09 19.45
N PHE H 66 -40.55 -35.11 20.12
CA PHE H 66 -41.10 -33.96 19.41
C PHE H 66 -40.09 -33.33 18.44
N SER H 67 -38.92 -32.99 18.94
CA SER H 67 -37.93 -32.33 18.12
C SER H 67 -37.70 -33.07 16.81
N TRP H 68 -37.75 -34.39 16.87
CA TRP H 68 -37.62 -35.18 15.66
C TRP H 68 -38.85 -35.09 14.74
N PHE H 69 -40.02 -35.36 15.31
CA PHE H 69 -41.26 -35.40 14.52
C PHE H 69 -41.32 -34.14 13.69
N SER H 70 -41.20 -33.01 14.37
CA SER H 70 -41.21 -31.73 13.72
C SER H 70 -40.26 -31.74 12.53
N THR H 71 -38.97 -31.95 12.79
CA THR H 71 -37.97 -31.88 11.74
C THR H 71 -38.34 -32.75 10.55
N TYR H 72 -38.91 -33.92 10.83
CA TYR H 72 -39.42 -34.77 9.75
C TYR H 72 -40.52 -34.00 9.00
N LEU H 73 -41.63 -33.83 9.71
CA LEU H 73 -42.87 -33.35 9.14
C LEU H 73 -42.69 -32.07 8.33
N VAL H 74 -41.81 -31.19 8.80
CA VAL H 74 -41.59 -29.96 8.06
C VAL H 74 -40.77 -30.20 6.79
N THR H 75 -39.63 -30.89 6.94
CA THR H 75 -38.68 -31.01 5.83
C THR H 75 -39.09 -32.09 4.83
N GLN H 76 -39.68 -33.16 5.34
CA GLN H 76 -40.14 -34.27 4.50
C GLN H 76 -41.50 -34.02 3.84
N ARG H 77 -42.43 -33.46 4.61
CA ARG H 77 -43.81 -33.29 4.13
C ARG H 77 -44.19 -31.84 3.85
N ALA H 78 -44.34 -31.06 4.91
CA ALA H 78 -44.88 -29.71 4.78
C ALA H 78 -44.19 -28.93 3.68
N LYS H 79 -42.87 -29.12 3.56
CA LYS H 79 -42.07 -28.33 2.62
C LYS H 79 -42.48 -28.56 1.16
N THR H 80 -42.68 -29.82 0.80
CA THR H 80 -43.09 -30.21 -0.54
C THR H 80 -44.58 -30.48 -0.83
N GLU H 81 -45.42 -30.58 0.19
CA GLU H 81 -46.81 -31.02 -0.04
C GLU H 81 -47.88 -30.04 0.44
N PRO H 82 -47.95 -28.85 -0.17
CA PRO H 82 -48.84 -27.79 0.30
C PRO H 82 -50.27 -28.25 0.59
N ASN H 83 -50.82 -29.10 -0.28
CA ASN H 83 -52.21 -29.51 -0.14
C ASN H 83 -52.52 -29.93 1.29
N TYR H 84 -51.57 -30.61 1.90
CA TYR H 84 -51.82 -31.27 3.17
C TYR H 84 -51.57 -30.41 4.40
N HIS H 85 -51.16 -29.17 4.17
CA HIS H 85 -50.90 -28.25 5.26
C HIS H 85 -52.06 -28.25 6.23
N ASP H 86 -53.26 -27.94 5.74
CA ASP H 86 -54.42 -27.87 6.64
C ASP H 86 -54.48 -29.12 7.48
N LEU H 87 -54.46 -30.27 6.81
CA LEU H 87 -54.55 -31.55 7.50
C LEU H 87 -53.53 -31.64 8.62
N TYR H 88 -52.25 -31.46 8.27
CA TYR H 88 -51.18 -31.61 9.23
C TYR H 88 -51.34 -30.60 10.34
N SER H 89 -51.76 -29.40 9.97
CA SER H 89 -52.05 -28.36 10.95
C SER H 89 -53.03 -28.95 11.97
N LYS H 90 -54.15 -29.46 11.48
CA LYS H 90 -55.17 -30.05 12.33
C LYS H 90 -54.62 -31.19 13.19
N VAL H 91 -53.63 -31.92 12.68
CA VAL H 91 -52.97 -32.95 13.48
C VAL H 91 -52.24 -32.33 14.66
N ILE H 92 -51.38 -31.36 14.36
CA ILE H 92 -50.62 -30.68 15.39
C ILE H 92 -51.57 -30.16 16.48
N VAL H 93 -52.55 -29.37 16.07
CA VAL H 93 -53.52 -28.82 17.00
C VAL H 93 -54.18 -29.91 17.85
N ALA H 94 -54.41 -31.06 17.22
CA ALA H 94 -55.07 -32.16 17.91
C ALA H 94 -54.20 -32.73 19.04
N MET H 95 -52.89 -32.80 18.81
CA MET H 95 -51.96 -33.27 19.84
C MET H 95 -52.16 -32.51 21.13
N GLY H 96 -52.35 -31.19 21.02
CA GLY H 96 -52.58 -30.34 22.16
C GLY H 96 -51.33 -30.10 22.98
N SER H 97 -50.17 -30.17 22.35
CA SER H 97 -48.91 -29.89 23.04
C SER H 97 -48.28 -28.57 22.59
N GLY H 98 -48.17 -27.63 23.52
CA GLY H 98 -47.53 -26.36 23.23
C GLY H 98 -46.07 -26.53 22.86
N LEU H 99 -45.42 -27.53 23.44
CA LEU H 99 -44.01 -27.84 23.18
C LEU H 99 -43.81 -28.34 21.76
N LEU H 100 -44.66 -29.27 21.35
CA LEU H 100 -44.65 -29.77 19.99
C LEU H 100 -44.83 -28.64 18.97
N HIS H 101 -45.80 -27.76 19.23
CA HIS H 101 -46.05 -26.61 18.37
C HIS H 101 -44.81 -25.71 18.31
N GLN H 102 -44.24 -25.42 19.48
CA GLN H 102 -43.00 -24.65 19.60
C GLN H 102 -41.94 -25.22 18.66
N PHE H 103 -41.78 -26.55 18.73
CA PHE H 103 -40.82 -27.24 17.88
C PHE H 103 -41.11 -27.06 16.38
N MET H 104 -42.36 -27.29 15.98
CA MET H 104 -42.76 -27.13 14.58
C MET H 104 -42.42 -25.73 14.05
N VAL H 105 -42.80 -24.72 14.83
CA VAL H 105 -42.55 -23.36 14.41
C VAL H 105 -41.06 -23.12 14.32
N ASN H 106 -40.35 -23.66 15.30
CA ASN H 106 -38.90 -23.51 15.36
C ASN H 106 -38.20 -24.04 14.11
N VAL H 107 -38.54 -25.27 13.73
CA VAL H 107 -38.00 -25.89 12.53
C VAL H 107 -38.34 -25.07 11.28
N THR H 108 -39.63 -24.79 11.09
CA THR H 108 -40.09 -24.00 9.96
C THR H 108 -39.24 -22.73 9.81
N LEU H 109 -39.03 -22.09 10.97
CA LEU H 109 -38.29 -20.84 11.04
C LEU H 109 -36.87 -21.04 10.61
N ARG H 110 -36.23 -22.13 11.06
CA ARG H 110 -34.84 -22.39 10.68
C ARG H 110 -34.70 -22.57 9.18
N GLN H 111 -35.44 -23.54 8.63
CA GLN H 111 -35.39 -23.80 7.19
C GLN H 111 -35.58 -22.50 6.42
N LEU H 112 -36.61 -21.75 6.82
CA LEU H 112 -36.87 -20.46 6.23
C LEU H 112 -35.66 -19.53 6.33
N PHE H 113 -35.00 -19.54 7.48
CA PHE H 113 -33.80 -18.75 7.67
C PHE H 113 -32.75 -19.11 6.63
N VAL H 114 -32.49 -20.40 6.49
CA VAL H 114 -31.54 -20.88 5.50
C VAL H 114 -31.85 -20.31 4.10
N LEU H 115 -33.09 -20.54 3.65
CA LEU H 115 -33.48 -20.04 2.34
C LEU H 115 -33.25 -18.56 2.21
N LEU H 116 -33.79 -17.79 3.14
CA LEU H 116 -33.73 -16.34 3.04
C LEU H 116 -32.32 -15.76 3.11
N SER H 117 -31.39 -16.52 3.72
CA SER H 117 -30.00 -16.06 3.86
C SER H 117 -29.01 -16.58 2.81
N THR H 118 -29.50 -17.44 1.89
CA THR H 118 -28.73 -17.86 0.72
C THR H 118 -28.35 -16.66 -0.14
N LYS H 119 -27.07 -16.48 -0.44
CA LYS H 119 -26.61 -15.26 -1.12
C LYS H 119 -26.98 -15.19 -2.60
N ASP H 120 -26.99 -16.35 -3.26
CA ASP H 120 -27.32 -16.38 -4.68
C ASP H 120 -28.80 -16.61 -4.86
N GLU H 121 -29.49 -15.61 -5.39
CA GLU H 121 -30.94 -15.69 -5.58
C GLU H 121 -31.37 -16.93 -6.35
N GLN H 122 -30.78 -17.16 -7.53
CA GLN H 122 -31.15 -18.30 -8.38
C GLN H 122 -30.92 -19.66 -7.71
N ALA H 123 -30.17 -19.66 -6.62
CA ALA H 123 -29.82 -20.88 -5.89
C ALA H 123 -30.94 -21.39 -4.96
N ILE H 124 -31.90 -20.51 -4.66
CA ILE H 124 -32.99 -20.82 -3.74
C ILE H 124 -34.20 -21.35 -4.48
N ASP H 125 -34.69 -22.51 -4.02
CA ASP H 125 -35.90 -23.09 -4.61
C ASP H 125 -37.12 -22.34 -4.05
N LYS H 126 -37.85 -21.64 -4.92
CA LYS H 126 -38.92 -20.77 -4.45
C LYS H 126 -40.19 -21.56 -4.18
N LYS H 127 -40.23 -22.80 -4.64
CA LYS H 127 -41.38 -23.66 -4.38
C LYS H 127 -41.36 -24.03 -2.91
N HIS H 128 -40.17 -24.32 -2.43
CA HIS H 128 -39.98 -24.67 -1.03
C HIS H 128 -40.11 -23.42 -0.15
N LEU H 129 -39.59 -22.29 -0.61
CA LEU H 129 -39.75 -21.04 0.13
C LEU H 129 -41.23 -20.73 0.30
N LYS H 130 -41.99 -20.78 -0.79
CA LYS H 130 -43.42 -20.53 -0.72
C LYS H 130 -44.15 -21.55 0.17
N ASN H 131 -43.89 -22.83 -0.06
CA ASN H 131 -44.55 -23.87 0.73
C ASN H 131 -44.33 -23.67 2.22
N LEU H 132 -43.11 -23.31 2.58
CA LEU H 132 -42.72 -23.13 3.97
C LEU H 132 -43.30 -21.87 4.59
N ALA H 133 -43.36 -20.78 3.84
CA ALA H 133 -44.02 -19.57 4.34
C ALA H 133 -45.51 -19.80 4.60
N SER H 134 -46.15 -20.47 3.64
CA SER H 134 -47.54 -20.88 3.78
C SER H 134 -47.73 -21.81 4.99
N TRP H 135 -46.76 -22.68 5.24
CA TRP H 135 -46.81 -23.57 6.41
C TRP H 135 -46.72 -22.79 7.73
N LEU H 136 -45.78 -21.85 7.79
CA LEU H 136 -45.62 -21.01 8.96
C LEU H 136 -46.92 -20.30 9.25
N GLY H 137 -47.45 -19.60 8.24
CA GLY H 137 -48.74 -18.94 8.38
C GLY H 137 -49.80 -19.90 8.88
N CYS H 138 -49.80 -21.10 8.31
CA CYS H 138 -50.81 -22.10 8.63
C CYS H 138 -50.80 -22.55 10.10
N ILE H 139 -49.62 -22.67 10.70
CA ILE H 139 -49.56 -23.04 12.10
C ILE H 139 -49.48 -21.85 13.04
N THR H 140 -49.48 -20.63 12.51
CA THR H 140 -49.45 -19.47 13.39
C THR H 140 -50.62 -18.51 13.21
N LEU H 141 -50.57 -17.67 12.17
CA LEU H 141 -51.56 -16.62 12.03
C LEU H 141 -52.96 -17.21 11.92
N ALA H 142 -53.08 -18.26 11.10
CA ALA H 142 -54.38 -18.85 10.83
C ALA H 142 -54.98 -19.47 12.10
N LEU H 143 -54.12 -19.68 13.10
CA LEU H 143 -54.54 -20.26 14.38
C LEU H 143 -54.79 -19.22 15.47
N ASN H 144 -54.80 -17.95 15.11
CA ASN H 144 -55.01 -16.88 16.09
C ASN H 144 -53.88 -16.91 17.07
N LYS H 145 -52.71 -17.33 16.62
CA LYS H 145 -51.49 -17.17 17.40
C LYS H 145 -50.59 -16.26 16.58
N PRO H 146 -49.87 -15.36 17.26
CA PRO H 146 -49.02 -14.35 16.63
C PRO H 146 -47.67 -14.89 16.21
N ILE H 147 -47.05 -14.20 15.27
CA ILE H 147 -45.65 -14.41 15.00
C ILE H 147 -44.97 -13.29 15.77
N LYS H 148 -44.05 -13.66 16.67
CA LYS H 148 -43.41 -12.65 17.52
C LYS H 148 -42.43 -11.82 16.71
N HIS H 149 -42.31 -10.56 17.08
CA HIS H 149 -41.49 -9.63 16.32
C HIS H 149 -40.04 -10.06 16.35
N LYS H 150 -39.65 -10.68 17.46
CA LYS H 150 -38.27 -11.11 17.65
C LYS H 150 -37.91 -12.25 16.70
N ASN H 151 -38.92 -13.01 16.27
CA ASN H 151 -38.71 -14.05 15.26
C ASN H 151 -38.65 -13.50 13.84
N ILE H 152 -39.71 -12.83 13.40
CA ILE H 152 -39.69 -12.15 12.10
C ILE H 152 -40.27 -10.77 12.21
N ALA H 153 -39.49 -9.75 11.88
CA ALA H 153 -40.01 -8.39 11.81
C ALA H 153 -40.30 -8.01 10.36
N PHE H 154 -41.58 -7.98 9.97
CA PHE H 154 -41.93 -7.94 8.55
C PHE H 154 -41.66 -6.59 7.96
N ARG H 155 -42.33 -5.55 8.40
CA ARG H 155 -42.11 -4.25 7.81
C ARG H 155 -40.63 -3.91 7.65
N GLU H 156 -39.86 -4.18 8.71
CA GLU H 156 -38.41 -3.93 8.71
C GLU H 156 -37.75 -4.77 7.65
N MET H 157 -37.97 -6.08 7.72
CA MET H 157 -37.46 -7.01 6.71
C MET H 157 -37.76 -6.63 5.25
N LEU H 158 -38.93 -6.05 5.01
CA LEU H 158 -39.32 -5.57 3.70
C LEU H 158 -38.46 -4.41 3.31
N ILE H 159 -38.40 -3.39 4.16
CA ILE H 159 -37.59 -2.22 3.84
C ILE H 159 -36.12 -2.59 3.60
N GLU H 160 -35.62 -3.50 4.41
CA GLU H 160 -34.27 -4.02 4.29
C GLU H 160 -34.11 -4.66 2.93
N ALA H 161 -35.04 -5.54 2.60
CA ALA H 161 -35.05 -6.18 1.29
C ALA H 161 -35.04 -5.19 0.12
N TYR H 162 -35.78 -4.09 0.25
CA TYR H 162 -35.79 -3.08 -0.79
C TYR H 162 -34.42 -2.40 -0.92
N LYS H 163 -33.74 -2.19 0.20
CA LYS H 163 -32.43 -1.57 0.12
C LYS H 163 -31.33 -2.57 -0.27
N GLU H 164 -31.62 -3.86 -0.14
CA GLU H 164 -30.68 -4.92 -0.55
C GLU H 164 -30.98 -5.54 -1.92
N ASN H 165 -32.02 -5.07 -2.59
CA ASN H 165 -32.48 -5.68 -3.83
C ASN H 165 -32.80 -7.16 -3.64
N ARG H 166 -33.18 -7.52 -2.41
CA ARG H 166 -33.63 -8.86 -2.06
C ARG H 166 -35.16 -9.01 -2.07
N LEU H 167 -35.85 -7.98 -2.54
CA LEU H 167 -37.30 -7.98 -2.55
C LEU H 167 -37.93 -9.22 -3.22
N GLU H 168 -37.23 -9.85 -4.15
CA GLU H 168 -37.79 -10.98 -4.87
C GLU H 168 -37.85 -12.29 -4.08
N ILE H 169 -36.97 -12.46 -3.09
CA ILE H 169 -37.11 -13.58 -2.16
C ILE H 169 -38.08 -13.25 -1.01
N VAL H 170 -37.95 -12.05 -0.47
CA VAL H 170 -38.75 -11.66 0.69
C VAL H 170 -40.25 -11.53 0.39
N VAL H 171 -40.60 -10.86 -0.71
CA VAL H 171 -42.00 -10.56 -0.99
C VAL H 171 -42.91 -11.78 -1.08
N PRO H 172 -42.51 -12.83 -1.79
CA PRO H 172 -43.38 -14.02 -1.78
C PRO H 172 -43.46 -14.58 -0.37
N PHE H 173 -42.33 -14.57 0.32
CA PHE H 173 -42.20 -15.10 1.67
C PHE H 173 -43.21 -14.48 2.60
N VAL H 174 -43.23 -13.15 2.59
CA VAL H 174 -44.19 -12.40 3.38
C VAL H 174 -45.65 -12.72 2.97
N THR H 175 -45.95 -12.51 1.69
CA THR H 175 -47.30 -12.68 1.16
C THR H 175 -47.83 -14.10 1.30
N LYS H 176 -46.94 -15.07 1.33
CA LYS H 176 -47.40 -16.44 1.53
C LYS H 176 -47.74 -16.66 3.01
N ILE H 177 -47.03 -15.98 3.89
CA ILE H 177 -47.33 -16.09 5.30
C ILE H 177 -48.60 -15.34 5.63
N LEU H 178 -48.65 -14.08 5.23
CA LEU H 178 -49.84 -13.25 5.46
C LEU H 178 -51.15 -13.81 4.87
N GLN H 179 -51.06 -14.51 3.76
CA GLN H 179 -52.24 -14.96 3.05
C GLN H 179 -53.02 -15.92 3.90
N ARG H 180 -52.44 -16.31 5.04
CA ARG H 180 -53.12 -17.19 5.98
C ARG H 180 -53.90 -16.42 7.03
N ALA H 181 -53.71 -15.10 7.06
CA ALA H 181 -54.39 -14.24 8.03
C ALA H 181 -55.90 -14.16 7.79
N SER H 182 -56.33 -14.63 6.63
CA SER H 182 -57.72 -14.54 6.19
C SER H 182 -58.57 -15.69 6.73
N GLU H 183 -57.91 -16.64 7.39
CA GLU H 183 -58.60 -17.71 8.10
C GLU H 183 -58.72 -17.34 9.57
N SER H 184 -58.18 -16.17 9.93
CA SER H 184 -58.08 -15.76 11.34
C SER H 184 -59.04 -14.63 11.71
N LYS H 185 -59.92 -14.86 12.69
CA LYS H 185 -60.82 -13.78 13.08
C LYS H 185 -59.97 -12.64 13.62
N ILE H 186 -58.83 -13.02 14.19
CA ILE H 186 -57.94 -12.06 14.83
C ILE H 186 -57.02 -11.28 13.89
N PHE H 187 -56.41 -11.97 12.92
CA PHE H 187 -55.44 -11.30 12.06
C PHE H 187 -55.92 -10.72 10.73
N LYS H 188 -57.15 -11.02 10.33
CA LYS H 188 -57.65 -10.45 9.10
C LYS H 188 -57.87 -8.96 9.31
N PRO H 189 -57.79 -8.18 8.22
CA PRO H 189 -58.09 -6.75 8.41
C PRO H 189 -59.44 -6.56 9.10
N PRO H 190 -59.60 -5.46 9.82
CA PRO H 190 -58.61 -4.40 9.91
C PRO H 190 -57.63 -4.62 11.04
N ASN H 191 -57.03 -5.79 11.15
CA ASN H 191 -56.06 -5.97 12.20
C ASN H 191 -54.86 -5.06 11.94
N PRO H 192 -54.66 -4.06 12.81
CA PRO H 192 -53.75 -2.95 12.52
C PRO H 192 -52.37 -3.43 12.14
N TRP H 193 -52.03 -4.65 12.55
CA TRP H 193 -50.75 -5.27 12.25
C TRP H 193 -50.75 -5.70 10.78
N THR H 194 -51.65 -6.62 10.47
CA THR H 194 -51.82 -7.09 9.11
C THR H 194 -51.89 -5.90 8.17
N VAL H 195 -52.68 -4.93 8.55
CA VAL H 195 -52.89 -3.77 7.69
C VAL H 195 -51.64 -2.89 7.52
N GLY H 196 -50.91 -2.62 8.59
CA GLY H 196 -49.65 -1.91 8.45
C GLY H 196 -48.77 -2.58 7.41
N ILE H 197 -48.72 -3.90 7.48
CA ILE H 197 -47.92 -4.64 6.51
C ILE H 197 -48.45 -4.40 5.10
N LEU H 198 -49.76 -4.60 4.94
CA LEU H 198 -50.39 -4.45 3.63
C LEU H 198 -50.06 -3.09 3.04
N LYS H 199 -50.15 -2.04 3.85
CA LYS H 199 -49.87 -0.69 3.38
C LYS H 199 -48.43 -0.53 2.93
N LEU H 200 -47.50 -1.18 3.62
CA LEU H 200 -46.12 -1.13 3.14
C LEU H 200 -45.97 -1.85 1.80
N LEU H 201 -46.59 -3.02 1.67
CA LEU H 201 -46.56 -3.76 0.42
C LEU H 201 -47.17 -2.95 -0.74
N ILE H 202 -48.25 -2.24 -0.46
CA ILE H 202 -48.88 -1.41 -1.46
C ILE H 202 -47.91 -0.30 -1.86
N GLU H 203 -47.30 0.34 -0.87
CA GLU H 203 -46.30 1.38 -1.14
C GLU H 203 -45.16 0.87 -2.01
N LEU H 204 -44.74 -0.37 -1.79
CA LEU H 204 -43.70 -0.91 -2.65
C LEU H 204 -44.27 -1.14 -4.04
N ASN H 205 -45.49 -1.63 -4.12
CA ASN H 205 -46.07 -1.95 -5.41
C ASN H 205 -46.30 -0.71 -6.25
N GLU H 206 -46.17 0.46 -5.65
CA GLU H 206 -45.92 1.62 -6.49
C GLU H 206 -44.42 1.85 -6.63
N LYS H 207 -43.79 2.32 -5.56
CA LYS H 207 -42.48 2.95 -5.62
C LYS H 207 -41.28 2.05 -5.90
N ALA H 208 -41.51 0.75 -6.00
CA ALA H 208 -40.40 -0.19 -6.20
C ALA H 208 -39.88 -0.29 -7.65
N ASN H 209 -40.78 -0.15 -8.62
CA ASN H 209 -40.49 -0.49 -10.00
C ASN H 209 -39.89 -1.89 -10.01
N TRP H 210 -40.55 -2.83 -9.35
CA TRP H 210 -40.02 -4.18 -9.29
C TRP H 210 -40.66 -5.00 -10.42
N LYS H 211 -40.22 -6.24 -10.61
CA LYS H 211 -40.77 -7.07 -11.66
C LYS H 211 -42.24 -7.40 -11.40
N LEU H 212 -42.96 -7.81 -12.44
CA LEU H 212 -44.41 -7.93 -12.34
C LEU H 212 -44.89 -9.16 -11.59
N SER H 213 -44.04 -10.15 -11.42
CA SER H 213 -44.42 -11.31 -10.62
C SER H 213 -44.77 -10.84 -9.22
N LEU H 214 -43.93 -9.97 -8.66
CA LEU H 214 -44.16 -9.39 -7.34
C LEU H 214 -45.51 -8.71 -7.26
N THR H 215 -45.79 -7.81 -8.19
CA THR H 215 -47.09 -7.14 -8.22
C THR H 215 -48.21 -8.14 -8.20
N PHE H 216 -48.09 -9.18 -9.02
CA PHE H 216 -49.08 -10.24 -9.00
C PHE H 216 -49.23 -10.82 -7.60
N GLU H 217 -48.12 -10.98 -6.88
CA GLU H 217 -48.21 -11.54 -5.54
C GLU H 217 -48.93 -10.62 -4.57
N VAL H 218 -48.55 -9.35 -4.56
CA VAL H 218 -49.21 -8.37 -3.70
C VAL H 218 -50.70 -8.37 -3.98
N GLU H 219 -51.02 -8.51 -5.27
CA GLU H 219 -52.42 -8.50 -5.70
C GLU H 219 -53.18 -9.75 -5.27
N VAL H 220 -52.54 -10.92 -5.31
CA VAL H 220 -53.19 -12.13 -4.85
C VAL H 220 -53.45 -12.06 -3.36
N LEU H 221 -52.44 -11.62 -2.61
CA LEU H 221 -52.60 -11.48 -1.17
C LEU H 221 -53.77 -10.56 -0.88
N LEU H 222 -53.74 -9.36 -1.48
CA LEU H 222 -54.84 -8.43 -1.28
C LEU H 222 -56.19 -9.04 -1.75
N LYS H 223 -56.12 -9.88 -2.77
CA LYS H 223 -57.29 -10.60 -3.24
C LYS H 223 -57.91 -11.42 -2.11
N SER H 224 -57.10 -12.21 -1.42
CA SER H 224 -57.58 -13.10 -0.35
C SER H 224 -58.32 -12.37 0.77
N PHE H 225 -58.12 -11.07 0.90
CA PHE H 225 -58.87 -10.30 1.88
C PHE H 225 -60.08 -9.59 1.27
N ASN H 226 -60.29 -9.80 -0.03
CA ASN H 226 -61.30 -9.06 -0.79
C ASN H 226 -60.99 -7.56 -0.83
N LEU H 227 -59.73 -7.25 -1.13
CA LEU H 227 -59.31 -5.87 -1.34
C LEU H 227 -58.48 -5.76 -2.61
N THR H 228 -58.26 -4.52 -3.04
CA THR H 228 -57.54 -4.22 -4.27
C THR H 228 -56.47 -3.26 -3.85
N THR H 229 -55.49 -3.02 -4.72
CA THR H 229 -54.39 -2.15 -4.34
C THR H 229 -54.95 -0.76 -4.08
N LYS H 230 -56.24 -0.59 -4.38
CA LYS H 230 -56.90 0.69 -4.15
C LYS H 230 -57.48 0.83 -2.74
N SER H 231 -57.59 -0.30 -2.04
CA SER H 231 -58.27 -0.36 -0.75
C SER H 231 -57.68 0.49 0.40
N LEU H 232 -56.35 0.49 0.56
CA LEU H 232 -55.70 1.19 1.67
C LEU H 232 -54.65 2.16 1.16
N LYS H 233 -54.54 3.32 1.80
CA LYS H 233 -53.48 4.29 1.47
C LYS H 233 -52.12 3.67 1.75
N PRO H 234 -51.22 3.69 0.75
CA PRO H 234 -49.88 3.18 1.00
C PRO H 234 -49.23 3.97 2.12
N SER H 235 -48.22 3.39 2.76
CA SER H 235 -47.48 4.06 3.82
C SER H 235 -46.36 4.97 3.30
N ASN H 236 -45.62 5.58 4.23
CA ASN H 236 -44.53 6.49 3.88
C ASN H 236 -43.09 5.95 3.93
N PHE H 237 -42.96 4.66 4.21
CA PHE H 237 -41.67 4.09 4.55
C PHE H 237 -40.65 4.03 3.43
N ILE H 238 -41.08 4.12 2.18
CA ILE H 238 -40.07 4.11 1.13
C ILE H 238 -39.84 5.52 0.67
N ASN H 239 -38.72 6.09 1.11
CA ASN H 239 -38.31 7.39 0.62
C ASN H 239 -37.59 7.10 -0.71
N THR H 240 -37.62 8.07 -1.62
CA THR H 240 -37.05 7.88 -2.97
C THR H 240 -36.69 9.21 -3.66
N GLN I 8 65.92 -41.80 36.00
CA GLN I 8 67.06 -41.18 36.67
C GLN I 8 67.60 -39.99 35.88
N GLU I 9 68.00 -38.93 36.58
CA GLU I 9 68.53 -37.71 35.94
C GLU I 9 69.91 -37.91 35.32
N MET I 10 70.04 -37.47 34.07
CA MET I 10 71.28 -37.63 33.31
C MET I 10 72.04 -36.31 33.30
N ILE I 11 73.36 -36.40 33.31
CA ILE I 11 74.19 -35.21 33.11
C ILE I 11 74.91 -35.31 31.77
N PRO I 12 75.26 -34.16 31.19
CA PRO I 12 76.02 -34.19 29.93
C PRO I 12 77.39 -34.79 30.21
N LEU I 13 77.99 -35.43 29.20
CA LEU I 13 79.33 -35.97 29.33
C LEU I 13 80.23 -35.27 28.32
N LYS I 14 81.22 -34.53 28.79
CA LYS I 14 82.09 -33.77 27.89
C LYS I 14 82.93 -34.64 26.95
N PHE I 15 83.59 -35.64 27.52
CA PHE I 15 84.60 -36.40 26.78
C PHE I 15 84.26 -37.77 26.20
N PHE I 16 83.00 -38.17 26.33
CA PHE I 16 82.53 -39.48 25.87
C PHE I 16 81.48 -39.23 24.78
N ALA I 17 81.60 -39.92 23.64
CA ALA I 17 80.54 -39.82 22.62
C ALA I 17 80.45 -41.01 21.67
N VAL I 18 79.24 -41.27 21.17
CA VAL I 18 79.00 -42.38 20.28
C VAL I 18 78.61 -41.85 18.91
N ASP I 19 79.14 -42.43 17.84
CA ASP I 19 78.70 -41.99 16.53
C ASP I 19 77.72 -42.99 15.96
N GLU I 20 77.13 -42.67 14.82
CA GLU I 20 76.25 -43.59 14.13
C GLU I 20 77.14 -44.61 13.46
N VAL I 21 76.60 -45.76 13.11
CA VAL I 21 77.33 -46.66 12.23
C VAL I 21 76.96 -46.23 10.83
N SER I 22 77.93 -46.13 9.93
CA SER I 22 77.59 -45.66 8.60
C SER I 22 77.44 -46.85 7.67
N CYS I 23 76.20 -47.16 7.35
CA CYS I 23 75.89 -48.15 6.33
C CYS I 23 74.49 -47.91 5.83
N GLN I 24 74.20 -48.37 4.62
CA GLN I 24 72.87 -48.18 4.04
C GLN I 24 72.01 -49.39 4.30
N ILE I 25 72.59 -50.40 4.93
CA ILE I 25 71.88 -51.66 5.17
C ILE I 25 70.87 -51.48 6.28
N ASN I 26 69.61 -51.78 5.97
CA ASN I 26 68.53 -51.57 6.93
C ASN I 26 68.52 -52.66 7.96
N GLN I 27 68.63 -52.24 9.21
CA GLN I 27 68.70 -53.16 10.34
C GLN I 27 67.32 -53.59 10.84
N GLU I 28 67.16 -54.88 11.01
CA GLU I 28 65.91 -55.44 11.48
C GLU I 28 66.20 -56.21 12.74
N GLY I 29 65.16 -56.52 13.51
CA GLY I 29 65.26 -57.51 14.55
C GLY I 29 65.28 -58.85 13.84
N ALA I 30 65.26 -59.94 14.59
CA ALA I 30 65.26 -61.23 13.94
C ALA I 30 63.97 -61.99 14.26
N PRO I 31 63.49 -62.79 13.28
CA PRO I 31 62.33 -63.66 13.45
C PRO I 31 62.68 -64.86 14.35
N LYS I 32 61.67 -65.56 14.83
CA LYS I 32 61.89 -66.63 15.80
C LYS I 32 63.03 -67.56 15.41
N ASP I 33 63.09 -67.96 14.14
CA ASP I 33 64.06 -68.96 13.71
C ASP I 33 65.51 -68.46 13.71
N VAL I 34 65.70 -67.19 13.35
CA VAL I 34 67.04 -66.60 13.39
C VAL I 34 67.50 -66.56 14.83
N VAL I 35 66.68 -65.98 15.71
CA VAL I 35 66.99 -65.95 17.13
C VAL I 35 67.37 -67.34 17.63
N GLU I 36 66.58 -68.33 17.23
CA GLU I 36 66.83 -69.71 17.60
C GLU I 36 68.23 -70.18 17.18
N LYS I 37 68.46 -70.24 15.87
CA LYS I 37 69.74 -70.69 15.33
C LYS I 37 70.92 -69.98 16.01
N VAL I 38 70.79 -68.66 16.14
CA VAL I 38 71.81 -67.84 16.76
C VAL I 38 72.08 -68.22 18.23
N LEU I 39 71.03 -68.29 19.06
CA LEU I 39 71.22 -68.62 20.48
C LEU I 39 71.70 -70.06 20.68
N PHE I 40 71.33 -70.94 19.76
CA PHE I 40 71.89 -72.28 19.70
C PHE I 40 73.42 -72.19 19.53
N VAL I 41 73.86 -71.47 18.49
CA VAL I 41 75.28 -71.29 18.28
C VAL I 41 76.01 -70.68 19.47
N LEU I 42 75.47 -69.60 20.00
CA LEU I 42 76.07 -68.91 21.13
C LEU I 42 76.16 -69.76 22.40
N ASN I 43 75.17 -70.62 22.63
CA ASN I 43 75.14 -71.42 23.85
C ASN I 43 76.02 -72.67 23.82
N ASN I 44 76.17 -73.24 22.63
CA ASN I 44 76.94 -74.46 22.44
C ASN I 44 78.40 -74.26 22.06
N VAL I 45 78.87 -73.02 22.09
CA VAL I 45 80.22 -72.72 21.64
C VAL I 45 81.30 -72.94 22.70
N THR I 46 82.38 -73.61 22.29
CA THR I 46 83.55 -73.83 23.13
C THR I 46 84.72 -73.26 22.36
N LEU I 47 85.84 -73.01 23.04
CA LEU I 47 86.98 -72.46 22.34
C LEU I 47 87.37 -73.34 21.16
N ALA I 48 87.18 -74.64 21.29
CA ALA I 48 87.63 -75.56 20.26
C ALA I 48 86.74 -75.60 19.00
N ASN I 49 85.42 -75.62 19.18
CA ASN I 49 84.47 -75.68 18.05
C ASN I 49 84.28 -74.37 17.33
N LEU I 50 84.88 -73.32 17.89
CA LEU I 50 84.59 -71.97 17.48
C LEU I 50 84.51 -71.83 15.97
N ASN I 51 85.62 -72.08 15.30
CA ASN I 51 85.68 -71.86 13.87
C ASN I 51 84.46 -72.41 13.14
N ASN I 52 84.10 -73.66 13.39
CA ASN I 52 82.92 -74.22 12.74
C ASN I 52 81.61 -73.57 13.18
N LYS I 53 81.36 -73.57 14.48
CA LYS I 53 80.11 -73.02 15.00
C LYS I 53 79.86 -71.67 14.36
N VAL I 54 80.91 -70.89 14.27
CA VAL I 54 80.83 -69.57 13.66
C VAL I 54 80.60 -69.68 12.16
N ASP I 55 81.24 -70.65 11.52
CA ASP I 55 80.96 -70.87 10.11
C ASP I 55 79.45 -71.02 9.85
N GLU I 56 78.74 -71.65 10.78
CA GLU I 56 77.29 -71.79 10.68
C GLU I 56 76.58 -70.49 11.01
N LEU I 57 77.01 -69.89 12.11
CA LEU I 57 76.48 -68.60 12.53
C LEU I 57 76.47 -67.62 11.35
N LYS I 58 77.53 -67.65 10.54
CA LYS I 58 77.64 -66.80 9.36
C LYS I 58 76.54 -67.07 8.34
N LYS I 59 76.06 -68.31 8.30
CA LYS I 59 74.97 -68.69 7.40
C LYS I 59 73.64 -68.23 7.96
N SER I 60 73.49 -68.26 9.27
CA SER I 60 72.25 -67.76 9.87
C SER I 60 72.17 -66.23 9.97
N LEU I 61 73.24 -65.60 10.44
CA LEU I 61 73.17 -64.20 10.84
C LEU I 61 73.73 -63.29 9.75
N THR I 62 72.83 -62.63 9.05
CA THR I 62 73.17 -61.74 7.96
C THR I 62 73.31 -60.32 8.49
N PRO I 63 74.05 -59.46 7.77
CA PRO I 63 74.40 -58.11 8.20
C PRO I 63 73.21 -57.27 8.68
N ASN I 64 72.05 -57.43 8.05
CA ASN I 64 70.86 -56.71 8.48
C ASN I 64 70.50 -57.02 9.92
N TYR I 65 70.98 -58.16 10.41
CA TYR I 65 70.72 -58.56 11.79
C TYR I 65 71.80 -58.10 12.77
N PHE I 66 72.94 -57.63 12.29
CA PHE I 66 74.05 -57.29 13.17
C PHE I 66 73.63 -56.37 14.31
N SER I 67 72.96 -55.28 13.97
CA SER I 67 72.59 -54.32 14.99
C SER I 67 71.85 -54.99 16.14
N TRP I 68 71.07 -56.00 15.81
CA TRP I 68 70.38 -56.77 16.85
C TRP I 68 71.31 -57.66 17.66
N PHE I 69 72.08 -58.48 16.96
CA PHE I 69 72.93 -59.46 17.62
C PHE I 69 73.73 -58.72 18.67
N SER I 70 74.36 -57.65 18.25
CA SER I 70 75.18 -56.85 19.14
C SER I 70 74.40 -56.48 20.38
N THR I 71 73.27 -55.81 20.17
CA THR I 71 72.48 -55.31 21.31
C THR I 71 72.11 -56.45 22.27
N TYR I 72 71.91 -57.63 21.72
CA TYR I 72 71.63 -58.78 22.57
C TYR I 72 72.91 -59.10 23.34
N LEU I 73 73.92 -59.51 22.59
CA LEU I 73 75.15 -60.06 23.15
C LEU I 73 75.77 -59.16 24.20
N VAL I 74 75.69 -57.85 24.00
CA VAL I 74 76.27 -56.93 24.95
C VAL I 74 75.41 -56.86 26.22
N THR I 75 74.11 -56.62 26.04
CA THR I 75 73.23 -56.35 27.19
C THR I 75 72.78 -57.61 27.93
N GLN I 76 72.59 -58.68 27.17
CA GLN I 76 72.18 -59.96 27.73
C GLN I 76 73.34 -60.76 28.32
N ARG I 77 74.45 -60.80 27.59
CA ARG I 77 75.58 -61.64 27.96
C ARG I 77 76.77 -60.85 28.49
N ALA I 78 77.46 -60.14 27.61
CA ALA I 78 78.72 -59.51 27.95
C ALA I 78 78.62 -58.71 29.24
N LYS I 79 77.49 -58.05 29.43
CA LYS I 79 77.33 -57.16 30.57
C LYS I 79 77.42 -57.89 31.90
N THR I 80 76.73 -59.03 31.99
CA THR I 80 76.70 -59.85 33.20
C THR I 80 77.64 -61.06 33.31
N GLU I 81 78.29 -61.47 32.21
CA GLU I 81 79.06 -62.71 32.23
C GLU I 81 80.54 -62.56 31.86
N PRO I 82 81.34 -61.88 32.71
CA PRO I 82 82.73 -61.56 32.37
C PRO I 82 83.55 -62.75 31.91
N ASN I 83 83.38 -63.90 32.53
CA ASN I 83 84.18 -65.08 32.18
C ASN I 83 84.23 -65.29 30.68
N TYR I 84 83.10 -65.06 30.03
CA TYR I 84 82.97 -65.47 28.64
C TYR I 84 83.40 -64.40 27.63
N HIS I 85 83.86 -63.27 28.13
CA HIS I 85 84.30 -62.19 27.26
C HIS I 85 85.25 -62.73 26.21
N ASP I 86 86.34 -63.36 26.65
CA ASP I 86 87.33 -63.87 25.71
C ASP I 86 86.60 -64.66 24.63
N LEU I 87 85.82 -65.63 25.07
CA LEU I 87 85.13 -66.50 24.14
C LEU I 87 84.37 -65.70 23.10
N TYR I 88 83.49 -64.82 23.58
CA TYR I 88 82.61 -64.05 22.71
C TYR I 88 83.45 -63.17 21.79
N SER I 89 84.53 -62.62 22.35
CA SER I 89 85.48 -61.83 21.59
C SER I 89 85.93 -62.68 20.40
N LYS I 90 86.43 -63.87 20.70
CA LYS I 90 86.88 -64.78 19.66
C LYS I 90 85.78 -65.12 18.65
N VAL I 91 84.51 -65.12 19.08
CA VAL I 91 83.40 -65.31 18.14
C VAL I 91 83.32 -64.15 17.18
N ILE I 92 83.29 -62.94 17.74
CA ILE I 92 83.20 -61.75 16.92
C ILE I 92 84.32 -61.73 15.88
N VAL I 93 85.56 -61.82 16.35
CA VAL I 93 86.72 -61.87 15.46
C VAL I 93 86.57 -62.92 14.37
N ALA I 94 85.95 -64.04 14.72
CA ALA I 94 85.81 -65.14 13.77
C ALA I 94 84.85 -64.78 12.64
N MET I 95 83.80 -64.04 12.96
CA MET I 95 82.83 -63.61 11.96
C MET I 95 83.55 -62.92 10.84
N GLY I 96 84.51 -62.06 11.19
CA GLY I 96 85.32 -61.35 10.22
C GLY I 96 84.57 -60.21 9.55
N SER I 97 83.60 -59.63 10.26
CA SER I 97 82.85 -58.49 9.74
C SER I 97 83.18 -57.21 10.48
N GLY I 98 83.75 -56.24 9.76
CA GLY I 98 84.07 -54.95 10.36
C GLY I 98 82.83 -54.23 10.81
N LEU I 99 81.72 -54.46 10.11
CA LEU I 99 80.45 -53.82 10.42
C LEU I 99 79.89 -54.36 11.72
N LEU I 100 79.97 -55.68 11.91
CA LEU I 100 79.51 -56.30 13.14
C LEU I 100 80.31 -55.79 14.33
N HIS I 101 81.60 -55.62 14.12
CA HIS I 101 82.48 -55.15 15.18
C HIS I 101 82.10 -53.73 15.54
N GLN I 102 81.91 -52.92 14.50
CA GLN I 102 81.48 -51.53 14.64
C GLN I 102 80.24 -51.48 15.53
N PHE I 103 79.26 -52.30 15.20
CA PHE I 103 78.05 -52.41 16.00
C PHE I 103 78.30 -52.78 17.46
N MET I 104 79.05 -53.86 17.71
CA MET I 104 79.39 -54.27 19.07
C MET I 104 79.98 -53.12 19.89
N VAL I 105 80.97 -52.46 19.30
CA VAL I 105 81.61 -51.39 20.02
C VAL I 105 80.63 -50.27 20.28
N ASN I 106 79.77 -50.03 19.29
CA ASN I 106 78.78 -48.97 19.36
C ASN I 106 77.82 -49.16 20.53
N VAL I 107 77.30 -50.38 20.65
CA VAL I 107 76.40 -50.74 21.73
C VAL I 107 77.09 -50.61 23.08
N THR I 108 78.23 -51.28 23.21
CA THR I 108 79.02 -51.21 24.44
C THR I 108 79.21 -49.75 24.89
N LEU I 109 79.52 -48.90 23.91
CA LEU I 109 79.76 -47.49 24.15
C LEU I 109 78.51 -46.79 24.66
N ARG I 110 77.36 -47.13 24.06
CA ARG I 110 76.11 -46.51 24.47
C ARG I 110 75.80 -46.86 25.92
N GLN I 111 75.72 -48.16 26.20
CA GLN I 111 75.44 -48.62 27.56
C GLN I 111 76.36 -47.94 28.55
N LEU I 112 77.64 -47.92 28.20
CA LEU I 112 78.64 -47.26 29.03
C LEU I 112 78.30 -45.78 29.23
N PHE I 113 77.81 -45.14 28.17
CA PHE I 113 77.44 -43.74 28.23
C PHE I 113 76.34 -43.53 29.27
N VAL I 114 75.29 -44.33 29.15
CA VAL I 114 74.22 -44.29 30.13
C VAL I 114 74.76 -44.41 31.56
N LEU I 115 75.51 -45.46 31.86
CA LEU I 115 76.01 -45.60 33.21
C LEU I 115 76.79 -44.37 33.63
N LEU I 116 77.72 -43.93 32.81
CA LEU I 116 78.64 -42.86 33.19
C LEU I 116 77.96 -41.51 33.35
N SER I 117 76.79 -41.35 32.72
CA SER I 117 76.04 -40.09 32.80
C SER I 117 74.90 -40.07 33.84
N THR I 118 74.68 -41.20 34.51
CA THR I 118 73.74 -41.26 35.62
C THR I 118 74.18 -40.29 36.70
N LYS I 119 73.27 -39.42 37.14
CA LYS I 119 73.64 -38.36 38.10
C LYS I 119 73.84 -38.84 39.54
N ASP I 120 73.08 -39.85 39.95
CA ASP I 120 73.22 -40.38 41.30
C ASP I 120 74.19 -41.54 41.34
N GLU I 121 75.33 -41.33 41.98
CA GLU I 121 76.37 -42.34 42.03
C GLU I 121 75.84 -43.70 42.49
N GLN I 122 75.18 -43.73 43.65
CA GLN I 122 74.69 -44.99 44.21
C GLN I 122 73.68 -45.70 43.30
N ALA I 123 73.18 -45.00 42.30
CA ALA I 123 72.18 -45.55 41.39
C ALA I 123 72.79 -46.45 40.32
N ILE I 124 74.10 -46.34 40.10
CA ILE I 124 74.77 -47.08 39.04
C ILE I 124 75.31 -48.40 39.54
N ASP I 125 74.98 -49.47 38.83
CA ASP I 125 75.49 -50.80 39.17
C ASP I 125 76.93 -50.91 38.69
N LYS I 126 77.87 -51.05 39.63
CA LYS I 126 79.29 -51.01 39.27
C LYS I 126 79.80 -52.35 38.71
N LYS I 127 79.02 -53.40 38.93
CA LYS I 127 79.38 -54.70 38.40
C LYS I 127 79.21 -54.63 36.89
N HIS I 128 78.13 -53.99 36.45
CA HIS I 128 77.85 -53.85 35.03
C HIS I 128 78.79 -52.84 34.39
N LEU I 129 79.10 -51.77 35.12
CA LEU I 129 80.06 -50.77 34.63
C LEU I 129 81.39 -51.46 34.38
N LYS I 130 81.88 -52.18 35.38
CA LYS I 130 83.14 -52.89 35.24
C LYS I 130 83.11 -53.93 34.13
N ASN I 131 82.08 -54.77 34.12
CA ASN I 131 81.98 -55.82 33.10
C ASN I 131 82.03 -55.24 31.69
N LEU I 132 81.37 -54.09 31.52
CA LEU I 132 81.27 -53.43 30.22
C LEU I 132 82.55 -52.75 29.81
N ALA I 133 83.25 -52.14 30.76
CA ALA I 133 84.54 -51.55 30.47
C ALA I 133 85.54 -52.63 30.04
N SER I 134 85.55 -53.72 30.79
CA SER I 134 86.37 -54.89 30.45
C SER I 134 85.99 -55.45 29.06
N TRP I 135 84.69 -55.40 28.73
CA TRP I 135 84.24 -55.86 27.42
C TRP I 135 84.73 -54.95 26.31
N LEU I 136 84.66 -53.64 26.54
CA LEU I 136 85.15 -52.69 25.55
C LEU I 136 86.62 -52.95 25.28
N GLY I 137 87.40 -52.96 26.36
CA GLY I 137 88.81 -53.26 26.25
C GLY I 137 89.03 -54.55 25.47
N CYS I 138 88.26 -55.57 25.81
CA CYS I 138 88.43 -56.88 25.21
C CYS I 138 88.18 -56.91 23.69
N ILE I 139 87.25 -56.10 23.19
CA ILE I 139 87.05 -56.05 21.75
C ILE I 139 87.81 -54.92 21.07
N THR I 140 88.54 -54.12 21.83
CA THR I 140 89.33 -53.07 21.19
C THR I 140 90.85 -53.14 21.47
N LEU I 141 91.26 -52.69 22.64
CA LEU I 141 92.68 -52.60 22.93
C LEU I 141 93.34 -53.96 22.78
N ALA I 142 92.75 -54.97 23.41
CA ALA I 142 93.35 -56.31 23.40
C ALA I 142 93.47 -56.89 21.99
N LEU I 143 92.75 -56.29 21.06
CA LEU I 143 92.76 -56.70 19.65
C LEU I 143 93.70 -55.88 18.75
N ASN I 144 94.53 -55.04 19.36
CA ASN I 144 95.41 -54.17 18.57
C ASN I 144 94.61 -53.25 17.70
N LYS I 145 93.40 -52.90 18.14
CA LYS I 145 92.63 -51.84 17.54
C LYS I 145 92.47 -50.78 18.60
N PRO I 146 92.54 -49.51 18.20
CA PRO I 146 92.48 -48.36 19.09
C PRO I 146 91.07 -47.99 19.52
N ILE I 147 90.99 -47.27 20.62
CA ILE I 147 89.77 -46.56 20.94
C ILE I 147 89.99 -45.14 20.47
N LYS I 148 89.13 -44.67 19.57
CA LYS I 148 89.35 -43.35 19.00
C LYS I 148 89.09 -42.28 20.06
N HIS I 149 89.80 -41.17 19.95
CA HIS I 149 89.72 -40.10 20.93
C HIS I 149 88.35 -39.49 20.92
N LYS I 150 87.70 -39.49 19.75
CA LYS I 150 86.40 -38.89 19.59
C LYS I 150 85.33 -39.69 20.33
N ASN I 151 85.59 -40.98 20.52
CA ASN I 151 84.72 -41.83 21.34
C ASN I 151 84.91 -41.65 22.83
N ILE I 152 86.11 -41.93 23.32
CA ILE I 152 86.45 -41.69 24.72
C ILE I 152 87.80 -41.02 24.84
N ALA I 153 87.85 -39.83 25.44
CA ALA I 153 89.13 -39.18 25.70
C ALA I 153 89.49 -39.36 27.16
N PHE I 154 90.46 -40.24 27.44
CA PHE I 154 90.67 -40.73 28.80
C PHE I 154 91.29 -39.67 29.68
N ARG I 155 92.50 -39.23 29.38
CA ARG I 155 93.11 -38.24 30.24
C ARG I 155 92.16 -37.08 30.58
N GLU I 156 91.50 -36.54 29.56
CA GLU I 156 90.55 -35.44 29.74
C GLU I 156 89.45 -35.87 30.69
N MET I 157 88.80 -36.98 30.36
CA MET I 157 87.73 -37.56 31.17
C MET I 157 88.09 -37.76 32.65
N LEU I 158 89.36 -38.11 32.90
CA LEU I 158 89.89 -38.29 34.24
C LEU I 158 89.97 -36.96 34.96
N ILE I 159 90.62 -35.99 34.33
CA ILE I 159 90.71 -34.67 34.94
C ILE I 159 89.33 -34.06 35.22
N GLU I 160 88.43 -34.20 34.25
CA GLU I 160 87.05 -33.76 34.40
C GLU I 160 86.43 -34.41 35.62
N ALA I 161 86.59 -35.74 35.70
CA ALA I 161 86.07 -36.52 36.83
C ALA I 161 86.61 -36.02 38.16
N TYR I 162 87.89 -35.65 38.19
CA TYR I 162 88.49 -35.12 39.41
C TYR I 162 87.87 -33.77 39.78
N LYS I 163 87.57 -32.94 38.78
CA LYS I 163 86.92 -31.66 39.09
C LYS I 163 85.43 -31.77 39.40
N GLU I 164 84.82 -32.90 38.99
CA GLU I 164 83.41 -33.16 39.24
C GLU I 164 83.14 -34.09 40.44
N ASN I 165 84.21 -34.55 41.08
CA ASN I 165 84.09 -35.55 42.15
C ASN I 165 83.43 -36.83 41.65
N ARG I 166 83.58 -37.07 40.36
CA ARG I 166 83.06 -38.26 39.71
C ARG I 166 84.11 -39.36 39.62
N LEU I 167 85.26 -39.14 40.25
CA LEU I 167 86.39 -40.07 40.11
C LEU I 167 86.04 -41.53 40.43
N GLU I 168 85.00 -41.72 41.24
CA GLU I 168 84.67 -43.08 41.68
C GLU I 168 83.94 -43.92 40.65
N ILE I 169 83.20 -43.31 39.73
CA ILE I 169 82.67 -44.04 38.58
C ILE I 169 83.66 -44.17 37.41
N VAL I 170 84.37 -43.08 37.12
CA VAL I 170 85.35 -43.07 36.03
C VAL I 170 86.57 -43.97 36.23
N VAL I 171 87.18 -43.92 37.41
CA VAL I 171 88.42 -44.65 37.64
C VAL I 171 88.36 -46.17 37.40
N PRO I 172 87.32 -46.85 37.93
CA PRO I 172 87.21 -48.28 37.59
C PRO I 172 87.00 -48.46 36.08
N PHE I 173 86.18 -47.58 35.51
CA PHE I 173 85.82 -47.62 34.10
C PHE I 173 87.06 -47.60 33.24
N VAL I 174 87.95 -46.65 33.53
CA VAL I 174 89.22 -46.54 32.81
C VAL I 174 90.11 -47.76 33.04
N THR I 175 90.39 -48.07 34.30
CA THR I 175 91.29 -49.17 34.67
C THR I 175 90.79 -50.53 34.18
N LYS I 176 89.49 -50.68 34.05
CA LYS I 176 88.97 -51.94 33.54
C LYS I 176 89.18 -52.04 32.04
N ILE I 177 89.12 -50.91 31.34
CA ILE I 177 89.37 -50.89 29.90
C ILE I 177 90.86 -51.06 29.61
N LEU I 178 91.68 -50.24 30.26
CA LEU I 178 93.13 -50.33 30.11
C LEU I 178 93.74 -51.67 30.47
N GLN I 179 93.15 -52.38 31.44
CA GLN I 179 93.72 -53.62 31.93
C GLN I 179 93.77 -54.68 30.83
N ARG I 180 93.14 -54.37 29.70
CA ARG I 180 93.14 -55.29 28.59
C ARG I 180 94.31 -55.00 27.65
N ALA I 181 95.01 -53.90 27.91
CA ALA I 181 96.12 -53.47 27.04
C ALA I 181 97.32 -54.41 27.18
N SER I 182 97.29 -55.25 28.20
CA SER I 182 98.38 -56.16 28.50
C SER I 182 98.31 -57.45 27.67
N GLU I 183 97.26 -57.59 26.88
CA GLU I 183 97.14 -58.68 25.92
C GLU I 183 97.58 -58.19 24.55
N SER I 184 97.96 -56.92 24.49
CA SER I 184 98.22 -56.25 23.21
C SER I 184 99.71 -55.96 23.01
N LYS I 185 100.29 -56.50 21.95
CA LYS I 185 101.68 -56.18 21.68
C LYS I 185 101.78 -54.69 21.44
N ILE I 186 100.72 -54.12 20.87
CA ILE I 186 100.72 -52.70 20.54
C ILE I 186 100.45 -51.74 21.70
N PHE I 187 99.49 -52.06 22.58
CA PHE I 187 99.07 -51.11 23.61
C PHE I 187 99.73 -51.24 24.98
N LYS I 188 100.45 -52.33 25.22
CA LYS I 188 101.10 -52.48 26.52
C LYS I 188 102.24 -51.47 26.56
N PRO I 189 102.62 -51.04 27.78
CA PRO I 189 103.78 -50.16 27.88
C PRO I 189 104.99 -50.75 27.11
N PRO I 190 105.87 -49.87 26.61
CA PRO I 190 105.79 -48.42 26.81
C PRO I 190 104.98 -47.73 25.73
N ASN I 191 103.77 -48.20 25.42
CA ASN I 191 102.98 -47.50 24.43
C ASN I 191 102.63 -46.13 24.98
N PRO I 192 103.16 -45.07 24.34
CA PRO I 192 103.15 -43.72 24.92
C PRO I 192 101.75 -43.29 25.35
N TRP I 193 100.75 -43.89 24.72
CA TRP I 193 99.34 -43.60 24.99
C TRP I 193 98.98 -44.23 26.33
N THR I 194 99.06 -45.56 26.39
CA THR I 194 98.81 -46.29 27.60
C THR I 194 99.55 -45.66 28.77
N VAL I 195 100.79 -45.28 28.51
CA VAL I 195 101.63 -44.77 29.56
C VAL I 195 101.26 -43.37 30.00
N GLY I 196 100.97 -42.48 29.07
CA GLY I 196 100.43 -41.18 29.46
C GLY I 196 99.25 -41.32 30.43
N ILE I 197 98.33 -42.23 30.09
CA ILE I 197 97.20 -42.46 30.98
C ILE I 197 97.70 -42.93 32.32
N LEU I 198 98.56 -43.95 32.31
CA LEU I 198 99.08 -44.50 33.56
C LEU I 198 99.65 -43.42 34.46
N LYS I 199 100.45 -42.53 33.88
CA LYS I 199 101.05 -41.44 34.63
C LYS I 199 100.00 -40.51 35.22
N LEU I 200 98.92 -40.26 34.48
CA LEU I 200 97.87 -39.43 35.09
C LEU I 200 97.20 -40.15 36.26
N LEU I 201 96.93 -41.43 36.09
CA LEU I 201 96.38 -42.24 37.16
C LEU I 201 97.29 -42.25 38.39
N ILE I 202 98.59 -42.33 38.16
CA ILE I 202 99.55 -42.33 39.26
C ILE I 202 99.49 -40.98 39.98
N GLU I 203 99.47 -39.91 39.18
CA GLU I 203 99.36 -38.57 39.72
C GLU I 203 98.10 -38.38 40.58
N LEU I 204 97.00 -38.99 40.17
CA LEU I 204 95.81 -38.92 40.99
C LEU I 204 95.99 -39.75 42.26
N ASN I 205 96.62 -40.92 42.11
CA ASN I 205 96.81 -41.79 43.27
C ASN I 205 97.73 -41.18 44.33
N GLU I 206 98.41 -40.09 44.01
CA GLU I 206 98.90 -39.25 45.10
C GLU I 206 97.89 -38.14 45.39
N LYS I 207 97.81 -37.17 44.49
CA LYS I 207 97.16 -35.88 44.76
C LYS I 207 95.64 -35.88 45.00
N ALA I 208 94.98 -37.02 44.85
CA ALA I 208 93.52 -37.06 44.91
C ALA I 208 92.96 -37.12 46.31
N ASN I 209 93.69 -37.78 47.20
CA ASN I 209 93.17 -38.12 48.52
C ASN I 209 91.82 -38.75 48.32
N TRP I 210 91.75 -39.70 47.41
CA TRP I 210 90.48 -40.37 47.16
C TRP I 210 90.37 -41.62 48.06
N LYS I 211 89.22 -42.30 48.02
CA LYS I 211 89.03 -43.51 48.83
C LYS I 211 89.97 -44.63 48.38
N LEU I 212 90.17 -45.61 49.25
CA LEU I 212 91.23 -46.60 49.03
C LEU I 212 90.87 -47.68 48.02
N SER I 213 89.58 -47.85 47.75
CA SER I 213 89.18 -48.75 46.68
C SER I 213 89.85 -48.33 45.37
N LEU I 214 89.79 -47.04 45.07
CA LEU I 214 90.41 -46.46 43.88
C LEU I 214 91.90 -46.82 43.81
N THR I 215 92.63 -46.52 44.89
CA THR I 215 94.05 -46.86 44.96
C THR I 215 94.26 -48.32 44.62
N PHE I 216 93.44 -49.18 45.22
CA PHE I 216 93.55 -50.60 44.91
C PHE I 216 93.35 -50.86 43.43
N GLU I 217 92.47 -50.11 42.79
CA GLU I 217 92.26 -50.29 41.35
C GLU I 217 93.46 -49.86 40.50
N VAL I 218 94.01 -48.68 40.79
CA VAL I 218 95.20 -48.19 40.09
C VAL I 218 96.35 -49.19 40.24
N GLU I 219 96.42 -49.76 41.44
CA GLU I 219 97.45 -50.75 41.74
C GLU I 219 97.27 -52.08 41.04
N VAL I 220 96.03 -52.56 40.90
CA VAL I 220 95.78 -53.79 40.14
C VAL I 220 96.08 -53.59 38.66
N LEU I 221 95.63 -52.47 38.10
CA LEU I 221 95.95 -52.15 36.73
C LEU I 221 97.46 -52.17 36.55
N LEU I 222 98.16 -51.38 37.37
CA LEU I 222 99.61 -51.33 37.25
C LEU I 222 100.24 -52.72 37.44
N LYS I 223 99.60 -53.53 38.28
CA LYS I 223 100.00 -54.91 38.50
C LYS I 223 100.00 -55.70 37.17
N SER I 224 98.92 -55.59 36.42
CA SER I 224 98.78 -56.36 35.18
C SER I 224 99.87 -56.07 34.16
N PHE I 225 100.57 -54.96 34.32
CA PHE I 225 101.70 -54.66 33.43
C PHE I 225 103.04 -55.02 34.06
N ASN I 226 103.00 -55.58 35.27
CA ASN I 226 104.20 -55.81 36.07
C ASN I 226 104.93 -54.53 36.43
N LEU I 227 104.14 -53.54 36.90
CA LEU I 227 104.68 -52.30 37.44
C LEU I 227 104.03 -51.95 38.78
N THR I 228 104.61 -50.97 39.46
CA THR I 228 104.18 -50.53 40.77
C THR I 228 103.96 -49.06 40.62
N THR I 229 103.31 -48.43 41.59
CA THR I 229 103.07 -47.00 41.49
C THR I 229 104.42 -46.26 41.46
N LYS I 230 105.49 -47.01 41.68
CA LYS I 230 106.83 -46.43 41.66
C LYS I 230 107.43 -46.40 40.27
N SER I 231 106.83 -47.15 39.34
CA SER I 231 107.42 -47.40 38.01
C SER I 231 107.58 -46.16 37.10
N LEU I 232 106.58 -45.29 37.05
CA LEU I 232 106.62 -44.12 36.19
C LEU I 232 106.40 -42.84 36.97
N LYS I 233 107.10 -41.77 36.57
CA LYS I 233 106.87 -40.46 37.18
C LYS I 233 105.44 -39.99 36.89
N PRO I 234 104.71 -39.61 37.94
CA PRO I 234 103.37 -39.06 37.71
C PRO I 234 103.46 -37.83 36.83
N SER I 235 102.33 -37.47 36.21
CA SER I 235 102.29 -36.30 35.34
C SER I 235 101.98 -35.04 36.13
N ASN I 236 101.85 -33.94 35.41
CA ASN I 236 101.57 -32.65 36.03
C ASN I 236 100.13 -32.13 36.01
N PHE I 237 99.22 -32.93 35.47
CA PHE I 237 97.90 -32.44 35.12
C PHE I 237 97.00 -32.04 36.28
N ILE I 238 97.29 -32.50 37.48
CA ILE I 238 96.47 -32.07 38.59
C ILE I 238 97.20 -30.98 39.33
N ASN I 239 96.75 -29.76 39.11
CA ASN I 239 97.20 -28.63 39.91
C ASN I 239 96.39 -28.66 41.21
N THR I 240 96.96 -28.15 42.29
CA THR I 240 96.31 -28.21 43.60
C THR I 240 96.83 -27.12 44.54
N VAL J 25 89.62 -23.23 28.75
CA VAL J 25 90.10 -23.79 27.49
C VAL J 25 89.88 -22.78 26.36
N ASN J 26 89.52 -21.57 26.73
CA ASN J 26 89.42 -20.52 25.72
C ASN J 26 90.66 -19.67 25.59
N ALA J 27 91.59 -19.85 26.51
CA ALA J 27 92.86 -19.12 26.51
C ALA J 27 93.87 -19.78 25.58
N SER J 28 93.72 -21.09 25.41
CA SER J 28 94.64 -21.85 24.57
C SER J 28 94.11 -22.02 23.16
N ASN J 29 93.00 -21.35 22.87
CA ASN J 29 92.35 -21.50 21.58
C ASN J 29 92.92 -20.52 20.56
N PRO J 30 93.61 -21.06 19.57
CA PRO J 30 94.22 -20.33 18.46
C PRO J 30 93.26 -19.46 17.71
N LEU J 31 91.96 -19.76 17.74
CA LEU J 31 91.01 -18.85 17.08
C LEU J 31 90.91 -17.51 17.82
N LEU J 32 90.99 -17.60 19.14
CA LEU J 32 90.92 -16.46 19.99
C LEU J 32 92.26 -15.74 20.02
N HIS J 33 93.33 -16.52 20.17
CA HIS J 33 94.70 -15.96 20.22
C HIS J 33 95.59 -16.45 19.08
N PRO J 34 95.84 -15.58 18.09
CA PRO J 34 96.46 -16.10 16.86
C PRO J 34 97.99 -16.38 16.97
N HIS J 35 98.64 -15.85 18.01
CA HIS J 35 100.04 -16.11 18.26
C HIS J 35 100.22 -17.50 18.86
N LEU J 36 99.13 -18.19 19.05
CA LEU J 36 99.27 -19.57 19.42
C LEU J 36 99.61 -20.25 18.11
N ASP J 37 98.99 -19.75 17.06
CA ASP J 37 99.12 -20.34 15.74
C ASP J 37 100.29 -19.80 14.94
N ASP J 38 100.85 -18.65 15.32
CA ASP J 38 101.83 -18.01 14.43
C ASP J 38 103.20 -18.73 14.15
N PRO J 39 103.98 -19.05 15.22
CA PRO J 39 103.78 -18.58 16.58
C PRO J 39 104.17 -17.13 16.72
N SER J 40 105.25 -16.68 16.09
CA SER J 40 105.74 -15.41 16.58
C SER J 40 105.12 -14.25 15.84
N LEU J 41 104.11 -13.72 16.52
CA LEU J 41 103.55 -12.43 16.29
C LEU J 41 104.10 -11.62 17.43
N LEU J 42 104.79 -12.29 18.35
CA LEU J 42 105.08 -11.69 19.63
C LEU J 42 106.23 -10.71 19.49
N ASN J 43 106.93 -10.82 18.36
CA ASN J 43 107.94 -9.85 17.98
C ASN J 43 107.42 -8.79 16.98
N ASN J 44 106.12 -8.84 16.71
CA ASN J 44 105.44 -7.68 16.11
C ASN J 44 105.01 -6.67 17.17
N PRO J 45 105.57 -5.45 17.10
CA PRO J 45 105.28 -4.43 18.11
C PRO J 45 103.78 -4.26 18.31
N ILE J 46 103.03 -4.37 17.21
CA ILE J 46 101.56 -4.32 17.23
C ILE J 46 100.90 -5.38 18.12
N TRP J 47 101.23 -6.65 17.89
CA TRP J 47 100.65 -7.69 18.72
C TRP J 47 101.27 -7.75 20.11
N LYS J 48 102.49 -7.25 20.23
CA LYS J 48 103.14 -7.16 21.53
C LYS J 48 102.26 -6.23 22.37
N LEU J 49 101.90 -5.09 21.79
CA LEU J 49 100.99 -4.15 22.43
C LEU J 49 99.71 -4.85 22.81
N GLN J 50 99.01 -5.35 21.80
CA GLN J 50 97.74 -6.03 22.01
C GLN J 50 97.83 -6.98 23.20
N LEU J 51 98.62 -8.05 23.08
CA LEU J 51 98.69 -9.05 24.14
C LEU J 51 99.00 -8.42 25.48
N HIS J 52 99.78 -7.33 25.47
CA HIS J 52 100.09 -6.59 26.70
C HIS J 52 98.89 -5.98 27.42
N LEU J 53 98.29 -4.99 26.75
CA LEU J 53 97.10 -4.32 27.27
C LEU J 53 96.04 -5.33 27.62
N ALA J 54 95.76 -6.23 26.69
CA ALA J 54 94.86 -7.36 26.92
C ALA J 54 95.21 -8.10 28.22
N ALA J 55 96.49 -8.26 28.51
CA ALA J 55 96.86 -8.86 29.77
C ALA J 55 96.42 -7.94 30.91
N VAL J 56 96.67 -6.64 30.81
CA VAL J 56 96.23 -5.74 31.88
C VAL J 56 94.73 -5.82 32.15
N SER J 57 93.96 -5.85 31.07
CA SER J 57 92.51 -5.98 31.12
C SER J 57 92.18 -7.25 31.85
N ALA J 58 92.72 -8.36 31.37
CA ALA J 58 92.48 -9.64 31.99
C ALA J 58 92.77 -9.60 33.49
N GLN J 59 93.77 -8.83 33.88
CA GLN J 59 94.13 -8.66 35.30
C GLN J 59 93.00 -7.99 36.09
N SER J 60 92.36 -6.98 35.49
CA SER J 60 91.29 -6.18 36.11
C SER J 60 90.14 -6.98 36.75
N LEU J 61 89.95 -8.22 36.35
CA LEU J 61 88.74 -8.97 36.70
C LEU J 61 88.58 -9.23 38.20
N GLY J 62 87.31 -9.41 38.61
CA GLY J 62 86.97 -9.84 39.95
C GLY J 62 86.55 -8.75 40.92
N GLN J 63 86.98 -7.53 40.66
CA GLN J 63 86.61 -6.39 41.51
C GLN J 63 85.54 -5.54 40.83
N PRO J 64 84.44 -5.28 41.53
CA PRO J 64 83.41 -4.38 41.00
C PRO J 64 83.91 -2.95 40.88
N ASN J 65 83.53 -2.31 39.78
CA ASN J 65 83.88 -0.91 39.50
C ASN J 65 85.36 -0.67 39.61
N ILE J 66 86.16 -1.54 39.00
CA ILE J 66 87.60 -1.42 39.17
C ILE J 66 88.05 -0.03 38.90
N TYR J 67 87.67 0.49 37.74
CA TYR J 67 88.15 1.80 37.36
C TYR J 67 87.92 2.82 38.48
N ALA J 68 86.69 2.94 38.96
CA ALA J 68 86.42 3.90 40.01
C ALA J 68 87.42 3.76 41.17
N ARG J 69 87.63 2.53 41.65
CA ARG J 69 88.58 2.30 42.75
C ARG J 69 89.99 2.78 42.42
N GLN J 70 90.41 2.44 41.20
CA GLN J 70 91.75 2.76 40.73
C GLN J 70 91.91 4.27 40.71
N ASN J 71 90.83 4.98 40.39
CA ASN J 71 90.83 6.44 40.40
C ASN J 71 90.83 6.98 41.82
N ALA J 72 90.26 6.22 42.75
CA ALA J 72 90.37 6.52 44.18
C ALA J 72 91.83 6.64 44.50
N MET J 73 92.54 5.52 44.34
CA MET J 73 93.98 5.49 44.60
C MET J 73 94.75 6.55 43.83
N LYS J 74 94.60 6.58 42.51
CA LYS J 74 95.32 7.54 41.66
C LYS J 74 95.13 8.97 42.13
N LYS J 75 93.88 9.36 42.39
CA LYS J 75 93.64 10.67 42.99
C LYS J 75 94.45 10.82 44.29
N TYR J 76 94.36 9.84 45.19
CA TYR J 76 95.11 9.86 46.47
C TYR J 76 96.65 9.95 46.38
N LEU J 77 97.26 8.86 45.91
CA LEU J 77 98.73 8.72 45.84
C LEU J 77 99.37 9.57 44.74
N CYS J 132 96.69 0.81 41.19
CA CYS J 132 96.11 1.98 40.53
C CYS J 132 96.21 1.90 39.00
N THR J 133 96.31 0.68 38.47
CA THR J 133 96.62 0.44 37.05
C THR J 133 95.88 1.36 36.10
N LYS J 134 94.57 1.19 35.98
CA LYS J 134 93.75 2.01 35.07
C LYS J 134 94.23 1.87 33.64
N GLN J 135 93.94 0.72 33.06
CA GLN J 135 94.46 0.36 31.77
C GLN J 135 94.08 1.34 30.66
N ALA J 136 93.24 2.33 30.97
CA ALA J 136 93.14 3.46 30.05
C ALA J 136 94.47 4.20 30.17
N LEU J 137 94.97 4.29 31.40
CA LEU J 137 96.22 4.99 31.66
C LEU J 137 97.41 4.16 31.18
N MET J 138 97.28 2.84 31.27
CA MET J 138 98.32 1.96 30.73
C MET J 138 98.29 1.93 29.21
N GLU J 139 97.10 2.05 28.62
CA GLU J 139 97.00 2.22 27.17
C GLU J 139 97.74 3.51 26.84
N MET J 140 97.61 4.53 27.68
CA MET J 140 98.33 5.78 27.39
C MET J 140 99.85 5.62 27.48
N ALA J 141 100.32 5.11 28.64
CA ALA J 141 101.75 4.83 28.81
C ALA J 141 102.27 4.09 27.59
N ASP J 142 101.73 2.90 27.35
CA ASP J 142 102.15 2.07 26.23
C ASP J 142 102.07 2.69 24.81
N THR J 143 101.11 3.55 24.54
CA THR J 143 101.07 4.15 23.21
C THR J 143 102.18 5.18 23.09
N LEU J 144 102.46 5.88 24.21
CA LEU J 144 103.58 6.84 24.24
C LEU J 144 104.95 6.15 24.12
N THR J 145 105.24 5.16 24.97
CA THR J 145 106.49 4.42 24.84
C THR J 145 106.58 3.67 23.50
N ASP J 146 105.43 3.29 22.94
CA ASP J 146 105.39 2.64 21.62
C ASP J 146 105.87 3.60 20.56
N SER J 147 105.43 4.85 20.64
CA SER J 147 105.81 5.79 19.60
C SER J 147 107.06 6.63 19.86
N LYS J 148 107.59 6.60 21.08
CA LYS J 148 108.83 7.31 21.41
C LYS J 148 110.04 6.49 20.96
N THR J 149 109.98 5.18 21.20
CA THR J 149 111.04 4.26 20.77
C THR J 149 110.90 3.84 19.30
N ALA J 150 109.77 4.19 18.70
CA ALA J 150 109.55 4.02 17.27
C ALA J 150 109.87 5.31 16.49
N LYS J 151 110.42 6.31 17.19
CA LYS J 151 110.89 7.55 16.54
C LYS J 151 112.40 7.51 16.35
N ASP J 222 75.49 25.15 40.96
CA ASP J 222 75.99 24.90 39.60
C ASP J 222 75.88 23.39 39.31
N ASP J 223 76.08 22.97 38.06
CA ASP J 223 76.74 21.67 37.74
C ASP J 223 76.87 21.26 36.27
N GLN J 224 77.93 20.50 35.96
CA GLN J 224 78.07 19.53 34.82
C GLN J 224 78.92 18.31 35.22
N LEU J 225 80.19 18.68 35.51
CA LEU J 225 81.28 18.02 36.31
C LEU J 225 81.73 16.56 35.97
N TRP J 226 81.48 15.55 36.81
CA TRP J 226 81.91 14.15 36.51
C TRP J 226 81.50 13.56 35.15
N HIS J 227 82.49 13.09 34.37
CA HIS J 227 82.28 12.56 33.01
C HIS J 227 82.36 11.04 32.69
N ALA J 228 82.61 10.19 33.68
CA ALA J 228 82.85 8.76 33.39
C ALA J 228 82.05 7.77 34.24
N LEU J 229 81.45 6.77 33.61
CA LEU J 229 80.52 5.91 34.34
C LEU J 229 81.02 4.48 34.52
N ASP J 230 81.21 4.03 35.76
CA ASP J 230 81.83 2.72 35.91
C ASP J 230 80.85 1.61 36.25
N LEU J 231 80.50 0.82 35.24
CA LEU J 231 79.64 -0.36 35.37
C LEU J 231 80.39 -1.70 35.38
N SER J 232 81.72 -1.61 35.43
CA SER J 232 82.61 -2.76 35.36
C SER J 232 82.52 -3.86 36.44
N ASN J 233 82.46 -5.10 35.98
CA ASN J 233 82.53 -6.25 36.87
C ASN J 233 81.40 -6.39 37.88
N LEU J 234 80.15 -6.35 37.44
CA LEU J 234 79.05 -6.83 38.26
C LEU J 234 78.32 -7.77 37.34
N GLN J 235 78.41 -9.08 37.53
CA GLN J 235 78.20 -9.89 36.35
C GLN J 235 76.72 -9.84 36.05
N ILE J 236 76.44 -9.13 34.96
CA ILE J 236 75.18 -8.38 34.73
C ILE J 236 74.79 -8.75 33.32
N PHE J 237 73.56 -9.22 33.12
CA PHE J 237 73.25 -9.76 31.81
C PHE J 237 72.80 -8.69 30.86
N ASN J 238 72.48 -7.53 31.47
CA ASN J 238 71.74 -6.42 30.86
C ASN J 238 72.10 -4.94 31.20
N ILE J 239 71.78 -4.02 30.31
CA ILE J 239 72.21 -2.63 30.49
C ILE J 239 71.06 -1.64 30.34
N SER J 240 70.84 -0.81 31.38
CA SER J 240 69.73 0.17 31.40
C SER J 240 69.75 1.17 30.25
N ALA J 241 68.60 1.33 29.58
CA ALA J 241 68.56 2.22 28.42
C ALA J 241 68.83 3.67 28.83
N ASN J 242 68.48 3.98 30.07
CA ASN J 242 68.82 5.27 30.65
C ASN J 242 70.29 5.66 30.64
N ILE J 243 71.21 4.71 30.69
CA ILE J 243 72.59 5.14 30.75
C ILE J 243 72.87 5.91 29.49
N PHE J 244 72.13 5.63 28.44
CA PHE J 244 72.46 6.28 27.17
C PHE J 244 71.98 7.70 27.16
N LYS J 245 71.01 7.97 28.04
CA LYS J 245 70.45 9.32 28.21
C LYS J 245 71.49 10.28 28.78
N TYR J 246 72.60 9.74 29.30
CA TYR J 246 73.68 10.59 29.83
C TYR J 246 74.62 10.84 28.67
N ASP J 247 74.51 12.01 28.05
CA ASP J 247 75.23 12.28 26.81
C ASP J 247 76.54 13.00 27.09
N PHE J 248 76.72 13.41 28.34
CA PHE J 248 77.91 14.15 28.75
C PHE J 248 79.09 13.24 29.06
N LEU J 249 78.79 11.95 29.21
CA LEU J 249 79.80 10.94 29.49
C LEU J 249 80.85 10.97 28.39
N THR J 250 82.12 11.13 28.80
CA THR J 250 83.21 10.85 27.89
C THR J 250 83.81 9.44 28.07
N ARG J 251 83.47 8.73 29.16
CA ARG J 251 84.14 7.45 29.39
C ARG J 251 83.30 6.13 29.37
N LEU J 252 82.45 5.81 30.33
CA LEU J 252 81.67 4.52 30.24
C LEU J 252 82.40 3.12 30.13
N TYR J 253 82.79 2.56 31.28
CA TYR J 253 83.29 1.18 31.31
C TYR J 253 82.17 0.14 31.50
N LEU J 254 81.91 -0.65 30.45
CA LEU J 254 80.91 -1.73 30.51
C LEU J 254 81.52 -3.09 30.77
N ASN J 255 82.83 -3.12 30.90
CA ASN J 255 83.57 -4.36 30.94
C ASN J 255 83.33 -5.25 32.15
N GLY J 256 83.52 -6.56 31.98
CA GLY J 256 83.48 -7.51 33.07
C GLY J 256 82.08 -7.94 33.45
N ASN J 257 81.23 -8.08 32.45
CA ASN J 257 79.83 -8.43 32.68
C ASN J 257 79.41 -9.58 31.81
N SER J 258 78.11 -9.86 31.78
CA SER J 258 77.60 -10.81 30.80
C SER J 258 76.95 -10.22 29.55
N LEU J 259 77.05 -8.89 29.36
CA LEU J 259 76.28 -8.25 28.28
C LEU J 259 76.47 -9.02 26.99
N THR J 260 75.38 -9.40 26.35
CA THR J 260 75.48 -10.06 25.07
C THR J 260 75.18 -9.16 23.89
N GLU J 261 74.75 -7.94 24.15
CA GLU J 261 74.42 -7.00 23.10
C GLU J 261 74.88 -5.64 23.53
N LEU J 262 75.20 -4.77 22.58
CA LEU J 262 75.34 -3.36 22.90
C LEU J 262 74.25 -2.51 22.22
N PRO J 263 73.34 -1.91 23.00
CA PRO J 263 72.23 -1.11 22.48
C PRO J 263 72.61 -0.06 21.42
N ALA J 264 71.80 0.02 20.37
CA ALA J 264 71.98 1.03 19.34
C ALA J 264 72.07 2.45 19.92
N GLU J 265 71.41 2.68 21.06
CA GLU J 265 71.38 4.00 21.67
C GLU J 265 72.80 4.45 21.91
N ILE J 266 73.77 3.55 21.77
CA ILE J 266 75.13 3.92 22.09
C ILE J 266 75.44 5.19 21.31
N LYS J 267 74.68 5.41 20.24
CA LYS J 267 74.98 6.52 19.36
C LYS J 267 74.77 7.90 19.99
N ASN J 268 74.02 8.02 21.08
CA ASN J 268 73.77 9.33 21.71
C ASN J 268 74.85 9.63 22.72
N LEU J 269 75.82 8.73 22.74
CA LEU J 269 76.99 8.81 23.59
C LEU J 269 78.13 9.50 22.86
N SER J 270 77.79 10.24 21.81
CA SER J 270 78.75 10.86 20.88
C SER J 270 79.95 11.60 21.46
N ASN J 271 79.86 12.09 22.69
CA ASN J 271 81.04 12.68 23.32
C ASN J 271 81.98 11.61 23.92
N LEU J 272 81.66 10.35 23.65
CA LEU J 272 82.44 9.21 24.14
C LEU J 272 83.90 9.22 23.68
N ARG J 273 84.79 8.83 24.58
CA ARG J 273 86.23 8.83 24.35
C ARG J 273 86.93 7.50 24.67
N VAL J 274 86.83 7.03 25.91
CA VAL J 274 87.13 5.63 26.20
C VAL J 274 85.83 4.80 26.14
N LEU J 275 85.88 3.56 25.65
CA LEU J 275 84.76 2.59 25.82
C LEU J 275 85.29 1.19 26.05
N ASP J 276 84.81 0.49 27.08
CA ASP J 276 85.37 -0.83 27.40
C ASP J 276 84.34 -1.97 27.52
N LEU J 277 84.34 -2.84 26.50
CA LEU J 277 83.38 -3.95 26.39
C LEU J 277 83.95 -5.31 26.80
N SER J 278 85.19 -5.29 27.26
CA SER J 278 85.95 -6.51 27.45
C SER J 278 85.28 -7.51 28.37
N HIS J 279 85.56 -8.80 28.17
CA HIS J 279 85.12 -9.84 29.10
C HIS J 279 83.63 -9.83 29.27
N ASN J 280 82.94 -9.68 28.14
CA ASN J 280 81.50 -9.84 28.00
C ASN J 280 81.13 -10.92 26.97
N ARG J 281 79.85 -11.13 26.75
CA ARG J 281 79.41 -12.11 25.76
C ARG J 281 79.04 -11.54 24.38
N LEU J 282 79.46 -10.32 24.09
CA LEU J 282 79.13 -9.72 22.79
C LEU J 282 79.54 -10.67 21.71
N THR J 283 78.62 -10.94 20.79
CA THR J 283 78.93 -11.74 19.60
C THR J 283 79.12 -10.85 18.34
N SER J 284 78.97 -9.54 18.50
CA SER J 284 79.02 -8.60 17.38
C SER J 284 78.92 -7.20 17.92
N LEU J 285 79.26 -6.20 17.10
CA LEU J 285 79.23 -4.81 17.56
C LEU J 285 78.37 -3.88 16.70
N PRO J 286 77.75 -2.89 17.36
CA PRO J 286 76.86 -1.98 16.68
C PRO J 286 77.59 -1.20 15.61
N ALA J 287 76.99 -1.15 14.41
CA ALA J 287 77.38 -0.12 13.47
C ALA J 287 76.81 0.99 14.29
N GLU J 288 76.96 2.24 13.91
CA GLU J 288 76.30 3.26 14.73
C GLU J 288 76.94 3.25 16.10
N LEU J 289 77.92 2.36 16.28
CA LEU J 289 78.99 2.62 17.22
C LEU J 289 79.87 3.56 16.40
N GLY J 290 79.50 3.70 15.13
CA GLY J 290 80.31 4.48 14.23
C GLY J 290 80.07 5.94 14.44
N SER J 291 78.89 6.26 14.97
CA SER J 291 78.48 7.64 15.19
C SER J 291 79.23 8.25 16.37
N CYS J 292 80.02 7.39 17.02
CA CYS J 292 80.73 7.70 18.24
C CYS J 292 82.09 8.36 18.05
N PHE J 293 82.28 8.98 16.89
CA PHE J 293 83.59 9.28 16.31
C PHE J 293 84.68 9.75 17.27
N GLN J 294 84.31 10.44 18.35
CA GLN J 294 85.34 11.01 19.21
C GLN J 294 86.16 9.97 20.03
N LEU J 295 85.80 8.69 19.88
CA LEU J 295 86.52 7.59 20.54
C LEU J 295 88.03 7.61 20.32
N LYS J 296 88.79 7.52 21.40
CA LYS J 296 90.23 7.38 21.33
C LYS J 296 90.55 5.94 21.61
N TYR J 297 90.22 5.45 22.80
CA TYR J 297 90.41 4.04 23.20
C TYR J 297 89.13 3.20 23.17
N PHE J 298 89.15 2.04 22.51
CA PHE J 298 87.98 1.17 22.45
C PHE J 298 88.41 -0.28 22.65
N TYR J 299 87.85 -0.96 23.66
CA TYR J 299 88.29 -2.32 24.01
C TYR J 299 87.15 -3.29 24.06
N PHE J 300 87.09 -4.26 23.17
CA PHE J 300 86.33 -5.44 23.50
C PHE J 300 87.27 -6.61 23.51
N PHE J 301 87.85 -6.92 24.65
CA PHE J 301 88.78 -8.03 24.71
C PHE J 301 87.91 -9.21 25.10
N ASP J 302 88.16 -10.39 24.57
CA ASP J 302 87.52 -11.58 25.15
C ASP J 302 86.11 -11.94 24.66
N ASN J 303 85.45 -11.06 23.91
CA ASN J 303 84.14 -11.42 23.36
C ASN J 303 84.23 -12.47 22.22
N MET J 304 83.10 -12.83 21.63
CA MET J 304 83.19 -13.67 20.44
C MET J 304 82.80 -12.77 19.31
N VAL J 305 83.78 -12.20 18.61
CA VAL J 305 83.48 -11.10 17.71
C VAL J 305 84.17 -11.36 16.40
N THR J 306 83.40 -11.56 15.34
CA THR J 306 84.02 -11.88 14.06
C THR J 306 84.50 -10.66 13.28
N THR J 307 83.70 -9.60 13.27
CA THR J 307 83.90 -8.54 12.29
C THR J 307 83.71 -7.13 12.83
N LEU J 308 84.32 -6.15 12.17
CA LEU J 308 83.96 -4.75 12.33
C LEU J 308 82.94 -4.34 11.28
N PRO J 309 81.94 -3.53 11.66
CA PRO J 309 80.80 -3.29 10.77
C PRO J 309 81.00 -2.25 9.68
N TRP J 310 82.16 -2.16 9.05
CA TRP J 310 82.42 -0.98 8.23
C TRP J 310 82.15 0.14 9.20
N GLU J 311 81.42 1.17 8.76
CA GLU J 311 81.17 2.32 9.64
C GLU J 311 82.54 2.71 10.17
N PHE J 312 82.78 2.60 11.47
CA PHE J 312 84.15 2.81 11.93
C PHE J 312 84.97 1.89 11.10
N GLY J 313 85.97 2.42 10.40
CA GLY J 313 86.67 3.66 10.69
C GLY J 313 86.06 4.96 10.26
N ASN J 314 84.73 4.96 10.25
CA ASN J 314 84.01 6.19 10.46
C ASN J 314 84.58 6.90 11.68
N LEU J 315 85.20 6.15 12.60
CA LEU J 315 85.84 6.79 13.75
C LEU J 315 87.33 6.95 13.58
N CYS J 316 87.68 8.20 13.30
CA CYS J 316 88.98 8.64 12.84
C CYS J 316 89.97 8.79 13.96
N ASN J 317 89.49 9.21 15.13
CA ASN J 317 90.40 9.57 16.23
C ASN J 317 90.86 8.36 17.06
N LEU J 318 90.35 7.17 16.71
CA LEU J 318 90.66 5.98 17.49
C LEU J 318 92.18 5.76 17.52
N GLN J 319 92.78 5.78 18.71
CA GLN J 319 94.19 5.43 18.90
C GLN J 319 94.45 3.93 19.08
N PHE J 320 93.60 3.27 19.87
CA PHE J 320 93.74 1.84 20.16
C PHE J 320 92.41 1.09 20.10
N LEU J 321 92.32 0.11 19.23
CA LEU J 321 91.17 -0.77 19.25
C LEU J 321 91.72 -2.11 19.71
N GLY J 322 91.50 -2.45 20.98
CA GLY J 322 91.94 -3.75 21.49
C GLY J 322 91.06 -4.89 21.02
N VAL J 323 91.62 -5.81 20.24
CA VAL J 323 90.88 -6.98 19.77
C VAL J 323 91.22 -8.36 20.33
N GLU J 324 92.26 -8.49 21.17
CA GLU J 324 92.77 -9.82 21.53
C GLU J 324 92.16 -10.42 22.81
N GLY J 325 91.34 -11.45 22.65
CA GLY J 325 90.96 -11.87 21.33
C GLY J 325 89.59 -12.52 21.28
N ASN J 326 88.98 -12.31 20.13
CA ASN J 326 87.73 -12.90 19.76
C ASN J 326 88.11 -13.46 18.41
N PRO J 327 87.31 -14.39 17.90
CA PRO J 327 87.55 -15.04 16.61
C PRO J 327 87.46 -14.10 15.39
N LEU J 328 88.40 -13.18 15.25
CA LEU J 328 88.42 -12.24 14.13
C LEU J 328 88.61 -12.97 12.80
N GLU J 329 88.15 -12.34 11.74
CA GLU J 329 88.00 -13.01 10.45
C GLU J 329 89.32 -13.22 9.74
N LYS J 330 90.38 -12.65 10.29
CA LYS J 330 91.75 -12.74 9.73
C LYS J 330 92.04 -11.77 8.59
N GLN J 331 91.02 -11.19 7.98
CA GLN J 331 91.29 -10.15 7.01
C GLN J 331 91.57 -8.85 7.76
N PHE J 332 90.76 -8.60 8.79
CA PHE J 332 90.96 -7.45 9.65
C PHE J 332 92.20 -7.68 10.48
N LEU J 333 92.49 -8.94 10.80
CA LEU J 333 93.63 -9.25 11.65
C LEU J 333 94.90 -8.91 10.90
N LYS J 334 94.94 -9.42 9.67
CA LYS J 334 96.04 -9.21 8.76
C LYS J 334 96.21 -7.72 8.50
N ILE J 335 95.13 -6.94 8.46
CA ILE J 335 95.31 -5.50 8.32
C ILE J 335 95.78 -4.81 9.61
N LEU J 336 95.32 -5.31 10.75
CA LEU J 336 95.59 -4.70 12.05
C LEU J 336 97.06 -4.82 12.33
N THR J 337 97.57 -6.01 12.05
CA THR J 337 99.01 -6.18 11.93
C THR J 337 99.36 -5.61 10.54
N GLU J 338 100.54 -4.99 10.46
CA GLU J 338 101.03 -4.26 9.28
C GLU J 338 100.44 -2.87 9.00
N LYS J 339 99.18 -2.61 9.28
CA LYS J 339 98.70 -1.24 9.15
C LYS J 339 98.37 -0.55 10.47
N SER J 340 98.47 -1.35 11.53
CA SER J 340 97.97 -1.04 12.87
C SER J 340 96.49 -0.58 12.91
N VAL J 341 96.21 0.32 13.84
CA VAL J 341 94.84 0.66 14.12
C VAL J 341 94.37 1.59 13.06
N THR J 342 95.03 2.73 12.99
CA THR J 342 94.73 3.73 12.00
C THR J 342 94.66 3.14 10.60
N GLY J 343 95.51 2.13 10.34
CA GLY J 343 95.48 1.42 9.07
C GLY J 343 94.18 0.66 8.88
N LEU J 344 93.78 -0.11 9.90
CA LEU J 344 92.55 -0.89 9.85
C LEU J 344 91.33 0.02 9.59
N ILE J 345 91.25 1.05 10.43
CA ILE J 345 90.30 2.14 10.30
C ILE J 345 90.26 2.72 8.90
N PHE J 346 91.42 2.86 8.27
CA PHE J 346 91.44 3.34 6.88
C PHE J 346 90.97 2.34 5.83
N TYR J 347 91.27 1.05 6.01
CA TYR J 347 90.70 0.06 5.11
C TYR J 347 89.19 0.19 5.17
N LEU J 348 88.67 0.30 6.38
CA LEU J 348 87.23 0.40 6.54
C LEU J 348 86.70 1.69 5.92
N ARG J 349 87.29 2.84 6.28
CA ARG J 349 86.84 4.10 5.72
C ARG J 349 86.72 3.93 4.22
N ASP J 350 87.79 3.41 3.61
CA ASP J 350 87.92 3.42 2.15
C ASP J 350 87.05 2.43 1.40
N ASN J 351 86.99 1.19 1.84
CA ASN J 351 86.32 0.15 1.05
C ASN J 351 84.84 -0.15 1.34
N ARG J 352 84.23 0.59 2.26
CA ARG J 352 82.80 0.43 2.48
C ARG J 352 81.98 0.68 1.20
N PRO J 353 81.20 -0.58 1.42
CA PRO J 353 80.37 -0.82 0.22
C PRO J 353 79.45 0.37 0.00
N GLU J 354 78.66 0.35 -1.08
CA GLU J 354 78.21 1.61 -1.64
C GLU J 354 77.11 2.23 -0.81
N ILE J 355 75.89 1.91 -1.13
CA ILE J 355 74.64 2.50 -0.66
C ILE J 355 74.16 3.65 -1.53
N PRO J 356 72.90 3.52 -1.98
CA PRO J 356 72.15 4.31 -2.95
C PRO J 356 71.41 5.41 -2.25
N LEU J 357 70.78 6.29 -3.02
CA LEU J 357 69.67 7.06 -2.47
C LEU J 357 68.39 6.34 -2.92
N PRO J 358 67.22 6.75 -2.39
CA PRO J 358 65.98 6.41 -3.09
C PRO J 358 65.81 7.39 -4.24
N VAL K 25 -80.00 39.52 31.33
CA VAL K 25 -80.31 40.42 30.21
C VAL K 25 -80.72 39.69 28.92
N ASN K 26 -80.35 38.41 28.79
CA ASN K 26 -80.82 37.58 27.69
C ASN K 26 -82.20 36.95 27.90
N ALA K 27 -82.51 36.64 29.15
CA ALA K 27 -83.82 36.08 29.53
C ALA K 27 -84.95 37.11 29.35
N SER K 28 -84.62 38.39 29.49
CA SER K 28 -85.55 39.49 29.21
C SER K 28 -85.35 40.16 27.84
N ASN K 29 -84.39 39.69 27.06
CA ASN K 29 -84.08 40.32 25.79
C ASN K 29 -85.21 40.19 24.76
N PRO K 30 -85.60 41.32 24.13
CA PRO K 30 -86.56 41.33 23.03
C PRO K 30 -85.99 40.75 21.74
N LEU K 31 -84.71 41.01 21.47
CA LEU K 31 -84.08 40.55 20.24
C LEU K 31 -83.96 39.03 20.21
N LEU K 32 -84.00 38.42 21.40
CA LEU K 32 -83.98 36.96 21.52
C LEU K 32 -85.36 36.36 21.30
N HIS K 33 -86.24 36.54 22.28
CA HIS K 33 -87.63 36.13 22.16
C HIS K 33 -88.44 37.36 21.75
N PRO K 34 -88.94 37.38 20.51
CA PRO K 34 -89.60 38.58 20.01
C PRO K 34 -91.02 38.75 20.61
N HIS K 35 -91.38 37.88 21.53
CA HIS K 35 -92.72 37.90 22.13
C HIS K 35 -92.79 38.77 23.39
N LEU K 36 -91.72 39.50 23.66
CA LEU K 36 -91.78 40.50 24.72
C LEU K 36 -92.26 41.78 24.06
N ASP K 37 -92.25 41.76 22.73
CA ASP K 37 -92.80 42.85 21.93
C ASP K 37 -94.31 42.81 21.66
N ASP K 38 -94.83 41.62 21.34
CA ASP K 38 -96.15 41.49 20.71
C ASP K 38 -97.32 42.33 21.31
N PRO K 39 -97.54 42.27 22.65
CA PRO K 39 -96.89 41.42 23.65
C PRO K 39 -97.35 39.96 23.57
N SER K 40 -98.57 39.73 23.10
CA SER K 40 -99.14 38.40 23.27
C SER K 40 -99.17 37.55 22.03
N LEU K 41 -98.29 36.56 22.01
CA LEU K 41 -98.46 35.39 21.18
C LEU K 41 -99.05 34.35 22.12
N LEU K 42 -99.17 34.71 23.40
CA LEU K 42 -99.51 33.77 24.48
C LEU K 42 -100.86 33.10 24.26
N ASN K 43 -101.63 33.69 23.34
CA ASN K 43 -102.87 33.14 22.79
C ASN K 43 -102.62 32.12 21.66
N ASN K 44 -101.70 32.49 20.76
CA ASN K 44 -101.36 31.72 19.57
C ASN K 44 -100.82 30.36 20.00
N PRO K 45 -101.59 29.29 19.74
CA PRO K 45 -101.16 27.99 20.30
C PRO K 45 -99.78 27.60 19.78
N ILE K 46 -99.39 28.21 18.66
CA ILE K 46 -98.06 28.07 18.09
C ILE K 46 -96.90 28.53 19.00
N TRP K 47 -96.77 29.84 19.20
CA TRP K 47 -95.69 30.35 20.06
C TRP K 47 -96.03 30.15 21.54
N LYS K 48 -97.27 29.77 21.81
CA LYS K 48 -97.65 29.19 23.09
C LYS K 48 -96.83 27.92 23.32
N LEU K 49 -97.02 26.91 22.46
CA LEU K 49 -96.20 25.68 22.49
C LEU K 49 -94.68 25.96 22.49
N GLN K 50 -94.24 26.95 21.71
CA GLN K 50 -92.87 27.44 21.81
C GLN K 50 -92.49 27.81 23.24
N LEU K 51 -93.36 28.53 23.94
CA LEU K 51 -93.04 28.94 25.30
C LEU K 51 -93.09 27.82 26.35
N HIS K 52 -94.17 27.05 26.37
CA HIS K 52 -94.29 25.92 27.31
C HIS K 52 -93.11 24.99 27.14
N LEU K 53 -92.85 24.57 25.90
CA LEU K 53 -91.77 23.62 25.66
C LEU K 53 -90.35 24.19 25.83
N ALA K 54 -90.16 25.47 25.50
CA ALA K 54 -88.88 26.15 25.77
C ALA K 54 -88.57 26.22 27.26
N ALA K 55 -89.62 26.34 28.08
CA ALA K 55 -89.44 26.33 29.53
C ALA K 55 -89.22 24.93 30.08
N VAL K 56 -89.95 23.92 29.58
CA VAL K 56 -89.62 22.55 29.97
C VAL K 56 -88.15 22.26 29.65
N SER K 57 -87.66 22.81 28.53
CA SER K 57 -86.25 22.72 28.17
C SER K 57 -85.33 23.37 29.17
N ALA K 58 -85.44 24.68 29.29
CA ALA K 58 -84.54 25.41 30.17
C ALA K 58 -84.69 24.97 31.65
N GLN K 59 -85.68 24.13 31.93
CA GLN K 59 -85.77 23.49 33.25
C GLN K 59 -84.65 22.48 33.46
N SER K 60 -84.42 21.64 32.44
CA SER K 60 -83.52 20.49 32.52
C SER K 60 -82.02 20.78 32.72
N LEU K 61 -81.66 22.06 32.64
CA LEU K 61 -80.26 22.47 32.81
C LEU K 61 -79.68 22.05 34.15
N GLY K 62 -78.36 21.92 34.18
CA GLY K 62 -77.63 21.77 35.42
C GLY K 62 -77.35 20.35 35.88
N GLN K 63 -78.15 19.40 35.40
CA GLN K 63 -77.92 18.00 35.74
C GLN K 63 -77.42 17.13 34.54
N PRO K 64 -76.24 16.50 34.68
CA PRO K 64 -75.67 15.64 33.64
C PRO K 64 -76.56 14.46 33.24
N ASN K 65 -76.79 14.30 31.93
CA ASN K 65 -77.51 13.17 31.35
C ASN K 65 -78.99 13.03 31.72
N ILE K 66 -79.74 14.13 31.67
CA ILE K 66 -81.15 14.11 32.07
C ILE K 66 -81.93 12.99 31.46
N TYR K 67 -82.05 13.00 30.15
CA TYR K 67 -82.89 12.01 29.47
C TYR K 67 -82.66 10.58 29.97
N ALA K 68 -81.42 10.26 30.35
CA ALA K 68 -81.11 8.92 30.84
C ALA K 68 -81.63 8.68 32.25
N ARG K 69 -81.51 9.72 33.09
CA ARG K 69 -82.07 9.72 34.44
C ARG K 69 -83.59 9.61 34.41
N GLN K 70 -84.17 10.58 33.74
CA GLN K 70 -85.61 10.62 33.55
C GLN K 70 -86.05 9.23 33.12
N ASN K 71 -85.41 8.66 32.11
CA ASN K 71 -85.80 7.33 31.68
C ASN K 71 -85.55 6.25 32.75
N ALA K 72 -84.66 6.54 33.69
CA ALA K 72 -84.48 5.64 34.84
C ALA K 72 -85.79 5.59 35.61
N MET K 73 -86.23 6.79 36.01
CA MET K 73 -87.45 6.98 36.80
C MET K 73 -88.67 6.45 36.05
N LYS K 74 -88.85 6.89 34.81
CA LYS K 74 -89.89 6.37 33.92
C LYS K 74 -89.91 4.84 33.95
N LYS K 75 -88.82 4.21 33.50
CA LYS K 75 -88.77 2.75 33.45
C LYS K 75 -89.24 2.18 34.80
N TYR K 76 -88.82 2.83 35.88
CA TYR K 76 -89.28 2.51 37.25
C TYR K 76 -90.81 2.60 37.40
N LEU K 77 -91.34 3.82 37.36
CA LEU K 77 -92.79 4.05 37.36
C LEU K 77 -93.47 3.55 36.07
N CYS K 132 -89.27 15.81 36.46
CA CYS K 132 -88.63 14.64 35.84
C CYS K 132 -89.59 13.81 34.98
N THR K 133 -89.95 14.36 33.81
CA THR K 133 -90.84 13.68 32.86
C THR K 133 -90.15 13.34 31.53
N LYS K 134 -89.97 14.33 30.67
CA LYS K 134 -89.18 14.25 29.43
C LYS K 134 -89.44 15.57 28.72
N GLN K 135 -88.58 15.97 27.80
CA GLN K 135 -89.04 16.95 26.83
C GLN K 135 -89.69 16.32 25.63
N ALA K 136 -89.21 15.13 25.26
CA ALA K 136 -89.79 14.41 24.13
C ALA K 136 -91.24 14.09 24.50
N LEU K 137 -91.46 13.74 25.77
CA LEU K 137 -92.80 13.36 26.23
C LEU K 137 -93.74 14.53 26.47
N MET K 138 -93.20 15.63 27.00
CA MET K 138 -93.94 16.90 27.10
C MET K 138 -94.36 17.40 25.71
N GLU K 139 -93.43 17.35 24.75
CA GLU K 139 -93.76 17.60 23.35
C GLU K 139 -94.92 16.69 22.93
N MET K 140 -94.75 15.37 22.97
CA MET K 140 -95.82 14.46 22.54
C MET K 140 -97.19 14.79 23.15
N ALA K 141 -97.24 15.05 24.45
CA ALA K 141 -98.50 15.47 25.05
C ALA K 141 -99.00 16.78 24.40
N ASP K 142 -98.30 17.88 24.64
CA ASP K 142 -98.75 19.20 24.19
C ASP K 142 -99.22 19.18 22.73
N THR K 143 -98.51 18.44 21.88
CA THR K 143 -98.99 18.27 20.52
C THR K 143 -100.31 17.46 20.53
N LEU K 144 -100.40 16.45 21.39
CA LEU K 144 -101.66 15.69 21.51
C LEU K 144 -102.86 16.51 22.00
N THR K 145 -102.61 17.54 22.81
CA THR K 145 -103.69 18.43 23.24
C THR K 145 -104.03 19.43 22.14
N ASP K 146 -103.02 19.92 21.41
CA ASP K 146 -103.29 20.77 20.26
C ASP K 146 -104.12 20.00 19.26
N SER K 147 -104.04 18.67 19.33
CA SER K 147 -104.89 17.79 18.52
C SER K 147 -106.28 17.56 19.10
N LYS K 148 -106.36 17.40 20.42
CA LYS K 148 -107.65 17.25 21.07
C LYS K 148 -108.53 18.45 20.73
N THR K 149 -107.96 19.66 20.80
CA THR K 149 -108.71 20.90 20.58
C THR K 149 -108.71 21.41 19.11
N ALA K 150 -108.10 20.64 18.21
CA ALA K 150 -108.22 20.88 16.77
C ALA K 150 -109.27 19.95 16.14
N LYS K 151 -109.91 19.15 17.00
CA LYS K 151 -110.93 18.20 16.57
C LYS K 151 -112.30 18.56 17.17
N ASP K 222 -74.70 -12.35 20.88
CA ASP K 222 -76.13 -11.99 20.73
C ASP K 222 -76.70 -10.56 21.11
N ASP K 223 -76.94 -9.66 20.12
CA ASP K 223 -77.83 -8.44 20.31
C ASP K 223 -78.01 -7.37 19.17
N GLN K 224 -78.99 -6.45 19.34
CA GLN K 224 -79.13 -5.11 18.64
C GLN K 224 -79.58 -3.82 19.46
N LEU K 225 -80.80 -3.90 20.02
CA LEU K 225 -81.41 -3.05 21.11
C LEU K 225 -81.28 -1.49 21.20
N TRP K 226 -80.77 -0.94 22.31
CA TRP K 226 -80.89 0.50 22.68
C TRP K 226 -80.59 1.57 21.59
N HIS K 227 -81.53 2.50 21.40
CA HIS K 227 -81.44 3.56 20.38
C HIS K 227 -81.16 5.05 20.77
N ALA K 228 -80.97 5.36 22.04
CA ALA K 228 -80.82 6.78 22.36
C ALA K 228 -79.46 7.15 22.94
N LEU K 229 -78.97 8.35 22.64
CA LEU K 229 -77.67 8.72 23.20
C LEU K 229 -77.69 10.06 23.93
N ASP K 230 -77.15 10.05 25.15
CA ASP K 230 -77.24 11.21 26.04
C ASP K 230 -75.91 11.87 26.39
N LEU K 231 -75.67 13.00 25.77
CA LEU K 231 -74.55 13.89 26.04
C LEU K 231 -74.91 15.16 26.77
N SER K 232 -76.13 15.18 27.30
CA SER K 232 -76.74 16.38 27.90
C SER K 232 -76.08 16.99 29.14
N ASN K 233 -75.87 18.30 29.08
CA ASN K 233 -75.51 19.06 30.27
C ASN K 233 -74.21 18.68 30.94
N LEU K 234 -73.30 18.09 30.19
CA LEU K 234 -71.91 18.04 30.63
C LEU K 234 -71.14 18.90 29.64
N GLN K 235 -70.72 20.09 30.07
CA GLN K 235 -70.61 21.20 29.11
C GLN K 235 -69.42 21.05 28.20
N ILE K 236 -69.74 20.75 26.95
CA ILE K 236 -68.82 20.13 26.04
C ILE K 236 -68.63 21.13 24.96
N PHE K 237 -67.40 21.51 24.67
CA PHE K 237 -67.14 22.40 23.54
C PHE K 237 -66.78 21.69 22.22
N ASN K 238 -66.89 20.35 22.21
CA ASN K 238 -66.62 19.61 20.99
C ASN K 238 -67.28 18.22 20.82
N ILE K 239 -67.36 17.72 19.59
CA ILE K 239 -67.72 16.31 19.40
C ILE K 239 -66.84 15.51 18.41
N SER K 240 -66.36 14.37 18.88
CA SER K 240 -65.63 13.44 18.03
C SER K 240 -66.65 12.96 17.01
N ALA K 241 -66.24 12.93 15.74
CA ALA K 241 -67.12 12.47 14.67
C ALA K 241 -67.62 11.06 14.97
N ASN K 242 -66.92 10.37 15.86
CA ASN K 242 -67.27 9.00 16.23
C ASN K 242 -68.73 8.73 16.62
N ILE K 243 -69.40 9.67 17.29
CA ILE K 243 -70.79 9.43 17.67
C ILE K 243 -71.67 9.20 16.47
N PHE K 244 -71.28 9.82 15.35
CA PHE K 244 -72.06 9.72 14.14
C PHE K 244 -71.90 8.39 13.42
N LYS K 245 -70.86 7.63 13.77
CA LYS K 245 -70.72 6.31 13.20
C LYS K 245 -71.81 5.39 13.74
N TYR K 246 -72.56 5.88 14.73
CA TYR K 246 -73.55 5.06 15.41
C TYR K 246 -74.82 5.43 14.69
N ASP K 247 -75.23 4.59 13.74
CA ASP K 247 -76.32 4.98 12.87
C ASP K 247 -77.65 4.37 13.27
N PHE K 248 -77.62 3.46 14.24
CA PHE K 248 -78.87 2.89 14.71
C PHE K 248 -79.54 3.92 15.57
N LEU K 249 -78.80 5.00 15.80
CA LEU K 249 -79.25 6.05 16.71
C LEU K 249 -80.48 6.70 16.10
N THR K 250 -81.60 6.65 16.83
CA THR K 250 -82.78 7.43 16.50
C THR K 250 -82.98 8.65 17.40
N ARG K 251 -82.17 8.81 18.44
CA ARG K 251 -82.43 9.87 19.40
C ARG K 251 -81.35 10.95 19.60
N LEU K 252 -80.16 10.64 20.11
CA LEU K 252 -79.11 11.69 20.18
C LEU K 252 -79.41 13.06 20.87
N TYR K 253 -79.37 13.10 22.21
CA TYR K 253 -79.55 14.37 22.96
C TYR K 253 -78.22 15.06 23.26
N LEU K 254 -77.96 16.20 22.63
CA LEU K 254 -76.72 16.97 22.84
C LEU K 254 -76.84 18.25 23.66
N ASN K 255 -78.01 18.48 24.25
CA ASN K 255 -78.34 19.76 24.90
C ASN K 255 -77.50 20.17 26.13
N GLY K 256 -77.29 21.47 26.26
CA GLY K 256 -76.74 22.02 27.48
C GLY K 256 -75.23 21.95 27.55
N ASN K 257 -74.62 21.78 26.40
CA ASN K 257 -73.18 21.87 26.24
C ASN K 257 -72.74 23.22 25.71
N SER K 258 -71.49 23.29 25.31
CA SER K 258 -70.95 24.51 24.71
C SER K 258 -70.82 24.49 23.19
N LEU K 259 -71.40 23.48 22.54
CA LEU K 259 -71.09 23.27 21.12
C LEU K 259 -71.30 24.55 20.33
N THR K 260 -70.24 24.96 19.65
CA THR K 260 -70.26 26.17 18.85
C THR K 260 -70.51 25.83 17.38
N GLU K 261 -70.63 24.53 17.12
CA GLU K 261 -70.82 24.02 15.78
C GLU K 261 -71.43 22.61 15.81
N LEU K 262 -72.01 22.16 14.70
CA LEU K 262 -72.38 20.75 14.58
C LEU K 262 -71.66 20.12 13.40
N PRO K 263 -70.82 19.12 13.68
CA PRO K 263 -70.12 18.40 12.61
C PRO K 263 -71.09 17.90 11.56
N ALA K 264 -70.74 18.08 10.29
CA ALA K 264 -71.64 17.74 9.19
C ALA K 264 -71.91 16.24 9.10
N GLU K 265 -71.08 15.46 9.77
CA GLU K 265 -71.19 14.00 9.69
C GLU K 265 -72.51 13.61 10.28
N ILE K 266 -73.19 14.58 10.88
CA ILE K 266 -74.51 14.32 11.44
C ILE K 266 -75.37 13.62 10.40
N LYS K 267 -75.13 13.98 9.14
CA LYS K 267 -75.97 13.50 8.06
C LYS K 267 -75.92 11.99 7.95
N ASN K 268 -74.98 11.38 8.67
CA ASN K 268 -74.72 9.94 8.59
C ASN K 268 -75.60 9.23 9.59
N LEU K 269 -76.37 10.04 10.31
CA LEU K 269 -77.27 9.64 11.41
C LEU K 269 -78.70 9.30 10.98
N SER K 270 -78.89 9.06 9.69
CA SER K 270 -80.19 9.20 9.00
C SER K 270 -81.46 8.69 9.71
N ASN K 271 -81.36 7.77 10.67
CA ASN K 271 -82.55 7.31 11.40
C ASN K 271 -82.99 8.22 12.56
N LEU K 272 -82.31 9.35 12.71
CA LEU K 272 -82.66 10.32 13.73
C LEU K 272 -84.14 10.75 13.68
N ARG K 273 -84.75 10.82 14.86
CA ARG K 273 -86.15 11.20 15.04
C ARG K 273 -86.31 12.32 16.06
N VAL K 274 -85.78 12.15 17.28
CA VAL K 274 -85.53 13.32 18.12
C VAL K 274 -84.13 13.85 17.94
N LEU K 275 -83.97 15.16 18.04
CA LEU K 275 -82.64 15.74 18.20
C LEU K 275 -82.73 16.98 19.08
N ASP K 276 -81.87 17.10 20.09
CA ASP K 276 -81.90 18.30 20.91
C ASP K 276 -80.54 19.00 20.89
N LEU K 277 -80.48 20.19 20.28
CA LEU K 277 -79.33 21.11 20.37
C LEU K 277 -79.55 22.25 21.37
N SER K 278 -80.62 22.15 22.15
CA SER K 278 -80.99 23.23 23.06
C SER K 278 -79.85 23.68 23.96
N HIS K 279 -79.80 24.98 24.20
CA HIS K 279 -78.90 25.57 25.17
C HIS K 279 -77.42 25.36 24.86
N ASN K 280 -77.09 25.14 23.59
CA ASN K 280 -75.68 25.16 23.19
C ASN K 280 -75.34 26.55 22.67
N ARG K 281 -74.12 26.74 22.19
CA ARG K 281 -73.66 28.07 21.76
C ARG K 281 -73.86 28.32 20.26
N LEU K 282 -74.59 27.42 19.60
CA LEU K 282 -74.62 27.35 18.15
C LEU K 282 -74.95 28.68 17.49
N THR K 283 -74.09 29.10 16.56
CA THR K 283 -74.27 30.32 15.78
C THR K 283 -75.22 30.10 14.61
N SER K 284 -75.35 28.84 14.18
CA SER K 284 -76.06 28.50 12.96
C SER K 284 -76.08 27.00 12.87
N LEU K 285 -76.93 26.45 12.04
CA LEU K 285 -77.07 25.00 11.98
C LEU K 285 -76.54 24.54 10.64
N PRO K 286 -76.10 23.27 10.55
CA PRO K 286 -75.54 22.82 9.28
C PRO K 286 -76.64 22.56 8.27
N ALA K 287 -76.24 22.50 7.00
CA ALA K 287 -77.10 22.00 5.96
C ALA K 287 -77.09 20.54 6.29
N GLU K 288 -77.57 19.69 5.40
CA GLU K 288 -77.22 18.27 5.53
C GLU K 288 -77.75 17.72 6.82
N LEU K 289 -78.23 18.61 7.69
CA LEU K 289 -79.03 18.17 8.81
C LEU K 289 -80.29 17.72 8.10
N GLY K 290 -80.46 18.21 6.88
CA GLY K 290 -81.61 17.90 6.05
C GLY K 290 -81.63 16.49 5.49
N SER K 291 -80.51 15.77 5.58
CA SER K 291 -80.46 14.40 5.07
C SER K 291 -81.05 13.50 6.14
N CYS K 292 -81.45 14.17 7.21
CA CYS K 292 -81.97 13.59 8.43
C CYS K 292 -83.50 13.44 8.38
N PHE K 293 -84.03 13.46 7.16
CA PHE K 293 -85.47 13.57 6.90
C PHE K 293 -86.41 12.79 7.83
N GLN K 294 -85.97 11.66 8.38
CA GLN K 294 -86.81 10.92 9.31
C GLN K 294 -87.12 11.60 10.65
N LEU K 295 -86.53 12.77 10.90
CA LEU K 295 -86.77 13.55 12.13
C LEU K 295 -88.25 13.77 12.47
N LYS K 296 -88.64 13.48 13.72
CA LYS K 296 -89.96 13.84 14.25
C LYS K 296 -89.79 15.13 15.08
N TYR K 297 -89.26 15.06 16.30
CA TYR K 297 -89.06 16.27 17.11
C TYR K 297 -87.61 16.76 17.06
N PHE K 298 -87.41 18.05 16.77
CA PHE K 298 -86.07 18.63 16.78
C PHE K 298 -86.01 20.01 17.45
N TYR K 299 -85.27 20.09 18.56
CA TYR K 299 -85.17 21.27 19.44
C TYR K 299 -83.80 21.95 19.39
N PHE K 300 -83.71 23.23 19.04
CA PHE K 300 -82.55 24.01 19.45
C PHE K 300 -82.99 25.34 20.08
N PHE K 301 -82.94 25.40 21.40
CA PHE K 301 -83.48 26.55 22.11
C PHE K 301 -82.30 27.29 22.65
N ASP K 302 -82.43 28.60 22.84
CA ASP K 302 -81.44 29.38 23.60
C ASP K 302 -80.17 29.70 22.79
N ASN K 303 -79.97 28.97 21.70
CA ASN K 303 -78.83 29.19 20.82
C ASN K 303 -78.92 30.53 20.11
N MET K 304 -77.82 31.00 19.53
CA MET K 304 -77.96 32.12 18.61
C MET K 304 -77.90 31.53 17.22
N VAL K 305 -79.07 31.42 16.59
CA VAL K 305 -79.19 30.86 15.26
C VAL K 305 -79.99 31.87 14.50
N THR K 306 -79.44 32.37 13.41
CA THR K 306 -80.14 33.40 12.65
C THR K 306 -81.02 32.79 11.55
N THR K 307 -80.42 32.12 10.58
CA THR K 307 -81.16 31.61 9.43
C THR K 307 -81.21 30.10 9.44
N LEU K 308 -82.27 29.54 8.85
CA LEU K 308 -82.32 28.10 8.60
C LEU K 308 -81.77 27.78 7.21
N PRO K 309 -81.07 26.65 7.09
CA PRO K 309 -80.27 26.25 5.92
C PRO K 309 -80.99 26.14 4.56
N TRP K 310 -82.33 26.21 4.53
CA TRP K 310 -83.08 25.58 3.44
C TRP K 310 -82.71 24.14 3.70
N GLU K 311 -82.32 23.37 2.68
CA GLU K 311 -82.09 21.95 2.93
C GLU K 311 -83.45 21.61 3.55
N PHE K 312 -83.54 21.32 4.86
CA PHE K 312 -84.91 21.34 5.40
C PHE K 312 -85.56 22.65 4.95
N GLY K 313 -86.83 22.60 4.53
CA GLY K 313 -87.79 21.59 4.92
C GLY K 313 -87.71 20.34 4.07
N ASN K 314 -86.54 20.13 3.53
CA ASN K 314 -86.22 18.88 2.93
C ASN K 314 -86.69 17.76 3.90
N LEU K 315 -86.82 18.09 5.18
CA LEU K 315 -87.29 17.09 6.12
C LEU K 315 -88.79 17.13 6.26
N CYS K 316 -89.41 16.10 5.73
CA CYS K 316 -90.83 16.00 5.54
C CYS K 316 -91.45 15.86 6.92
N ASN K 317 -91.17 14.73 7.56
CA ASN K 317 -91.83 14.26 8.79
C ASN K 317 -91.71 15.12 10.03
N LEU K 318 -90.92 16.18 9.99
CA LEU K 318 -90.75 16.97 11.20
C LEU K 318 -92.11 17.46 11.73
N GLN K 319 -92.42 17.09 12.97
CA GLN K 319 -93.63 17.55 13.63
C GLN K 319 -93.27 18.79 14.43
N PHE K 320 -92.57 18.63 15.54
CA PHE K 320 -92.16 19.82 16.26
C PHE K 320 -90.76 20.31 15.93
N LEU K 321 -90.62 21.63 15.75
CA LEU K 321 -89.32 22.24 15.71
C LEU K 321 -89.30 23.41 16.69
N GLY K 322 -88.63 23.25 17.83
CA GLY K 322 -88.46 24.35 18.76
C GLY K 322 -87.44 25.36 18.30
N VAL K 323 -87.88 26.58 18.03
CA VAL K 323 -86.96 27.67 17.72
C VAL K 323 -86.80 28.72 18.83
N GLU K 324 -87.52 28.57 19.93
CA GLU K 324 -87.61 29.65 20.91
C GLU K 324 -86.56 29.55 22.02
N GLY K 325 -85.65 30.51 22.01
CA GLY K 325 -85.64 31.46 20.93
C GLY K 325 -84.25 31.96 20.68
N ASN K 326 -84.02 32.25 19.41
CA ASN K 326 -82.73 32.61 18.88
C ASN K 326 -83.06 33.73 17.92
N PRO K 327 -82.17 34.72 17.80
CA PRO K 327 -82.49 35.86 16.93
C PRO K 327 -82.65 35.44 15.46
N LEU K 328 -83.73 34.72 15.17
CA LEU K 328 -84.11 34.37 13.81
C LEU K 328 -84.48 35.62 13.01
N GLU K 329 -84.46 35.52 11.68
CA GLU K 329 -84.75 36.65 10.81
C GLU K 329 -86.20 37.14 10.93
N LYS K 330 -87.00 36.41 11.70
CA LYS K 330 -88.36 36.81 12.07
C LYS K 330 -89.39 36.51 10.98
N GLN K 331 -88.90 36.27 9.77
CA GLN K 331 -89.76 35.90 8.66
C GLN K 331 -90.08 34.41 8.72
N PHE K 332 -89.08 33.64 9.10
CA PHE K 332 -89.26 32.22 9.40
C PHE K 332 -90.19 32.13 10.61
N LEU K 333 -89.97 33.02 11.58
CA LEU K 333 -90.82 33.12 12.74
C LEU K 333 -92.24 33.43 12.26
N LYS K 334 -92.33 34.27 11.22
CA LYS K 334 -93.61 34.63 10.66
C LYS K 334 -94.35 33.42 10.09
N ILE K 335 -93.70 32.67 9.21
CA ILE K 335 -94.33 31.49 8.62
C ILE K 335 -94.72 30.52 9.72
N LEU K 336 -93.87 30.44 10.75
CA LEU K 336 -94.07 29.52 11.85
C LEU K 336 -95.30 29.86 12.68
N THR K 337 -95.44 31.14 13.04
CA THR K 337 -96.65 31.63 13.69
C THR K 337 -97.77 31.61 12.65
N GLU K 338 -98.80 30.82 12.92
CA GLU K 338 -99.97 30.59 12.05
C GLU K 338 -99.83 29.66 10.79
N LYS K 339 -98.63 29.41 10.27
CA LYS K 339 -98.50 28.35 9.26
C LYS K 339 -97.97 27.10 9.92
N SER K 340 -97.69 27.25 11.21
CA SER K 340 -97.07 26.23 12.06
C SER K 340 -95.68 25.79 11.58
N VAL K 341 -95.44 24.49 11.67
CA VAL K 341 -94.15 23.92 11.32
C VAL K 341 -94.14 23.67 9.82
N THR K 342 -94.91 22.68 9.36
CA THR K 342 -94.91 22.34 7.94
C THR K 342 -95.19 23.56 7.08
N GLY K 343 -95.84 24.56 7.66
CA GLY K 343 -95.94 25.80 6.92
C GLY K 343 -94.54 26.22 6.53
N LEU K 344 -93.67 26.27 7.53
CA LEU K 344 -92.29 26.72 7.38
C LEU K 344 -91.43 25.73 6.60
N ILE K 345 -91.53 24.46 6.95
CA ILE K 345 -90.84 23.41 6.25
C ILE K 345 -91.12 23.50 4.74
N PHE K 346 -92.39 23.52 4.36
CA PHE K 346 -92.79 23.64 2.95
C PHE K 346 -92.30 24.94 2.37
N TYR K 347 -92.42 26.05 3.10
CA TYR K 347 -91.87 27.31 2.59
C TYR K 347 -90.47 27.04 2.08
N LEU K 348 -89.62 26.52 2.96
CA LEU K 348 -88.26 26.23 2.59
C LEU K 348 -88.24 25.32 1.37
N ARG K 349 -88.90 24.17 1.44
CA ARG K 349 -88.81 23.24 0.32
C ARG K 349 -89.02 23.96 -0.99
N ASP K 350 -90.08 24.76 -1.05
CA ASP K 350 -90.61 25.32 -2.31
C ASP K 350 -89.92 26.57 -2.89
N ASN K 351 -89.36 27.40 -2.02
CA ASN K 351 -88.36 28.35 -2.49
C ASN K 351 -87.00 28.02 -1.89
N ARG K 352 -86.11 27.45 -2.69
CA ARG K 352 -84.72 27.36 -2.28
C ARG K 352 -84.19 28.26 -3.35
N PRO K 353 -82.92 28.63 -3.29
CA PRO K 353 -82.57 29.41 -4.46
C PRO K 353 -82.22 28.43 -5.58
N GLU K 354 -81.94 28.93 -6.78
CA GLU K 354 -81.56 28.06 -7.90
C GLU K 354 -80.34 27.21 -7.52
N ILE K 355 -80.37 25.94 -7.91
CA ILE K 355 -79.21 25.07 -7.69
C ILE K 355 -78.74 24.45 -9.02
N PRO K 356 -77.74 25.12 -9.63
CA PRO K 356 -77.17 24.97 -10.97
C PRO K 356 -76.52 23.61 -11.25
N LEU K 357 -75.91 23.50 -12.42
CA LEU K 357 -75.21 22.29 -12.81
C LEU K 357 -73.90 22.62 -13.53
N PRO K 358 -72.83 21.84 -13.28
CA PRO K 358 -71.59 21.86 -14.08
C PRO K 358 -71.75 21.36 -15.52
N HIS K 359 -72.32 20.16 -15.72
CA HIS K 359 -72.61 19.66 -17.06
C HIS K 359 -73.04 18.19 -17.08
N GLU K 360 -73.57 17.75 -18.22
CA GLU K 360 -73.68 16.31 -18.54
C GLU K 360 -74.35 15.46 -17.47
N THR K 402 -90.39 5.93 -15.87
CA THR K 402 -90.16 7.38 -16.00
C THR K 402 -91.27 8.29 -15.37
N LEU K 403 -91.94 7.76 -14.35
CA LEU K 403 -92.98 8.47 -13.60
C LEU K 403 -94.26 8.86 -14.35
N CYS K 404 -95.10 7.88 -14.67
CA CYS K 404 -96.49 8.17 -15.01
C CYS K 404 -97.07 8.95 -13.83
N GLN K 405 -97.89 9.96 -14.12
CA GLN K 405 -98.29 10.91 -13.08
C GLN K 405 -99.13 10.36 -11.90
N HIS K 406 -99.87 9.27 -12.10
CA HIS K 406 -100.67 8.71 -11.01
C HIS K 406 -99.76 8.17 -9.92
N TYR K 407 -98.58 7.70 -10.32
CA TYR K 407 -97.61 7.13 -9.41
C TYR K 407 -96.71 8.19 -8.77
N ALA K 408 -96.84 9.44 -9.23
CA ALA K 408 -95.96 10.54 -8.83
C ALA K 408 -96.44 11.29 -7.60
N THR K 409 -97.46 10.73 -6.95
CA THR K 409 -98.21 11.38 -5.88
C THR K 409 -97.30 12.07 -4.85
N PRO K 410 -97.63 13.33 -4.50
CA PRO K 410 -96.84 14.12 -3.56
C PRO K 410 -96.55 13.39 -2.24
N LYS K 411 -97.53 12.62 -1.75
CA LYS K 411 -97.36 11.87 -0.52
C LYS K 411 -96.03 11.13 -0.54
N MET K 412 -95.72 10.54 -1.69
CA MET K 412 -94.48 9.77 -1.86
C MET K 412 -93.21 10.62 -2.00
N TYR K 413 -93.22 11.63 -2.87
CA TYR K 413 -92.02 12.46 -2.98
C TYR K 413 -92.28 13.85 -2.44
N ARG K 414 -91.84 14.07 -1.20
CA ARG K 414 -92.13 15.30 -0.49
C ARG K 414 -90.97 16.30 -0.50
N TYR K 415 -89.84 15.87 -1.05
CA TYR K 415 -88.61 16.67 -1.03
C TYR K 415 -88.52 17.51 -2.30
N THR K 416 -89.37 17.17 -3.25
CA THR K 416 -89.38 17.81 -4.56
C THR K 416 -90.35 18.99 -4.59
N PRO K 417 -89.84 20.21 -4.79
CA PRO K 417 -90.67 21.38 -4.51
C PRO K 417 -91.95 21.29 -5.33
N SER K 418 -93.08 21.51 -4.69
CA SER K 418 -94.36 20.97 -5.16
C SER K 418 -94.60 21.22 -6.64
N TRP K 419 -94.14 22.35 -7.14
CA TRP K 419 -94.33 22.67 -8.56
C TRP K 419 -93.57 21.70 -9.47
N ALA K 420 -92.32 21.47 -9.15
CA ALA K 420 -91.53 20.51 -9.90
C ALA K 420 -92.23 19.15 -10.00
N LEU K 421 -93.02 18.79 -9.00
CA LEU K 421 -93.60 17.46 -8.98
C LEU K 421 -94.75 17.32 -9.99
N SER K 422 -95.55 18.38 -10.13
CA SER K 422 -96.75 18.42 -10.98
C SER K 422 -96.46 17.99 -12.42
N TRP K 423 -97.38 17.25 -13.05
CA TRP K 423 -97.11 16.79 -14.41
C TRP K 423 -96.92 17.91 -15.44
N ASP K 424 -97.53 19.07 -15.23
CA ASP K 424 -97.32 20.20 -16.13
C ASP K 424 -95.82 20.51 -16.31
N TYR K 425 -95.05 20.40 -15.23
CA TYR K 425 -93.61 20.65 -15.25
C TYR K 425 -92.84 19.46 -15.85
N ARG K 426 -93.23 18.26 -15.42
CA ARG K 426 -92.50 17.06 -15.78
C ARG K 426 -92.70 16.62 -17.24
N ARG K 427 -93.84 16.94 -17.82
CA ARG K 427 -94.01 16.84 -19.28
C ARG K 427 -92.92 17.68 -19.98
N ASN K 428 -92.96 18.99 -19.79
CA ASN K 428 -91.99 19.89 -20.39
C ASN K 428 -90.58 19.40 -20.22
N LYS K 429 -90.25 18.96 -19.01
CA LYS K 429 -88.88 18.51 -18.73
C LYS K 429 -88.57 17.25 -19.54
N LEU K 430 -89.39 16.22 -19.41
CA LEU K 430 -89.23 15.03 -20.24
C LEU K 430 -89.05 15.35 -21.73
N LYS K 431 -89.79 16.34 -22.21
CA LYS K 431 -89.65 16.84 -23.59
C LYS K 431 -88.25 17.38 -23.87
N GLU K 432 -87.86 18.48 -23.24
CA GLU K 432 -86.53 19.05 -23.47
C GLU K 432 -85.42 17.99 -23.33
N GLN K 433 -85.57 17.11 -22.34
CA GLN K 433 -84.69 15.97 -22.11
C GLN K 433 -84.62 15.11 -23.38
N ILE K 434 -85.72 14.42 -23.71
CA ILE K 434 -85.80 13.61 -24.91
C ILE K 434 -85.30 14.27 -26.19
N LEU K 435 -85.60 15.56 -26.39
CA LEU K 435 -85.23 16.24 -27.63
C LEU K 435 -83.75 16.55 -27.70
N SER K 436 -83.19 17.06 -26.61
CA SER K 436 -81.76 17.30 -26.60
C SER K 436 -81.00 16.01 -26.93
N TYR K 437 -81.47 14.88 -26.39
CA TYR K 437 -80.81 13.60 -26.64
C TYR K 437 -81.43 12.98 -27.89
N ASP K 438 -80.63 12.88 -28.94
CA ASP K 438 -81.11 12.63 -30.30
C ASP K 438 -81.24 11.16 -30.65
N SER K 439 -81.16 10.31 -29.62
CA SER K 439 -80.99 8.88 -29.81
C SER K 439 -81.93 8.29 -30.85
N ASP K 440 -81.35 7.46 -31.72
CA ASP K 440 -82.07 6.89 -32.86
C ASP K 440 -83.10 5.85 -32.43
N LEU K 441 -82.86 5.20 -31.30
CA LEU K 441 -83.88 4.33 -30.73
C LEU K 441 -84.17 4.79 -29.29
N LEU K 442 -85.40 5.27 -29.07
CA LEU K 442 -85.81 5.66 -27.75
C LEU K 442 -86.71 4.61 -27.13
N CYS K 443 -86.19 3.87 -26.14
CA CYS K 443 -87.08 3.02 -25.36
C CYS K 443 -87.52 3.81 -24.14
N LEU K 444 -88.80 4.16 -24.11
CA LEU K 444 -89.37 4.91 -23.00
C LEU K 444 -89.99 3.97 -21.96
N GLN K 445 -89.48 4.13 -20.75
CA GLN K 445 -89.69 3.22 -19.63
C GLN K 445 -91.16 3.01 -19.26
N VAL K 447 -94.54 5.31 -18.79
CA VAL K 447 -95.22 6.12 -19.79
C VAL K 447 -96.72 5.85 -19.82
N GLU K 448 -97.51 6.88 -19.54
CA GLU K 448 -98.96 6.83 -19.71
C GLU K 448 -99.28 6.61 -21.18
N SER K 449 -100.32 5.83 -21.47
CA SER K 449 -100.73 5.59 -22.86
C SER K 449 -101.19 6.91 -23.48
N LYS K 450 -102.08 7.59 -22.75
CA LYS K 450 -102.65 8.85 -23.22
C LYS K 450 -101.56 9.83 -23.64
N THR K 451 -100.58 10.07 -22.77
CA THR K 451 -99.55 11.06 -23.06
C THR K 451 -98.56 10.58 -24.12
N PHE K 452 -98.62 9.30 -24.45
CA PHE K 452 -97.87 8.82 -25.62
C PHE K 452 -98.60 9.17 -26.90
N GLU K 453 -99.91 8.91 -26.93
CA GLU K 453 -100.69 9.18 -28.13
C GLU K 453 -101.18 10.63 -28.21
N GLU K 454 -100.82 11.42 -27.22
CA GLU K 454 -101.01 12.87 -27.29
C GLU K 454 -99.67 13.58 -27.31
N TYR K 455 -98.89 13.43 -26.24
CA TYR K 455 -97.62 14.15 -26.15
C TYR K 455 -96.62 13.57 -27.13
N TRP K 456 -96.18 12.34 -26.86
CA TRP K 456 -94.95 11.81 -27.46
C TRP K 456 -94.97 11.55 -28.97
N VAL K 457 -96.17 11.37 -29.53
CA VAL K 457 -96.29 10.96 -30.93
C VAL K 457 -95.62 11.92 -31.93
N PRO K 458 -95.82 13.25 -31.78
CA PRO K 458 -94.82 14.12 -32.45
C PRO K 458 -93.61 14.49 -31.57
N THR K 466 -90.28 8.76 -35.33
CA THR K 466 -91.55 8.00 -35.21
C THR K 466 -91.46 6.72 -34.34
N GLY K 467 -92.58 6.25 -33.77
CA GLY K 467 -92.53 5.14 -32.82
C GLY K 467 -93.79 4.30 -32.57
N ILE K 468 -93.69 3.38 -31.59
CA ILE K 468 -94.73 2.34 -31.35
C ILE K 468 -94.78 1.75 -29.90
N PHE K 469 -95.92 1.16 -29.52
CA PHE K 469 -96.29 0.94 -28.10
C PHE K 469 -96.43 -0.55 -27.71
N VAL K 486 -103.93 4.12 -17.89
CA VAL K 486 -103.01 2.99 -17.81
C VAL K 486 -101.65 3.36 -18.37
N ASP K 487 -100.65 2.53 -18.05
CA ASP K 487 -99.27 2.79 -18.44
C ASP K 487 -98.66 1.65 -19.26
N GLY K 488 -97.41 1.82 -19.68
CA GLY K 488 -96.75 0.81 -20.48
C GLY K 488 -95.36 1.22 -20.92
N CYS K 489 -94.86 0.57 -21.97
CA CYS K 489 -93.55 0.93 -22.49
C CYS K 489 -93.56 1.24 -23.97
N CYS K 490 -92.65 2.13 -24.38
CA CYS K 490 -92.66 2.69 -25.73
C CYS K 490 -91.34 2.52 -26.44
N ILE K 491 -91.38 2.59 -27.77
CA ILE K 491 -90.16 2.61 -28.58
C ILE K 491 -90.30 3.57 -29.77
N PHE K 492 -89.32 4.45 -29.95
CA PHE K 492 -89.26 5.33 -31.11
C PHE K 492 -87.99 5.02 -31.89
N PHE K 493 -87.96 5.40 -33.16
CA PHE K 493 -86.81 5.19 -34.04
C PHE K 493 -86.83 6.17 -35.21
N LEU K 656 -73.24 1.95 -12.58
CA LEU K 656 -73.34 3.36 -12.21
C LEU K 656 -73.76 3.51 -10.73
N PRO K 657 -73.59 4.71 -10.13
CA PRO K 657 -74.05 4.87 -8.74
C PRO K 657 -75.56 4.64 -8.56
N PHE K 658 -76.36 5.23 -9.43
CA PHE K 658 -77.79 4.96 -9.43
C PHE K 658 -78.41 5.17 -10.82
N THR K 659 -79.33 4.29 -11.19
CA THR K 659 -80.35 4.60 -12.20
C THR K 659 -81.47 5.36 -11.51
N ASN K 660 -81.67 5.04 -10.23
CA ASN K 660 -82.83 5.48 -9.43
C ASN K 660 -82.45 6.16 -8.11
N PHE K 661 -82.81 7.44 -7.95
CA PHE K 661 -82.42 8.20 -6.76
C PHE K 661 -83.59 8.56 -5.84
N THR K 662 -83.68 7.88 -4.70
CA THR K 662 -84.65 8.23 -3.66
C THR K 662 -84.11 7.86 -2.29
N PRO K 663 -84.49 8.63 -1.26
CA PRO K 663 -84.17 8.31 0.14
C PRO K 663 -84.56 6.89 0.60
N SER K 664 -85.59 6.30 -0.01
CA SER K 664 -85.89 4.88 0.23
C SER K 664 -84.73 3.97 -0.20
N PHE K 665 -84.50 3.88 -1.52
CA PHE K 665 -83.40 3.08 -2.05
C PHE K 665 -82.62 3.82 -3.15
N THR K 666 -81.35 4.15 -2.88
CA THR K 666 -80.46 4.69 -3.93
C THR K 666 -79.52 3.60 -4.40
N ASP K 667 -79.75 3.14 -5.62
CA ASP K 667 -79.12 1.93 -6.12
C ASP K 667 -79.31 1.92 -7.64
N VAL K 668 -79.11 0.76 -8.26
CA VAL K 668 -79.45 0.60 -9.67
C VAL K 668 -80.40 -0.59 -9.95
N ILE K 669 -81.50 -0.32 -10.65
CA ILE K 669 -82.25 -1.34 -11.39
C ILE K 669 -82.83 -0.76 -12.69
N GLU K 687 -73.00 8.46 -15.33
CA GLU K 687 -72.99 9.03 -13.98
C GLU K 687 -73.13 10.56 -14.01
N VAL K 688 -73.96 11.07 -13.10
CA VAL K 688 -74.27 12.49 -13.02
C VAL K 688 -73.52 13.07 -11.84
N ASP K 689 -73.13 14.35 -11.94
CA ASP K 689 -72.20 14.93 -10.99
C ASP K 689 -72.70 14.69 -9.58
N PRO K 690 -71.91 13.93 -8.79
CA PRO K 690 -72.24 13.50 -7.42
C PRO K 690 -72.19 14.62 -6.37
N GLU K 691 -71.51 15.72 -6.68
CA GLU K 691 -71.51 16.88 -5.79
C GLU K 691 -72.83 17.62 -5.99
N TYR K 692 -73.39 17.44 -7.18
CA TYR K 692 -74.74 17.90 -7.45
C TYR K 692 -75.72 16.99 -6.72
N VAL K 693 -75.58 15.66 -6.85
CA VAL K 693 -76.55 14.76 -6.20
C VAL K 693 -76.51 14.86 -4.68
N SER K 694 -75.42 15.38 -4.16
CA SER K 694 -75.42 15.81 -2.78
C SER K 694 -76.19 17.13 -2.80
N LYS K 695 -76.71 17.54 -1.66
CA LYS K 695 -77.60 18.70 -1.64
C LYS K 695 -78.91 18.39 -2.37
N PHE K 696 -79.19 17.10 -2.52
CA PHE K 696 -80.54 16.61 -2.85
C PHE K 696 -80.68 15.25 -2.21
N ILE K 697 -81.85 14.95 -1.64
CA ILE K 697 -82.02 13.66 -0.99
C ILE K 697 -82.70 12.62 -1.89
N GLY K 698 -83.10 13.08 -3.07
CA GLY K 698 -83.72 12.23 -4.06
C GLY K 698 -84.12 12.98 -5.32
N PHE K 699 -84.81 12.27 -6.21
CA PHE K 699 -85.35 12.81 -7.46
C PHE K 699 -86.78 12.30 -7.46
N PRO K 700 -87.64 12.85 -8.32
CA PRO K 700 -87.37 13.92 -9.28
C PRO K 700 -87.28 15.23 -8.56
N ASN K 701 -86.56 16.17 -9.13
CA ASN K 701 -86.33 17.44 -8.50
C ASN K 701 -86.15 18.47 -9.58
N ASP K 702 -85.65 19.64 -9.20
CA ASP K 702 -85.78 20.80 -10.07
C ASP K 702 -85.48 20.50 -11.56
N LYS K 703 -84.34 19.86 -11.84
CA LYS K 703 -83.92 19.55 -13.22
C LYS K 703 -84.11 18.13 -13.77
N PHE K 704 -84.55 17.17 -12.95
CA PHE K 704 -84.57 15.76 -13.38
C PHE K 704 -85.95 15.16 -13.16
N PRO K 705 -86.80 15.17 -14.16
CA PRO K 705 -88.18 14.88 -13.74
C PRO K 705 -88.56 13.40 -13.61
N SER K 706 -87.71 12.60 -12.98
CA SER K 706 -88.09 11.26 -12.54
C SER K 706 -87.07 10.82 -11.52
N ASP K 707 -87.41 9.84 -10.68
CA ASP K 707 -86.43 9.31 -9.75
C ASP K 707 -85.38 8.48 -10.49
N HIS K 708 -85.69 8.12 -11.74
CA HIS K 708 -84.73 7.45 -12.62
C HIS K 708 -83.97 8.46 -13.49
N ILE K 709 -83.05 7.93 -14.28
CA ILE K 709 -82.32 8.77 -15.23
C ILE K 709 -82.14 8.04 -16.56
N PRO K 710 -81.85 8.81 -17.64
CA PRO K 710 -81.52 8.29 -18.98
C PRO K 710 -80.59 7.08 -18.92
N VAL L 25 31.83 -2.74 38.35
CA VAL L 25 32.93 -2.48 39.28
C VAL L 25 32.79 -3.41 40.47
N ASN L 26 31.90 -4.38 40.37
CA ASN L 26 31.78 -5.38 41.41
C ASN L 26 32.58 -6.63 41.14
N ALA L 27 33.11 -6.75 39.93
CA ALA L 27 33.91 -7.89 39.54
C ALA L 27 35.36 -7.74 39.97
N SER L 28 35.81 -6.49 40.08
CA SER L 28 37.19 -6.18 40.44
C SER L 28 37.30 -5.95 41.95
N ASN L 29 36.22 -6.20 42.67
CA ASN L 29 36.20 -5.90 44.08
C ASN L 29 36.70 -7.07 44.88
N PRO L 30 37.87 -6.90 45.51
CA PRO L 30 38.54 -7.86 46.38
C PRO L 30 37.68 -8.36 47.51
N LEU L 31 36.66 -7.64 47.91
CA LEU L 31 35.77 -8.17 48.96
C LEU L 31 34.95 -9.31 48.40
N LEU L 32 34.55 -9.15 47.14
CA LEU L 32 33.73 -10.14 46.47
C LEU L 32 34.58 -11.31 45.96
N HIS L 33 35.75 -10.99 45.40
CA HIS L 33 36.68 -11.98 44.84
C HIS L 33 38.06 -11.97 45.49
N PRO L 34 38.28 -12.85 46.47
CA PRO L 34 39.47 -12.71 47.31
C PRO L 34 40.83 -13.02 46.62
N HIS L 35 40.80 -13.67 45.46
CA HIS L 35 42.01 -13.94 44.69
C HIS L 35 42.47 -12.69 43.96
N LEU L 36 41.74 -11.60 44.11
CA LEU L 36 42.23 -10.35 43.59
C LEU L 36 43.25 -9.94 44.63
N ASP L 37 42.93 -10.23 45.88
CA ASP L 37 43.74 -9.83 47.01
C ASP L 37 44.86 -10.81 47.35
N ASP L 38 44.76 -12.07 46.89
CA ASP L 38 45.68 -13.09 47.40
C ASP L 38 47.20 -12.98 47.08
N PRO L 39 47.59 -12.90 45.79
CA PRO L 39 46.72 -13.16 44.64
C PRO L 39 46.47 -14.62 44.48
N SER L 40 47.46 -15.48 44.70
CA SER L 40 47.23 -16.80 44.12
C SER L 40 46.55 -17.71 45.11
N LEU L 41 45.25 -17.78 44.92
CA LEU L 41 44.37 -18.79 45.45
C LEU L 41 44.11 -19.65 44.25
N LEU L 42 44.60 -19.21 43.10
CA LEU L 42 44.17 -19.79 41.84
C LEU L 42 44.83 -21.14 41.61
N ASN L 43 45.88 -21.39 42.37
CA ASN L 43 46.53 -22.69 42.41
C ASN L 43 46.05 -23.53 43.61
N ASN L 44 45.06 -23.02 44.33
CA ASN L 44 44.30 -23.87 45.24
C ASN L 44 43.18 -24.58 44.49
N PRO L 45 43.22 -25.93 44.45
CA PRO L 45 42.22 -26.70 43.71
C PRO L 45 40.79 -26.28 44.10
N ILE L 46 40.60 -26.00 45.39
CA ILE L 46 39.33 -25.51 45.91
C ILE L 46 38.84 -24.22 45.24
N TRP L 47 39.66 -23.18 45.26
CA TRP L 47 39.24 -21.92 44.63
C TRP L 47 39.29 -21.98 43.10
N LYS L 48 40.10 -22.88 42.57
CA LYS L 48 40.12 -23.12 41.14
C LYS L 48 38.71 -23.58 40.75
N LEU L 49 38.20 -24.55 41.52
CA LEU L 49 36.83 -25.04 41.34
C LEU L 49 35.85 -23.90 41.41
N GLN L 50 35.83 -23.26 42.58
CA GLN L 50 34.93 -22.13 42.80
C GLN L 50 34.92 -21.21 41.59
N LEU L 51 36.03 -20.51 41.35
CA LEU L 51 36.05 -19.53 40.27
C LEU L 51 35.57 -20.13 38.96
N HIS L 52 35.77 -21.45 38.79
CA HIS L 52 35.37 -22.13 37.55
C HIS L 52 33.86 -22.23 37.40
N LEU L 53 33.24 -22.99 38.30
CA LEU L 53 31.78 -23.11 38.32
C LEU L 53 31.11 -21.75 38.31
N ALA L 54 31.53 -20.89 39.24
CA ALA L 54 31.12 -19.50 39.25
C ALA L 54 31.21 -18.86 37.86
N ALA L 55 32.27 -19.15 37.12
CA ALA L 55 32.33 -18.63 35.76
C ALA L 55 31.18 -19.22 34.93
N VAL L 56 30.97 -20.53 35.04
CA VAL L 56 29.86 -21.13 34.30
C VAL L 56 28.50 -20.49 34.59
N SER L 57 28.26 -20.25 35.87
CA SER L 57 27.05 -19.61 36.35
C SER L 57 26.95 -18.25 35.70
N ALA L 58 28.00 -17.47 35.87
CA ALA L 58 28.04 -16.13 35.29
C ALA L 58 27.68 -16.16 33.80
N GLN L 59 28.13 -17.23 33.12
CA GLN L 59 27.85 -17.38 31.69
C GLN L 59 26.35 -17.56 31.41
N SER L 60 25.66 -18.26 32.31
CA SER L 60 24.22 -18.58 32.20
C SER L 60 23.28 -17.38 31.96
N LEU L 61 23.74 -16.18 32.31
CA LEU L 61 22.85 -15.03 32.38
C LEU L 61 22.26 -14.62 31.05
N GLY L 62 21.09 -13.97 31.12
CA GLY L 62 20.42 -13.33 29.99
C GLY L 62 19.28 -14.11 29.35
N GLN L 63 19.31 -15.43 29.51
CA GLN L 63 18.28 -16.28 28.92
C GLN L 63 17.31 -16.72 30.01
N PRO L 64 16.01 -16.51 29.78
CA PRO L 64 15.00 -17.02 30.72
C PRO L 64 14.94 -18.54 30.77
N ASN L 65 14.77 -19.08 31.98
CA ASN L 65 14.73 -20.52 32.23
C ASN L 65 15.84 -21.29 31.54
N ILE L 66 17.07 -20.81 31.73
CA ILE L 66 18.21 -21.43 31.07
C ILE L 66 18.16 -22.90 31.28
N TYR L 67 18.07 -23.32 32.55
CA TYR L 67 18.11 -24.74 32.81
C TYR L 67 17.13 -25.53 31.95
N ALA L 68 15.86 -25.16 31.96
CA ALA L 68 14.89 -25.86 31.12
C ALA L 68 15.35 -26.01 29.67
N ARG L 69 15.83 -24.92 29.07
CA ARG L 69 16.31 -24.96 27.69
C ARG L 69 17.44 -25.96 27.54
N GLN L 70 18.39 -25.88 28.46
CA GLN L 70 19.58 -26.71 28.43
C GLN L 70 19.18 -28.18 28.49
N ASN L 71 18.14 -28.48 29.26
CA ASN L 71 17.61 -29.83 29.33
C ASN L 71 16.87 -30.21 28.05
N ALA L 72 16.35 -29.20 27.35
CA ALA L 72 15.76 -29.43 26.01
C ALA L 72 16.82 -30.04 25.16
N MET L 73 17.91 -29.30 25.00
CA MET L 73 19.05 -29.77 24.21
C MET L 73 19.63 -31.11 24.71
N LYS L 74 20.02 -31.16 25.97
CA LYS L 74 20.57 -32.38 26.56
C LYS L 74 19.67 -33.59 26.29
N LYS L 75 18.38 -33.48 26.58
CA LYS L 75 17.46 -34.56 26.20
C LYS L 75 17.60 -34.91 24.70
N TYR L 76 17.56 -33.90 23.83
CA TYR L 76 17.71 -34.11 22.37
C TYR L 76 19.03 -34.74 21.89
N LEU L 77 20.13 -33.99 22.01
CA LEU L 77 21.43 -34.41 21.51
C LEU L 77 22.08 -35.51 22.34
N CYS L 132 24.33 -26.68 25.98
CA CYS L 132 23.66 -27.61 26.90
C CYS L 132 24.35 -27.69 28.28
N THR L 133 25.08 -26.62 28.64
CA THR L 133 25.97 -26.63 29.81
C THR L 133 25.34 -27.28 31.05
N LYS L 134 24.34 -26.63 31.63
CA LYS L 134 23.68 -27.16 32.83
C LYS L 134 24.67 -27.32 33.97
N GLN L 135 25.04 -26.19 34.54
CA GLN L 135 26.11 -26.15 35.51
C GLN L 135 25.84 -26.99 36.77
N ALA L 136 24.66 -27.59 36.85
CA ALA L 136 24.49 -28.68 37.79
C ALA L 136 25.33 -29.84 37.26
N LEU L 137 25.27 -30.02 35.95
CA LEU L 137 25.97 -31.12 35.29
C LEU L 137 27.46 -30.81 35.22
N MET L 138 27.79 -29.52 35.08
CA MET L 138 29.20 -29.11 35.12
C MET L 138 29.76 -29.19 36.54
N GLU L 139 28.93 -28.89 37.54
CA GLU L 139 29.32 -29.14 38.92
C GLU L 139 29.61 -30.64 39.04
N MET L 140 28.78 -31.49 38.43
CA MET L 140 29.07 -32.93 38.50
C MET L 140 30.41 -33.32 37.83
N ALA L 141 30.57 -32.94 36.56
CA ALA L 141 31.81 -33.19 35.84
C ALA L 141 32.96 -32.79 36.73
N ASP L 142 33.03 -31.51 37.06
CA ASP L 142 34.14 -30.96 37.86
C ASP L 142 34.39 -31.60 39.24
N THR L 143 33.36 -32.08 39.91
CA THR L 143 33.60 -32.72 41.20
C THR L 143 34.21 -34.10 40.99
N LEU L 144 33.75 -34.77 39.92
CA LEU L 144 34.35 -36.07 39.55
C LEU L 144 35.81 -35.91 39.09
N THR L 145 36.09 -35.04 38.11
CA THR L 145 37.48 -34.82 37.69
C THR L 145 38.34 -34.26 38.84
N ASP L 146 37.72 -33.54 39.77
CA ASP L 146 38.40 -33.02 40.96
C ASP L 146 38.87 -34.16 41.84
N SER L 147 38.02 -35.15 42.02
CA SER L 147 38.38 -36.24 42.92
C SER L 147 39.05 -37.46 42.26
N LYS L 148 39.04 -37.54 40.93
CA LYS L 148 39.70 -38.63 40.22
C LYS L 148 41.20 -38.35 40.11
N THR L 149 41.54 -37.09 39.82
CA THR L 149 42.93 -36.67 39.74
C THR L 149 43.51 -36.31 41.12
N ALA L 150 42.64 -36.28 42.12
CA ALA L 150 43.07 -36.16 43.51
C ALA L 150 43.15 -37.52 44.21
N LYS L 151 42.98 -38.61 43.44
CA LYS L 151 43.19 -39.97 43.96
C LYS L 151 44.58 -40.50 43.56
N ASP L 222 -2.53 -41.46 35.89
CA ASP L 222 -1.54 -41.52 36.96
C ASP L 222 -0.96 -40.10 37.15
N ASP L 223 -0.20 -39.86 38.24
CA ASP L 223 0.96 -38.93 38.19
C ASP L 223 1.79 -38.73 39.49
N GLN L 224 3.09 -38.45 39.31
CA GLN L 224 3.97 -37.68 40.23
C GLN L 224 4.97 -36.83 39.43
N LEU L 225 5.84 -37.63 38.73
CA LEU L 225 6.72 -37.35 37.54
C LEU L 225 7.79 -36.19 37.57
N TRP L 226 7.64 -35.10 36.80
CA TRP L 226 8.63 -33.98 36.83
C TRP L 226 9.00 -33.34 38.20
N HIS L 227 10.30 -33.34 38.51
CA HIS L 227 10.82 -32.90 39.82
C HIS L 227 11.56 -31.54 39.96
N ALA L 228 11.72 -30.78 38.88
CA ALA L 228 12.54 -29.56 38.97
C ALA L 228 11.92 -28.27 38.41
N LEU L 229 12.00 -27.17 39.15
CA LEU L 229 11.27 -25.97 38.76
C LEU L 229 12.17 -24.81 38.31
N ASP L 230 12.02 -24.34 37.09
CA ASP L 230 12.99 -23.37 36.61
C ASP L 230 12.42 -21.97 36.58
N LEU L 231 12.80 -21.18 37.59
CA LEU L 231 12.44 -19.77 37.70
C LEU L 231 13.59 -18.81 37.31
N SER L 232 14.66 -19.36 36.76
CA SER L 232 15.87 -18.62 36.42
C SER L 232 15.76 -17.53 35.36
N ASN L 233 16.35 -16.38 35.68
CA ASN L 233 16.49 -15.28 34.73
C ASN L 233 15.20 -14.65 34.23
N LEU L 234 14.30 -14.25 35.12
CA LEU L 234 13.23 -13.34 34.73
C LEU L 234 13.30 -12.25 35.78
N GLN L 235 13.77 -11.06 35.46
CA GLN L 235 14.33 -10.32 36.58
C GLN L 235 13.15 -9.86 37.41
N ILE L 236 13.05 -10.50 38.57
CA ILE L 236 11.82 -10.74 39.33
C ILE L 236 12.15 -10.36 40.75
N PHE L 237 11.36 -9.49 41.36
CA PHE L 237 11.78 -8.95 42.65
C PHE L 237 11.34 -9.85 43.80
N ASN L 238 10.44 -10.79 43.44
CA ASN L 238 9.62 -11.59 44.35
C ASN L 238 9.23 -13.05 43.96
N ILE L 239 8.96 -13.89 44.97
CA ILE L 239 8.78 -15.32 44.77
C ILE L 239 7.47 -15.83 45.40
N SER L 240 6.60 -16.41 44.58
CA SER L 240 5.30 -16.92 45.06
C SER L 240 5.36 -17.93 46.19
N ALA L 241 4.62 -17.69 47.28
CA ALA L 241 4.67 -18.59 48.43
C ALA L 241 4.20 -20.00 48.06
N ASN L 242 3.31 -20.08 47.08
CA ASN L 242 2.92 -21.36 46.52
C ASN L 242 4.03 -22.28 46.01
N ILE L 243 5.15 -21.73 45.51
CA ILE L 243 6.15 -22.63 44.96
C ILE L 243 6.57 -23.54 46.10
N PHE L 244 6.46 -23.06 47.32
CA PHE L 244 6.97 -23.89 48.40
C PHE L 244 6.04 -25.02 48.71
N LYS L 245 4.80 -24.88 48.24
CA LYS L 245 3.75 -25.89 48.42
C LYS L 245 4.05 -27.12 47.57
N TYR L 246 5.01 -27.00 46.64
CA TYR L 246 5.43 -28.14 45.83
C TYR L 246 6.57 -28.80 46.57
N ASP L 247 6.28 -29.89 47.26
CA ASP L 247 7.25 -30.51 48.16
C ASP L 247 8.00 -31.63 47.47
N PHE L 248 7.51 -32.00 46.29
CA PHE L 248 8.11 -33.08 45.51
C PHE L 248 9.35 -32.64 44.75
N LEU L 249 9.50 -31.32 44.62
CA LEU L 249 10.62 -30.75 43.91
C LEU L 249 11.92 -31.25 44.50
N THR L 250 12.78 -31.83 43.67
CA THR L 250 14.17 -32.03 44.09
C THR L 250 15.14 -30.94 43.59
N ARG L 251 14.71 -30.09 42.65
CA ARG L 251 15.64 -29.10 42.09
C ARG L 251 15.42 -27.56 42.31
N LEU L 252 14.45 -26.88 41.70
CA LEU L 252 14.29 -25.42 42.00
C LEU L 252 15.46 -24.40 41.73
N TYR L 253 15.56 -23.94 40.47
CA TYR L 253 16.48 -22.84 40.16
C TYR L 253 15.83 -21.45 40.34
N LEU L 254 16.32 -20.70 41.33
CA LEU L 254 15.84 -19.32 41.57
C LEU L 254 16.75 -18.25 41.01
N ASN L 255 17.83 -18.70 40.39
CA ASN L 255 18.91 -17.82 40.00
C ASN L 255 18.58 -16.81 38.90
N GLY L 256 19.28 -15.69 38.89
CA GLY L 256 19.18 -14.71 37.82
C GLY L 256 18.03 -13.71 37.94
N ASN L 257 17.71 -13.37 39.18
CA ASN L 257 16.56 -12.51 39.43
C ASN L 257 16.95 -11.38 40.33
N SER L 258 15.96 -10.66 40.80
CA SER L 258 16.22 -9.68 41.86
C SER L 258 15.91 -10.09 43.32
N LEU L 259 15.57 -11.36 43.56
CA LEU L 259 15.10 -11.75 44.90
C LEU L 259 16.02 -11.19 45.96
N THR L 260 15.46 -10.51 46.95
CA THR L 260 16.28 -10.01 48.02
C THR L 260 16.18 -10.84 49.29
N GLU L 261 15.27 -11.80 49.29
CA GLU L 261 15.04 -12.62 50.47
C GLU L 261 14.73 -14.00 50.01
N LEU L 262 15.02 -14.98 50.84
CA LEU L 262 14.51 -16.31 50.59
C LEU L 262 13.55 -16.73 51.70
N PRO L 263 12.27 -16.92 51.35
CA PRO L 263 11.22 -17.32 52.30
C PRO L 263 11.55 -18.51 53.21
N ALA L 264 11.23 -18.37 54.48
CA ALA L 264 11.40 -19.44 55.45
C ALA L 264 10.73 -20.73 54.99
N GLU L 265 9.66 -20.61 54.21
CA GLU L 265 8.92 -21.80 53.75
C GLU L 265 9.86 -22.71 53.02
N ILE L 266 11.06 -22.23 52.69
CA ILE L 266 11.99 -23.06 51.93
C ILE L 266 12.07 -24.41 52.63
N LYS L 267 11.83 -24.42 53.94
CA LYS L 267 11.96 -25.65 54.70
C LYS L 267 11.01 -26.79 54.32
N ASN L 268 9.92 -26.53 53.59
CA ASN L 268 8.98 -27.60 53.22
C ASN L 268 9.42 -28.22 51.90
N LEU L 269 10.57 -27.75 51.46
CA LEU L 269 11.22 -28.18 50.23
C LEU L 269 12.21 -29.29 50.51
N SER L 270 12.02 -29.94 51.65
CA SER L 270 12.96 -30.93 52.22
C SER L 270 13.52 -32.02 51.28
N ASN L 271 12.81 -32.34 50.21
CA ASN L 271 13.36 -33.27 49.25
C ASN L 271 14.32 -32.58 48.26
N LEU L 272 14.63 -31.32 48.54
CA LEU L 272 15.50 -30.52 47.69
C LEU L 272 16.92 -31.08 47.58
N ARG L 273 17.48 -30.99 46.37
CA ARG L 273 18.81 -31.53 46.06
C ARG L 273 19.77 -30.54 45.39
N VAL L 274 19.40 -29.98 44.26
CA VAL L 274 20.04 -28.76 43.79
C VAL L 274 19.26 -27.52 44.26
N LEU L 275 19.95 -26.41 44.59
CA LEU L 275 19.29 -25.10 44.79
C LEU L 275 20.16 -23.97 44.26
N ASP L 276 19.61 -23.09 43.44
CA ASP L 276 20.46 -22.04 42.85
C ASP L 276 19.96 -20.58 43.04
N LEU L 277 20.66 -19.85 43.90
CA LEU L 277 20.30 -18.48 44.29
C LEU L 277 21.13 -17.41 43.61
N SER L 278 21.99 -17.82 42.70
CA SER L 278 23.02 -16.96 42.16
C SER L 278 22.47 -15.72 41.49
N HIS L 279 23.26 -14.64 41.47
CA HIS L 279 22.91 -13.46 40.70
C HIS L 279 21.56 -12.90 41.10
N ASN L 280 21.36 -12.87 42.42
CA ASN L 280 20.25 -12.19 43.08
C ASN L 280 20.73 -11.15 44.10
N ARG L 281 19.79 -10.51 44.74
CA ARG L 281 20.10 -9.52 45.76
C ARG L 281 20.09 -10.02 47.21
N LEU L 282 20.11 -11.33 47.41
CA LEU L 282 20.15 -11.85 48.78
C LEU L 282 21.27 -11.19 49.56
N THR L 283 20.92 -10.67 50.73
CA THR L 283 21.91 -10.14 51.66
C THR L 283 22.23 -11.12 52.80
N SER L 284 21.55 -12.27 52.80
CA SER L 284 21.66 -13.24 53.90
C SER L 284 20.84 -14.46 53.55
N LEU L 285 21.08 -15.57 54.25
CA LEU L 285 20.38 -16.83 53.93
C LEU L 285 19.64 -17.44 55.11
N PRO L 286 18.50 -18.09 54.83
CA PRO L 286 17.64 -18.66 55.85
C PRO L 286 18.37 -19.72 56.62
N ALA L 287 18.34 -19.62 57.95
CA ALA L 287 18.59 -20.76 58.80
C ALA L 287 17.38 -21.51 58.37
N GLU L 288 17.24 -22.78 58.67
CA GLU L 288 16.00 -23.43 58.26
C GLU L 288 16.03 -23.57 56.77
N LEU L 289 17.12 -23.10 56.16
CA LEU L 289 17.58 -23.66 54.90
C LEU L 289 18.29 -24.91 55.39
N GLY L 290 18.42 -25.00 56.70
CA GLY L 290 19.15 -26.08 57.31
C GLY L 290 18.31 -27.33 57.31
N SER L 291 17.00 -27.15 57.30
CA SER L 291 16.06 -28.25 57.36
C SER L 291 16.01 -28.99 56.01
N CYS L 292 16.77 -28.46 55.07
CA CYS L 292 16.82 -28.92 53.69
C CYS L 292 17.81 -30.04 53.40
N PHE L 293 18.18 -30.77 54.46
CA PHE L 293 19.40 -31.59 54.51
C PHE L 293 19.79 -32.35 53.26
N GLN L 294 18.82 -32.77 52.44
CA GLN L 294 19.15 -33.59 51.30
C GLN L 294 19.92 -32.87 50.16
N LEU L 295 20.15 -31.57 50.33
CA LEU L 295 20.91 -30.77 49.38
C LEU L 295 22.28 -31.36 49.05
N LYS L 296 22.56 -31.51 47.75
CA LYS L 296 23.87 -31.89 47.27
C LYS L 296 24.58 -30.65 46.79
N TYR L 297 24.04 -30.01 45.76
CA TYR L 297 24.55 -28.73 45.22
C TYR L 297 23.77 -27.47 45.68
N PHE L 298 24.48 -26.45 46.18
CA PHE L 298 23.82 -25.21 46.61
C PHE L 298 24.64 -24.01 46.14
N TYR L 299 24.02 -23.10 45.38
CA TYR L 299 24.75 -21.99 44.78
C TYR L 299 24.11 -20.67 45.09
N PHE L 300 24.77 -19.82 45.87
CA PHE L 300 24.45 -18.41 45.75
C PHE L 300 25.68 -17.67 45.32
N PHE L 301 25.84 -17.47 44.02
CA PHE L 301 27.03 -16.79 43.53
C PHE L 301 26.57 -15.37 43.39
N ASP L 302 27.41 -14.39 43.72
CA ASP L 302 27.09 -13.01 43.33
C ASP L 302 26.22 -12.20 44.27
N ASN L 303 25.62 -12.82 45.28
CA ASN L 303 24.85 -12.04 46.25
C ASN L 303 25.71 -11.20 47.20
N MET L 304 25.12 -10.51 48.17
CA MET L 304 25.96 -9.86 49.17
C MET L 304 25.70 -10.63 50.42
N VAL L 305 26.58 -11.56 50.73
CA VAL L 305 26.27 -12.53 51.76
C VAL L 305 27.45 -12.65 52.69
N THR L 306 27.25 -12.28 53.94
CA THR L 306 28.36 -12.28 54.86
C THR L 306 28.62 -13.64 55.52
N THR L 307 27.55 -14.33 55.90
CA THR L 307 27.72 -15.46 56.79
C THR L 307 26.82 -16.64 56.48
N LEU L 308 27.22 -17.81 56.95
CA LEU L 308 26.35 -18.98 57.03
C LEU L 308 25.74 -19.06 58.44
N PRO L 309 24.45 -19.35 58.51
CA PRO L 309 23.62 -19.37 59.71
C PRO L 309 23.96 -20.33 60.86
N TRP L 310 25.07 -21.04 60.82
CA TRP L 310 25.18 -22.24 61.63
C TRP L 310 24.16 -23.10 60.95
N GLU L 311 23.32 -23.80 61.70
CA GLU L 311 22.37 -24.72 61.06
C GLU L 311 23.21 -25.53 60.11
N PHE L 312 22.95 -25.41 58.80
CA PHE L 312 23.87 -26.08 57.88
C PHE L 312 25.26 -25.61 58.27
N GLY L 313 26.18 -26.52 58.57
CA GLY L 313 26.21 -27.90 58.12
C GLY L 313 25.37 -28.93 58.87
N ASN L 314 24.24 -28.46 59.38
CA ASN L 314 23.11 -29.32 59.54
C ASN L 314 22.88 -30.10 58.25
N LEU L 315 23.33 -29.57 57.11
CA LEU L 315 23.17 -30.30 55.86
C LEU L 315 24.45 -31.00 55.47
N CYS L 316 24.38 -32.31 55.69
CA CYS L 316 25.51 -33.21 55.67
C CYS L 316 25.90 -33.62 54.28
N ASN L 317 24.91 -33.76 53.40
CA ASN L 317 25.12 -34.33 52.08
C ASN L 317 25.64 -33.32 51.05
N LEU L 318 25.81 -32.07 51.48
CA LEU L 318 26.19 -31.01 50.54
C LEU L 318 27.54 -31.37 49.91
N GLN L 319 27.58 -31.52 48.59
CA GLN L 319 28.85 -31.69 47.87
C GLN L 319 29.55 -30.38 47.50
N PHE L 320 28.77 -29.40 47.04
CA PHE L 320 29.31 -28.12 46.59
C PHE L 320 28.49 -26.95 47.11
N LEU L 321 29.12 -26.08 47.90
CA LEU L 321 28.47 -24.83 48.23
C LEU L 321 29.23 -23.74 47.50
N GLY L 322 28.67 -23.24 46.38
CA GLY L 322 29.32 -22.17 45.64
C GLY L 322 29.20 -20.84 46.33
N VAL L 323 30.31 -20.25 46.76
CA VAL L 323 30.29 -18.93 47.37
C VAL L 323 30.89 -17.72 46.61
N GLU L 324 31.48 -17.93 45.45
CA GLU L 324 32.28 -16.85 44.82
C GLU L 324 31.50 -15.97 43.82
N GLY L 325 31.24 -14.72 44.20
CA GLY L 325 31.53 -14.31 45.55
C GLY L 325 30.65 -13.20 46.07
N ASN L 326 30.48 -13.27 47.37
CA ASN L 326 29.79 -12.28 48.13
C ASN L 326 30.81 -12.01 49.20
N PRO L 327 30.67 -10.88 49.90
CA PRO L 327 31.60 -10.45 50.96
C PRO L 327 31.62 -11.38 52.19
N LEU L 328 32.14 -12.59 52.03
CA LEU L 328 32.22 -13.56 53.13
C LEU L 328 33.15 -13.07 54.21
N GLU L 329 32.92 -13.55 55.43
CA GLU L 329 33.53 -12.96 56.62
C GLU L 329 35.01 -13.29 56.77
N LYS L 330 35.49 -14.17 55.92
CA LYS L 330 36.88 -14.64 55.91
C LYS L 330 37.21 -15.73 56.92
N GLN L 331 36.36 -15.93 57.92
CA GLN L 331 36.57 -17.08 58.79
C GLN L 331 36.03 -18.34 58.09
N PHE L 332 34.87 -18.19 57.46
CA PHE L 332 34.30 -19.26 56.67
C PHE L 332 35.15 -19.43 55.43
N LEU L 333 35.74 -18.34 54.93
CA LEU L 333 36.49 -18.43 53.68
C LEU L 333 37.73 -19.26 53.94
N LYS L 334 38.40 -18.89 55.02
CA LYS L 334 39.61 -19.55 55.45
C LYS L 334 39.30 -21.01 55.77
N ILE L 335 38.10 -21.33 56.24
CA ILE L 335 37.78 -22.75 56.41
C ILE L 335 37.43 -23.47 55.10
N LEU L 336 36.82 -22.74 54.17
CA LEU L 336 36.33 -23.32 52.93
C LEU L 336 37.54 -23.73 52.11
N THR L 337 38.51 -22.84 52.07
CA THR L 337 39.84 -23.21 51.64
C THR L 337 40.47 -23.98 52.82
N GLU L 338 41.26 -24.99 52.51
CA GLU L 338 41.85 -25.92 53.47
C GLU L 338 40.95 -27.03 54.06
N LYS L 339 39.67 -26.78 54.29
CA LYS L 339 38.81 -27.90 54.69
C LYS L 339 37.78 -28.32 53.63
N SER L 340 37.77 -27.54 52.56
CA SER L 340 36.72 -27.53 51.53
C SER L 340 35.29 -27.41 52.08
N VAL L 341 34.36 -28.07 51.40
CA VAL L 341 32.96 -27.88 51.69
C VAL L 341 32.62 -28.65 52.93
N THR L 342 32.79 -29.96 52.83
CA THR L 342 32.54 -30.85 53.94
C THR L 342 33.21 -30.36 55.21
N GLY L 343 34.39 -29.77 55.02
CA GLY L 343 35.09 -29.19 56.14
C GLY L 343 34.35 -28.01 56.77
N LEU L 344 33.93 -27.08 55.92
CA LEU L 344 33.18 -25.91 56.37
C LEU L 344 31.91 -26.32 57.12
N ILE L 345 31.15 -27.19 56.48
CA ILE L 345 29.99 -27.85 57.03
C ILE L 345 30.25 -28.47 58.39
N PHE L 346 31.42 -29.07 58.54
CA PHE L 346 31.78 -29.64 59.84
C PHE L 346 32.16 -28.61 60.90
N TYR L 347 32.83 -27.52 60.53
CA TYR L 347 33.04 -26.46 61.51
C TYR L 347 31.68 -26.03 62.05
N LEU L 348 30.74 -25.86 61.13
CA LEU L 348 29.41 -25.40 61.53
C LEU L 348 28.70 -26.44 62.39
N ARG L 349 28.65 -27.70 61.94
CA ARG L 349 28.04 -28.76 62.73
C ARG L 349 28.57 -28.68 64.14
N ASP L 350 29.89 -28.62 64.27
CA ASP L 350 30.55 -28.78 65.55
C ASP L 350 30.45 -27.60 66.49
N ASN L 351 30.69 -26.38 66.02
CA ASN L 351 30.80 -25.24 66.93
C ASN L 351 29.54 -24.37 67.18
N ARG L 352 28.40 -24.77 66.63
CA ARG L 352 27.15 -24.08 66.94
C ARG L 352 26.82 -24.13 68.43
N PRO L 353 26.56 -22.65 68.46
CA PRO L 353 26.41 -22.22 69.86
C PRO L 353 25.25 -22.96 70.49
N GLU L 354 24.99 -22.73 71.78
CA GLU L 354 24.36 -23.76 72.59
C GLU L 354 22.87 -23.89 72.29
N ILE L 355 22.02 -23.12 72.93
CA ILE L 355 20.57 -23.42 72.96
C ILE L 355 19.95 -24.35 74.00
N PRO L 356 19.46 -23.76 75.10
CA PRO L 356 18.75 -24.21 76.30
C PRO L 356 17.43 -24.88 75.96
N LEU L 357 16.86 -25.60 76.93
CA LEU L 357 15.40 -25.82 76.97
C LEU L 357 14.71 -24.72 77.79
N PRO L 358 13.39 -24.56 77.63
CA PRO L 358 12.77 -23.88 78.77
C PRO L 358 12.71 -24.82 79.99
#